data_9DKF
#
_entry.id   9DKF
#
_cell.length_a   1.00
_cell.length_b   1.00
_cell.length_c   1.00
_cell.angle_alpha   90.00
_cell.angle_beta   90.00
_cell.angle_gamma   90.00
#
_symmetry.space_group_name_H-M   'P 1'
#
loop_
_entity.id
_entity.type
_entity.pdbx_description
1 polymer 'BK channel'
2 non-polymer 'POTASSIUM ION'
3 non-polymer 'MAGNESIUM ION'
4 non-polymer 'CALCIUM ION'
#
_entity_poly.entity_id   1
_entity_poly.type   'polypeptide(L)'
_entity_poly.pdbx_seq_one_letter_code
;MASSSSTSCEPGDRQWYSFLASSLVTFGSGLVVIIIYRIVLWLCCRKKKCIQVSNPVPTARTTSLDQKSFMKNSDPEIGW
MTEAKDWAGELISGQTTTGRILVGLVFLLSIASLIIYFIDASTNTSVETCLPWSSSTTQQVDLAFNVFFMIYFFIRFVAA
NDKLWFWVELFSFVDYFTIPPSFVAIYLDRNWLGLRFLRALQLMSIPDILTYLNVLKTSTLIRLVQLVVSFVSLWLTAAG
FLHLLENSGDPFFDFGNAQHLTYWECLYFLMVTMSTVGFGDIFATTVLGRTFVVIFIMIFIGLFASFIPEIAEILGKRQK
YGGSYKKERGKRHVVVCGYITFDSVSNFLKDFLHKDREDVDVEIVFLHKGLPGLELEGLLKRHFTQVEYFWGSVMDANDL
ERVKIQEADACLVLANKYCQDPDQEDAANIMRVISIKNYHSDIKVIVQLLQYHNKAYLLNIPSWDWKRGDDAVCVAELKL
GFIAQSCLAPGFSTLMANLFTMRSYKPTPEMSQWQTDYMRGTGMEMYTEYLSSAFNALTFPEAAELCFSKLKLLLLAIEV
RQEDTRESTLAINPGPKVKIENATQGFFIAESAEEVKRAFYYCKNCHANVSDVRQIKKCKCRPLAMFKKGAAAVLALQRT
PGLAVEPDGEANDKDKSRGTSTSKAVTSFPEKRKPQSRRKPSTTLKSKSPSEDSVPPPPPPVDEPRKFDSTGMFHWCPDR
PLNDCLQDRSQASASGLRNHVVVCLFADAASPLIGLRNLVMPLRASNFHYHELKPTIIVGNLDYLHREWKTLQNFPKLSI
LPGSPLNRANLRAVNINLCDMCVIVSAKDRNMEDPNLVDKEAILCSLNIKAMTFDDTMGLIQSSNFVPGGFSPLHENKRS
QAGANVPLITELANDSNVQFLDQDDDDDPDTELYMTQPFACGTAFAVSVLDSLMSTSYFNDNALTLIRTLITGGATPELE
QILAEGAGMRGGYCSPAVLANRDRCRVAQISLFDGPLAQFGQGGHYGELFVYALRHFGILCIGLYRFRDTNESVRSPSSK
RYVITNPPEDFPLLPTDQVYVLTYK
;
_entity_poly.pdbx_strand_id   A,B,C,D
#
loop_
_chem_comp.id
_chem_comp.type
_chem_comp.name
_chem_comp.formula
CA non-polymer 'CALCIUM ION' 'Ca 2'
K non-polymer 'POTASSIUM ION' 'K 1'
MG non-polymer 'MAGNESIUM ION' 'Mg 2'
#
# COMPACT_ATOMS: atom_id res chain seq x y z
N ARG A 14 40.02 -3.37 -54.11
CA ARG A 14 40.48 -4.59 -54.81
C ARG A 14 40.66 -5.79 -53.88
N GLN A 15 41.67 -5.81 -53.01
CA GLN A 15 42.11 -7.03 -52.28
C GLN A 15 41.27 -7.47 -51.07
N TRP A 16 40.27 -6.69 -50.63
CA TRP A 16 39.61 -6.85 -49.32
C TRP A 16 39.14 -8.28 -49.01
N TYR A 17 38.64 -8.99 -50.03
CA TYR A 17 38.05 -10.32 -49.88
C TYR A 17 39.06 -11.35 -49.34
N SER A 18 40.36 -11.16 -49.57
CA SER A 18 41.40 -12.04 -49.01
C SER A 18 41.45 -11.96 -47.48
N PHE A 19 41.44 -10.74 -46.92
CA PHE A 19 41.40 -10.51 -45.48
C PHE A 19 40.10 -11.05 -44.89
N LEU A 20 38.95 -10.74 -45.49
CA LEU A 20 37.68 -11.26 -45.02
C LEU A 20 37.66 -12.79 -45.03
N ALA A 21 38.08 -13.42 -46.13
CA ALA A 21 38.18 -14.87 -46.24
C ALA A 21 39.04 -15.45 -45.12
N SER A 22 40.19 -14.86 -44.79
CA SER A 22 41.06 -15.36 -43.72
C SER A 22 40.33 -15.47 -42.37
N SER A 23 39.43 -14.54 -42.05
CA SER A 23 38.60 -14.64 -40.85
C SER A 23 37.50 -15.70 -40.98
N LEU A 24 36.87 -15.83 -42.15
CA LEU A 24 35.81 -16.80 -42.37
C LEU A 24 36.32 -18.24 -42.38
N VAL A 25 37.45 -18.53 -43.04
CA VAL A 25 38.01 -19.89 -43.06
C VAL A 25 38.53 -20.30 -41.68
N THR A 26 39.15 -19.38 -40.93
CA THR A 26 39.61 -19.70 -39.58
C THR A 26 38.43 -19.91 -38.62
N PHE A 27 37.35 -19.15 -38.73
CA PHE A 27 36.10 -19.45 -38.02
C PHE A 27 35.49 -20.80 -38.43
N GLY A 28 35.24 -21.00 -39.73
CA GLY A 28 34.49 -22.15 -40.23
C GLY A 28 35.22 -23.49 -40.00
N SER A 29 36.52 -23.55 -40.28
CA SER A 29 37.30 -24.78 -40.09
C SER A 29 37.30 -25.26 -38.64
N GLY A 30 37.49 -24.37 -37.66
CA GLY A 30 37.42 -24.76 -36.25
C GLY A 30 36.04 -25.24 -35.83
N LEU A 31 34.97 -24.57 -36.31
CA LEU A 31 33.59 -25.02 -36.08
C LEU A 31 33.34 -26.42 -36.68
N VAL A 32 33.78 -26.67 -37.91
CA VAL A 32 33.67 -28.01 -38.54
C VAL A 32 34.43 -29.06 -37.73
N VAL A 33 35.68 -28.79 -37.34
CA VAL A 33 36.47 -29.71 -36.49
C VAL A 33 35.73 -30.05 -35.20
N ILE A 34 35.16 -29.06 -34.52
CA ILE A 34 34.40 -29.27 -33.28
C ILE A 34 33.15 -30.13 -33.54
N ILE A 35 32.39 -29.86 -34.60
CA ILE A 35 31.20 -30.67 -34.93
C ILE A 35 31.57 -32.12 -35.26
N ILE A 36 32.62 -32.34 -36.06
CA ILE A 36 33.13 -33.68 -36.38
C ILE A 36 33.55 -34.42 -35.10
N TYR A 37 34.34 -33.78 -34.24
CA TYR A 37 34.77 -34.35 -32.96
C TYR A 37 33.60 -34.74 -32.06
N ARG A 38 32.57 -33.89 -31.94
CA ARG A 38 31.35 -34.18 -31.17
C ARG A 38 30.60 -35.38 -31.75
N ILE A 39 30.41 -35.45 -33.07
CA ILE A 39 29.72 -36.58 -33.72
C ILE A 39 30.54 -37.88 -33.60
N VAL A 40 31.87 -37.83 -33.76
CA VAL A 40 32.74 -38.99 -33.55
C VAL A 40 32.60 -39.53 -32.14
N LEU A 41 32.75 -38.70 -31.11
CA LEU A 41 32.64 -39.17 -29.72
C LEU A 41 31.20 -39.51 -29.29
N TRP A 42 30.19 -38.98 -29.98
CA TRP A 42 28.79 -39.38 -29.77
C TRP A 42 28.50 -40.79 -30.31
N LEU A 43 29.03 -41.14 -31.49
CA LEU A 43 28.80 -42.43 -32.14
C LEU A 43 29.76 -43.54 -31.69
N CYS A 44 31.05 -43.24 -31.54
CA CYS A 44 32.10 -44.22 -31.26
C CYS A 44 32.19 -44.55 -29.76
N GLY A 79 41.79 -36.10 -14.79
CA GLY A 79 42.92 -36.22 -15.70
C GLY A 79 43.58 -34.89 -16.07
N TRP A 80 44.69 -34.94 -16.81
CA TRP A 80 45.53 -33.77 -17.12
C TRP A 80 44.74 -32.63 -17.79
N MET A 81 43.78 -32.96 -18.66
CA MET A 81 42.96 -31.96 -19.35
C MET A 81 42.02 -31.21 -18.40
N THR A 82 41.51 -31.85 -17.34
CA THR A 82 40.75 -31.18 -16.28
C THR A 82 41.66 -30.31 -15.42
N GLU A 83 42.87 -30.76 -15.10
CA GLU A 83 43.84 -29.92 -14.39
C GLU A 83 44.22 -28.69 -15.23
N ALA A 84 44.45 -28.85 -16.53
CA ALA A 84 44.68 -27.75 -17.46
C ALA A 84 43.48 -26.80 -17.53
N LYS A 85 42.25 -27.32 -17.66
CA LYS A 85 41.03 -26.51 -17.67
C LYS A 85 40.93 -25.65 -16.41
N ASP A 86 41.10 -26.24 -15.24
CA ASP A 86 40.97 -25.52 -13.99
C ASP A 86 42.15 -24.57 -13.74
N TRP A 87 43.36 -24.91 -14.16
CA TRP A 87 44.50 -24.00 -14.15
C TRP A 87 44.25 -22.77 -15.04
N ALA A 88 43.84 -22.99 -16.29
CA ALA A 88 43.52 -21.89 -17.20
C ALA A 88 42.34 -21.06 -16.68
N GLY A 89 41.35 -21.70 -16.06
CA GLY A 89 40.25 -21.05 -15.37
C GLY A 89 40.72 -20.14 -14.23
N GLU A 90 41.61 -20.61 -13.37
CA GLU A 90 42.20 -19.80 -12.30
C GLU A 90 43.05 -18.64 -12.85
N LEU A 91 43.73 -18.83 -13.98
CA LEU A 91 44.43 -17.76 -14.70
C LEU A 91 43.45 -16.69 -15.15
N ILE A 92 42.48 -17.02 -16.00
CA ILE A 92 41.58 -16.01 -16.57
C ILE A 92 40.63 -15.40 -15.53
N SER A 93 40.40 -16.08 -14.41
CA SER A 93 39.67 -15.52 -13.25
C SER A 93 40.52 -14.61 -12.37
N GLY A 94 41.81 -14.45 -12.65
CA GLY A 94 42.71 -13.61 -11.86
C GLY A 94 43.01 -14.16 -10.47
N GLN A 95 42.87 -15.47 -10.24
CA GLN A 95 43.11 -16.10 -8.95
C GLN A 95 44.60 -16.37 -8.70
N THR A 96 45.34 -16.80 -9.72
CA THR A 96 46.81 -16.84 -9.66
C THR A 96 47.39 -15.45 -9.92
N THR A 97 48.61 -15.17 -9.43
CA THR A 97 49.31 -13.91 -9.73
C THR A 97 49.63 -13.79 -11.21
N THR A 98 50.09 -14.86 -11.86
CA THR A 98 50.29 -14.91 -13.32
C THR A 98 48.99 -14.67 -14.09
N GLY A 99 47.89 -15.07 -13.51
CA GLY A 99 46.63 -14.77 -14.16
C GLY A 99 46.44 -13.29 -13.99
N ARG A 100 46.50 -12.83 -12.75
CA ARG A 100 46.25 -11.43 -12.49
C ARG A 100 47.05 -10.55 -13.42
N ILE A 101 48.20 -11.03 -13.88
CA ILE A 101 48.97 -10.25 -14.82
C ILE A 101 48.40 -10.45 -16.19
N LEU A 102 48.54 -11.65 -16.70
CA LEU A 102 48.06 -11.95 -18.05
C LEU A 102 46.80 -11.14 -18.40
N VAL A 103 45.82 -11.12 -17.51
CA VAL A 103 44.57 -10.37 -17.72
C VAL A 103 44.84 -8.87 -17.87
N GLY A 104 45.69 -8.29 -17.02
CA GLY A 104 46.09 -6.89 -17.14
C GLY A 104 46.79 -6.59 -18.47
N LEU A 105 47.70 -7.46 -18.92
CA LEU A 105 48.39 -7.31 -20.19
C LEU A 105 47.44 -7.40 -21.39
N VAL A 106 46.53 -8.36 -21.40
CA VAL A 106 45.51 -8.47 -22.45
C VAL A 106 44.70 -7.18 -22.55
N PHE A 107 44.23 -6.67 -21.42
CA PHE A 107 43.54 -5.40 -21.39
C PHE A 107 44.41 -4.27 -21.97
N LEU A 108 45.59 -4.00 -21.41
CA LEU A 108 46.41 -2.87 -21.84
C LEU A 108 46.83 -2.98 -23.30
N LEU A 109 47.22 -4.15 -23.77
CA LEU A 109 47.58 -4.34 -25.17
C LEU A 109 46.37 -4.18 -26.10
N SER A 110 45.16 -4.54 -25.68
CA SER A 110 43.97 -4.24 -26.48
C SER A 110 43.76 -2.74 -26.66
N ILE A 111 44.04 -1.93 -25.63
CA ILE A 111 43.99 -0.46 -25.73
C ILE A 111 45.08 0.05 -26.67
N ALA A 112 46.30 -0.45 -26.57
CA ALA A 112 47.37 -0.08 -27.49
C ALA A 112 46.99 -0.41 -28.94
N SER A 113 46.43 -1.60 -29.20
CA SER A 113 45.96 -1.99 -30.53
C SER A 113 44.85 -1.06 -31.05
N LEU A 114 43.90 -0.70 -30.19
CA LEU A 114 42.86 0.28 -30.52
C LEU A 114 43.45 1.65 -30.89
N ILE A 115 44.42 2.14 -30.14
CA ILE A 115 45.09 3.42 -30.46
C ILE A 115 45.84 3.33 -31.80
N ILE A 116 46.46 2.21 -32.12
CA ILE A 116 47.06 2.04 -33.46
C ILE A 116 45.99 2.10 -34.55
N TYR A 117 44.81 1.52 -34.33
CA TYR A 117 43.69 1.70 -35.24
C TYR A 117 43.27 3.17 -35.36
N PHE A 118 43.14 3.92 -34.27
CA PHE A 118 42.83 5.36 -34.36
C PHE A 118 43.87 6.11 -35.18
N ILE A 119 45.16 5.84 -34.99
CA ILE A 119 46.22 6.47 -35.76
C ILE A 119 46.12 6.09 -37.25
N ASP A 120 45.88 4.83 -37.57
CA ASP A 120 45.64 4.42 -38.96
C ASP A 120 44.39 5.07 -39.56
N ALA A 121 43.36 5.35 -38.76
CA ALA A 121 42.13 5.99 -39.21
C ALA A 121 42.25 7.52 -39.32
N SER A 122 43.08 8.19 -38.50
CA SER A 122 43.30 9.63 -38.59
C SER A 122 44.33 10.01 -39.65
N THR A 123 45.32 9.14 -39.91
CA THR A 123 46.25 9.27 -41.04
C THR A 123 45.61 8.83 -42.36
N ASN A 124 46.22 9.18 -43.49
CA ASN A 124 45.75 8.85 -44.84
C ASN A 124 44.28 9.22 -45.07
N SER A 134 54.74 -4.30 -46.37
CA SER A 134 54.60 -4.56 -44.94
C SER A 134 55.62 -3.83 -44.06
N SER A 135 56.50 -3.04 -44.67
CA SER A 135 57.59 -2.31 -44.01
C SER A 135 57.09 -1.02 -43.34
N SER A 136 56.35 -1.14 -42.23
CA SER A 136 55.94 -0.02 -41.38
C SER A 136 55.91 -0.40 -39.91
N THR A 137 56.14 0.57 -39.02
CA THR A 137 56.17 0.34 -37.57
C THR A 137 54.81 -0.08 -37.02
N THR A 138 53.72 0.55 -37.49
CA THR A 138 52.37 0.30 -37.01
C THR A 138 51.89 -1.14 -37.29
N GLN A 139 52.05 -1.61 -38.53
CA GLN A 139 51.69 -2.97 -38.90
C GLN A 139 52.50 -4.00 -38.11
N GLN A 140 53.77 -3.72 -37.84
CA GLN A 140 54.63 -4.58 -37.03
C GLN A 140 54.13 -4.71 -35.58
N VAL A 141 53.92 -3.61 -34.86
CA VAL A 141 53.49 -3.69 -33.45
C VAL A 141 52.09 -4.28 -33.31
N ASP A 142 51.15 -3.95 -34.20
CA ASP A 142 49.79 -4.50 -34.11
C ASP A 142 49.76 -6.00 -34.46
N LEU A 143 50.65 -6.47 -35.34
CA LEU A 143 50.87 -7.90 -35.54
C LEU A 143 51.42 -8.57 -34.28
N ALA A 144 52.42 -7.98 -33.62
CA ALA A 144 52.93 -8.51 -32.36
C ALA A 144 51.84 -8.63 -31.29
N PHE A 145 50.99 -7.61 -31.14
CA PHE A 145 49.85 -7.67 -30.24
C PHE A 145 48.84 -8.74 -30.66
N ASN A 146 48.58 -8.91 -31.96
CA ASN A 146 47.72 -9.99 -32.45
C ASN A 146 48.26 -11.38 -32.12
N VAL A 147 49.56 -11.61 -32.21
CA VAL A 147 50.16 -12.87 -31.77
C VAL A 147 49.92 -13.09 -30.28
N PHE A 148 50.10 -12.07 -29.45
CA PHE A 148 49.79 -12.18 -28.02
C PHE A 148 48.30 -12.47 -27.75
N PHE A 149 47.37 -11.81 -28.43
CA PHE A 149 45.94 -12.10 -28.31
C PHE A 149 45.61 -13.53 -28.72
N MET A 150 46.29 -14.09 -29.73
CA MET A 150 46.10 -15.48 -30.14
C MET A 150 46.49 -16.47 -29.04
N ILE A 151 47.59 -16.22 -28.33
CA ILE A 151 47.96 -17.03 -27.15
C ILE A 151 46.87 -16.96 -26.09
N TYR A 152 46.37 -15.76 -25.78
CA TYR A 152 45.28 -15.61 -24.83
C TYR A 152 43.99 -16.31 -25.30
N PHE A 153 43.68 -16.28 -26.60
CA PHE A 153 42.55 -17.02 -27.17
C PHE A 153 42.65 -18.53 -26.90
N PHE A 154 43.82 -19.13 -27.06
CA PHE A 154 44.01 -20.53 -26.68
C PHE A 154 43.85 -20.78 -25.18
N ILE A 155 44.30 -19.87 -24.32
CA ILE A 155 44.09 -19.98 -22.88
C ILE A 155 42.59 -19.92 -22.55
N ARG A 156 41.80 -19.10 -23.20
CA ARG A 156 40.37 -19.14 -22.94
C ARG A 156 39.78 -20.44 -23.48
N PHE A 157 40.20 -20.86 -24.67
CA PHE A 157 39.73 -22.13 -25.24
C PHE A 157 39.92 -23.30 -24.26
N VAL A 158 41.08 -23.39 -23.61
CA VAL A 158 41.35 -24.40 -22.58
C VAL A 158 40.41 -24.23 -21.39
N ALA A 159 40.27 -23.01 -20.87
CA ALA A 159 39.46 -22.74 -19.68
C ALA A 159 37.95 -22.98 -19.86
N ALA A 160 37.41 -22.84 -21.07
CA ALA A 160 35.97 -22.95 -21.31
C ALA A 160 35.40 -24.35 -21.04
N ASN A 161 34.18 -24.43 -20.52
CA ASN A 161 33.51 -25.70 -20.27
C ASN A 161 33.05 -26.42 -21.55
N ASP A 162 32.50 -25.68 -22.52
CA ASP A 162 32.07 -26.20 -23.82
C ASP A 162 32.83 -25.55 -24.97
N LYS A 163 33.52 -26.34 -25.81
CA LYS A 163 34.24 -25.81 -26.97
C LYS A 163 33.31 -25.17 -28.01
N LEU A 164 32.09 -25.67 -28.17
CA LEU A 164 31.16 -25.14 -29.17
C LEU A 164 30.61 -23.77 -28.76
N TRP A 165 30.05 -23.63 -27.56
CA TRP A 165 29.67 -22.30 -27.07
C TRP A 165 30.85 -21.34 -26.96
N PHE A 166 32.07 -21.83 -26.68
CA PHE A 166 33.25 -20.99 -26.77
C PHE A 166 33.51 -20.47 -28.19
N TRP A 167 33.40 -21.30 -29.23
CA TRP A 167 33.67 -20.85 -30.60
C TRP A 167 32.67 -19.84 -31.17
N VAL A 168 31.61 -19.51 -30.43
CA VAL A 168 30.63 -18.48 -30.77
C VAL A 168 30.55 -17.38 -29.70
N GLU A 169 31.41 -17.37 -28.68
CA GLU A 169 31.48 -16.28 -27.70
C GLU A 169 32.00 -15.00 -28.36
N LEU A 170 31.53 -13.82 -27.94
CA LEU A 170 31.78 -12.57 -28.65
C LEU A 170 33.27 -12.30 -28.91
N PHE A 171 34.13 -12.46 -27.92
CA PHE A 171 35.54 -12.17 -28.10
C PHE A 171 36.24 -13.19 -29.00
N SER A 172 35.69 -14.38 -29.22
CA SER A 172 36.23 -15.27 -30.24
C SER A 172 36.06 -14.66 -31.63
N PHE A 173 34.92 -14.00 -31.91
CA PHE A 173 34.76 -13.27 -33.16
C PHE A 173 35.72 -12.09 -33.27
N VAL A 174 35.93 -11.33 -32.19
CA VAL A 174 36.93 -10.25 -32.20
C VAL A 174 38.30 -10.79 -32.60
N ASP A 175 38.66 -11.97 -32.10
CA ASP A 175 39.90 -12.63 -32.48
C ASP A 175 39.87 -13.11 -33.94
N TYR A 176 38.83 -13.81 -34.41
CA TYR A 176 38.73 -14.26 -35.81
C TYR A 176 38.82 -13.09 -36.79
N PHE A 177 38.19 -11.96 -36.50
CA PHE A 177 38.20 -10.79 -37.37
C PHE A 177 39.47 -9.94 -37.23
N THR A 178 40.45 -10.34 -36.43
CA THR A 178 41.68 -9.53 -36.27
C THR A 178 42.97 -10.31 -36.48
N ILE A 179 43.16 -11.50 -35.88
CA ILE A 179 44.46 -12.19 -36.01
C ILE A 179 44.72 -12.61 -37.46
N PRO A 180 43.81 -13.33 -38.15
CA PRO A 180 44.05 -13.75 -39.52
C PRO A 180 44.26 -12.58 -40.48
N PRO A 181 43.44 -11.50 -40.47
CA PRO A 181 43.75 -10.30 -41.23
C PRO A 181 45.12 -9.70 -40.92
N SER A 182 45.57 -9.71 -39.67
CA SER A 182 46.88 -9.17 -39.32
C SER A 182 48.04 -9.99 -39.91
N PHE A 183 47.88 -11.31 -40.08
CA PHE A 183 48.84 -12.13 -40.82
C PHE A 183 48.82 -11.78 -42.31
N VAL A 184 47.63 -11.73 -42.91
CA VAL A 184 47.45 -11.40 -44.33
C VAL A 184 48.03 -10.02 -44.66
N ALA A 185 47.96 -9.05 -43.75
CA ALA A 185 48.47 -7.70 -43.97
C ALA A 185 49.96 -7.68 -44.31
N ILE A 186 50.79 -8.37 -43.52
CA ILE A 186 52.23 -8.46 -43.79
C ILE A 186 52.48 -9.35 -45.02
N TYR A 187 51.74 -10.44 -45.17
CA TYR A 187 51.88 -11.35 -46.32
C TYR A 187 51.63 -10.66 -47.68
N LEU A 188 50.61 -9.80 -47.78
CA LEU A 188 50.26 -9.07 -49.01
C LEU A 188 50.87 -7.66 -49.10
N ASP A 189 51.70 -7.24 -48.13
CA ASP A 189 52.26 -5.88 -48.06
C ASP A 189 51.20 -4.77 -48.06
N ARG A 190 50.08 -4.99 -47.37
CA ARG A 190 48.89 -4.13 -47.39
C ARG A 190 48.29 -3.97 -46.00
N ASN A 191 48.48 -2.81 -45.40
CA ASN A 191 47.89 -2.44 -44.11
C ASN A 191 46.39 -2.13 -44.22
N TRP A 192 45.56 -3.14 -44.46
CA TRP A 192 44.10 -2.97 -44.50
C TRP A 192 43.55 -2.49 -43.16
N LEU A 193 42.67 -1.49 -43.18
CA LEU A 193 42.11 -0.91 -41.96
C LEU A 193 41.08 -1.86 -41.33
N GLY A 194 40.21 -2.45 -42.16
CA GLY A 194 39.39 -3.61 -41.81
C GLY A 194 38.54 -3.48 -40.56
N LEU A 195 38.29 -4.62 -39.92
CA LEU A 195 37.49 -4.75 -38.69
C LEU A 195 38.28 -4.51 -37.40
N ARG A 196 39.48 -3.93 -37.48
CA ARG A 196 40.33 -3.78 -36.28
C ARG A 196 39.73 -2.99 -35.14
N PHE A 197 38.84 -2.08 -35.44
CA PHE A 197 38.12 -1.35 -34.39
C PHE A 197 37.43 -2.25 -33.37
N LEU A 198 37.19 -3.50 -33.69
CA LEU A 198 36.43 -4.35 -32.78
C LEU A 198 37.12 -4.56 -31.47
N ARG A 199 38.39 -4.21 -31.40
CA ARG A 199 39.13 -4.39 -30.19
C ARG A 199 38.62 -3.46 -29.12
N ALA A 200 37.78 -2.51 -29.50
CA ALA A 200 37.24 -1.58 -28.53
C ALA A 200 36.35 -2.31 -27.59
N LEU A 201 35.77 -3.37 -28.07
CA LEU A 201 34.96 -4.21 -27.19
C LEU A 201 35.73 -4.72 -25.98
N GLN A 202 37.06 -4.81 -26.02
CA GLN A 202 37.83 -5.22 -24.83
C GLN A 202 37.75 -4.21 -23.69
N LEU A 203 37.42 -2.93 -23.95
CA LEU A 203 37.07 -1.99 -22.88
C LEU A 203 35.97 -2.55 -21.98
N MET A 204 35.03 -3.30 -22.57
CA MET A 204 33.88 -3.84 -21.86
C MET A 204 34.24 -4.91 -20.82
N SER A 205 35.50 -5.35 -20.77
CA SER A 205 36.04 -6.21 -19.71
C SER A 205 36.41 -5.44 -18.43
N ILE A 206 36.55 -4.12 -18.45
CA ILE A 206 36.95 -3.33 -17.28
C ILE A 206 36.13 -3.62 -16.01
N PRO A 207 34.80 -3.81 -16.04
CA PRO A 207 34.05 -4.12 -14.83
C PRO A 207 34.44 -5.48 -14.25
N ASP A 208 34.81 -6.45 -15.10
CA ASP A 208 35.35 -7.73 -14.64
C ASP A 208 36.72 -7.55 -14.02
N ILE A 209 37.64 -6.81 -14.65
CA ILE A 209 38.97 -6.54 -14.08
C ILE A 209 38.82 -5.90 -12.70
N LEU A 210 38.01 -4.85 -12.58
CA LEU A 210 37.79 -4.15 -11.32
C LEU A 210 36.92 -4.94 -10.32
N THR A 211 36.47 -6.14 -10.69
CA THR A 211 35.78 -7.11 -9.83
C THR A 211 36.68 -8.31 -9.48
N TYR A 212 37.63 -8.68 -10.34
CA TYR A 212 38.69 -9.64 -10.01
C TYR A 212 39.66 -9.04 -9.00
N LEU A 213 39.93 -7.74 -9.13
CA LEU A 213 40.38 -6.90 -8.02
C LEU A 213 39.20 -6.54 -7.12
N ASN A 214 39.43 -6.26 -5.84
CA ASN A 214 38.36 -5.92 -4.87
C ASN A 214 37.95 -4.43 -4.87
N VAL A 215 38.43 -3.64 -5.85
CA VAL A 215 38.33 -2.17 -5.85
C VAL A 215 36.92 -1.61 -6.10
N LEU A 216 36.09 -2.28 -6.91
CA LEU A 216 34.75 -1.77 -7.27
C LEU A 216 33.71 -2.18 -6.22
N LYS A 217 33.79 -1.57 -5.03
CA LYS A 217 33.22 -2.12 -3.78
C LYS A 217 31.70 -2.17 -3.68
N THR A 218 30.96 -1.27 -4.34
CA THR A 218 29.51 -1.09 -4.08
C THR A 218 28.66 -1.30 -5.33
N SER A 219 27.41 -1.71 -5.14
CA SER A 219 26.48 -2.02 -6.24
C SER A 219 26.30 -0.86 -7.22
N THR A 220 26.20 0.37 -6.74
CA THR A 220 26.07 1.56 -7.59
C THR A 220 27.35 1.85 -8.37
N LEU A 221 28.54 1.68 -7.80
CA LEU A 221 29.79 1.84 -8.54
C LEU A 221 29.96 0.74 -9.59
N ILE A 222 29.54 -0.49 -9.30
CA ILE A 222 29.52 -1.58 -10.27
C ILE A 222 28.61 -1.19 -11.44
N ARG A 223 27.36 -0.80 -11.17
CA ARG A 223 26.40 -0.40 -12.20
C ARG A 223 26.90 0.80 -13.01
N LEU A 224 27.47 1.80 -12.37
CA LEU A 224 28.04 2.98 -13.02
C LEU A 224 29.12 2.61 -14.02
N VAL A 225 30.14 1.86 -13.59
CA VAL A 225 31.24 1.51 -14.49
C VAL A 225 30.76 0.59 -15.60
N GLN A 226 29.85 -0.34 -15.35
CA GLN A 226 29.23 -1.14 -16.40
C GLN A 226 28.52 -0.28 -17.44
N LEU A 227 27.67 0.66 -17.04
CA LEU A 227 26.96 1.53 -17.98
C LEU A 227 27.92 2.35 -18.82
N VAL A 228 28.85 3.07 -18.20
CA VAL A 228 29.76 3.97 -18.91
C VAL A 228 30.60 3.20 -19.92
N VAL A 229 31.24 2.11 -19.51
CA VAL A 229 32.16 1.41 -20.41
C VAL A 229 31.43 0.60 -21.47
N SER A 230 30.23 0.11 -21.18
CA SER A 230 29.38 -0.53 -22.18
C SER A 230 28.99 0.48 -23.26
N PHE A 231 28.50 1.65 -22.87
CA PHE A 231 28.16 2.72 -23.80
C PHE A 231 29.33 3.13 -24.67
N VAL A 232 30.47 3.46 -24.06
CA VAL A 232 31.64 3.93 -24.81
C VAL A 232 32.16 2.86 -25.75
N SER A 233 32.25 1.60 -25.32
CA SER A 233 32.74 0.54 -26.21
C SER A 233 31.79 0.28 -27.38
N LEU A 234 30.48 0.26 -27.17
CA LEU A 234 29.51 0.08 -28.25
C LEU A 234 29.52 1.28 -29.21
N TRP A 235 29.57 2.51 -28.70
CA TRP A 235 29.65 3.72 -29.53
C TRP A 235 30.92 3.75 -30.38
N LEU A 236 32.09 3.49 -29.80
CA LEU A 236 33.33 3.39 -30.56
C LEU A 236 33.29 2.28 -31.60
N THR A 237 32.69 1.14 -31.26
CA THR A 237 32.57 0.00 -32.18
C THR A 237 31.67 0.34 -33.35
N ALA A 238 30.48 0.86 -33.09
CA ALA A 238 29.53 1.23 -34.12
C ALA A 238 30.08 2.33 -35.04
N ALA A 239 30.84 3.29 -34.51
CA ALA A 239 31.50 4.30 -35.33
C ALA A 239 32.52 3.69 -36.29
N GLY A 240 33.28 2.69 -35.85
CA GLY A 240 34.19 1.97 -36.73
C GLY A 240 33.45 1.19 -37.80
N PHE A 241 32.32 0.59 -37.45
CA PHE A 241 31.50 -0.16 -38.39
C PHE A 241 30.93 0.74 -39.48
N LEU A 242 30.37 1.90 -39.12
CA LEU A 242 29.88 2.84 -40.14
C LEU A 242 31.03 3.36 -41.00
N HIS A 243 32.18 3.66 -40.40
CA HIS A 243 33.35 4.12 -41.15
C HIS A 243 33.78 3.09 -42.20
N LEU A 244 33.79 1.81 -41.85
CA LEU A 244 34.04 0.75 -42.81
C LEU A 244 33.02 0.80 -43.96
N LEU A 245 31.72 0.84 -43.67
CA LEU A 245 30.70 0.78 -44.71
C LEU A 245 30.71 1.99 -45.64
N GLU A 246 30.77 3.21 -45.12
CA GLU A 246 30.71 4.41 -45.94
C GLU A 246 31.98 4.59 -46.78
N ASN A 247 33.16 4.37 -46.22
CA ASN A 247 34.41 4.51 -46.95
C ASN A 247 34.65 3.34 -47.91
N SER A 248 34.14 2.15 -47.61
CA SER A 248 34.11 1.04 -48.56
C SER A 248 33.33 1.41 -49.80
N GLY A 249 32.18 2.06 -49.61
CA GLY A 249 31.15 2.09 -50.62
C GLY A 249 30.43 0.76 -50.77
N ASP A 250 29.29 0.76 -51.46
CA ASP A 250 28.43 -0.41 -51.58
C ASP A 250 28.92 -1.39 -52.66
N PRO A 251 28.95 -2.71 -52.42
CA PRO A 251 29.42 -3.69 -53.38
C PRO A 251 28.49 -3.83 -54.60
N PHE A 252 27.19 -3.57 -54.44
CA PHE A 252 26.20 -3.65 -55.52
C PHE A 252 26.45 -2.65 -56.65
N PHE A 253 27.12 -1.55 -56.33
CA PHE A 253 27.48 -0.48 -57.25
C PHE A 253 28.99 -0.46 -57.52
N ASP A 254 29.64 -1.62 -57.45
CA ASP A 254 31.07 -1.82 -57.69
C ASP A 254 31.96 -0.91 -56.83
N PHE A 255 31.51 -0.58 -55.63
CA PHE A 255 32.17 0.33 -54.70
C PHE A 255 32.33 1.78 -55.23
N GLY A 256 31.57 2.19 -56.25
CA GLY A 256 31.61 3.54 -56.81
C GLY A 256 30.88 4.57 -55.93
N ASN A 257 29.74 4.18 -55.36
CA ASN A 257 29.04 4.96 -54.36
C ASN A 257 29.75 4.82 -53.01
N ALA A 258 30.49 5.84 -52.58
CA ALA A 258 31.26 5.87 -51.33
C ALA A 258 31.41 7.29 -50.77
N GLN A 259 31.67 7.44 -49.47
CA GLN A 259 32.02 8.71 -48.83
C GLN A 259 33.34 8.62 -48.07
N HIS A 260 34.19 9.63 -48.17
CA HIS A 260 35.45 9.67 -47.42
C HIS A 260 35.28 10.37 -46.07
N LEU A 261 34.42 9.83 -45.22
CA LEU A 261 34.32 10.22 -43.82
C LEU A 261 35.58 9.81 -43.06
N THR A 262 36.00 10.61 -42.09
CA THR A 262 36.95 10.17 -41.06
C THR A 262 36.24 9.32 -40.01
N TYR A 263 36.99 8.59 -39.20
CA TYR A 263 36.41 7.90 -38.04
C TYR A 263 35.74 8.89 -37.09
N TRP A 264 36.34 10.06 -36.86
CA TRP A 264 35.82 11.06 -35.95
C TRP A 264 34.50 11.66 -36.42
N GLU A 265 34.32 11.86 -37.72
CA GLU A 265 33.03 12.24 -38.27
C GLU A 265 31.97 11.17 -38.05
N CYS A 266 32.31 9.89 -38.18
CA CYS A 266 31.38 8.81 -37.86
C CYS A 266 31.04 8.78 -36.38
N LEU A 267 32.02 8.97 -35.50
CA LEU A 267 31.80 8.98 -34.06
C LEU A 267 30.87 10.12 -33.63
N TYR A 268 31.07 11.30 -34.20
CA TYR A 268 30.21 12.47 -34.04
C TYR A 268 28.80 12.20 -34.59
N PHE A 269 28.70 11.71 -35.82
CA PHE A 269 27.43 11.43 -36.45
C PHE A 269 26.60 10.41 -35.68
N LEU A 270 27.21 9.37 -35.12
CA LEU A 270 26.51 8.44 -34.26
C LEU A 270 26.02 9.08 -32.97
N MET A 271 26.78 9.96 -32.34
CA MET A 271 26.29 10.69 -31.18
C MET A 271 25.11 11.60 -31.53
N VAL A 272 25.22 12.33 -32.63
CA VAL A 272 24.17 13.21 -33.12
C VAL A 272 22.90 12.44 -33.51
N THR A 273 23.00 11.21 -33.99
CA THR A 273 21.81 10.38 -34.28
C THR A 273 21.28 9.62 -33.07
N MET A 274 22.10 9.03 -32.20
CA MET A 274 21.56 8.30 -31.04
C MET A 274 20.92 9.22 -30.01
N SER A 275 21.37 10.46 -29.92
CA SER A 275 20.69 11.50 -29.13
C SER A 275 19.40 11.99 -29.79
N THR A 276 19.12 11.61 -31.03
CA THR A 276 18.01 12.05 -31.89
C THR A 276 18.03 13.52 -32.27
N VAL A 277 19.18 14.19 -32.17
CA VAL A 277 19.31 15.57 -32.64
C VAL A 277 19.29 15.62 -34.16
N GLY A 278 20.11 14.82 -34.83
CA GLY A 278 20.08 14.63 -36.27
C GLY A 278 20.22 15.92 -37.07
N PHE A 279 21.37 16.60 -37.00
CA PHE A 279 21.60 17.82 -37.77
C PHE A 279 21.55 17.58 -39.27
N GLY A 280 22.07 16.46 -39.76
CA GLY A 280 22.19 16.19 -41.19
C GLY A 280 23.25 17.04 -41.88
N ASP A 281 24.20 17.60 -41.13
CA ASP A 281 25.46 18.14 -41.65
C ASP A 281 26.35 17.02 -42.22
N ILE A 282 26.32 15.86 -41.56
CA ILE A 282 26.85 14.57 -42.00
C ILE A 282 25.69 13.58 -42.00
N PHE A 283 25.63 12.73 -43.01
CA PHE A 283 24.69 11.62 -43.11
C PHE A 283 25.27 10.50 -43.96
N ALA A 284 24.84 9.26 -43.75
CA ALA A 284 25.24 8.12 -44.57
C ALA A 284 24.58 8.17 -45.95
N THR A 285 25.28 7.76 -47.01
CA THR A 285 24.71 7.73 -48.37
C THR A 285 24.84 6.39 -49.07
N THR A 286 25.66 5.45 -48.58
CA THR A 286 25.66 4.10 -49.14
C THR A 286 24.45 3.32 -48.65
N VAL A 287 23.94 2.37 -49.42
CA VAL A 287 22.80 1.55 -48.98
C VAL A 287 23.14 0.71 -47.75
N LEU A 288 24.37 0.23 -47.62
CA LEU A 288 24.80 -0.47 -46.42
C LEU A 288 24.92 0.48 -45.23
N GLY A 289 25.51 1.66 -45.39
CA GLY A 289 25.59 2.63 -44.30
C GLY A 289 24.20 3.12 -43.87
N ARG A 290 23.27 3.33 -44.80
CA ARG A 290 21.89 3.69 -44.46
C ARG A 290 21.14 2.56 -43.76
N THR A 291 21.23 1.33 -44.23
CA THR A 291 20.61 0.21 -43.49
C THR A 291 21.26 -0.01 -42.14
N PHE A 292 22.57 0.21 -42.01
CA PHE A 292 23.22 0.22 -40.70
C PHE A 292 22.67 1.33 -39.81
N VAL A 293 22.51 2.56 -40.30
CA VAL A 293 21.90 3.66 -39.55
C VAL A 293 20.48 3.33 -39.11
N VAL A 294 19.67 2.65 -39.92
CA VAL A 294 18.33 2.22 -39.51
C VAL A 294 18.40 1.21 -38.36
N ILE A 295 19.26 0.20 -38.44
CA ILE A 295 19.44 -0.78 -37.37
C ILE A 295 19.99 -0.10 -36.11
N PHE A 296 20.97 0.78 -36.26
CA PHE A 296 21.54 1.56 -35.18
C PHE A 296 20.48 2.41 -34.50
N ILE A 297 19.61 3.09 -35.24
CA ILE A 297 18.53 3.90 -34.67
C ILE A 297 17.61 3.03 -33.82
N MET A 298 17.17 1.88 -34.31
CA MET A 298 16.27 1.02 -33.54
C MET A 298 16.90 0.52 -32.23
N ILE A 299 18.21 0.32 -32.18
CA ILE A 299 18.90 -0.18 -30.99
C ILE A 299 19.32 0.96 -30.07
N PHE A 300 20.11 1.92 -30.56
CA PHE A 300 20.84 2.87 -29.75
C PHE A 300 20.01 4.03 -29.23
N ILE A 301 18.85 4.35 -29.79
CA ILE A 301 17.93 5.31 -29.14
C ILE A 301 17.48 4.75 -27.79
N GLY A 302 17.16 3.46 -27.72
CA GLY A 302 16.85 2.80 -26.45
C GLY A 302 18.01 2.88 -25.45
N LEU A 303 19.24 2.62 -25.89
CA LEU A 303 20.40 2.73 -25.03
C LEU A 303 20.59 4.16 -24.53
N PHE A 304 20.68 5.16 -25.40
CA PHE A 304 20.89 6.53 -24.98
C PHE A 304 19.81 7.02 -24.01
N ALA A 305 18.53 6.80 -24.36
CA ALA A 305 17.40 7.27 -23.56
C ALA A 305 17.26 6.57 -22.21
N SER A 306 17.89 5.40 -22.00
CA SER A 306 17.87 4.71 -20.70
C SER A 306 19.17 4.90 -19.92
N PHE A 307 20.33 4.88 -20.59
CA PHE A 307 21.63 5.01 -19.96
C PHE A 307 21.84 6.41 -19.39
N ILE A 308 21.60 7.47 -20.17
CA ILE A 308 21.89 8.83 -19.70
C ILE A 308 21.09 9.21 -18.44
N PRO A 309 19.78 8.91 -18.34
CA PRO A 309 19.07 9.09 -17.08
C PRO A 309 19.59 8.24 -15.92
N GLU A 310 20.00 6.99 -16.14
CA GLU A 310 20.53 6.17 -15.07
C GLU A 310 21.92 6.63 -14.58
N ILE A 311 22.77 7.13 -15.48
CA ILE A 311 24.00 7.83 -15.10
C ILE A 311 23.67 9.07 -14.27
N ALA A 312 22.74 9.91 -14.71
CA ALA A 312 22.35 11.11 -13.98
C ALA A 312 21.77 10.79 -12.60
N GLU A 313 20.98 9.72 -12.48
CA GLU A 313 20.47 9.23 -11.20
C GLU A 313 21.61 8.81 -10.26
N ILE A 314 22.56 8.00 -10.72
CA ILE A 314 23.68 7.57 -9.89
C ILE A 314 24.55 8.76 -9.47
N LEU A 315 24.86 9.69 -10.36
CA LEU A 315 25.61 10.89 -10.03
C LEU A 315 24.84 11.84 -9.10
N GLY A 316 23.51 11.83 -9.14
CA GLY A 316 22.65 12.63 -8.26
C GLY A 316 22.54 12.07 -6.84
N LYS A 317 22.54 10.74 -6.69
CA LYS A 317 22.48 10.03 -5.40
C LYS A 317 23.83 10.02 -4.68
N ARG A 318 24.24 11.19 -4.20
CA ARG A 318 25.50 11.47 -3.51
C ARG A 318 25.26 12.37 -2.29
N GLN A 319 25.90 12.10 -1.16
CA GLN A 319 25.75 12.89 0.07
C GLN A 319 26.36 14.29 -0.11
N LYS A 320 25.53 15.32 0.07
CA LYS A 320 25.92 16.74 -0.07
C LYS A 320 26.37 17.40 1.23
N TYR A 321 26.04 16.79 2.37
CA TYR A 321 26.42 17.25 3.72
C TYR A 321 27.29 16.23 4.45
N GLY A 322 28.09 15.46 3.72
CA GLY A 322 29.21 14.73 4.29
C GLY A 322 30.29 15.68 4.79
N GLY A 323 31.44 15.13 5.16
CA GLY A 323 32.53 15.92 5.73
C GLY A 323 32.36 16.15 7.22
N SER A 324 33.22 16.99 7.78
CA SER A 324 33.56 17.00 9.20
C SER A 324 33.56 18.41 9.77
N TYR A 325 33.15 18.58 11.03
CA TYR A 325 33.17 19.88 11.69
C TYR A 325 34.60 20.27 12.04
N LYS A 326 35.08 21.36 11.45
CA LYS A 326 36.41 21.93 11.69
C LYS A 326 36.31 22.86 12.89
N LYS A 327 36.67 22.35 14.05
CA LYS A 327 36.61 23.04 15.35
C LYS A 327 37.47 24.30 15.35
N GLU A 328 36.86 25.47 15.38
CA GLU A 328 37.57 26.76 15.45
C GLU A 328 38.34 26.92 16.78
N ARG A 329 39.39 27.76 16.78
CA ARG A 329 40.47 27.72 17.80
C ARG A 329 40.07 27.98 19.26
N GLY A 330 38.92 28.63 19.50
CA GLY A 330 38.48 29.00 20.84
C GLY A 330 36.97 29.25 20.96
N LYS A 331 36.19 28.64 20.10
CA LYS A 331 34.76 28.84 20.10
C LYS A 331 34.12 27.60 20.64
N ARG A 332 32.91 27.73 21.15
CA ARG A 332 32.21 26.60 21.68
C ARG A 332 31.20 26.13 20.69
N HIS A 333 30.79 24.88 20.78
CA HIS A 333 29.74 24.43 19.91
C HIS A 333 28.79 23.50 20.59
N VAL A 334 27.59 23.46 20.10
CA VAL A 334 26.55 22.58 20.63
C VAL A 334 26.08 21.68 19.52
N VAL A 335 26.02 20.38 19.76
CA VAL A 335 25.50 19.42 18.79
C VAL A 335 24.00 19.29 18.98
N VAL A 336 23.23 19.25 17.91
CA VAL A 336 21.78 19.11 17.99
C VAL A 336 21.32 17.99 17.09
N CYS A 337 20.46 17.12 17.56
CA CYS A 337 20.03 15.93 16.82
C CYS A 337 18.64 15.47 17.24
N GLY A 338 18.19 14.34 16.73
CA GLY A 338 16.83 13.84 16.95
C GLY A 338 15.90 14.35 15.87
N TYR A 339 14.74 14.88 16.25
CA TYR A 339 13.76 15.39 15.30
C TYR A 339 14.19 16.74 14.71
N ILE A 340 14.94 16.72 13.61
CA ILE A 340 15.43 17.91 12.91
C ILE A 340 14.64 18.11 11.63
N THR A 341 13.90 19.22 11.55
CA THR A 341 13.02 19.61 10.43
C THR A 341 12.93 21.13 10.37
N PHE A 342 12.41 21.72 9.30
CA PHE A 342 12.26 23.17 9.25
C PHE A 342 11.42 23.71 10.42
N ASP A 343 10.33 23.05 10.79
CA ASP A 343 9.53 23.43 11.94
C ASP A 343 10.33 23.34 13.25
N SER A 344 11.05 22.26 13.53
CA SER A 344 11.77 22.18 14.81
C SER A 344 12.96 23.13 14.83
N VAL A 345 13.74 23.20 13.76
CA VAL A 345 14.94 24.03 13.69
C VAL A 345 14.60 25.51 13.75
N SER A 346 13.59 25.99 13.04
CA SER A 346 13.24 27.42 13.08
C SER A 346 12.80 27.86 14.46
N ASN A 347 11.96 27.09 15.14
CA ASN A 347 11.54 27.38 16.51
C ASN A 347 12.70 27.29 17.49
N PHE A 348 13.62 26.34 17.31
CA PHE A 348 14.80 26.23 18.14
C PHE A 348 15.74 27.43 17.94
N LEU A 349 16.15 27.72 16.70
CA LEU A 349 17.09 28.79 16.42
C LEU A 349 16.58 30.16 16.84
N LYS A 350 15.30 30.48 16.62
CA LYS A 350 14.81 31.81 17.01
C LYS A 350 14.77 32.02 18.51
N ASP A 351 14.78 30.98 19.33
CA ASP A 351 14.97 31.11 20.78
C ASP A 351 16.45 31.05 21.18
N PHE A 352 17.23 30.17 20.55
CA PHE A 352 18.64 29.99 20.88
C PHE A 352 19.50 31.18 20.49
N LEU A 353 19.30 31.76 19.31
CA LEU A 353 20.06 32.88 18.77
C LEU A 353 19.38 34.24 19.02
N HIS A 354 18.39 34.31 19.92
CA HIS A 354 17.59 35.52 20.13
C HIS A 354 18.41 36.68 20.70
N LYS A 355 18.18 37.89 20.21
CA LYS A 355 18.94 39.09 20.61
C LYS A 355 18.75 39.53 22.07
N ASP A 356 17.72 39.05 22.77
CA ASP A 356 17.55 39.35 24.18
C ASP A 356 18.51 38.59 25.08
N ARG A 357 19.09 37.47 24.60
CA ARG A 357 20.18 36.78 25.29
C ARG A 357 21.46 37.60 25.20
N GLU A 358 22.37 37.43 26.14
CA GLU A 358 23.70 38.02 26.03
C GLU A 358 24.46 37.47 24.82
N ASP A 359 25.32 38.29 24.21
CA ASP A 359 26.10 37.87 23.04
C ASP A 359 27.14 36.82 23.44
N VAL A 360 26.99 35.61 22.93
CA VAL A 360 27.96 34.52 23.08
C VAL A 360 28.13 33.83 21.74
N ASP A 361 29.36 33.57 21.33
CA ASP A 361 29.70 32.83 20.13
C ASP A 361 29.65 31.32 20.41
N VAL A 362 28.44 30.74 20.25
CA VAL A 362 28.22 29.28 20.23
C VAL A 362 27.81 28.88 18.82
N GLU A 363 28.56 27.99 18.18
CA GLU A 363 28.17 27.34 16.93
C GLU A 363 27.12 26.25 17.18
N ILE A 364 26.08 26.17 16.37
CA ILE A 364 25.15 25.03 16.41
C ILE A 364 25.51 24.06 15.30
N VAL A 365 25.62 22.78 15.62
CA VAL A 365 25.98 21.73 14.67
C VAL A 365 24.86 20.70 14.60
N PHE A 366 24.01 20.80 13.59
CA PHE A 366 22.96 19.80 13.39
C PHE A 366 23.52 18.52 12.81
N LEU A 367 23.18 17.39 13.40
CA LEU A 367 23.51 16.06 12.88
C LEU A 367 22.21 15.28 12.64
N HIS A 368 21.93 14.90 11.40
CA HIS A 368 20.71 14.16 11.08
C HIS A 368 20.87 13.25 9.87
N LYS A 369 20.22 12.08 9.89
CA LYS A 369 20.29 11.10 8.80
C LYS A 369 19.25 11.44 7.74
N GLY A 370 19.50 12.52 7.01
CA GLY A 370 18.62 12.98 5.95
C GLY A 370 19.15 14.24 5.26
N LEU A 371 18.65 14.50 4.06
CA LEU A 371 18.92 15.74 3.35
C LEU A 371 17.94 16.83 3.82
N PRO A 372 18.38 18.07 4.06
CA PRO A 372 17.48 19.18 4.35
C PRO A 372 16.47 19.40 3.22
N GLY A 373 15.22 19.71 3.57
CA GLY A 373 14.28 20.28 2.60
C GLY A 373 14.71 21.69 2.20
N LEU A 374 14.22 22.21 1.08
CA LEU A 374 14.66 23.52 0.56
C LEU A 374 14.41 24.68 1.54
N GLU A 375 13.33 24.63 2.31
CA GLU A 375 13.05 25.62 3.35
C GLU A 375 14.11 25.61 4.46
N LEU A 376 14.47 24.42 4.94
CA LEU A 376 15.54 24.26 5.93
C LEU A 376 16.90 24.62 5.36
N GLU A 377 17.22 24.23 4.14
CA GLU A 377 18.48 24.62 3.49
C GLU A 377 18.60 26.14 3.34
N GLY A 378 17.52 26.85 3.05
CA GLY A 378 17.51 28.31 3.08
C GLY A 378 17.78 28.87 4.48
N LEU A 379 17.11 28.33 5.50
CA LEU A 379 17.32 28.74 6.88
C LEU A 379 18.77 28.51 7.35
N LEU A 380 19.36 27.36 7.01
CA LEU A 380 20.76 27.09 7.31
C LEU A 380 21.67 28.13 6.63
N LYS A 381 21.42 28.47 5.37
CA LYS A 381 22.20 29.50 4.67
C LYS A 381 22.03 30.90 5.28
N ARG A 382 20.85 31.27 5.80
CA ARG A 382 20.69 32.54 6.51
C ARG A 382 21.50 32.63 7.80
N HIS A 383 21.82 31.51 8.43
CA HIS A 383 22.64 31.44 9.65
C HIS A 383 24.04 30.88 9.41
N PHE A 384 24.53 30.92 8.18
CA PHE A 384 25.79 30.31 7.73
C PHE A 384 27.00 30.57 8.66
N THR A 385 27.09 31.75 9.27
CA THR A 385 28.19 32.13 10.16
C THR A 385 28.22 31.41 11.52
N GLN A 386 27.10 30.81 11.95
CA GLN A 386 26.91 30.28 13.31
C GLN A 386 26.11 28.97 13.40
N VAL A 387 25.68 28.43 12.27
CA VAL A 387 24.96 27.17 12.16
C VAL A 387 25.57 26.32 11.07
N GLU A 388 25.82 25.05 11.33
CA GLU A 388 26.34 24.08 10.35
C GLU A 388 25.52 22.79 10.43
N TYR A 389 25.41 22.06 9.32
CA TYR A 389 24.60 20.85 9.22
C TYR A 389 25.41 19.72 8.61
N PHE A 390 25.28 18.51 9.14
CA PHE A 390 25.95 17.32 8.65
C PHE A 390 24.98 16.17 8.52
N TRP A 391 25.09 15.43 7.41
CA TRP A 391 24.45 14.15 7.26
C TRP A 391 25.09 13.15 8.21
N GLY A 392 24.30 12.41 8.98
CA GLY A 392 24.78 11.32 9.81
C GLY A 392 23.90 11.08 11.03
N SER A 393 24.26 10.14 11.89
CA SER A 393 23.48 9.82 13.08
C SER A 393 24.36 9.71 14.31
N VAL A 394 23.86 10.18 15.45
CA VAL A 394 24.50 9.95 16.75
C VAL A 394 24.58 8.47 17.11
N MET A 395 23.94 7.57 16.38
CA MET A 395 24.13 6.13 16.54
C MET A 395 25.46 5.61 15.98
N ASP A 396 26.22 6.38 15.21
CA ASP A 396 27.54 5.98 14.69
C ASP A 396 28.68 6.73 15.35
N ALA A 397 29.66 6.01 15.91
CA ALA A 397 30.84 6.62 16.48
C ALA A 397 31.63 7.46 15.48
N ASN A 398 31.65 7.08 14.19
CA ASN A 398 32.31 7.87 13.16
C ASN A 398 31.64 9.22 12.94
N ASP A 399 30.31 9.28 12.98
CA ASP A 399 29.58 10.54 12.84
C ASP A 399 29.74 11.43 14.07
N LEU A 400 29.75 10.84 15.27
CA LEU A 400 30.06 11.57 16.49
C LEU A 400 31.47 12.16 16.48
N GLU A 401 32.39 11.53 15.79
CA GLU A 401 33.71 12.10 15.68
C GLU A 401 33.71 13.23 14.69
N ARG A 402 32.92 13.12 13.65
CA ARG A 402 32.86 14.16 12.66
C ARG A 402 32.37 15.43 13.28
N VAL A 403 31.31 15.35 14.06
CA VAL A 403 30.73 16.52 14.71
C VAL A 403 31.60 16.90 15.88
N LYS A 404 32.65 16.16 16.13
CA LYS A 404 33.63 16.60 17.13
C LYS A 404 33.08 16.61 18.56
N ILE A 405 32.19 15.68 18.89
CA ILE A 405 31.43 15.71 20.14
C ILE A 405 32.28 15.53 21.40
N GLN A 406 33.52 15.04 21.28
CA GLN A 406 34.51 15.03 22.37
C GLN A 406 34.69 16.40 23.03
N GLU A 407 34.49 17.47 22.27
CA GLU A 407 34.75 18.85 22.68
C GLU A 407 33.60 19.79 22.34
N ALA A 408 32.41 19.24 22.11
CA ALA A 408 31.18 20.00 22.18
C ALA A 408 30.87 20.43 23.62
N ASP A 409 30.15 21.52 23.78
CA ASP A 409 29.76 22.03 25.09
C ASP A 409 28.56 21.26 25.66
N ALA A 410 27.65 20.84 24.80
CA ALA A 410 26.50 20.00 25.12
C ALA A 410 25.97 19.33 23.86
N CYS A 411 25.18 18.28 24.02
CA CYS A 411 24.38 17.69 22.96
C CYS A 411 22.88 17.80 23.30
N LEU A 412 22.08 18.34 22.40
CA LEU A 412 20.63 18.49 22.58
C LEU A 412 19.90 17.48 21.70
N VAL A 413 19.05 16.66 22.29
CA VAL A 413 18.29 15.63 21.59
C VAL A 413 16.82 16.04 21.56
N LEU A 414 16.38 16.59 20.43
CA LEU A 414 15.01 17.07 20.20
C LEU A 414 14.06 15.91 19.89
N ALA A 415 12.83 15.98 20.35
CA ALA A 415 11.83 14.93 20.17
C ALA A 415 10.71 15.35 19.22
N ASN A 416 10.19 14.42 18.43
CA ASN A 416 8.98 14.64 17.64
C ASN A 416 7.75 14.59 18.56
N LYS A 417 7.30 15.74 19.07
CA LYS A 417 6.14 15.83 19.97
C LYS A 417 4.82 15.34 19.35
N TYR A 418 4.77 15.19 18.03
CA TYR A 418 3.59 14.83 17.25
C TYR A 418 3.78 13.54 16.46
N CYS A 419 4.54 12.60 17.01
CA CYS A 419 4.69 11.25 16.48
C CYS A 419 3.43 10.40 16.71
N GLN A 420 3.25 9.35 15.90
CA GLN A 420 2.11 8.44 16.02
C GLN A 420 2.10 7.67 17.35
N ASP A 421 3.26 7.49 18.00
CA ASP A 421 3.40 6.80 19.28
C ASP A 421 4.59 7.33 20.08
N PRO A 422 4.39 7.84 21.31
CA PRO A 422 5.46 8.48 22.05
C PRO A 422 6.47 7.51 22.67
N ASP A 423 6.16 6.22 22.82
CA ASP A 423 7.15 5.27 23.34
C ASP A 423 8.19 4.88 22.31
N GLN A 424 7.83 4.76 21.04
CA GLN A 424 8.83 4.59 19.99
C GLN A 424 9.71 5.82 19.86
N GLU A 425 9.15 7.02 20.01
CA GLU A 425 9.95 8.25 20.00
C GLU A 425 10.87 8.35 21.21
N ASP A 426 10.38 8.07 22.42
CA ASP A 426 11.22 8.03 23.60
C ASP A 426 12.27 6.94 23.54
N ALA A 427 11.94 5.74 23.06
CA ALA A 427 12.92 4.67 22.91
C ALA A 427 14.05 5.07 21.96
N ALA A 428 13.73 5.71 20.84
CA ALA A 428 14.74 6.24 19.94
C ALA A 428 15.61 7.29 20.64
N ASN A 429 15.03 8.25 21.35
CA ASN A 429 15.83 9.28 22.01
C ASN A 429 16.67 8.73 23.15
N ILE A 430 16.20 7.73 23.90
CA ILE A 430 17.01 7.04 24.89
C ILE A 430 18.16 6.28 24.23
N MET A 431 17.96 5.69 23.08
CA MET A 431 19.06 5.04 22.45
C MET A 431 20.07 6.02 21.97
N ARG A 432 19.67 7.24 21.71
CA ARG A 432 20.59 8.23 21.25
C ARG A 432 21.46 8.70 22.38
N VAL A 433 20.93 8.78 23.57
CA VAL A 433 21.72 9.21 24.70
C VAL A 433 22.62 8.08 25.07
N ILE A 434 22.13 6.87 25.00
CA ILE A 434 23.02 5.73 25.26
C ILE A 434 24.19 5.74 24.28
N SER A 435 23.94 5.99 23.00
CA SER A 435 25.01 6.05 22.00
C SER A 435 25.98 7.19 22.27
N ILE A 436 25.47 8.40 22.52
CA ILE A 436 26.29 9.56 22.79
C ILE A 436 27.19 9.32 24.01
N LYS A 437 26.65 8.81 25.11
CA LYS A 437 27.44 8.56 26.31
C LYS A 437 28.32 7.31 26.25
N ASN A 438 28.00 6.32 25.41
CA ASN A 438 28.92 5.23 25.11
C ASN A 438 30.16 5.76 24.39
N TYR A 439 30.00 6.72 23.48
CA TYR A 439 31.13 7.33 22.79
C TYR A 439 32.00 8.18 23.72
N HIS A 440 31.39 8.99 24.58
CA HIS A 440 32.09 9.79 25.58
C HIS A 440 31.17 10.08 26.76
N SER A 441 31.50 9.61 27.96
CA SER A 441 30.56 9.67 29.10
C SER A 441 30.27 11.09 29.58
N ASP A 442 31.22 12.00 29.40
CA ASP A 442 31.23 13.28 30.11
C ASP A 442 30.64 14.44 29.30
N ILE A 443 30.19 14.21 28.07
CA ILE A 443 29.42 15.20 27.34
C ILE A 443 28.09 15.43 28.07
N LYS A 444 27.74 16.70 28.31
CA LYS A 444 26.44 17.09 28.86
C LYS A 444 25.35 16.77 27.85
N VAL A 445 24.39 15.93 28.19
CA VAL A 445 23.28 15.62 27.30
C VAL A 445 22.00 16.21 27.83
N ILE A 446 21.32 17.02 27.03
CA ILE A 446 19.99 17.52 27.32
C ILE A 446 19.04 16.84 26.35
N VAL A 447 18.03 16.13 26.84
CA VAL A 447 17.15 15.32 26.02
C VAL A 447 15.71 15.66 26.29
N GLN A 448 14.89 15.68 25.25
CA GLN A 448 13.47 15.88 25.36
C GLN A 448 12.77 14.53 25.43
N LEU A 449 11.96 14.28 26.45
CA LEU A 449 11.18 13.06 26.59
C LEU A 449 9.70 13.35 26.53
N LEU A 450 8.92 12.49 25.91
CA LEU A 450 7.48 12.66 25.81
C LEU A 450 6.70 12.02 26.95
N GLN A 451 7.25 11.04 27.66
CA GLN A 451 6.54 10.30 28.72
C GLN A 451 7.34 10.23 30.00
N TYR A 452 6.70 10.44 31.14
CA TYR A 452 7.43 10.49 32.41
C TYR A 452 8.00 9.13 32.82
N HIS A 453 7.30 8.02 32.59
CA HIS A 453 7.81 6.70 32.97
C HIS A 453 9.09 6.31 32.22
N ASN A 454 9.29 6.79 30.98
CA ASN A 454 10.52 6.56 30.24
C ASN A 454 11.73 7.29 30.83
N LYS A 455 11.53 8.33 31.64
CA LYS A 455 12.62 9.04 32.34
C LYS A 455 13.38 8.15 33.31
N ALA A 456 12.73 7.13 33.88
CA ALA A 456 13.41 6.15 34.72
C ALA A 456 14.52 5.40 33.96
N TYR A 457 14.30 5.07 32.69
CA TYR A 457 15.30 4.33 31.92
C TYR A 457 16.60 5.10 31.78
N LEU A 458 16.57 6.38 31.44
CA LEU A 458 17.82 7.15 31.35
C LEU A 458 18.40 7.55 32.70
N LEU A 459 17.61 7.62 33.78
CA LEU A 459 18.18 7.77 35.13
C LEU A 459 19.03 6.55 35.50
N ASN A 460 18.72 5.37 34.94
CA ASN A 460 19.44 4.13 35.18
C ASN A 460 20.63 3.91 34.22
N ILE A 461 20.92 4.80 33.27
CA ILE A 461 22.13 4.72 32.44
C ILE A 461 23.37 4.88 33.34
N PRO A 462 24.43 4.07 33.20
CA PRO A 462 25.56 4.09 34.12
C PRO A 462 26.28 5.44 34.24
N SER A 463 26.27 6.22 33.18
CA SER A 463 27.02 7.47 33.04
C SER A 463 26.15 8.71 33.00
N TRP A 464 24.85 8.62 33.24
CA TRP A 464 23.96 9.78 33.38
C TRP A 464 24.13 10.44 34.75
N ASP A 465 24.32 11.77 34.80
CA ASP A 465 24.53 12.47 36.08
C ASP A 465 23.99 13.89 36.07
N TRP A 466 22.90 14.14 36.81
CA TRP A 466 22.34 15.49 36.87
C TRP A 466 23.30 16.52 37.46
N LYS A 467 24.29 16.11 38.26
CA LYS A 467 25.27 17.02 38.85
C LYS A 467 26.26 17.56 37.82
N ARG A 468 26.44 16.90 36.66
CA ARG A 468 27.13 17.51 35.50
C ARG A 468 26.22 18.33 34.60
N GLY A 469 24.92 18.33 34.87
CA GLY A 469 23.92 18.97 34.04
C GLY A 469 23.34 18.07 32.95
N ASP A 470 23.51 16.75 32.98
CA ASP A 470 22.67 15.88 32.16
C ASP A 470 21.20 16.09 32.55
N ASP A 471 20.31 16.23 31.58
CA ASP A 471 18.98 16.78 31.87
C ASP A 471 17.89 16.26 30.94
N ALA A 472 16.84 15.68 31.49
CA ALA A 472 15.71 15.20 30.74
C ALA A 472 14.53 16.15 30.90
N VAL A 473 14.27 16.95 29.87
CA VAL A 473 13.11 17.84 29.79
C VAL A 473 11.91 16.99 29.41
N CYS A 474 11.17 16.51 30.38
CA CYS A 474 9.99 15.68 30.15
C CYS A 474 8.77 16.54 29.86
N VAL A 475 8.28 16.49 28.63
CA VAL A 475 7.15 17.29 28.16
C VAL A 475 5.89 17.00 28.95
N ALA A 476 5.57 15.74 29.23
CA ALA A 476 4.38 15.40 30.01
C ALA A 476 4.48 15.85 31.47
N GLU A 477 5.64 15.68 32.11
CA GLU A 477 5.87 16.14 33.48
C GLU A 477 5.64 17.64 33.60
N LEU A 478 6.24 18.41 32.70
CA LEU A 478 6.15 19.86 32.70
C LEU A 478 4.74 20.30 32.37
N LYS A 479 4.17 19.86 31.25
CA LYS A 479 2.83 20.22 30.81
C LYS A 479 1.79 20.10 31.92
N LEU A 480 1.71 18.94 32.55
CA LEU A 480 0.74 18.71 33.61
C LEU A 480 1.07 19.50 34.88
N GLY A 481 2.33 19.79 35.17
CA GLY A 481 2.70 20.62 36.30
C GLY A 481 2.39 22.11 36.10
N PHE A 482 2.55 22.64 34.89
CA PHE A 482 2.05 23.98 34.55
C PHE A 482 0.53 24.04 34.67
N ILE A 483 -0.19 23.03 34.21
CA ILE A 483 -1.65 22.99 34.32
C ILE A 483 -2.10 22.87 35.78
N ALA A 484 -1.46 22.02 36.58
CA ALA A 484 -1.74 21.91 38.01
C ALA A 484 -1.56 23.25 38.72
N GLN A 485 -0.59 24.05 38.29
CA GLN A 485 -0.37 25.36 38.86
C GLN A 485 -1.52 26.32 38.57
N SER A 486 -2.17 26.25 37.42
CA SER A 486 -3.39 27.02 37.20
C SER A 486 -4.55 26.56 38.08
N CYS A 487 -4.60 25.33 38.55
CA CYS A 487 -5.63 24.92 39.51
C CYS A 487 -5.47 25.62 40.86
N LEU A 488 -4.24 25.96 41.22
CA LEU A 488 -3.89 26.64 42.47
C LEU A 488 -3.93 28.17 42.33
N ALA A 489 -3.51 28.70 41.18
CA ALA A 489 -3.45 30.12 40.88
C ALA A 489 -3.87 30.33 39.41
N PRO A 490 -5.16 30.50 39.12
CA PRO A 490 -5.68 30.58 37.76
C PRO A 490 -4.89 31.52 36.87
N GLY A 491 -4.58 31.06 35.66
CA GLY A 491 -3.76 31.79 34.70
C GLY A 491 -2.25 31.65 34.87
N PHE A 492 -1.75 31.07 35.97
CA PHE A 492 -0.32 30.97 36.18
C PHE A 492 0.42 30.15 35.12
N SER A 493 -0.24 29.21 34.45
CA SER A 493 0.35 28.50 33.31
C SER A 493 0.82 29.46 32.23
N THR A 494 0.06 30.50 31.94
CA THR A 494 0.40 31.51 30.94
C THR A 494 1.54 32.40 31.41
N LEU A 495 1.51 32.85 32.66
CA LEU A 495 2.58 33.68 33.21
C LEU A 495 3.90 32.93 33.08
N MET A 496 3.92 31.72 33.63
CA MET A 496 5.14 30.95 33.71
C MET A 496 5.60 30.47 32.34
N ALA A 497 4.71 30.03 31.44
CA ALA A 497 5.12 29.60 30.11
C ALA A 497 5.70 30.75 29.28
N ASN A 498 5.10 31.94 29.30
CA ASN A 498 5.67 33.10 28.61
C ASN A 498 7.05 33.45 29.13
N LEU A 499 7.32 33.20 30.40
CA LEU A 499 8.56 33.53 31.06
C LEU A 499 9.77 32.73 30.56
N PHE A 500 9.55 31.63 29.83
CA PHE A 500 10.61 30.71 29.38
C PHE A 500 10.74 30.61 27.87
N THR A 501 10.33 31.63 27.12
CA THR A 501 10.80 31.77 25.74
C THR A 501 11.14 33.21 25.42
N MET A 502 12.20 33.38 24.66
CA MET A 502 12.74 34.69 24.34
C MET A 502 11.80 35.44 23.41
N ARG A 503 11.22 36.56 23.87
CA ARG A 503 10.38 37.44 23.05
C ARG A 503 10.65 38.89 23.40
N SER A 504 10.44 39.76 22.41
CA SER A 504 10.62 41.18 22.60
C SER A 504 9.38 41.93 22.23
N TYR A 505 9.02 42.94 23.01
CA TYR A 505 7.80 43.69 22.77
C TYR A 505 7.87 44.53 21.54
N LYS A 506 6.73 44.81 20.94
CA LYS A 506 6.71 45.55 19.70
C LYS A 506 5.29 45.94 19.41
N PRO A 507 4.86 47.11 19.89
CA PRO A 507 3.45 47.48 19.75
C PRO A 507 3.01 47.60 18.28
N THR A 508 1.70 47.56 18.05
CA THR A 508 1.08 47.91 16.76
C THR A 508 -0.16 48.78 16.99
N PRO A 509 -0.54 49.66 16.04
CA PRO A 509 -1.69 50.54 16.23
C PRO A 509 -3.03 49.80 16.29
N GLU A 510 -3.13 48.64 15.64
CA GLU A 510 -4.32 47.78 15.67
C GLU A 510 -4.56 47.08 17.03
N MET A 511 -3.56 47.04 17.90
CA MET A 511 -3.58 46.32 19.18
C MET A 511 -4.44 47.07 20.22
N SER A 512 -5.46 46.41 20.78
CA SER A 512 -6.27 47.00 21.86
C SER A 512 -5.44 47.19 23.13
N GLN A 513 -5.84 48.08 24.03
CA GLN A 513 -4.99 48.43 25.17
C GLN A 513 -4.73 47.25 26.12
N TRP A 514 -5.69 46.33 26.31
CA TRP A 514 -5.43 45.12 27.09
C TRP A 514 -4.37 44.24 26.42
N GLN A 515 -4.41 44.10 25.09
CA GLN A 515 -3.36 43.38 24.38
C GLN A 515 -2.00 44.08 24.49
N THR A 516 -1.93 45.41 24.54
CA THR A 516 -0.64 46.08 24.73
C THR A 516 -0.04 45.79 26.11
N ASP A 517 -0.86 45.71 27.15
CA ASP A 517 -0.42 45.32 28.49
C ASP A 517 0.05 43.88 28.52
N TYR A 518 -0.76 42.96 27.98
CA TYR A 518 -0.39 41.56 27.88
C TYR A 518 0.91 41.40 27.11
N MET A 519 1.00 41.95 25.91
CA MET A 519 2.17 41.81 25.06
C MET A 519 3.42 42.43 25.70
N ARG A 520 3.31 43.56 26.40
CA ARG A 520 4.43 44.11 27.17
C ARG A 520 4.94 43.13 28.22
N GLY A 521 4.03 42.42 28.91
CA GLY A 521 4.37 41.32 29.81
C GLY A 521 5.04 40.14 29.11
N THR A 522 4.58 39.73 27.92
CA THR A 522 5.21 38.62 27.18
C THR A 522 6.66 38.90 26.79
N GLY A 523 7.07 40.16 26.71
CA GLY A 523 8.44 40.55 26.37
C GLY A 523 9.46 40.25 27.46
N MET A 524 9.05 39.78 28.63
CA MET A 524 9.93 39.46 29.75
C MET A 524 10.16 37.97 29.88
N GLU A 525 11.38 37.60 30.21
CA GLU A 525 11.74 36.21 30.44
C GLU A 525 12.79 36.08 31.54
N MET A 526 13.00 34.86 32.03
CA MET A 526 13.88 34.56 33.17
C MET A 526 15.36 34.72 32.83
N TYR A 527 16.14 35.32 33.73
CA TYR A 527 17.59 35.53 33.60
C TYR A 527 18.34 35.28 34.89
N THR A 528 19.65 35.08 34.78
CA THR A 528 20.57 34.86 35.89
C THR A 528 21.75 35.81 35.81
N GLU A 529 22.13 36.43 36.92
CA GLU A 529 23.31 37.30 37.01
C GLU A 529 23.94 37.26 38.39
N TYR A 530 25.23 37.60 38.46
CA TYR A 530 25.87 37.87 39.74
C TYR A 530 25.45 39.23 40.27
N LEU A 531 24.98 39.28 41.51
CA LEU A 531 24.72 40.53 42.21
C LEU A 531 26.04 41.27 42.46
N SER A 532 26.07 42.59 42.24
CA SER A 532 27.26 43.41 42.51
C SER A 532 27.65 43.43 43.99
N SER A 533 28.86 43.88 44.30
CA SER A 533 29.36 44.01 45.67
C SER A 533 28.48 44.91 46.55
N ALA A 534 27.73 45.84 45.97
CA ALA A 534 26.82 46.71 46.71
C ALA A 534 25.67 45.97 47.39
N PHE A 535 25.32 44.76 46.94
CA PHE A 535 24.31 43.92 47.59
C PHE A 535 24.83 43.12 48.78
N ASN A 536 26.15 42.99 48.97
CA ASN A 536 26.69 42.09 49.98
C ASN A 536 26.19 42.47 51.39
N ALA A 537 25.77 41.48 52.17
CA ALA A 537 25.20 41.62 53.51
C ALA A 537 23.85 42.38 53.62
N LEU A 538 23.19 42.74 52.51
CA LEU A 538 21.75 43.01 52.55
C LEU A 538 21.00 41.69 52.87
N THR A 539 19.85 41.77 53.52
CA THR A 539 18.90 40.66 53.52
C THR A 539 18.27 40.51 52.14
N PHE A 540 17.76 39.32 51.80
CA PHE A 540 17.09 39.14 50.51
C PHE A 540 15.96 40.16 50.26
N PRO A 541 15.05 40.45 51.20
CA PRO A 541 14.02 41.47 50.98
C PRO A 541 14.58 42.85 50.64
N GLU A 542 15.65 43.29 51.31
CA GLU A 542 16.30 44.55 50.96
C GLU A 542 16.90 44.52 49.55
N ALA A 543 17.53 43.42 49.16
CA ALA A 543 18.08 43.29 47.81
C ALA A 543 16.97 43.32 46.76
N ALA A 544 15.84 42.67 47.00
CA ALA A 544 14.70 42.68 46.11
C ALA A 544 14.06 44.07 46.01
N GLU A 545 13.88 44.79 47.12
CA GLU A 545 13.45 46.18 47.11
C GLU A 545 14.39 47.05 46.28
N LEU A 546 15.70 46.92 46.47
CA LEU A 546 16.72 47.68 45.76
C LEU A 546 16.61 47.43 44.25
N CYS A 547 16.65 46.16 43.83
CA CYS A 547 16.59 45.78 42.43
C CYS A 547 15.34 46.33 41.75
N PHE A 548 14.20 46.22 42.42
CA PHE A 548 12.95 46.69 41.86
C PHE A 548 12.92 48.21 41.82
N SER A 549 12.93 48.85 42.99
CA SER A 549 12.70 50.28 43.13
C SER A 549 13.76 51.12 42.43
N LYS A 550 15.05 50.76 42.50
CA LYS A 550 16.09 51.42 41.72
C LYS A 550 16.20 50.81 40.33
N LEU A 551 16.74 49.61 40.21
CA LEU A 551 17.19 49.06 38.93
C LEU A 551 16.06 48.68 37.94
N LYS A 552 14.79 48.73 38.34
CA LYS A 552 13.63 48.27 37.56
C LYS A 552 13.65 46.75 37.30
N LEU A 553 14.40 45.98 38.08
CA LEU A 553 14.56 44.53 37.91
C LEU A 553 13.84 43.77 39.02
N LEU A 554 13.09 42.73 38.66
CA LEU A 554 12.40 41.88 39.62
C LEU A 554 13.29 40.69 40.00
N LEU A 555 13.77 40.66 41.24
CA LEU A 555 14.65 39.62 41.79
C LEU A 555 13.80 38.54 42.47
N LEU A 556 13.80 37.30 42.00
CA LEU A 556 12.97 36.22 42.54
C LEU A 556 13.64 35.39 43.63
N ALA A 557 14.91 35.10 43.43
CA ALA A 557 15.57 33.97 44.05
C ALA A 557 17.09 34.15 44.00
N ILE A 558 17.81 33.40 44.82
CA ILE A 558 19.27 33.39 44.87
C ILE A 558 19.82 31.98 45.03
N GLU A 559 20.95 31.69 44.40
CA GLU A 559 21.68 30.43 44.62
C GLU A 559 22.58 30.58 45.83
N VAL A 560 22.15 30.09 46.98
CA VAL A 560 22.89 30.12 48.24
C VAL A 560 24.05 29.12 48.23
N ARG A 561 25.25 29.54 48.61
CA ARG A 561 26.44 28.68 48.64
C ARG A 561 26.35 27.54 49.65
N GLU A 567 28.99 22.79 47.95
CA GLU A 567 27.67 22.68 47.33
C GLU A 567 26.83 23.95 47.49
N SER A 568 25.74 24.06 46.72
CA SER A 568 24.85 25.22 46.69
C SER A 568 23.38 24.82 46.44
N THR A 569 22.45 25.69 46.87
CA THR A 569 21.01 25.44 46.86
C THR A 569 20.24 26.68 46.40
N LEU A 570 19.21 26.50 45.58
CA LEU A 570 18.39 27.58 45.07
C LEU A 570 17.31 27.96 46.09
N ALA A 571 17.31 29.21 46.56
CA ALA A 571 16.31 29.73 47.49
C ALA A 571 15.39 30.73 46.80
N ILE A 572 14.07 30.47 46.77
CA ILE A 572 13.07 31.33 46.14
C ILE A 572 12.42 32.18 47.21
N ASN A 573 12.37 33.49 47.00
CA ASN A 573 11.84 34.48 47.94
C ASN A 573 12.16 34.20 49.43
N PRO A 574 13.42 33.89 49.81
CA PRO A 574 13.74 33.57 51.19
C PRO A 574 13.52 34.77 52.11
N GLY A 575 13.24 34.51 53.39
CA GLY A 575 12.92 35.55 54.37
C GLY A 575 14.11 36.40 54.81
N PRO A 576 13.90 37.37 55.72
CA PRO A 576 14.95 38.25 56.23
C PRO A 576 16.13 37.49 56.89
N LYS A 577 15.95 36.24 57.28
CA LYS A 577 16.98 35.41 57.90
C LYS A 577 18.18 35.07 57.00
N VAL A 578 18.11 35.31 55.68
CA VAL A 578 19.25 35.09 54.76
C VAL A 578 19.84 36.40 54.26
N LYS A 579 21.17 36.51 54.30
CA LYS A 579 21.93 37.59 53.68
C LYS A 579 22.37 37.21 52.27
N ILE A 580 22.53 38.20 51.40
CA ILE A 580 23.30 38.05 50.17
C ILE A 580 24.79 37.90 50.54
N GLU A 581 25.46 36.86 50.03
CA GLU A 581 26.91 36.68 50.21
C GLU A 581 27.71 37.64 49.31
N ASN A 582 29.02 37.44 49.20
CA ASN A 582 29.77 37.92 48.03
C ASN A 582 29.57 36.96 46.84
N ALA A 583 29.53 37.50 45.62
CA ALA A 583 29.40 36.74 44.37
C ALA A 583 28.18 35.80 44.30
N THR A 584 27.04 36.23 44.84
CA THR A 584 25.76 35.50 44.78
C THR A 584 25.14 35.57 43.38
N GLN A 585 24.81 34.43 42.78
CA GLN A 585 23.92 34.36 41.62
C GLN A 585 22.48 34.67 42.05
N GLY A 586 21.84 35.62 41.38
CA GLY A 586 20.42 35.94 41.53
C GLY A 586 19.63 35.64 40.26
N PHE A 587 18.35 35.32 40.42
CA PHE A 587 17.41 35.05 39.34
C PHE A 587 16.44 36.21 39.17
N PHE A 588 16.27 36.66 37.94
CA PHE A 588 15.58 37.90 37.60
C PHE A 588 14.51 37.70 36.53
N ILE A 589 13.50 38.55 36.55
CA ILE A 589 12.59 38.77 35.43
C ILE A 589 12.88 40.15 34.85
N ALA A 590 13.13 40.22 33.54
CA ALA A 590 13.48 41.44 32.83
C ALA A 590 13.21 41.31 31.33
N GLU A 591 13.28 42.41 30.58
CA GLU A 591 13.02 42.39 29.14
C GLU A 591 14.15 41.77 28.30
N SER A 592 15.39 41.80 28.78
CA SER A 592 16.57 41.22 28.13
C SER A 592 17.72 41.01 29.13
N ALA A 593 18.66 40.12 28.84
CA ALA A 593 19.88 39.91 29.61
C ALA A 593 20.69 41.19 29.79
N GLU A 594 20.78 42.01 28.74
CA GLU A 594 21.52 43.28 28.79
C GLU A 594 20.87 44.30 29.74
N GLU A 595 19.58 44.15 30.02
CA GLU A 595 18.90 44.92 31.05
C GLU A 595 19.28 44.43 32.46
N VAL A 596 19.37 43.11 32.65
CA VAL A 596 19.68 42.50 33.94
C VAL A 596 21.10 42.82 34.38
N LYS A 597 22.02 43.04 33.44
CA LYS A 597 23.40 43.38 33.74
C LYS A 597 23.57 44.63 34.61
N ARG A 598 22.54 45.49 34.71
CA ARG A 598 22.50 46.53 35.73
C ARG A 598 22.72 45.99 37.14
N ALA A 599 22.22 44.82 37.50
CA ALA A 599 22.43 44.24 38.83
C ALA A 599 23.89 43.82 39.09
N PHE A 600 24.67 43.54 38.05
CA PHE A 600 26.09 43.22 38.15
C PHE A 600 26.95 44.48 38.15
N TYR A 601 26.66 45.42 37.25
CA TYR A 601 27.34 46.71 37.20
C TYR A 601 26.92 47.67 38.31
N TYR A 602 25.86 47.40 39.06
CA TYR A 602 25.29 48.34 40.01
C TYR A 602 26.36 48.90 40.94
N CYS A 603 26.48 50.21 40.86
CA CYS A 603 27.54 50.99 41.47
C CYS A 603 27.51 50.87 43.00
N LYS A 604 28.60 51.28 43.66
CA LYS A 604 28.46 51.76 45.02
C LYS A 604 27.41 52.87 45.07
N ASN A 605 26.71 53.05 46.19
CA ASN A 605 25.63 54.05 46.29
C ASN A 605 26.05 55.47 45.87
N CYS A 606 27.32 55.82 46.07
CA CYS A 606 27.95 57.06 45.63
C CYS A 606 27.86 57.33 44.12
N HIS A 607 27.87 56.28 43.29
CA HIS A 607 27.89 56.37 41.84
C HIS A 607 26.54 56.03 41.16
N ALA A 608 25.45 55.89 41.92
CA ALA A 608 24.11 55.59 41.39
C ALA A 608 22.97 56.20 42.24
N ASN A 609 23.11 57.45 42.66
CA ASN A 609 22.05 58.21 43.33
C ASN A 609 20.98 58.77 42.36
N VAL A 610 21.30 58.96 41.08
CA VAL A 610 20.45 59.70 40.13
C VAL A 610 19.28 58.87 39.59
N SER A 611 19.45 57.55 39.46
CA SER A 611 18.40 56.56 39.15
C SER A 611 17.68 56.66 37.78
N ASP A 612 18.22 57.41 36.82
CA ASP A 612 17.82 57.32 35.40
C ASP A 612 18.47 56.08 34.78
N VAL A 613 17.85 54.90 34.93
CA VAL A 613 18.57 53.61 34.97
C VAL A 613 19.43 53.26 33.77
N ARG A 614 19.22 53.86 32.62
CA ARG A 614 20.12 53.62 31.49
C ARG A 614 21.55 54.06 31.79
N GLN A 615 21.73 54.97 32.74
CA GLN A 615 23.05 55.46 33.15
C GLN A 615 23.87 54.45 33.98
N ILE A 616 23.28 53.37 34.51
CA ILE A 616 24.07 52.34 35.21
C ILE A 616 24.97 51.64 34.19
N LYS A 617 26.27 51.58 34.48
CA LYS A 617 27.30 51.07 33.59
C LYS A 617 28.55 50.69 34.40
N LYS A 618 29.49 49.97 33.80
CA LYS A 618 30.62 49.35 34.49
C LYS A 618 31.58 50.30 35.24
N CYS A 619 31.51 51.60 35.00
CA CYS A 619 32.30 52.64 35.68
C CYS A 619 31.87 52.93 37.14
N LYS A 620 31.62 51.89 37.93
CA LYS A 620 31.19 51.98 39.32
C LYS A 620 32.27 52.49 40.30
N CYS A 621 33.54 52.51 39.89
CA CYS A 621 34.71 52.94 40.66
C CYS A 621 35.81 53.49 39.76
N ARG A 706 -0.65 13.35 60.26
CA ARG A 706 -0.62 13.15 58.81
C ARG A 706 0.63 12.39 58.34
N LYS A 707 0.57 11.83 57.13
CA LYS A 707 1.64 11.03 56.51
C LYS A 707 2.15 11.69 55.23
N PHE A 708 3.41 11.48 54.91
CA PHE A 708 4.10 12.09 53.78
C PHE A 708 4.95 11.07 53.03
N ASP A 709 5.35 11.40 51.81
CA ASP A 709 6.33 10.59 51.10
C ASP A 709 7.70 10.60 51.83
N SER A 710 8.61 9.70 51.46
CA SER A 710 9.90 9.55 52.13
C SER A 710 10.78 10.80 52.15
N THR A 711 10.69 11.68 51.15
CA THR A 711 11.42 12.96 51.13
C THR A 711 10.62 14.11 51.78
N GLY A 712 9.43 13.81 52.31
CA GLY A 712 8.58 14.76 53.04
C GLY A 712 7.98 15.88 52.19
N MET A 713 8.00 15.75 50.86
CA MET A 713 7.57 16.79 49.94
C MET A 713 6.08 16.76 49.63
N PHE A 714 5.39 15.64 49.75
CA PHE A 714 3.99 15.45 49.38
C PHE A 714 3.20 14.70 50.45
N HIS A 715 1.90 15.00 50.61
CA HIS A 715 1.00 14.19 51.44
C HIS A 715 0.85 12.79 50.84
N TRP A 716 0.57 11.78 51.67
CA TRP A 716 0.67 10.38 51.24
C TRP A 716 -0.39 9.48 51.88
N CYS A 717 -0.77 8.43 51.16
CA CYS A 717 -1.60 7.32 51.62
C CYS A 717 -0.89 5.99 51.38
N PRO A 718 -1.09 4.98 52.23
CA PRO A 718 -0.71 3.61 51.90
C PRO A 718 -1.48 3.14 50.66
N ASP A 719 -0.89 2.22 49.90
CA ASP A 719 -1.49 1.69 48.67
C ASP A 719 -2.92 1.17 48.91
N ARG A 720 -3.82 1.40 47.95
CA ARG A 720 -5.22 1.00 48.03
C ARG A 720 -5.81 0.67 46.66
N PRO A 721 -6.79 -0.23 46.55
CA PRO A 721 -7.40 -0.60 45.28
C PRO A 721 -8.33 0.50 44.76
N LEU A 722 -8.49 0.60 43.44
CA LEU A 722 -9.23 1.69 42.80
C LEU A 722 -10.68 1.79 43.28
N ASN A 723 -11.33 0.66 43.59
CA ASN A 723 -12.72 0.68 44.03
C ASN A 723 -12.93 1.28 45.44
N ASP A 724 -11.87 1.63 46.19
CA ASP A 724 -12.00 2.51 47.37
C ASP A 724 -12.25 3.97 46.99
N CYS A 725 -11.81 4.39 45.81
CA CYS A 725 -11.91 5.76 45.29
C CYS A 725 -12.96 5.92 44.20
N LEU A 726 -13.43 4.82 43.62
CA LEU A 726 -14.47 4.81 42.61
C LEU A 726 -15.82 5.26 43.19
N GLN A 727 -16.58 6.05 42.44
CA GLN A 727 -17.88 6.59 42.82
C GLN A 727 -18.88 6.48 41.67
N ASP A 728 -20.13 6.17 41.97
CA ASP A 728 -21.27 6.36 41.06
C ASP A 728 -21.78 7.82 41.11
N ARG A 729 -22.60 8.25 40.15
CA ARG A 729 -23.20 9.61 40.13
C ARG A 729 -23.93 9.96 41.42
N SER A 730 -24.63 8.99 42.00
CA SER A 730 -25.32 9.12 43.29
C SER A 730 -24.32 9.44 44.41
N GLN A 731 -23.24 8.67 44.53
CA GLN A 731 -22.18 8.90 45.51
C GLN A 731 -21.48 10.24 45.28
N ALA A 732 -21.12 10.56 44.05
CA ALA A 732 -20.46 11.82 43.71
C ALA A 732 -21.32 13.03 44.07
N SER A 733 -22.60 13.03 43.70
CA SER A 733 -23.52 14.13 44.03
C SER A 733 -23.90 14.18 45.51
N ALA A 734 -23.88 13.04 46.21
CA ALA A 734 -24.06 13.01 47.67
C ALA A 734 -22.86 13.63 48.41
N SER A 735 -21.65 13.47 47.87
CA SER A 735 -20.44 14.10 48.40
C SER A 735 -20.49 15.63 48.23
N GLY A 736 -20.02 16.37 49.22
CA GLY A 736 -20.13 17.84 49.27
C GLY A 736 -19.09 18.57 48.42
N LEU A 737 -18.89 18.17 47.17
CA LEU A 737 -17.81 18.66 46.32
C LEU A 737 -17.97 20.16 46.05
N ARG A 738 -16.97 20.93 46.50
CA ARG A 738 -16.90 22.38 46.36
C ARG A 738 -15.43 22.79 46.37
N ASN A 739 -15.04 23.82 45.61
CA ASN A 739 -13.65 24.29 45.48
C ASN A 739 -12.68 23.19 45.00
N HIS A 740 -13.19 22.13 44.39
CA HIS A 740 -12.47 20.96 43.94
C HIS A 740 -11.81 21.16 42.57
N VAL A 741 -11.01 20.21 42.13
CA VAL A 741 -10.52 20.12 40.75
C VAL A 741 -11.21 18.97 40.05
N VAL A 742 -11.79 19.21 38.88
CA VAL A 742 -12.37 18.16 38.03
C VAL A 742 -11.45 17.91 36.86
N VAL A 743 -11.00 16.67 36.65
CA VAL A 743 -10.21 16.31 35.49
C VAL A 743 -11.13 15.59 34.49
N CYS A 744 -11.53 16.27 33.45
CA CYS A 744 -12.27 15.70 32.34
C CYS A 744 -11.30 14.99 31.41
N LEU A 745 -11.19 13.67 31.52
CA LEU A 745 -10.19 12.88 30.82
C LEU A 745 -10.82 12.14 29.65
N PHE A 746 -10.30 12.36 28.45
CA PHE A 746 -10.69 11.59 27.27
C PHE A 746 -9.65 10.52 26.99
N ALA A 747 -10.03 9.25 27.02
CA ALA A 747 -9.10 8.14 26.87
C ALA A 747 -9.80 6.90 26.33
N ASP A 748 -9.16 6.18 25.42
CA ASP A 748 -9.52 4.78 25.13
C ASP A 748 -8.78 3.88 26.10
N ALA A 749 -9.32 2.71 26.42
CA ALA A 749 -8.69 1.78 27.37
C ALA A 749 -7.25 1.40 26.98
N ALA A 750 -6.94 1.34 25.69
CA ALA A 750 -5.64 1.02 25.13
C ALA A 750 -4.68 2.21 24.95
N SER A 751 -5.15 3.46 25.07
CA SER A 751 -4.38 4.66 24.72
C SER A 751 -3.18 4.90 25.65
N PRO A 752 -2.12 5.61 25.22
CA PRO A 752 -0.90 5.77 26.02
C PRO A 752 -1.13 6.50 27.34
N LEU A 753 -0.33 6.19 28.37
CA LEU A 753 -0.42 6.84 29.67
C LEU A 753 0.04 8.30 29.59
N ILE A 754 -0.81 9.25 29.97
CA ILE A 754 -0.40 10.67 30.12
C ILE A 754 0.29 10.96 31.44
N GLY A 755 0.16 10.08 32.44
CA GLY A 755 0.83 10.26 33.72
C GLY A 755 0.13 11.29 34.59
N LEU A 756 -1.14 11.08 34.94
CA LEU A 756 -1.90 11.96 35.82
C LEU A 756 -1.25 12.19 37.19
N ARG A 757 -0.32 11.33 37.59
CA ARG A 757 0.61 11.55 38.70
C ARG A 757 1.21 12.96 38.68
N ASN A 758 1.59 13.46 37.51
CA ASN A 758 2.19 14.80 37.36
C ASN A 758 1.17 15.94 37.48
N LEU A 759 -0.11 15.70 37.23
CA LEU A 759 -1.17 16.68 37.48
C LEU A 759 -1.56 16.70 38.96
N VAL A 760 -1.70 15.53 39.59
CA VAL A 760 -2.19 15.41 40.96
C VAL A 760 -1.11 15.74 41.98
N MET A 761 0.13 15.30 41.78
CA MET A 761 1.19 15.46 42.77
C MET A 761 1.45 16.92 43.20
N PRO A 762 1.50 17.93 42.31
CA PRO A 762 1.64 19.32 42.74
C PRO A 762 0.47 19.81 43.58
N LEU A 763 -0.74 19.28 43.37
CA LEU A 763 -1.92 19.58 44.20
C LEU A 763 -1.88 18.89 45.57
N ARG A 764 -0.79 18.17 45.87
CA ARG A 764 -0.68 17.48 47.15
C ARG A 764 0.62 17.82 47.85
N ALA A 765 1.31 18.85 47.42
CA ALA A 765 2.50 19.37 48.06
C ALA A 765 2.30 19.51 49.58
N SER A 766 3.26 19.03 50.35
CA SER A 766 3.27 19.13 51.82
C SER A 766 3.41 20.58 52.31
N ASN A 767 3.60 21.52 51.38
CA ASN A 767 3.50 22.95 51.62
C ASN A 767 2.12 23.33 52.22
N PHE A 768 1.05 22.69 51.75
CA PHE A 768 -0.31 22.92 52.20
C PHE A 768 -0.63 22.24 53.53
N HIS A 769 -1.58 22.77 54.29
CA HIS A 769 -2.23 21.98 55.35
C HIS A 769 -3.21 20.98 54.75
N TYR A 770 -3.44 19.84 55.39
CA TYR A 770 -4.32 18.80 54.83
C TYR A 770 -5.73 19.32 54.54
N HIS A 771 -6.26 20.19 55.40
CA HIS A 771 -7.59 20.76 55.24
C HIS A 771 -7.73 21.71 54.04
N GLU A 772 -6.65 22.25 53.49
CA GLU A 772 -6.68 23.16 52.33
C GLU A 772 -6.25 22.48 51.02
N LEU A 773 -5.98 21.17 51.03
CA LEU A 773 -5.84 20.39 49.80
C LEU A 773 -7.15 20.37 49.02
N LYS A 774 -7.16 20.84 47.77
CA LYS A 774 -8.34 20.77 46.90
C LYS A 774 -8.62 19.30 46.58
N PRO A 775 -9.80 18.74 46.89
CA PRO A 775 -10.14 17.40 46.49
C PRO A 775 -10.23 17.30 44.97
N THR A 776 -9.94 16.14 44.41
CA THR A 776 -9.79 15.96 42.97
C THR A 776 -10.66 14.82 42.51
N ILE A 777 -11.42 15.01 41.44
CA ILE A 777 -12.25 13.95 40.84
C ILE A 777 -11.84 13.81 39.39
N ILE A 778 -11.51 12.60 38.96
CA ILE A 778 -11.24 12.34 37.56
C ILE A 778 -12.50 11.72 36.97
N VAL A 779 -12.99 12.30 35.88
CA VAL A 779 -14.11 11.79 35.11
C VAL A 779 -13.51 11.21 33.84
N GLY A 780 -13.68 9.92 33.57
CA GLY A 780 -13.10 9.33 32.39
C GLY A 780 -13.27 7.82 32.26
N ASN A 781 -12.60 7.24 31.28
CA ASN A 781 -12.66 5.81 30.99
C ASN A 781 -12.07 4.96 32.13
N LEU A 782 -12.86 4.03 32.66
CA LEU A 782 -12.51 3.27 33.86
C LEU A 782 -11.37 2.28 33.60
N ASP A 783 -11.36 1.61 32.44
CA ASP A 783 -10.28 0.69 32.07
C ASP A 783 -8.94 1.40 31.87
N TYR A 784 -8.95 2.63 31.36
CA TYR A 784 -7.76 3.45 31.32
C TYR A 784 -7.28 3.81 32.72
N LEU A 785 -8.19 4.25 33.58
CA LEU A 785 -7.85 4.68 34.93
C LEU A 785 -7.30 3.55 35.79
N HIS A 786 -7.65 2.32 35.51
CA HIS A 786 -7.02 1.25 36.25
C HIS A 786 -5.56 1.23 35.93
N ARG A 787 -5.21 1.56 34.70
CA ARG A 787 -3.82 1.46 34.30
C ARG A 787 -2.97 2.51 34.96
N GLU A 788 -3.53 3.66 35.27
CA GLU A 788 -2.77 4.73 35.86
C GLU A 788 -2.83 4.65 37.34
N TRP A 789 -3.86 4.03 37.84
CA TRP A 789 -4.08 3.97 39.28
C TRP A 789 -2.86 3.58 40.09
N LYS A 790 -2.01 2.69 39.56
CA LYS A 790 -0.77 2.25 40.21
C LYS A 790 0.11 3.41 40.67
N THR A 791 0.10 4.51 39.92
CA THR A 791 0.83 5.74 40.21
C THR A 791 0.07 6.74 41.08
N LEU A 792 -1.27 6.75 41.02
CA LEU A 792 -2.14 7.68 41.75
C LEU A 792 -2.47 7.24 43.17
N GLN A 793 -2.45 5.94 43.44
CA GLN A 793 -3.04 5.36 44.64
C GLN A 793 -2.48 5.88 45.96
N ASN A 794 -1.33 6.53 45.97
CA ASN A 794 -0.72 7.09 47.18
C ASN A 794 -1.13 8.53 47.50
N PHE A 795 -2.08 9.12 46.78
CA PHE A 795 -2.53 10.49 47.05
C PHE A 795 -3.87 10.54 47.79
N PRO A 796 -4.03 11.41 48.80
CA PRO A 796 -5.29 11.59 49.51
C PRO A 796 -6.30 12.42 48.72
N LYS A 797 -7.56 12.41 49.17
CA LYS A 797 -8.65 13.28 48.67
C LYS A 797 -8.82 13.21 47.16
N LEU A 798 -8.82 12.00 46.63
CA LEU A 798 -8.86 11.70 45.21
C LEU A 798 -9.98 10.69 44.95
N SER A 799 -10.82 10.92 43.96
CA SER A 799 -11.88 9.98 43.58
C SER A 799 -12.08 9.92 42.06
N ILE A 800 -12.79 8.90 41.61
CA ILE A 800 -13.03 8.64 40.20
C ILE A 800 -14.52 8.47 39.95
N LEU A 801 -15.03 9.14 38.92
CA LEU A 801 -16.36 8.91 38.39
C LEU A 801 -16.19 8.31 36.99
N PRO A 802 -16.60 7.06 36.73
CA PRO A 802 -16.36 6.44 35.45
C PRO A 802 -17.35 6.94 34.39
N GLY A 803 -16.91 7.06 33.15
CA GLY A 803 -17.74 7.42 32.01
C GLY A 803 -17.34 8.74 31.34
N SER A 804 -18.02 9.09 30.24
CA SER A 804 -17.62 10.20 29.38
C SER A 804 -17.76 11.56 30.07
N PRO A 805 -16.77 12.46 29.98
CA PRO A 805 -16.93 13.84 30.42
C PRO A 805 -17.91 14.66 29.59
N LEU A 806 -18.33 14.20 28.41
CA LEU A 806 -19.32 14.90 27.59
C LEU A 806 -20.75 14.74 28.13
N ASN A 807 -20.99 13.74 28.98
CA ASN A 807 -22.30 13.50 29.55
C ASN A 807 -22.63 14.53 30.64
N ARG A 808 -23.69 15.32 30.46
CA ARG A 808 -24.07 16.36 31.42
C ARG A 808 -24.45 15.82 32.79
N ALA A 809 -25.02 14.63 32.91
CA ALA A 809 -25.32 14.06 34.21
C ALA A 809 -24.04 13.78 35.01
N ASN A 810 -22.94 13.36 34.38
CA ASN A 810 -21.64 13.26 35.06
C ASN A 810 -21.16 14.63 35.56
N LEU A 811 -21.24 15.65 34.72
CA LEU A 811 -20.77 16.98 35.08
C LEU A 811 -21.61 17.62 36.19
N ARG A 812 -22.89 17.34 36.23
CA ARG A 812 -23.68 17.86 37.31
C ARG A 812 -23.47 17.04 38.56
N ALA A 813 -23.33 15.73 38.42
CA ALA A 813 -23.07 14.91 39.59
C ALA A 813 -21.77 15.27 40.30
N VAL A 814 -20.74 15.70 39.56
CA VAL A 814 -19.46 16.14 40.12
C VAL A 814 -19.45 17.63 40.51
N ASN A 815 -20.60 18.30 40.58
CA ASN A 815 -20.74 19.72 40.91
C ASN A 815 -19.84 20.63 40.07
N ILE A 816 -19.80 20.47 38.75
CA ILE A 816 -18.89 21.20 37.87
C ILE A 816 -18.94 22.72 38.09
N ASN A 817 -20.08 23.30 38.42
CA ASN A 817 -20.25 24.73 38.65
C ASN A 817 -19.61 25.24 39.95
N LEU A 818 -19.28 24.37 40.89
CA LEU A 818 -18.69 24.73 42.19
C LEU A 818 -17.18 24.48 42.26
N CYS A 819 -16.57 23.91 41.22
CA CYS A 819 -15.15 23.60 41.22
C CYS A 819 -14.29 24.87 41.14
N ASP A 820 -13.03 24.77 41.60
CA ASP A 820 -12.02 25.80 41.40
C ASP A 820 -11.29 25.67 40.07
N MET A 821 -11.26 24.49 39.46
CA MET A 821 -10.74 24.31 38.11
C MET A 821 -11.31 23.06 37.47
N CYS A 822 -11.68 23.15 36.20
CA CYS A 822 -11.90 22.00 35.35
C CYS A 822 -10.74 21.88 34.37
N VAL A 823 -10.09 20.73 34.35
CA VAL A 823 -8.93 20.43 33.53
C VAL A 823 -9.37 19.46 32.45
N ILE A 824 -9.30 19.87 31.19
CA ILE A 824 -9.77 19.06 30.06
C ILE A 824 -8.55 18.55 29.32
N VAL A 825 -8.34 17.24 29.33
CA VAL A 825 -7.13 16.59 28.81
C VAL A 825 -7.48 15.36 28.00
N SER A 826 -6.82 15.16 26.86
CA SER A 826 -7.00 13.95 26.06
C SER A 826 -5.75 13.08 26.11
N ALA A 827 -5.91 11.83 26.52
CA ALA A 827 -4.92 10.78 26.43
C ALA A 827 -4.92 10.06 25.08
N LYS A 828 -5.94 10.28 24.24
CA LYS A 828 -5.99 9.73 22.88
C LYS A 828 -4.80 10.21 22.06
N ASP A 829 -4.52 9.54 20.95
CA ASP A 829 -3.18 9.54 20.33
C ASP A 829 -2.61 10.91 19.87
N ARG A 830 -3.42 11.97 19.79
CA ARG A 830 -3.04 13.30 19.31
C ARG A 830 -2.54 13.34 17.85
N ASN A 831 -2.83 12.30 17.06
CA ASN A 831 -2.38 12.12 15.68
C ASN A 831 -3.47 11.58 14.72
N MET A 832 -4.59 11.09 15.23
CA MET A 832 -5.70 10.57 14.45
C MET A 832 -6.23 11.54 13.38
N GLU A 833 -6.61 11.00 12.24
CA GLU A 833 -7.30 11.69 11.14
C GLU A 833 -6.63 13.02 10.75
N ASP A 834 -7.38 14.09 10.57
CA ASP A 834 -6.94 15.41 10.15
C ASP A 834 -6.72 16.35 11.35
N PRO A 835 -6.01 17.47 11.19
CA PRO A 835 -5.66 18.38 12.29
C PRO A 835 -6.84 19.16 12.89
N ASN A 836 -8.03 19.05 12.31
CA ASN A 836 -9.27 19.63 12.82
C ASN A 836 -9.91 18.66 13.82
N LEU A 837 -10.00 17.38 13.45
CA LEU A 837 -10.60 16.34 14.27
C LEU A 837 -9.82 16.05 15.56
N VAL A 838 -8.52 16.33 15.59
CA VAL A 838 -7.65 15.91 16.70
C VAL A 838 -8.04 16.49 18.06
N ASP A 839 -8.68 17.67 18.11
CA ASP A 839 -9.14 18.31 19.36
C ASP A 839 -10.65 18.27 19.54
N LYS A 840 -11.37 17.40 18.83
CA LYS A 840 -12.83 17.33 18.85
C LYS A 840 -13.39 17.23 20.26
N GLU A 841 -12.98 16.25 21.06
CA GLU A 841 -13.50 16.12 22.42
C GLU A 841 -13.13 17.28 23.32
N ALA A 842 -11.91 17.80 23.25
CA ALA A 842 -11.51 18.92 24.09
C ALA A 842 -12.34 20.17 23.79
N ILE A 843 -12.59 20.46 22.51
CA ILE A 843 -13.43 21.59 22.09
C ILE A 843 -14.88 21.34 22.50
N LEU A 844 -15.44 20.18 22.19
CA LEU A 844 -16.84 19.89 22.52
C LEU A 844 -17.07 19.89 24.02
N CYS A 845 -16.15 19.37 24.83
CA CYS A 845 -16.26 19.39 26.28
C CYS A 845 -16.24 20.82 26.82
N SER A 846 -15.31 21.64 26.33
CA SER A 846 -15.24 23.04 26.70
C SER A 846 -16.53 23.79 26.36
N LEU A 847 -17.02 23.67 25.13
CA LEU A 847 -18.27 24.31 24.71
C LEU A 847 -19.48 23.78 25.47
N ASN A 848 -19.57 22.46 25.69
CA ASN A 848 -20.64 21.85 26.44
C ASN A 848 -20.71 22.37 27.87
N ILE A 849 -19.56 22.51 28.55
CA ILE A 849 -19.54 23.06 29.89
C ILE A 849 -20.01 24.52 29.88
N LYS A 850 -19.51 25.35 28.97
CA LYS A 850 -19.94 26.75 28.89
C LYS A 850 -21.43 26.91 28.57
N ALA A 851 -22.03 25.96 27.85
CA ALA A 851 -23.43 26.01 27.48
C ALA A 851 -24.40 25.61 28.60
N MET A 852 -23.95 24.95 29.68
CA MET A 852 -24.83 24.56 30.78
C MET A 852 -25.36 25.74 31.59
N THR A 853 -26.45 25.52 32.31
CA THR A 853 -26.96 26.42 33.37
C THR A 853 -27.23 25.65 34.64
N PHE A 854 -27.09 26.31 35.79
CA PHE A 854 -27.15 25.70 37.12
C PHE A 854 -28.16 26.40 38.04
N ASP A 855 -29.18 26.99 37.44
CA ASP A 855 -30.23 27.77 38.10
C ASP A 855 -31.16 26.96 39.03
N ASP A 856 -31.10 25.62 38.98
CA ASP A 856 -31.88 24.75 39.86
C ASP A 856 -31.53 24.93 41.33
N ALA A 882 -25.02 29.26 35.58
CA ALA A 882 -23.82 30.11 35.61
C ALA A 882 -22.87 29.89 34.42
N GLY A 883 -22.95 28.72 33.77
CA GLY A 883 -22.31 28.43 32.47
C GLY A 883 -20.85 28.85 32.36
N ALA A 884 -20.57 29.79 31.47
CA ALA A 884 -19.23 30.29 31.16
C ALA A 884 -18.46 30.92 32.34
N ASN A 885 -19.08 31.12 33.51
CA ASN A 885 -18.37 31.53 34.71
C ASN A 885 -17.45 30.44 35.30
N VAL A 886 -17.66 29.16 34.98
CA VAL A 886 -16.80 28.08 35.48
C VAL A 886 -15.40 28.13 34.84
N PRO A 887 -14.30 28.01 35.62
CA PRO A 887 -12.95 28.13 35.08
C PRO A 887 -12.50 26.84 34.41
N LEU A 888 -12.02 26.93 33.17
CA LEU A 888 -11.51 25.79 32.38
C LEU A 888 -10.04 25.99 32.06
N ILE A 889 -9.27 24.91 32.01
CA ILE A 889 -7.99 24.86 31.31
C ILE A 889 -8.03 23.68 30.34
N THR A 890 -7.78 23.93 29.07
CA THR A 890 -7.80 22.92 28.00
C THR A 890 -6.41 22.67 27.46
N GLU A 891 -5.97 21.42 27.51
CA GLU A 891 -4.82 20.94 26.75
C GLU A 891 -5.21 20.79 25.28
N LEU A 892 -4.48 21.41 24.36
CA LEU A 892 -4.72 21.31 22.91
C LEU A 892 -3.63 20.48 22.23
N ALA A 893 -4.02 19.50 21.42
CA ALA A 893 -3.10 18.70 20.62
C ALA A 893 -2.56 19.49 19.42
N ASN A 894 -3.38 20.32 18.77
CA ASN A 894 -2.95 21.24 17.72
C ASN A 894 -3.23 22.68 18.16
N ASP A 895 -2.19 23.49 18.26
CA ASP A 895 -2.30 24.89 18.69
C ASP A 895 -3.23 25.71 17.82
N SER A 896 -3.41 25.37 16.55
CA SER A 896 -4.32 26.07 15.63
C SER A 896 -5.79 25.98 16.05
N ASN A 897 -6.16 24.95 16.79
CA ASN A 897 -7.54 24.76 17.24
C ASN A 897 -7.93 25.71 18.38
N VAL A 898 -7.00 26.49 18.93
CA VAL A 898 -7.29 27.46 19.99
C VAL A 898 -8.40 28.43 19.60
N GLN A 899 -8.51 28.76 18.32
CA GLN A 899 -9.52 29.69 17.82
C GLN A 899 -10.96 29.22 18.08
N PHE A 900 -11.21 27.92 18.22
CA PHE A 900 -12.56 27.42 18.47
C PHE A 900 -12.97 27.49 19.93
N LEU A 901 -12.06 27.79 20.86
CA LEU A 901 -12.36 27.73 22.28
C LEU A 901 -13.27 28.84 22.80
N ASP A 902 -13.33 30.01 22.17
CA ASP A 902 -14.16 31.12 22.66
C ASP A 902 -14.67 32.05 21.54
N GLN A 903 -15.69 32.85 21.89
CA GLN A 903 -16.47 33.70 21.00
C GLN A 903 -16.09 35.17 21.18
N ASP A 904 -16.13 35.95 20.11
CA ASP A 904 -15.60 37.33 20.07
C ASP A 904 -14.09 37.42 20.39
N ASP A 905 -13.32 36.39 20.04
CA ASP A 905 -11.86 36.41 20.05
C ASP A 905 -11.27 37.23 18.90
N ASP A 906 -12.01 37.45 17.81
CA ASP A 906 -11.50 37.97 16.53
C ASP A 906 -10.32 37.12 16.02
N ASP A 907 -10.63 35.86 15.69
CA ASP A 907 -9.64 34.83 15.34
C ASP A 907 -8.86 35.13 14.05
N ASP A 908 -7.58 34.80 14.02
CA ASP A 908 -6.72 34.75 12.83
C ASP A 908 -5.92 33.44 12.79
N PRO A 909 -5.75 32.79 11.63
CA PRO A 909 -4.97 31.55 11.53
C PRO A 909 -3.46 31.72 11.77
N ASP A 910 -2.93 32.93 11.58
CA ASP A 910 -1.48 33.18 11.54
C ASP A 910 -0.90 33.85 12.80
N THR A 911 -1.71 34.23 13.79
CA THR A 911 -1.17 34.62 15.10
C THR A 911 -0.58 33.39 15.81
N GLU A 912 0.59 33.55 16.43
CA GLU A 912 1.18 32.51 17.28
C GLU A 912 0.28 32.24 18.49
N LEU A 913 0.30 31.02 19.05
CA LEU A 913 -0.60 30.63 20.13
C LEU A 913 -0.58 31.61 21.29
N TYR A 914 0.59 32.06 21.70
CA TYR A 914 0.76 32.93 22.85
C TYR A 914 0.05 34.29 22.72
N MET A 915 -0.25 34.76 21.51
CA MET A 915 -0.98 36.01 21.29
C MET A 915 -2.49 35.83 21.38
N THR A 916 -3.01 34.60 21.22
CA THR A 916 -4.45 34.36 21.15
C THR A 916 -5.12 34.60 22.49
N GLN A 917 -6.35 35.13 22.48
CA GLN A 917 -7.08 35.43 23.70
C GLN A 917 -7.21 34.24 24.65
N PRO A 918 -7.51 33.00 24.24
CA PRO A 918 -7.63 31.90 25.18
C PRO A 918 -6.33 31.60 25.91
N PHE A 919 -5.19 31.70 25.26
CA PHE A 919 -3.90 31.54 25.93
C PHE A 919 -3.58 32.71 26.84
N ALA A 920 -3.81 33.95 26.42
CA ALA A 920 -3.56 35.13 27.24
C ALA A 920 -4.39 35.14 28.53
N CYS A 921 -5.57 34.53 28.51
CA CYS A 921 -6.42 34.35 29.68
C CYS A 921 -6.06 33.15 30.56
N GLY A 922 -5.23 32.24 30.08
CA GLY A 922 -4.90 31.00 30.80
C GLY A 922 -5.97 29.93 30.71
N THR A 923 -6.83 29.98 29.71
CA THR A 923 -7.88 28.98 29.44
C THR A 923 -7.38 27.83 28.56
N ALA A 924 -6.27 28.02 27.86
CA ALA A 924 -5.70 27.05 26.94
C ALA A 924 -4.23 26.82 27.24
N PHE A 925 -3.74 25.65 26.89
CA PHE A 925 -2.33 25.30 26.95
C PHE A 925 -2.00 24.34 25.82
N ALA A 926 -0.75 24.31 25.39
CA ALA A 926 -0.27 23.35 24.39
C ALA A 926 1.21 23.08 24.59
N VAL A 927 1.69 21.93 24.15
CA VAL A 927 3.11 21.56 24.24
C VAL A 927 4.03 22.53 23.50
N SER A 928 3.55 23.19 22.44
CA SER A 928 4.37 24.08 21.63
C SER A 928 4.96 25.27 22.39
N VAL A 929 4.39 25.68 23.53
CA VAL A 929 4.97 26.76 24.34
C VAL A 929 6.19 26.31 25.15
N LEU A 930 6.41 25.01 25.33
CA LEU A 930 7.45 24.46 26.18
C LEU A 930 8.78 24.17 25.48
N ASP A 931 8.85 24.11 24.15
CA ASP A 931 10.04 23.55 23.50
C ASP A 931 11.29 24.45 23.56
N SER A 932 11.15 25.72 23.89
CA SER A 932 12.27 26.60 24.28
C SER A 932 12.95 26.17 25.57
N LEU A 933 12.39 25.25 26.36
CA LEU A 933 13.07 24.73 27.53
C LEU A 933 14.32 23.91 27.18
N MET A 934 14.49 23.49 25.92
CA MET A 934 15.78 23.01 25.44
C MET A 934 16.86 24.08 25.56
N SER A 935 16.65 25.24 24.94
CA SER A 935 17.60 26.33 24.95
C SER A 935 17.74 26.94 26.35
N THR A 936 16.70 27.07 27.16
CA THR A 936 16.92 27.55 28.54
C THR A 936 17.67 26.53 29.39
N SER A 937 17.42 25.23 29.24
CA SER A 937 18.21 24.21 29.94
C SER A 937 19.69 24.30 29.59
N TYR A 938 20.03 24.59 28.34
CA TYR A 938 21.41 24.83 27.95
C TYR A 938 21.97 26.13 28.54
N PHE A 939 21.31 27.27 28.35
CA PHE A 939 21.88 28.56 28.74
C PHE A 939 21.91 28.82 30.25
N ASN A 940 20.98 28.28 31.03
CA ASN A 940 21.06 28.32 32.49
C ASN A 940 20.32 27.15 33.14
N ASP A 941 21.05 26.06 33.40
CA ASP A 941 20.58 24.86 34.08
C ASP A 941 19.86 25.18 35.40
N ASN A 942 20.45 26.07 36.20
CA ASN A 942 19.89 26.48 37.48
C ASN A 942 18.48 27.03 37.32
N ALA A 943 18.20 27.80 36.27
CA ALA A 943 16.88 28.35 36.02
C ALA A 943 15.84 27.28 35.67
N LEU A 944 16.21 26.18 35.00
CA LEU A 944 15.28 25.08 34.85
C LEU A 944 14.93 24.45 36.20
N THR A 945 15.86 24.32 37.14
CA THR A 945 15.51 23.82 38.48
C THR A 945 14.59 24.79 39.23
N LEU A 946 14.71 26.09 39.01
CA LEU A 946 13.78 27.08 39.55
C LEU A 946 12.36 26.82 39.05
N ILE A 947 12.19 26.61 37.77
CA ILE A 947 10.86 26.36 37.28
C ILE A 947 10.36 25.11 37.91
N ARG A 948 11.11 24.04 37.86
CA ARG A 948 10.59 22.79 38.34
C ARG A 948 10.29 22.77 39.81
N THR A 949 11.11 23.34 40.65
CA THR A 949 10.75 23.35 42.03
C THR A 949 9.35 23.89 42.17
N LEU A 950 9.04 24.92 41.42
CA LEU A 950 7.70 25.52 41.49
C LEU A 950 6.65 24.61 40.84
N ILE A 951 6.85 24.24 39.58
CA ILE A 951 5.86 23.54 38.77
C ILE A 951 5.55 22.14 39.27
N THR A 952 6.52 21.42 39.84
CA THR A 952 6.27 20.10 40.43
C THR A 952 5.74 20.18 41.86
N GLY A 953 5.68 21.38 42.46
CA GLY A 953 5.40 21.53 43.88
C GLY A 953 6.54 21.03 44.80
N GLY A 954 7.74 20.80 44.27
CA GLY A 954 8.93 20.47 45.05
C GLY A 954 9.45 19.06 44.89
N ALA A 955 9.28 18.41 43.74
CA ALA A 955 9.99 17.17 43.44
C ALA A 955 11.50 17.39 43.38
N THR A 956 12.29 16.35 43.67
CA THR A 956 13.75 16.42 43.84
C THR A 956 14.42 15.24 43.15
N PRO A 957 15.74 15.28 42.90
CA PRO A 957 16.48 14.13 42.40
C PRO A 957 16.33 12.89 43.27
N GLU A 958 16.25 13.07 44.59
CA GLU A 958 16.00 11.98 45.54
C GLU A 958 14.65 11.30 45.27
N LEU A 959 13.58 12.07 45.10
CA LEU A 959 12.26 11.52 44.80
C LEU A 959 12.25 10.84 43.43
N GLU A 960 12.87 11.45 42.42
CA GLU A 960 12.99 10.86 41.09
C GLU A 960 13.75 9.52 41.13
N GLN A 961 14.82 9.43 41.92
CA GLN A 961 15.54 8.17 42.13
C GLN A 961 14.69 7.14 42.88
N ILE A 962 13.97 7.50 43.94
CA ILE A 962 13.11 6.57 44.67
C ILE A 962 12.04 5.97 43.75
N LEU A 963 11.44 6.77 42.87
CA LEU A 963 10.51 6.26 41.86
C LEU A 963 11.20 5.38 40.83
N ALA A 964 12.38 5.76 40.35
CA ALA A 964 13.16 4.95 39.40
C ALA A 964 13.61 3.61 39.99
N GLU A 965 13.64 3.46 41.31
CA GLU A 965 13.86 2.19 42.00
C GLU A 965 12.68 1.19 41.85
N GLY A 966 11.57 1.58 41.21
CA GLY A 966 10.49 0.69 40.79
C GLY A 966 9.53 0.21 41.89
N ALA A 967 9.79 0.54 43.16
CA ALA A 967 9.00 0.13 44.31
C ALA A 967 7.68 0.92 44.50
N GLY A 968 7.42 1.96 43.70
CA GLY A 968 6.35 2.93 43.93
C GLY A 968 6.73 3.98 44.98
N MET A 969 5.88 5.00 45.15
CA MET A 969 6.16 6.12 46.05
C MET A 969 6.08 5.67 47.52
N ARG A 970 7.24 5.41 48.13
CA ARG A 970 7.35 5.04 49.55
C ARG A 970 7.08 6.23 50.45
N GLY A 971 6.34 6.04 51.53
CA GLY A 971 6.00 7.09 52.50
C GLY A 971 5.57 6.53 53.85
N GLY A 972 5.14 7.41 54.74
CA GLY A 972 4.75 7.08 56.12
C GLY A 972 4.70 8.31 57.02
N TYR A 973 4.82 8.11 58.33
CA TYR A 973 5.15 9.20 59.26
C TYR A 973 6.63 9.59 59.12
N CYS A 974 6.95 10.86 59.42
CA CYS A 974 8.26 11.46 59.11
C CYS A 974 8.84 12.30 60.26
N SER A 975 10.15 12.50 60.25
CA SER A 975 10.89 13.19 61.31
C SER A 975 10.72 14.72 61.26
N PRO A 976 10.88 15.44 62.38
CA PRO A 976 10.92 16.90 62.39
C PRO A 976 12.00 17.49 61.47
N ALA A 977 13.10 16.77 61.26
CA ALA A 977 14.19 17.19 60.38
C ALA A 977 13.76 17.25 58.90
N VAL A 978 13.02 16.26 58.40
CA VAL A 978 12.53 16.29 57.01
C VAL A 978 11.27 17.14 56.87
N LEU A 979 10.41 17.20 57.90
CA LEU A 979 9.25 18.09 57.94
C LEU A 979 9.61 19.58 57.83
N ALA A 980 10.85 19.97 58.11
CA ALA A 980 11.32 21.33 57.86
C ALA A 980 11.13 21.77 56.39
N ASN A 981 11.13 20.84 55.44
CA ASN A 981 10.85 21.11 54.01
C ASN A 981 9.43 21.60 53.72
N ARG A 982 8.51 21.55 54.70
CA ARG A 982 7.16 22.07 54.48
C ARG A 982 7.17 23.60 54.44
N ASP A 983 8.06 24.22 55.19
CA ASP A 983 8.23 25.67 55.16
C ASP A 983 9.05 26.07 53.93
N ARG A 984 8.40 26.11 52.77
CA ARG A 984 9.01 26.49 51.49
C ARG A 984 8.10 27.38 50.65
N CYS A 985 8.63 28.10 49.69
CA CYS A 985 7.80 29.05 48.93
C CYS A 985 6.86 28.44 47.94
N ARG A 986 5.72 29.08 47.72
CA ARG A 986 4.75 28.61 46.75
C ARG A 986 4.17 29.76 46.02
N VAL A 987 3.59 29.52 44.87
CA VAL A 987 2.94 30.57 44.14
C VAL A 987 1.53 30.61 44.57
N ALA A 988 1.05 31.80 44.83
CA ALA A 988 -0.32 32.01 45.25
C ALA A 988 -0.90 33.21 44.49
N GLN A 989 -2.21 33.37 44.50
CA GLN A 989 -2.89 34.49 43.86
C GLN A 989 -3.82 35.14 44.87
N ILE A 990 -3.73 36.47 45.03
CA ILE A 990 -4.49 37.20 46.05
C ILE A 990 -5.19 38.41 45.45
N SER A 991 -6.25 38.89 46.08
CA SER A 991 -7.14 39.92 45.55
C SER A 991 -6.93 41.28 46.22
N LEU A 992 -6.97 42.36 45.43
CA LEU A 992 -6.99 43.73 45.93
C LEU A 992 -8.40 44.24 46.30
N PHE A 993 -9.43 43.41 46.25
CA PHE A 993 -10.80 43.86 46.56
C PHE A 993 -11.01 44.17 48.05
N ASP A 994 -10.35 43.43 48.95
CA ASP A 994 -10.51 43.51 50.40
C ASP A 994 -9.22 43.10 51.13
N GLY A 995 -9.16 43.36 52.44
CA GLY A 995 -7.95 43.12 53.25
C GLY A 995 -6.92 44.25 53.18
N PRO A 996 -5.72 44.08 53.76
CA PRO A 996 -4.77 45.17 53.97
C PRO A 996 -4.25 45.80 52.68
N LEU A 997 -4.16 45.02 51.60
CA LEU A 997 -3.68 45.48 50.30
C LEU A 997 -4.75 46.21 49.47
N ALA A 998 -6.01 46.27 49.91
CA ALA A 998 -7.07 46.91 49.15
C ALA A 998 -6.84 48.41 48.92
N GLN A 999 -6.11 49.06 49.82
CA GLN A 999 -5.68 50.45 49.66
C GLN A 999 -4.95 50.72 48.34
N PHE A 1000 -4.26 49.72 47.78
CA PHE A 1000 -3.57 49.85 46.50
C PHE A 1000 -4.51 49.62 45.32
N GLY A 1001 -5.46 48.70 45.43
CA GLY A 1001 -6.51 48.51 44.41
C GLY A 1001 -7.34 49.77 44.19
N GLN A 1002 -7.56 50.55 45.26
CA GLN A 1002 -8.26 51.84 45.25
C GLN A 1002 -7.39 52.97 44.68
N GLY A 1003 -6.95 52.82 43.43
CA GLY A 1003 -6.25 53.86 42.66
C GLY A 1003 -4.75 54.03 42.94
N GLY A 1004 -4.10 53.08 43.62
CA GLY A 1004 -2.64 53.04 43.76
C GLY A 1004 -1.93 52.51 42.53
N HIS A 1005 -0.61 52.33 42.63
CA HIS A 1005 0.25 51.85 41.55
C HIS A 1005 0.99 50.57 41.94
N TYR A 1006 1.29 49.72 40.95
CA TYR A 1006 1.91 48.42 41.18
C TYR A 1006 3.22 48.51 41.99
N GLY A 1007 4.01 49.56 41.76
CA GLY A 1007 5.25 49.78 42.50
C GLY A 1007 5.03 49.99 44.00
N GLU A 1008 3.94 50.65 44.38
CA GLU A 1008 3.59 50.88 45.77
C GLU A 1008 3.21 49.55 46.45
N LEU A 1009 2.36 48.78 45.77
CA LEU A 1009 1.91 47.46 46.20
C LEU A 1009 3.09 46.50 46.40
N PHE A 1010 4.01 46.43 45.43
CA PHE A 1010 5.15 45.53 45.49
C PHE A 1010 6.00 45.80 46.73
N VAL A 1011 6.40 47.06 46.94
CA VAL A 1011 7.25 47.43 48.08
C VAL A 1011 6.52 47.20 49.39
N TYR A 1012 5.25 47.58 49.49
CA TYR A 1012 4.50 47.40 50.72
C TYR A 1012 4.36 45.93 51.09
N ALA A 1013 3.97 45.06 50.15
CA ALA A 1013 3.73 43.65 50.43
C ALA A 1013 5.03 42.91 50.79
N LEU A 1014 6.13 43.26 50.14
CA LEU A 1014 7.44 42.71 50.43
C LEU A 1014 7.91 43.11 51.84
N ARG A 1015 7.74 44.38 52.22
CA ARG A 1015 8.13 44.88 53.54
C ARG A 1015 7.28 44.32 54.66
N HIS A 1016 5.96 44.36 54.54
CA HIS A 1016 5.06 43.99 55.63
C HIS A 1016 4.81 42.49 55.75
N PHE A 1017 4.90 41.74 54.65
CA PHE A 1017 4.51 40.32 54.63
C PHE A 1017 5.56 39.39 54.03
N GLY A 1018 6.65 39.90 53.45
CA GLY A 1018 7.58 39.07 52.67
C GLY A 1018 6.97 38.52 51.38
N ILE A 1019 5.82 39.02 50.98
CA ILE A 1019 5.09 38.63 49.77
C ILE A 1019 5.76 39.31 48.57
N LEU A 1020 6.22 38.54 47.61
CA LEU A 1020 6.94 39.06 46.44
C LEU A 1020 6.02 38.98 45.22
N CYS A 1021 5.51 40.12 44.74
CA CYS A 1021 4.57 40.17 43.62
C CYS A 1021 5.27 39.98 42.27
N ILE A 1022 4.72 39.15 41.40
CA ILE A 1022 5.34 38.84 40.09
C ILE A 1022 4.47 39.20 38.89
N GLY A 1023 3.20 39.55 39.08
CA GLY A 1023 2.33 39.97 38.00
C GLY A 1023 0.87 40.09 38.41
N LEU A 1024 0.02 40.47 37.46
CA LEU A 1024 -1.39 40.76 37.66
C LEU A 1024 -2.26 39.81 36.84
N TYR A 1025 -3.48 39.58 37.30
CA TYR A 1025 -4.54 38.87 36.59
C TYR A 1025 -5.78 39.76 36.56
N ARG A 1026 -5.97 40.49 35.45
CA ARG A 1026 -6.88 41.63 35.32
C ARG A 1026 -8.07 41.32 34.43
N PHE A 1027 -9.25 41.81 34.76
CA PHE A 1027 -10.42 41.56 33.95
C PHE A 1027 -10.23 42.17 32.60
N ARG A 1028 -10.61 41.45 31.56
CA ARG A 1028 -10.36 41.92 30.22
C ARG A 1028 -11.20 43.12 29.94
N ASP A 1029 -12.42 43.10 30.42
CA ASP A 1029 -13.32 44.22 30.18
C ASP A 1029 -13.83 44.82 31.47
N THR A 1030 -13.98 46.12 31.49
CA THR A 1030 -14.36 46.84 32.72
C THR A 1030 -15.64 47.63 32.54
N ASN A 1031 -16.65 47.38 33.38
CA ASN A 1031 -17.97 48.04 33.33
C ASN A 1031 -18.72 47.93 34.65
N PRO A 1037 -18.57 43.29 30.81
CA PRO A 1037 -19.38 42.47 31.69
C PRO A 1037 -18.97 40.99 31.79
N SER A 1038 -17.96 40.54 31.04
CA SER A 1038 -17.49 39.15 31.05
C SER A 1038 -16.62 38.83 32.26
N SER A 1039 -16.49 37.55 32.59
CA SER A 1039 -15.66 37.09 33.72
C SER A 1039 -14.18 36.88 33.35
N LYS A 1040 -13.81 37.02 32.08
CA LYS A 1040 -12.44 36.70 31.67
C LYS A 1040 -11.40 37.64 32.17
N ARG A 1041 -10.21 37.13 32.50
CA ARG A 1041 -9.13 37.94 32.99
C ARG A 1041 -7.89 37.60 32.20
N TYR A 1042 -6.89 38.47 32.18
CA TYR A 1042 -5.66 38.22 31.46
C TYR A 1042 -4.44 38.42 32.30
N VAL A 1043 -3.34 37.78 31.92
CA VAL A 1043 -2.09 37.87 32.68
C VAL A 1043 -1.32 39.15 32.34
N ILE A 1044 -0.65 39.76 33.31
CA ILE A 1044 0.28 40.85 33.09
C ILE A 1044 1.55 40.56 33.89
N THR A 1045 2.55 39.94 33.28
CA THR A 1045 3.81 39.62 33.95
C THR A 1045 4.56 40.90 34.29
N ASN A 1046 4.97 41.05 35.54
CA ASN A 1046 5.84 42.12 36.03
C ASN A 1046 5.54 43.53 35.45
N PRO A 1047 4.42 44.17 35.81
CA PRO A 1047 4.09 45.52 35.35
C PRO A 1047 5.14 46.57 35.76
N PRO A 1048 5.22 47.72 35.08
CA PRO A 1048 6.02 48.86 35.51
C PRO A 1048 5.62 49.37 36.90
N GLU A 1049 6.50 50.10 37.59
CA GLU A 1049 6.20 50.64 38.92
C GLU A 1049 5.07 51.66 38.94
N ASP A 1050 4.92 52.47 37.90
CA ASP A 1050 3.85 53.46 37.78
C ASP A 1050 2.58 52.90 37.11
N PHE A 1051 2.44 51.58 37.02
CA PHE A 1051 1.28 50.95 36.43
C PHE A 1051 0.04 51.09 37.35
N PRO A 1052 -1.07 51.69 36.90
CA PRO A 1052 -2.26 51.90 37.74
C PRO A 1052 -2.97 50.59 38.08
N LEU A 1053 -3.36 50.41 39.33
CA LEU A 1053 -4.15 49.27 39.79
C LEU A 1053 -5.66 49.55 39.77
N LEU A 1054 -6.45 48.49 39.80
CA LEU A 1054 -7.90 48.49 39.89
C LEU A 1054 -8.35 47.67 41.12
N PRO A 1055 -9.48 47.99 41.77
CA PRO A 1055 -9.93 47.23 42.94
C PRO A 1055 -10.30 45.78 42.61
N THR A 1056 -10.60 45.49 41.35
CA THR A 1056 -10.91 44.15 40.85
C THR A 1056 -9.67 43.34 40.46
N ASP A 1057 -8.46 43.89 40.50
CA ASP A 1057 -7.25 43.14 40.16
C ASP A 1057 -6.94 42.04 41.18
N GLN A 1058 -6.33 40.98 40.68
CA GLN A 1058 -5.66 39.96 41.48
C GLN A 1058 -4.19 39.96 41.12
N VAL A 1059 -3.33 39.67 42.08
CA VAL A 1059 -1.87 39.71 41.94
C VAL A 1059 -1.29 38.32 42.22
N TYR A 1060 -0.42 37.84 41.34
CA TYR A 1060 0.37 36.64 41.54
C TYR A 1060 1.52 36.95 42.47
N VAL A 1061 1.73 36.10 43.45
CA VAL A 1061 2.71 36.33 44.51
C VAL A 1061 3.49 35.07 44.83
N LEU A 1062 4.80 35.21 45.05
CA LEU A 1062 5.60 34.21 45.73
C LEU A 1062 5.47 34.44 47.24
N THR A 1063 5.21 33.38 47.99
CA THR A 1063 4.76 33.43 49.39
C THR A 1063 5.31 32.27 50.19
N TYR A 1064 5.45 32.44 51.50
CA TYR A 1064 6.15 31.47 52.37
C TYR A 1064 5.26 30.85 53.47
N LYS A 1065 3.99 31.22 53.55
CA LYS A 1065 3.04 30.66 54.53
C LYS A 1065 1.58 30.84 54.09
N ARG B 14 -1.02 9.77 -66.61
CA ARG B 14 -2.19 9.77 -67.49
C ARG B 14 -3.29 8.81 -67.03
N GLN B 15 -3.12 7.48 -67.13
CA GLN B 15 -4.20 6.49 -67.00
C GLN B 15 -4.69 6.16 -65.56
N TRP B 16 -4.03 6.65 -64.51
CA TRP B 16 -4.20 6.17 -63.13
C TRP B 16 -5.66 6.07 -62.66
N TYR B 17 -6.50 7.03 -63.06
CA TYR B 17 -7.89 7.14 -62.62
C TYR B 17 -8.72 5.91 -63.00
N SER B 18 -8.38 5.19 -64.07
CA SER B 18 -9.05 3.95 -64.46
C SER B 18 -8.86 2.85 -63.40
N PHE B 19 -7.63 2.64 -62.94
CA PHE B 19 -7.30 1.70 -61.88
C PHE B 19 -7.99 2.09 -60.57
N LEU B 20 -7.90 3.36 -60.18
CA LEU B 20 -8.55 3.83 -58.97
C LEU B 20 -10.08 3.64 -59.06
N ALA B 21 -10.70 4.02 -60.17
CA ALA B 21 -12.12 3.82 -60.39
C ALA B 21 -12.51 2.34 -60.24
N SER B 22 -11.73 1.41 -60.78
CA SER B 22 -12.03 -0.03 -60.67
C SER B 22 -12.16 -0.50 -59.20
N SER B 23 -11.35 0.04 -58.30
CA SER B 23 -11.50 -0.24 -56.87
C SER B 23 -12.71 0.46 -56.24
N LEU B 24 -13.00 1.70 -56.63
CA LEU B 24 -14.13 2.46 -56.09
C LEU B 24 -15.47 1.89 -56.54
N VAL B 25 -15.64 1.52 -57.82
CA VAL B 25 -16.91 0.95 -58.30
C VAL B 25 -17.14 -0.44 -57.72
N THR B 26 -16.11 -1.26 -57.58
CA THR B 26 -16.26 -2.58 -56.96
C THR B 26 -16.58 -2.46 -55.47
N PHE B 27 -15.99 -1.52 -54.73
CA PHE B 27 -16.42 -1.20 -53.37
C PHE B 27 -17.87 -0.69 -53.31
N GLY B 28 -18.19 0.37 -54.06
CA GLY B 28 -19.47 1.07 -53.96
C GLY B 28 -20.66 0.21 -54.38
N SER B 29 -20.55 -0.51 -55.50
CA SER B 29 -21.64 -1.36 -55.99
C SER B 29 -22.02 -2.45 -54.99
N GLY B 30 -21.06 -3.14 -54.38
CA GLY B 30 -21.36 -4.14 -53.35
C GLY B 30 -22.00 -3.55 -52.10
N LEU B 31 -21.53 -2.37 -51.66
CA LEU B 31 -22.15 -1.65 -50.55
C LEU B 31 -23.62 -1.26 -50.87
N VAL B 32 -23.88 -0.73 -52.07
CA VAL B 32 -25.25 -0.41 -52.52
C VAL B 32 -26.13 -1.66 -52.54
N VAL B 33 -25.66 -2.77 -53.13
CA VAL B 33 -26.40 -4.04 -53.14
C VAL B 33 -26.76 -4.49 -51.72
N ILE B 34 -25.82 -4.43 -50.77
CA ILE B 34 -26.06 -4.79 -49.38
C ILE B 34 -27.10 -3.87 -48.73
N ILE B 35 -27.02 -2.56 -48.93
CA ILE B 35 -28.01 -1.62 -48.37
C ILE B 35 -29.41 -1.87 -48.95
N ILE B 36 -29.52 -2.06 -50.27
CA ILE B 36 -30.80 -2.39 -50.93
C ILE B 36 -31.38 -3.69 -50.36
N TYR B 37 -30.58 -4.75 -50.26
CA TYR B 37 -31.00 -6.03 -49.71
C TYR B 37 -31.50 -5.91 -48.26
N ARG B 38 -30.79 -5.16 -47.41
CA ARG B 38 -31.22 -4.89 -46.02
C ARG B 38 -32.54 -4.14 -45.96
N ILE B 39 -32.72 -3.09 -46.76
CA ILE B 39 -33.97 -2.33 -46.82
C ILE B 39 -35.13 -3.17 -47.37
N VAL B 40 -34.90 -3.97 -48.42
CA VAL B 40 -35.92 -4.89 -48.96
C VAL B 40 -36.39 -5.87 -47.88
N LEU B 41 -35.48 -6.58 -47.21
CA LEU B 41 -35.87 -7.55 -46.18
C LEU B 41 -36.37 -6.90 -44.88
N TRP B 42 -36.05 -5.63 -44.63
CA TRP B 42 -36.62 -4.87 -43.52
C TRP B 42 -38.09 -4.49 -43.77
N LEU B 43 -38.43 -4.09 -45.00
CA LEU B 43 -39.79 -3.65 -45.37
C LEU B 43 -40.71 -4.80 -45.80
N CYS B 44 -40.22 -5.76 -46.58
CA CYS B 44 -41.02 -6.83 -47.17
C CYS B 44 -41.24 -7.99 -46.20
N GLY B 79 -30.54 -23.96 -41.90
CA GLY B 79 -30.56 -24.13 -43.34
C GLY B 79 -29.18 -24.13 -44.00
N TRP B 80 -29.12 -24.38 -45.31
CA TRP B 80 -27.86 -24.57 -46.05
C TRP B 80 -26.90 -23.39 -45.90
N MET B 81 -27.42 -22.16 -45.86
CA MET B 81 -26.59 -20.96 -45.71
C MET B 81 -25.92 -20.86 -44.33
N THR B 82 -26.57 -21.35 -43.26
CA THR B 82 -25.93 -21.46 -41.94
C THR B 82 -24.88 -22.57 -41.92
N GLU B 83 -25.14 -23.70 -42.57
CA GLU B 83 -24.12 -24.75 -42.71
C GLU B 83 -22.90 -24.25 -43.50
N ALA B 84 -23.12 -23.51 -44.59
CA ALA B 84 -22.05 -22.86 -45.35
C ALA B 84 -21.30 -21.83 -44.50
N LYS B 85 -22.00 -20.98 -43.75
CA LYS B 85 -21.37 -19.99 -42.85
C LYS B 85 -20.46 -20.68 -41.84
N ASP B 86 -20.95 -21.71 -41.17
CA ASP B 86 -20.17 -22.40 -40.15
C ASP B 86 -19.04 -23.24 -40.75
N TRP B 87 -19.24 -23.85 -41.92
CA TRP B 87 -18.16 -24.51 -42.67
C TRP B 87 -17.05 -23.53 -43.04
N ALA B 88 -17.39 -22.40 -43.67
CA ALA B 88 -16.43 -21.37 -44.01
C ALA B 88 -15.74 -20.80 -42.77
N GLY B 89 -16.48 -20.64 -41.67
CA GLY B 89 -15.94 -20.27 -40.36
C GLY B 89 -14.91 -21.26 -39.84
N GLU B 90 -15.18 -22.56 -39.89
CA GLU B 90 -14.23 -23.60 -39.51
C GLU B 90 -13.00 -23.64 -40.42
N LEU B 91 -13.16 -23.34 -41.71
CA LEU B 91 -12.05 -23.16 -42.65
C LEU B 91 -11.16 -22.00 -42.22
N ILE B 92 -11.68 -20.78 -42.15
CA ILE B 92 -10.85 -19.60 -41.88
C ILE B 92 -10.31 -19.58 -40.43
N SER B 93 -10.95 -20.32 -39.51
CA SER B 93 -10.44 -20.54 -38.16
C SER B 93 -9.35 -21.62 -38.06
N GLY B 94 -9.03 -22.29 -39.18
CA GLY B 94 -8.01 -23.35 -39.19
C GLY B 94 -8.43 -24.62 -38.45
N GLN B 95 -9.72 -24.87 -38.28
CA GLN B 95 -10.22 -26.05 -37.55
C GLN B 95 -10.27 -27.30 -38.44
N THR B 96 -10.65 -27.15 -39.71
CA THR B 96 -10.47 -28.23 -40.70
C THR B 96 -9.03 -28.24 -41.22
N THR B 97 -8.55 -29.39 -41.71
CA THR B 97 -7.23 -29.48 -42.36
C THR B 97 -7.16 -28.64 -43.63
N THR B 98 -8.19 -28.67 -44.46
CA THR B 98 -8.30 -27.79 -45.64
C THR B 98 -8.30 -26.30 -45.26
N GLY B 99 -8.84 -25.95 -44.09
CA GLY B 99 -8.73 -24.63 -43.51
C GLY B 99 -7.29 -24.23 -43.22
N ARG B 100 -6.54 -25.08 -42.52
CA ARG B 100 -5.12 -24.83 -42.23
C ARG B 100 -4.30 -24.66 -43.50
N ILE B 101 -4.54 -25.50 -44.51
CA ILE B 101 -3.89 -25.36 -45.83
C ILE B 101 -4.27 -24.03 -46.49
N LEU B 102 -5.55 -23.70 -46.61
CA LEU B 102 -6.01 -22.46 -47.24
C LEU B 102 -5.42 -21.22 -46.56
N VAL B 103 -5.48 -21.16 -45.24
CA VAL B 103 -4.93 -20.04 -44.46
C VAL B 103 -3.42 -19.90 -44.69
N GLY B 104 -2.67 -21.00 -44.65
CA GLY B 104 -1.23 -20.99 -44.94
C GLY B 104 -0.92 -20.50 -46.35
N LEU B 105 -1.68 -20.94 -47.35
CA LEU B 105 -1.51 -20.51 -48.74
C LEU B 105 -1.81 -19.02 -48.91
N VAL B 106 -2.90 -18.51 -48.33
CA VAL B 106 -3.22 -17.07 -48.37
C VAL B 106 -2.07 -16.26 -47.80
N PHE B 107 -1.56 -16.66 -46.64
CA PHE B 107 -0.40 -16.00 -46.06
C PHE B 107 0.80 -16.04 -47.01
N LEU B 108 1.27 -17.22 -47.43
CA LEU B 108 2.48 -17.32 -48.25
C LEU B 108 2.34 -16.60 -49.60
N LEU B 109 1.20 -16.70 -50.26
CA LEU B 109 0.98 -15.99 -51.52
C LEU B 109 0.90 -14.48 -51.31
N SER B 110 0.40 -14.00 -50.18
CA SER B 110 0.47 -12.55 -49.89
C SER B 110 1.92 -12.07 -49.79
N ILE B 111 2.82 -12.86 -49.22
CA ILE B 111 4.24 -12.53 -49.17
C ILE B 111 4.86 -12.55 -50.57
N ALA B 112 4.55 -13.55 -51.38
CA ALA B 112 5.01 -13.58 -52.77
C ALA B 112 4.53 -12.35 -53.55
N SER B 113 3.26 -11.95 -53.40
CA SER B 113 2.72 -10.75 -54.03
C SER B 113 3.44 -9.48 -53.56
N LEU B 114 3.73 -9.37 -52.27
CA LEU B 114 4.51 -8.27 -51.71
C LEU B 114 5.93 -8.22 -52.30
N ILE B 115 6.61 -9.36 -52.44
CA ILE B 115 7.94 -9.40 -53.05
C ILE B 115 7.88 -8.99 -54.53
N ILE B 116 6.84 -9.36 -55.28
CA ILE B 116 6.68 -8.86 -56.65
C ILE B 116 6.50 -7.34 -56.66
N TYR B 117 5.77 -6.76 -55.70
CA TYR B 117 5.73 -5.32 -55.55
C TYR B 117 7.12 -4.72 -55.26
N PHE B 118 7.92 -5.29 -54.35
CA PHE B 118 9.28 -4.80 -54.12
C PHE B 118 10.12 -4.83 -55.39
N ILE B 119 10.05 -5.91 -56.17
CA ILE B 119 10.77 -6.01 -57.45
C ILE B 119 10.29 -4.94 -58.43
N ASP B 120 8.99 -4.73 -58.57
CA ASP B 120 8.47 -3.66 -59.40
C ASP B 120 8.88 -2.26 -58.91
N ALA B 121 9.07 -2.07 -57.61
CA ALA B 121 9.49 -0.81 -57.02
C ALA B 121 11.02 -0.58 -57.10
N SER B 122 11.84 -1.64 -57.08
CA SER B 122 13.30 -1.51 -57.20
C SER B 122 13.75 -1.43 -58.66
N THR B 123 13.02 -2.07 -59.58
CA THR B 123 13.21 -1.91 -61.03
C THR B 123 12.59 -0.59 -61.53
N ASN B 124 12.95 -0.17 -62.75
CA ASN B 124 12.48 1.06 -63.39
C ASN B 124 12.61 2.31 -62.50
N SER B 134 0.70 -6.05 -71.56
CA SER B 134 0.49 -6.98 -70.46
C SER B 134 1.43 -8.20 -70.51
N SER B 135 2.30 -8.27 -71.53
CA SER B 135 3.22 -9.38 -71.78
C SER B 135 4.46 -9.32 -70.88
N SER B 136 4.30 -9.61 -69.59
CA SER B 136 5.41 -9.76 -68.63
C SER B 136 5.12 -10.84 -67.58
N THR B 137 6.17 -11.47 -67.07
CA THR B 137 6.04 -12.55 -66.08
C THR B 137 5.46 -12.04 -64.76
N THR B 138 5.91 -10.88 -64.27
CA THR B 138 5.49 -10.31 -62.99
C THR B 138 3.99 -9.99 -62.94
N GLN B 139 3.47 -9.29 -63.95
CA GLN B 139 2.03 -8.98 -64.04
C GLN B 139 1.18 -10.25 -64.11
N GLN B 140 1.68 -11.29 -64.81
CA GLN B 140 1.00 -12.58 -64.88
C GLN B 140 0.89 -13.28 -63.53
N VAL B 141 1.99 -13.47 -62.79
CA VAL B 141 1.93 -14.18 -61.50
C VAL B 141 1.17 -13.39 -60.44
N ASP B 142 1.29 -12.06 -60.39
CA ASP B 142 0.57 -11.26 -59.40
C ASP B 142 -0.94 -11.22 -59.71
N LEU B 143 -1.33 -11.28 -60.99
CA LEU B 143 -2.73 -11.50 -61.38
C LEU B 143 -3.23 -12.88 -60.90
N ALA B 144 -2.46 -13.94 -61.10
CA ALA B 144 -2.83 -15.27 -60.62
C ALA B 144 -3.05 -15.28 -59.09
N PHE B 145 -2.15 -14.64 -58.33
CA PHE B 145 -2.31 -14.50 -56.89
C PHE B 145 -3.55 -13.65 -56.54
N ASN B 146 -3.82 -12.59 -57.28
CA ASN B 146 -5.04 -11.80 -57.08
C ASN B 146 -6.32 -12.61 -57.30
N VAL B 147 -6.37 -13.48 -58.32
CA VAL B 147 -7.50 -14.40 -58.49
C VAL B 147 -7.66 -15.32 -57.28
N PHE B 148 -6.56 -15.87 -56.75
CA PHE B 148 -6.62 -16.68 -55.53
C PHE B 148 -7.11 -15.89 -54.31
N PHE B 149 -6.63 -14.65 -54.11
CA PHE B 149 -7.12 -13.79 -53.03
C PHE B 149 -8.61 -13.48 -53.16
N MET B 150 -9.13 -13.32 -54.38
CA MET B 150 -10.56 -13.11 -54.62
C MET B 150 -11.41 -14.31 -54.17
N ILE B 151 -10.95 -15.54 -54.43
CA ILE B 151 -11.63 -16.73 -53.92
C ILE B 151 -11.64 -16.71 -52.38
N TYR B 152 -10.51 -16.41 -51.75
CA TYR B 152 -10.46 -16.30 -50.29
C TYR B 152 -11.36 -15.17 -49.76
N PHE B 153 -11.47 -14.05 -50.44
CA PHE B 153 -12.39 -12.96 -50.10
C PHE B 153 -13.84 -13.44 -50.07
N PHE B 154 -14.29 -14.23 -51.05
CA PHE B 154 -15.62 -14.83 -50.99
C PHE B 154 -15.79 -15.82 -49.83
N ILE B 155 -14.77 -16.60 -49.49
CA ILE B 155 -14.83 -17.49 -48.32
C ILE B 155 -14.96 -16.68 -47.02
N ARG B 156 -14.31 -15.54 -46.89
CA ARG B 156 -14.53 -14.73 -45.69
C ARG B 156 -15.93 -14.14 -45.74
N PHE B 157 -16.36 -13.66 -46.89
CA PHE B 157 -17.73 -13.12 -47.04
C PHE B 157 -18.78 -14.11 -46.54
N VAL B 158 -18.66 -15.38 -46.91
CA VAL B 158 -19.57 -16.44 -46.44
C VAL B 158 -19.44 -16.60 -44.92
N ALA B 159 -18.23 -16.70 -44.38
CA ALA B 159 -18.00 -16.93 -42.96
C ALA B 159 -18.47 -15.79 -42.03
N ALA B 160 -18.49 -14.55 -42.50
CA ALA B 160 -18.81 -13.39 -41.66
C ALA B 160 -20.27 -13.40 -41.16
N ASN B 161 -20.49 -12.92 -39.93
CA ASN B 161 -21.83 -12.82 -39.34
C ASN B 161 -22.68 -11.70 -39.98
N ASP B 162 -22.09 -10.53 -40.22
CA ASP B 162 -22.75 -9.39 -40.87
C ASP B 162 -22.08 -9.02 -42.19
N LYS B 163 -22.82 -9.02 -43.31
CA LYS B 163 -22.26 -8.63 -44.61
C LYS B 163 -21.83 -7.16 -44.65
N LEU B 164 -22.51 -6.27 -43.93
CA LEU B 164 -22.18 -4.84 -43.95
C LEU B 164 -20.88 -4.54 -43.21
N TRP B 165 -20.74 -4.97 -41.95
CA TRP B 165 -19.46 -4.86 -41.25
C TRP B 165 -18.34 -5.62 -41.96
N PHE B 166 -18.63 -6.73 -42.65
CA PHE B 166 -17.61 -7.37 -43.50
C PHE B 166 -17.17 -6.47 -44.66
N TRP B 167 -18.07 -5.78 -45.36
CA TRP B 167 -17.68 -4.94 -46.49
C TRP B 167 -16.85 -3.69 -46.13
N VAL B 168 -16.63 -3.43 -44.84
CA VAL B 168 -15.78 -2.35 -44.34
C VAL B 168 -14.64 -2.88 -43.46
N GLU B 169 -14.45 -4.21 -43.34
CA GLU B 169 -13.30 -4.78 -42.63
C GLU B 169 -11.99 -4.50 -43.40
N LEU B 170 -10.88 -4.29 -42.69
CA LEU B 170 -9.65 -3.78 -43.32
C LEU B 170 -9.18 -4.59 -44.52
N PHE B 171 -9.15 -5.92 -44.44
CA PHE B 171 -8.67 -6.73 -45.54
C PHE B 171 -9.63 -6.73 -46.74
N SER B 172 -10.90 -6.36 -46.56
CA SER B 172 -11.77 -6.15 -47.73
C SER B 172 -11.28 -4.96 -48.55
N PHE B 173 -10.82 -3.88 -47.92
CA PHE B 173 -10.19 -2.78 -48.64
C PHE B 173 -8.91 -3.19 -49.32
N VAL B 174 -8.05 -3.99 -48.67
CA VAL B 174 -6.84 -4.52 -49.32
C VAL B 174 -7.21 -5.28 -50.59
N ASP B 175 -8.29 -6.05 -50.56
CA ASP B 175 -8.78 -6.74 -51.74
C ASP B 175 -9.36 -5.77 -52.80
N TYR B 176 -10.23 -4.82 -52.42
CA TYR B 176 -10.77 -3.82 -53.36
C TYR B 176 -9.67 -3.01 -54.07
N PHE B 177 -8.63 -2.61 -53.35
CA PHE B 177 -7.53 -1.85 -53.90
C PHE B 177 -6.48 -2.69 -54.64
N THR B 178 -6.70 -4.00 -54.80
CA THR B 178 -5.72 -4.85 -55.50
C THR B 178 -6.31 -5.72 -56.60
N ILE B 179 -7.42 -6.45 -56.38
CA ILE B 179 -7.92 -7.35 -57.43
C ILE B 179 -8.38 -6.57 -58.67
N PRO B 180 -9.26 -5.56 -58.55
CA PRO B 180 -9.75 -4.83 -59.72
C PRO B 180 -8.62 -4.12 -60.48
N PRO B 181 -7.68 -3.41 -59.82
CA PRO B 181 -6.50 -2.91 -60.51
C PRO B 181 -5.68 -3.99 -61.22
N SER B 182 -5.54 -5.19 -60.65
CA SER B 182 -4.80 -6.26 -61.31
C SER B 182 -5.48 -6.77 -62.59
N PHE B 183 -6.82 -6.74 -62.66
CA PHE B 183 -7.54 -7.01 -63.91
C PHE B 183 -7.29 -5.89 -64.93
N VAL B 184 -7.46 -4.63 -64.51
CA VAL B 184 -7.24 -3.46 -65.38
C VAL B 184 -5.82 -3.43 -65.95
N ALA B 185 -4.81 -3.86 -65.19
CA ALA B 185 -3.42 -3.88 -65.64
C ALA B 185 -3.20 -4.67 -66.92
N ILE B 186 -3.72 -5.91 -66.99
CA ILE B 186 -3.62 -6.73 -68.20
C ILE B 186 -4.54 -6.17 -69.29
N TYR B 187 -5.74 -5.70 -68.94
CA TYR B 187 -6.67 -5.13 -69.90
C TYR B 187 -6.13 -3.89 -70.65
N LEU B 188 -5.44 -2.99 -69.96
CA LEU B 188 -4.84 -1.78 -70.53
C LEU B 188 -3.36 -1.93 -70.94
N ASP B 189 -2.77 -3.12 -70.82
CA ASP B 189 -1.34 -3.37 -71.10
C ASP B 189 -0.39 -2.46 -70.28
N ARG B 190 -0.73 -2.20 -69.02
CA ARG B 190 -0.05 -1.23 -68.15
C ARG B 190 0.11 -1.77 -66.73
N ASN B 191 1.32 -2.16 -66.37
CA ASN B 191 1.68 -2.60 -65.02
C ASN B 191 1.77 -1.43 -64.03
N TRP B 192 0.63 -0.84 -63.66
CA TRP B 192 0.58 0.23 -62.66
C TRP B 192 1.07 -0.27 -61.30
N LEU B 193 1.93 0.51 -60.64
CA LEU B 193 2.50 0.13 -59.34
C LEU B 193 1.45 0.26 -58.22
N GLY B 194 0.69 1.36 -58.24
CA GLY B 194 -0.55 1.52 -57.48
C GLY B 194 -0.46 1.25 -55.98
N LEU B 195 -1.59 0.79 -55.42
CA LEU B 195 -1.75 0.48 -53.99
C LEU B 195 -1.30 -0.96 -53.63
N ARG B 196 -0.58 -1.64 -54.49
CA ARG B 196 -0.22 -3.05 -54.24
C ARG B 196 0.53 -3.33 -52.96
N PHE B 197 1.29 -2.37 -52.49
CA PHE B 197 1.98 -2.50 -51.20
C PHE B 197 1.05 -2.87 -50.05
N LEU B 198 -0.24 -2.65 -50.18
CA LEU B 198 -1.13 -2.89 -49.04
C LEU B 198 -1.16 -4.33 -48.62
N ARG B 199 -0.62 -5.20 -49.44
CA ARG B 199 -0.60 -6.60 -49.11
C ARG B 199 0.31 -6.86 -47.95
N ALA B 200 1.09 -5.88 -47.57
CA ALA B 200 2.01 -6.03 -46.45
C ALA B 200 1.22 -6.20 -45.20
N LEU B 201 0.05 -5.60 -45.19
CA LEU B 201 -0.84 -5.78 -44.04
C LEU B 201 -1.15 -7.25 -43.76
N GLN B 202 -1.05 -8.17 -44.73
CA GLN B 202 -1.27 -9.58 -44.45
C GLN B 202 -0.20 -10.19 -43.53
N LEU B 203 0.98 -9.59 -43.41
CA LEU B 203 1.93 -9.96 -42.36
C LEU B 203 1.28 -9.92 -40.98
N MET B 204 0.37 -8.96 -40.77
CA MET B 204 -0.29 -8.74 -39.50
C MET B 204 -1.22 -9.87 -39.07
N SER B 205 -1.48 -10.85 -39.95
CA SER B 205 -2.17 -12.10 -39.63
C SER B 205 -1.29 -13.15 -38.94
N ILE B 206 0.04 -13.03 -38.99
CA ILE B 206 0.96 -14.02 -38.39
C ILE B 206 0.63 -14.39 -36.93
N PRO B 207 0.26 -13.46 -36.02
CA PRO B 207 -0.09 -13.84 -34.65
C PRO B 207 -1.34 -14.72 -34.61
N ASP B 208 -2.29 -14.53 -35.51
CA ASP B 208 -3.45 -15.40 -35.65
C ASP B 208 -3.03 -16.78 -36.16
N ILE B 209 -2.22 -16.86 -37.22
CA ILE B 209 -1.73 -18.15 -37.73
C ILE B 209 -1.01 -18.93 -36.62
N LEU B 210 -0.09 -18.29 -35.91
CA LEU B 210 0.66 -18.92 -34.81
C LEU B 210 -0.19 -19.13 -33.53
N THR B 211 -1.46 -18.73 -33.55
CA THR B 211 -2.48 -19.01 -32.51
C THR B 211 -3.50 -20.05 -32.96
N TYR B 212 -3.78 -20.17 -34.25
CA TYR B 212 -4.56 -21.27 -34.82
C TYR B 212 -3.76 -22.57 -34.76
N LEU B 213 -2.45 -22.48 -34.97
CA LEU B 213 -1.48 -23.45 -34.46
C LEU B 213 -1.24 -23.21 -32.96
N ASN B 214 -0.84 -24.23 -32.21
CA ASN B 214 -0.61 -24.12 -30.76
C ASN B 214 0.81 -23.61 -30.39
N VAL B 215 1.60 -23.14 -31.36
CA VAL B 215 3.03 -22.85 -31.21
C VAL B 215 3.36 -21.62 -30.37
N LEU B 216 2.54 -20.56 -30.39
CA LEU B 216 2.82 -19.31 -29.68
C LEU B 216 2.34 -19.38 -28.21
N LYS B 217 3.03 -20.19 -27.40
CA LYS B 217 2.49 -20.76 -26.15
C LYS B 217 2.21 -19.78 -25.01
N THR B 218 2.95 -18.67 -24.89
CA THR B 218 2.94 -17.81 -23.68
C THR B 218 2.53 -16.37 -23.98
N SER B 219 1.97 -15.70 -22.98
CA SER B 219 1.45 -14.33 -23.14
C SER B 219 2.51 -13.33 -23.63
N THR B 220 3.74 -13.43 -23.15
CA THR B 220 4.84 -12.55 -23.60
C THR B 220 5.26 -12.85 -25.03
N LEU B 221 5.30 -14.11 -25.47
CA LEU B 221 5.58 -14.43 -26.86
C LEU B 221 4.46 -13.97 -27.79
N ILE B 222 3.20 -14.07 -27.35
CA ILE B 222 2.06 -13.53 -28.09
C ILE B 222 2.24 -12.02 -28.26
N ARG B 223 2.46 -11.29 -27.17
CA ARG B 223 2.65 -9.83 -27.20
C ARG B 223 3.86 -9.43 -28.05
N LEU B 224 4.97 -10.14 -27.94
CA LEU B 224 6.17 -9.90 -28.74
C LEU B 224 5.89 -9.99 -30.23
N VAL B 225 5.34 -11.11 -30.69
CA VAL B 225 5.08 -11.30 -32.12
C VAL B 225 4.04 -10.32 -32.63
N GLN B 226 3.01 -10.00 -31.85
CA GLN B 226 2.05 -8.95 -32.20
C GLN B 226 2.74 -7.60 -32.39
N LEU B 227 3.57 -7.15 -31.45
CA LEU B 227 4.26 -5.86 -31.56
C LEU B 227 5.16 -5.82 -32.79
N VAL B 228 6.05 -6.80 -32.97
CA VAL B 228 7.02 -6.79 -34.07
C VAL B 228 6.32 -6.78 -35.40
N VAL B 229 5.36 -7.67 -35.64
CA VAL B 229 4.74 -7.78 -36.95
C VAL B 229 3.77 -6.65 -37.24
N SER B 230 3.13 -6.09 -36.21
CA SER B 230 2.32 -4.89 -36.36
C SER B 230 3.19 -3.72 -36.80
N PHE B 231 4.30 -3.48 -36.11
CA PHE B 231 5.24 -2.43 -36.46
C PHE B 231 5.76 -2.57 -37.88
N VAL B 232 6.29 -3.74 -38.24
CA VAL B 232 6.87 -3.95 -39.56
C VAL B 232 5.82 -3.82 -40.66
N SER B 233 4.62 -4.36 -40.49
CA SER B 233 3.60 -4.23 -41.52
C SER B 233 3.13 -2.79 -41.69
N LEU B 234 2.93 -2.03 -40.63
CA LEU B 234 2.54 -0.63 -40.72
C LEU B 234 3.66 0.22 -41.32
N TRP B 235 4.92 0.01 -40.93
CA TRP B 235 6.07 0.72 -41.50
C TRP B 235 6.23 0.44 -43.00
N LEU B 236 6.18 -0.83 -43.43
CA LEU B 236 6.22 -1.16 -44.85
C LEU B 236 5.04 -0.56 -45.61
N THR B 237 3.85 -0.55 -45.02
CA THR B 237 2.65 0.01 -45.65
C THR B 237 2.78 1.51 -45.83
N ALA B 238 3.14 2.23 -44.78
CA ALA B 238 3.31 3.67 -44.82
C ALA B 238 4.41 4.10 -45.79
N ALA B 239 5.50 3.33 -45.89
CA ALA B 239 6.54 3.60 -46.87
C ALA B 239 6.02 3.48 -48.30
N GLY B 240 5.17 2.49 -48.59
CA GLY B 240 4.53 2.37 -49.90
C GLY B 240 3.59 3.52 -50.18
N PHE B 241 2.86 3.97 -49.16
CA PHE B 241 1.94 5.09 -49.30
C PHE B 241 2.68 6.39 -49.61
N LEU B 242 3.76 6.71 -48.91
CA LEU B 242 4.55 7.89 -49.22
C LEU B 242 5.18 7.78 -50.62
N HIS B 243 5.69 6.60 -50.99
CA HIS B 243 6.26 6.39 -52.31
C HIS B 243 5.23 6.68 -53.40
N LEU B 244 3.99 6.23 -53.24
CA LEU B 244 2.93 6.59 -54.17
C LEU B 244 2.75 8.10 -54.26
N LEU B 245 2.60 8.81 -53.13
CA LEU B 245 2.35 10.24 -53.15
C LEU B 245 3.49 11.07 -53.76
N GLU B 246 4.73 10.83 -53.35
CA GLU B 246 5.85 11.63 -53.82
C GLU B 246 6.16 11.37 -55.30
N ASN B 247 6.15 10.11 -55.75
CA ASN B 247 6.43 9.79 -57.15
C ASN B 247 5.24 10.13 -58.06
N SER B 248 4.01 10.09 -57.54
CA SER B 248 2.84 10.62 -58.26
C SER B 248 3.02 12.09 -58.56
N GLY B 249 3.50 12.85 -57.58
CA GLY B 249 3.33 14.28 -57.58
C GLY B 249 1.90 14.69 -57.24
N ASP B 250 1.69 15.97 -56.93
CA ASP B 250 0.40 16.48 -56.49
C ASP B 250 -0.57 16.75 -57.65
N PRO B 251 -1.85 16.37 -57.58
CA PRO B 251 -2.81 16.57 -58.64
C PRO B 251 -3.16 18.06 -58.86
N PHE B 252 -3.09 18.89 -57.82
CA PHE B 252 -3.38 20.32 -57.88
C PHE B 252 -2.42 21.09 -58.79
N PHE B 253 -1.22 20.56 -58.98
CA PHE B 253 -0.16 21.12 -59.83
C PHE B 253 0.05 20.26 -61.08
N ASP B 254 -1.00 19.59 -61.55
CA ASP B 254 -1.00 18.74 -62.73
C ASP B 254 0.08 17.66 -62.71
N PHE B 255 0.42 17.16 -61.52
CA PHE B 255 1.48 16.18 -61.28
C PHE B 255 2.89 16.66 -61.68
N GLY B 256 3.12 17.97 -61.85
CA GLY B 256 4.43 18.53 -62.19
C GLY B 256 5.39 18.57 -61.00
N ASN B 257 4.88 18.90 -59.82
CA ASN B 257 5.61 18.80 -58.56
C ASN B 257 5.67 17.34 -58.12
N ALA B 258 6.81 16.67 -58.28
CA ALA B 258 7.02 15.25 -57.94
C ALA B 258 8.49 14.97 -57.57
N GLN B 259 8.75 13.89 -56.83
CA GLN B 259 10.10 13.39 -56.55
C GLN B 259 10.24 11.93 -56.94
N HIS B 260 11.36 11.56 -57.56
CA HIS B 260 11.62 10.16 -57.91
C HIS B 260 12.39 9.43 -56.81
N LEU B 261 11.78 9.36 -55.63
CA LEU B 261 12.24 8.49 -54.54
C LEU B 261 12.08 7.02 -54.91
N THR B 262 12.98 6.16 -54.48
CA THR B 262 12.75 4.71 -54.44
C THR B 262 11.89 4.35 -53.24
N TYR B 263 11.32 3.14 -53.24
CA TYR B 263 10.63 2.63 -52.05
C TYR B 263 11.58 2.57 -50.85
N TRP B 264 12.82 2.16 -51.05
CA TRP B 264 13.80 2.03 -49.97
C TRP B 264 14.18 3.37 -49.35
N GLU B 265 14.27 4.43 -50.13
CA GLU B 265 14.42 5.78 -49.59
C GLU B 265 13.22 6.20 -48.75
N CYS B 266 12.00 5.87 -49.16
CA CYS B 266 10.82 6.13 -48.33
C CYS B 266 10.83 5.32 -47.05
N LEU B 267 11.22 4.05 -47.09
CA LEU B 267 11.29 3.18 -45.93
C LEU B 267 12.30 3.71 -44.91
N TYR B 268 13.47 4.13 -45.38
CA TYR B 268 14.49 4.80 -44.59
C TYR B 268 14.00 6.12 -44.01
N PHE B 269 13.42 6.98 -44.84
CA PHE B 269 12.92 8.27 -44.41
C PHE B 269 11.84 8.15 -43.32
N LEU B 270 10.94 7.18 -43.42
CA LEU B 270 9.97 6.93 -42.37
C LEU B 270 10.62 6.45 -41.09
N MET B 271 11.65 5.61 -41.13
CA MET B 271 12.37 5.24 -39.91
C MET B 271 13.08 6.44 -39.28
N VAL B 272 13.74 7.25 -40.10
CA VAL B 272 14.43 8.45 -39.65
C VAL B 272 13.47 9.49 -39.08
N THR B 273 12.22 9.58 -39.55
CA THR B 273 11.21 10.49 -38.97
C THR B 273 10.47 9.90 -37.79
N MET B 274 10.06 8.63 -37.77
CA MET B 274 9.34 8.08 -36.61
C MET B 274 10.21 7.93 -35.38
N SER B 275 11.52 7.74 -35.56
CA SER B 275 12.49 7.81 -34.47
C SER B 275 12.75 9.23 -33.99
N THR B 276 12.24 10.24 -34.70
CA THR B 276 12.47 11.69 -34.50
C THR B 276 13.90 12.17 -34.71
N VAL B 277 14.73 11.39 -35.40
CA VAL B 277 16.10 11.83 -35.75
C VAL B 277 16.04 12.93 -36.80
N GLY B 278 15.33 12.71 -37.90
CA GLY B 278 15.03 13.72 -38.92
C GLY B 278 16.28 14.38 -39.51
N PHE B 279 17.12 13.63 -40.22
CA PHE B 279 18.31 14.18 -40.87
C PHE B 279 17.97 15.24 -41.90
N GLY B 280 16.90 15.06 -42.67
CA GLY B 280 16.56 15.94 -43.79
C GLY B 280 17.51 15.82 -44.99
N ASP B 281 18.25 14.71 -45.09
CA ASP B 281 18.92 14.29 -46.31
C ASP B 281 17.91 13.90 -47.39
N ILE B 282 16.81 13.28 -46.99
CA ILE B 282 15.59 13.03 -47.73
C ILE B 282 14.44 13.71 -46.98
N PHE B 283 13.52 14.34 -47.70
CA PHE B 283 12.29 14.89 -47.16
C PHE B 283 11.21 14.92 -48.25
N ALA B 284 9.94 14.89 -47.86
CA ALA B 284 8.83 15.02 -48.79
C ALA B 284 8.68 16.45 -49.30
N THR B 285 8.31 16.65 -50.56
CA THR B 285 8.11 18.00 -51.13
C THR B 285 6.76 18.21 -51.79
N THR B 286 5.98 17.16 -52.07
CA THR B 286 4.61 17.35 -52.56
C THR B 286 3.70 17.72 -51.39
N VAL B 287 2.64 18.50 -51.63
CA VAL B 287 1.70 18.85 -50.56
C VAL B 287 0.99 17.62 -49.98
N LEU B 288 0.70 16.60 -50.79
CA LEU B 288 0.15 15.35 -50.28
C LEU B 288 1.18 14.58 -49.47
N GLY B 289 2.42 14.45 -49.93
CA GLY B 289 3.46 13.79 -49.15
C GLY B 289 3.77 14.51 -47.85
N ARG B 290 3.80 15.84 -47.84
CA ARG B 290 3.97 16.62 -46.60
C ARG B 290 2.79 16.48 -45.64
N THR B 291 1.55 16.56 -46.11
CA THR B 291 0.41 16.31 -45.22
C THR B 291 0.38 14.87 -44.73
N PHE B 292 0.78 13.91 -45.54
CA PHE B 292 0.97 12.54 -45.07
C PHE B 292 2.05 12.45 -43.99
N VAL B 293 3.20 13.09 -44.17
CA VAL B 293 4.25 13.14 -43.14
C VAL B 293 3.75 13.78 -41.85
N VAL B 294 2.91 14.81 -41.88
CA VAL B 294 2.31 15.39 -40.68
C VAL B 294 1.41 14.38 -39.97
N ILE B 295 0.53 13.69 -40.69
CA ILE B 295 -0.35 12.66 -40.12
C ILE B 295 0.48 11.50 -39.57
N PHE B 296 1.48 11.06 -40.32
CA PHE B 296 2.41 10.01 -39.93
C PHE B 296 3.15 10.39 -38.64
N ILE B 297 3.64 11.62 -38.51
CA ILE B 297 4.31 12.09 -37.30
C ILE B 297 3.38 12.00 -36.09
N MET B 298 2.15 12.48 -36.20
CA MET B 298 1.21 12.43 -35.07
C MET B 298 0.90 11.01 -34.62
N ILE B 299 0.89 10.03 -35.52
CA ILE B 299 0.58 8.64 -35.19
C ILE B 299 1.83 7.87 -34.76
N PHE B 300 2.85 7.82 -35.62
CA PHE B 300 3.96 6.87 -35.49
C PHE B 300 5.01 7.24 -34.48
N ILE B 301 5.12 8.50 -34.04
CA ILE B 301 5.97 8.82 -32.88
C ILE B 301 5.45 8.10 -31.64
N GLY B 302 4.13 8.07 -31.44
CA GLY B 302 3.52 7.30 -30.36
C GLY B 302 3.83 5.81 -30.47
N LEU B 303 3.72 5.23 -31.66
CA LEU B 303 4.05 3.82 -31.87
C LEU B 303 5.51 3.55 -31.56
N PHE B 304 6.46 4.25 -32.19
CA PHE B 304 7.89 4.01 -31.96
C PHE B 304 8.26 4.16 -30.48
N ALA B 305 7.85 5.25 -29.85
CA ALA B 305 8.19 5.55 -28.46
C ALA B 305 7.57 4.59 -27.44
N SER B 306 6.52 3.84 -27.80
CA SER B 306 5.92 2.83 -26.92
C SER B 306 6.35 1.40 -27.27
N PHE B 307 6.45 1.07 -28.55
CA PHE B 307 6.81 -0.26 -29.02
C PHE B 307 8.25 -0.60 -28.69
N ILE B 308 9.22 0.27 -29.01
CA ILE B 308 10.63 -0.06 -28.80
C ILE B 308 10.97 -0.33 -27.32
N PRO B 309 10.49 0.45 -26.34
CA PRO B 309 10.65 0.09 -24.95
C PRO B 309 9.96 -1.21 -24.54
N GLU B 310 8.77 -1.53 -25.06
CA GLU B 310 8.11 -2.78 -24.72
C GLU B 310 8.81 -4.00 -25.33
N ILE B 311 9.36 -3.89 -26.53
CA ILE B 311 10.24 -4.91 -27.09
C ILE B 311 11.48 -5.08 -26.20
N ALA B 312 12.15 -4.00 -25.81
CA ALA B 312 13.32 -4.07 -24.96
C ALA B 312 13.01 -4.68 -23.59
N GLU B 313 11.86 -4.39 -23.00
CA GLU B 313 11.37 -4.99 -21.77
C GLU B 313 11.19 -6.51 -21.93
N ILE B 314 10.49 -6.97 -22.97
CA ILE B 314 10.27 -8.39 -23.19
C ILE B 314 11.60 -9.13 -23.44
N LEU B 315 12.51 -8.56 -24.24
CA LEU B 315 13.83 -9.15 -24.47
C LEU B 315 14.71 -9.13 -23.21
N GLY B 316 14.51 -8.17 -22.30
CA GLY B 316 15.23 -8.08 -21.03
C GLY B 316 14.76 -9.09 -19.98
N LYS B 317 13.45 -9.39 -19.95
CA LYS B 317 12.83 -10.35 -19.03
C LYS B 317 13.06 -11.80 -19.48
N ARG B 318 14.32 -12.22 -19.34
CA ARG B 318 14.74 -13.57 -19.71
C ARG B 318 15.71 -14.13 -18.65
N GLN B 319 15.64 -15.42 -18.33
CA GLN B 319 16.47 -16.07 -17.31
C GLN B 319 17.93 -16.15 -17.78
N LYS B 320 18.84 -15.55 -17.01
CA LYS B 320 20.29 -15.51 -17.30
C LYS B 320 21.09 -16.65 -16.66
N TYR B 321 20.52 -17.31 -15.66
CA TYR B 321 21.11 -18.44 -14.95
C TYR B 321 20.28 -19.72 -15.10
N GLY B 322 19.59 -19.88 -16.22
CA GLY B 322 19.06 -21.16 -16.65
C GLY B 322 20.19 -22.13 -17.00
N GLY B 323 19.84 -23.27 -17.59
CA GLY B 323 20.80 -24.31 -17.91
C GLY B 323 21.11 -25.21 -16.72
N SER B 324 22.10 -26.07 -16.88
CA SER B 324 22.25 -27.31 -16.12
C SER B 324 23.67 -27.51 -15.64
N TYR B 325 23.86 -28.08 -14.45
CA TYR B 325 25.19 -28.36 -13.92
C TYR B 325 25.80 -29.54 -14.65
N LYS B 326 26.91 -29.30 -15.36
CA LYS B 326 27.68 -30.31 -16.08
C LYS B 326 28.67 -30.95 -15.12
N LYS B 327 28.28 -32.10 -14.57
CA LYS B 327 29.04 -32.87 -13.57
C LYS B 327 30.42 -33.28 -14.12
N GLU B 328 31.48 -32.70 -13.59
CA GLU B 328 32.86 -33.05 -13.96
C GLU B 328 33.22 -34.50 -13.56
N ARG B 329 34.20 -35.12 -14.26
CA ARG B 329 34.38 -36.58 -14.29
C ARG B 329 34.68 -37.29 -12.97
N GLY B 330 35.17 -36.57 -11.95
CA GLY B 330 35.55 -37.15 -10.66
C GLY B 330 35.59 -36.15 -9.51
N LYS B 331 34.82 -35.09 -9.60
CA LYS B 331 34.81 -34.08 -8.58
C LYS B 331 33.53 -34.18 -7.82
N ARG B 332 33.51 -33.68 -6.60
CA ARG B 332 32.33 -33.74 -5.80
C ARG B 332 31.67 -32.41 -5.81
N HIS B 333 30.37 -32.38 -5.53
CA HIS B 333 29.72 -31.10 -5.44
C HIS B 333 28.72 -31.05 -4.34
N VAL B 334 28.45 -29.88 -3.84
CA VAL B 334 27.47 -29.66 -2.78
C VAL B 334 26.45 -28.68 -3.28
N VAL B 335 25.17 -29.00 -3.14
CA VAL B 335 24.09 -28.10 -3.51
C VAL B 335 23.76 -27.22 -2.33
N VAL B 336 23.54 -25.93 -2.56
CA VAL B 336 23.20 -25.00 -1.48
C VAL B 336 21.97 -24.21 -1.86
N CYS B 337 21.01 -24.08 -0.97
CA CYS B 337 19.73 -23.43 -1.26
C CYS B 337 19.11 -22.83 0.01
N GLY B 338 17.88 -22.32 -0.11
CA GLY B 338 17.22 -21.61 0.97
C GLY B 338 17.51 -20.13 0.90
N TYR B 339 17.89 -19.51 2.01
CA TYR B 339 18.19 -18.08 2.06
C TYR B 339 19.55 -17.77 1.41
N ILE B 340 19.57 -17.52 0.11
CA ILE B 340 20.76 -17.20 -0.67
C ILE B 340 20.77 -15.71 -1.00
N THR B 341 21.75 -14.98 -0.47
CA THR B 341 21.94 -13.52 -0.62
C THR B 341 23.42 -13.20 -0.52
N PHE B 342 23.87 -11.99 -0.87
CA PHE B 342 25.27 -11.64 -0.72
C PHE B 342 25.76 -11.80 0.73
N ASP B 343 24.97 -11.40 1.72
CA ASP B 343 25.31 -11.59 3.12
C ASP B 343 25.42 -13.08 3.48
N SER B 344 24.47 -13.94 3.11
CA SER B 344 24.59 -15.35 3.49
C SER B 344 25.69 -16.07 2.73
N VAL B 345 25.81 -15.84 1.42
CA VAL B 345 26.80 -16.49 0.58
C VAL B 345 28.21 -16.09 0.94
N SER B 346 28.49 -14.81 1.18
CA SER B 346 29.86 -14.39 1.53
C SER B 346 30.32 -15.00 2.85
N ASN B 347 29.48 -14.99 3.88
CA ASN B 347 29.79 -15.63 5.15
C ASN B 347 29.94 -17.14 5.03
N PHE B 348 29.12 -17.79 4.19
CA PHE B 348 29.24 -19.21 3.94
C PHE B 348 30.54 -19.55 3.22
N LEU B 349 30.81 -18.92 2.07
CA LEU B 349 31.98 -19.22 1.26
C LEU B 349 33.28 -18.95 2.00
N LYS B 350 33.40 -17.86 2.76
CA LYS B 350 34.66 -17.60 3.46
C LYS B 350 34.97 -18.60 4.57
N ASP B 351 33.99 -19.34 5.07
CA ASP B 351 34.25 -20.46 5.97
C ASP B 351 34.42 -21.77 5.21
N PHE B 352 33.64 -22.01 4.17
CA PHE B 352 33.67 -23.25 3.39
C PHE B 352 34.96 -23.40 2.58
N LEU B 353 35.41 -22.34 1.92
CA LEU B 353 36.60 -22.32 1.07
C LEU B 353 37.86 -21.83 1.81
N HIS B 354 37.84 -21.76 3.14
CA HIS B 354 38.93 -21.18 3.92
C HIS B 354 40.23 -21.98 3.80
N LYS B 355 41.38 -21.29 3.69
CA LYS B 355 42.69 -21.93 3.52
C LYS B 355 43.18 -22.75 4.70
N ASP B 356 42.61 -22.60 5.89
CA ASP B 356 42.98 -23.44 7.04
C ASP B 356 42.41 -24.85 6.93
N ARG B 357 41.36 -25.08 6.14
CA ARG B 357 40.89 -26.43 5.81
C ARG B 357 41.87 -27.13 4.89
N GLU B 358 41.90 -28.45 4.91
CA GLU B 358 42.67 -29.22 3.93
C GLU B 358 42.15 -28.96 2.50
N ASP B 359 43.05 -29.02 1.51
CA ASP B 359 42.67 -28.80 0.11
C ASP B 359 41.81 -29.95 -0.40
N VAL B 360 40.56 -29.67 -0.73
CA VAL B 360 39.63 -30.61 -1.36
C VAL B 360 38.88 -29.88 -2.47
N ASP B 361 38.79 -30.49 -3.64
CA ASP B 361 38.01 -29.98 -4.77
C ASP B 361 36.54 -30.37 -4.61
N VAL B 362 35.79 -29.52 -3.91
CA VAL B 362 34.32 -29.56 -3.87
C VAL B 362 33.76 -28.33 -4.59
N GLU B 363 32.95 -28.54 -5.62
CA GLU B 363 32.18 -27.48 -6.26
C GLU B 363 30.97 -27.10 -5.41
N ILE B 364 30.68 -25.81 -5.25
CA ILE B 364 29.43 -25.36 -4.64
C ILE B 364 28.45 -24.97 -5.73
N VAL B 365 27.22 -25.46 -5.66
CA VAL B 365 26.18 -25.20 -6.64
C VAL B 365 25.00 -24.52 -5.96
N PHE B 366 24.90 -23.21 -6.06
CA PHE B 366 23.76 -22.48 -5.53
C PHE B 366 22.53 -22.65 -6.41
N LEU B 367 21.40 -22.98 -5.81
CA LEU B 367 20.10 -23.05 -6.48
C LEU B 367 19.14 -22.10 -5.79
N HIS B 368 18.64 -21.08 -6.49
CA HIS B 368 17.72 -20.13 -5.89
C HIS B 368 16.76 -19.51 -6.91
N LYS B 369 15.52 -19.25 -6.51
CA LYS B 369 14.48 -18.68 -7.38
C LYS B 369 14.61 -17.15 -7.38
N GLY B 370 15.65 -16.66 -8.01
CA GLY B 370 15.92 -15.23 -8.12
C GLY B 370 17.19 -14.93 -8.90
N LEU B 371 17.30 -13.70 -9.38
CA LEU B 371 18.51 -13.20 -10.01
C LEU B 371 19.48 -12.70 -8.93
N PRO B 372 20.78 -12.99 -9.00
CA PRO B 372 21.76 -12.40 -8.10
C PRO B 372 21.77 -10.87 -8.16
N GLY B 373 21.91 -10.20 -7.02
CA GLY B 373 22.28 -8.78 -7.02
C GLY B 373 23.71 -8.59 -7.52
N LEU B 374 24.08 -7.39 -7.93
CA LEU B 374 25.41 -7.15 -8.54
C LEU B 374 26.58 -7.48 -7.61
N GLU B 375 26.43 -7.28 -6.30
CA GLU B 375 27.43 -7.68 -5.31
C GLU B 375 27.64 -9.19 -5.28
N LEU B 376 26.55 -9.96 -5.26
CA LEU B 376 26.61 -11.42 -5.31
C LEU B 376 27.13 -11.92 -6.66
N GLU B 377 26.71 -11.33 -7.77
CA GLU B 377 27.22 -11.69 -9.09
C GLU B 377 28.74 -11.45 -9.21
N GLY B 378 29.26 -10.38 -8.60
CA GLY B 378 30.70 -10.18 -8.49
C GLY B 378 31.38 -11.26 -7.67
N LEU B 379 30.83 -11.60 -6.50
CA LEU B 379 31.34 -12.67 -5.65
C LEU B 379 31.35 -14.02 -6.35
N LEU B 380 30.30 -14.37 -7.07
CA LEU B 380 30.24 -15.59 -7.87
C LEU B 380 31.35 -15.60 -8.92
N LYS B 381 31.58 -14.49 -9.62
CA LYS B 381 32.66 -14.38 -10.61
C LYS B 381 34.06 -14.49 -9.98
N ARG B 382 34.29 -13.98 -8.77
CA ARG B 382 35.56 -14.19 -8.07
C ARG B 382 35.85 -15.64 -7.72
N HIS B 383 34.83 -16.48 -7.56
CA HIS B 383 34.96 -17.91 -7.28
C HIS B 383 34.60 -18.80 -8.47
N PHE B 384 34.63 -18.27 -9.69
CA PHE B 384 34.18 -18.92 -10.92
C PHE B 384 34.67 -20.37 -11.11
N THR B 385 35.88 -20.69 -10.67
CA THR B 385 36.47 -22.03 -10.81
C THR B 385 35.84 -23.10 -9.89
N GLN B 386 35.12 -22.73 -8.84
CA GLN B 386 34.67 -23.63 -7.78
C GLN B 386 33.26 -23.32 -7.23
N VAL B 387 32.59 -22.31 -7.75
CA VAL B 387 31.24 -21.91 -7.38
C VAL B 387 30.42 -21.70 -8.64
N GLU B 388 29.22 -22.25 -8.71
CA GLU B 388 28.27 -22.06 -9.81
C GLU B 388 26.89 -21.73 -9.25
N TYR B 389 26.08 -21.00 -10.00
CA TYR B 389 24.75 -20.53 -9.57
C TYR B 389 23.72 -20.83 -10.64
N PHE B 390 22.54 -21.30 -10.24
CA PHE B 390 21.43 -21.59 -11.13
C PHE B 390 20.15 -20.99 -10.61
N TRP B 391 19.36 -20.40 -11.50
CA TRP B 391 17.99 -20.03 -11.23
C TRP B 391 17.15 -21.30 -11.07
N GLY B 392 16.37 -21.40 -10.00
CA GLY B 392 15.41 -22.49 -9.82
C GLY B 392 15.12 -22.75 -8.36
N SER B 393 14.30 -23.75 -8.06
CA SER B 393 13.95 -24.09 -6.68
C SER B 393 14.04 -25.58 -6.43
N VAL B 394 14.51 -25.97 -5.24
CA VAL B 394 14.46 -27.36 -4.79
C VAL B 394 13.04 -27.90 -4.68
N MET B 395 12.01 -27.07 -4.79
CA MET B 395 10.62 -27.52 -4.90
C MET B 395 10.26 -28.13 -6.26
N ASP B 396 11.10 -28.00 -7.30
CA ASP B 396 10.85 -28.61 -8.61
C ASP B 396 11.79 -29.76 -8.91
N ALA B 397 11.26 -30.94 -9.25
CA ALA B 397 12.07 -32.08 -9.63
C ALA B 397 12.95 -31.79 -10.86
N ASN B 398 12.50 -30.96 -11.79
CA ASN B 398 13.30 -30.57 -12.95
C ASN B 398 14.53 -29.75 -12.56
N ASP B 399 14.40 -28.84 -11.59
CA ASP B 399 15.53 -28.06 -11.11
C ASP B 399 16.50 -28.90 -10.29
N LEU B 400 16.01 -29.83 -9.49
CA LEU B 400 16.85 -30.81 -8.79
C LEU B 400 17.63 -31.69 -9.77
N GLU B 401 17.09 -31.94 -10.95
CA GLU B 401 17.85 -32.70 -11.91
C GLU B 401 18.89 -31.83 -12.56
N ARG B 402 18.61 -30.56 -12.73
CA ARG B 402 19.56 -29.68 -13.34
C ARG B 402 20.78 -29.58 -12.48
N VAL B 403 20.61 -29.40 -11.18
CA VAL B 403 21.71 -29.30 -10.25
C VAL B 403 22.29 -30.66 -10.02
N LYS B 404 21.73 -31.68 -10.62
CA LYS B 404 22.37 -33.00 -10.58
C LYS B 404 22.40 -33.62 -9.19
N ILE B 405 21.36 -33.37 -8.39
CA ILE B 405 21.37 -33.71 -6.95
C ILE B 405 21.39 -35.23 -6.66
N GLN B 406 21.09 -36.07 -7.65
CA GLN B 406 21.28 -37.53 -7.57
C GLN B 406 22.71 -37.92 -7.17
N GLU B 407 23.69 -37.08 -7.51
CA GLU B 407 25.10 -37.36 -7.31
C GLU B 407 25.86 -36.18 -6.70
N ALA B 408 25.12 -35.27 -6.05
CA ALA B 408 25.70 -34.35 -5.09
C ALA B 408 26.17 -35.08 -3.83
N ASP B 409 27.16 -34.54 -3.15
CA ASP B 409 27.69 -35.10 -1.92
C ASP B 409 26.80 -34.79 -0.71
N ALA B 410 26.19 -33.61 -0.69
CA ALA B 410 25.22 -33.16 0.29
C ALA B 410 24.40 -32.01 -0.28
N CYS B 411 23.26 -31.73 0.35
CA CYS B 411 22.49 -30.51 0.13
C CYS B 411 22.41 -29.71 1.42
N LEU B 412 22.76 -28.42 1.39
CA LEU B 412 22.71 -27.52 2.54
C LEU B 412 21.56 -26.55 2.38
N VAL B 413 20.66 -26.49 3.35
CA VAL B 413 19.49 -25.62 3.32
C VAL B 413 19.69 -24.51 4.36
N LEU B 414 20.08 -23.33 3.91
CA LEU B 414 20.35 -22.16 4.74
C LEU B 414 19.05 -21.45 5.11
N ALA B 415 18.97 -20.90 6.33
CA ALA B 415 17.77 -20.23 6.83
C ALA B 415 17.96 -18.73 6.98
N ASN B 416 16.93 -17.94 6.73
CA ASN B 416 16.92 -16.52 7.04
C ASN B 416 16.75 -16.32 8.56
N LYS B 417 17.85 -16.20 9.30
CA LYS B 417 17.84 -16.02 10.77
C LYS B 417 17.13 -14.74 11.22
N TYR B 418 16.88 -13.79 10.32
CA TYR B 418 16.30 -12.47 10.59
C TYR B 418 15.00 -12.24 9.80
N CYS B 419 14.21 -13.30 9.61
CA CYS B 419 12.87 -13.23 9.05
C CYS B 419 11.87 -12.63 10.05
N GLN B 420 10.76 -12.09 9.54
CA GLN B 420 9.70 -11.52 10.39
C GLN B 420 9.03 -12.57 11.29
N ASP B 421 9.04 -13.85 10.92
CA ASP B 421 8.46 -14.95 11.69
C ASP B 421 9.22 -16.27 11.45
N PRO B 422 9.78 -16.92 12.49
CA PRO B 422 10.61 -18.09 12.29
C PRO B 422 9.84 -19.37 11.96
N ASP B 423 8.52 -19.45 12.20
CA ASP B 423 7.77 -20.65 11.83
C ASP B 423 7.47 -20.70 10.34
N GLN B 424 7.21 -19.57 9.69
CA GLN B 424 7.11 -19.55 8.24
C GLN B 424 8.47 -19.89 7.59
N GLU B 425 9.57 -19.43 8.16
CA GLU B 425 10.89 -19.79 7.66
C GLU B 425 11.21 -21.27 7.88
N ASP B 426 10.93 -21.83 9.06
CA ASP B 426 11.10 -23.25 9.31
C ASP B 426 10.16 -24.10 8.46
N ALA B 427 8.90 -23.70 8.28
CA ALA B 427 7.98 -24.44 7.42
C ALA B 427 8.48 -24.50 5.98
N ALA B 428 8.99 -23.39 5.45
CA ALA B 428 9.60 -23.38 4.13
C ALA B 428 10.81 -24.33 4.07
N ASN B 429 11.72 -24.28 5.04
CA ASN B 429 12.89 -25.15 5.00
C ASN B 429 12.54 -26.61 5.19
N ILE B 430 11.54 -26.95 5.98
CA ILE B 430 11.03 -28.32 6.08
C ILE B 430 10.42 -28.76 4.76
N MET B 431 9.72 -27.91 4.06
CA MET B 431 9.19 -28.32 2.80
C MET B 431 10.28 -28.54 1.79
N ARG B 432 11.41 -27.90 1.96
CA ARG B 432 12.50 -28.07 1.05
C ARG B 432 13.15 -29.40 1.25
N VAL B 433 13.24 -29.86 2.49
CA VAL B 433 13.83 -31.14 2.75
C VAL B 433 12.89 -32.19 2.31
N ILE B 434 11.60 -31.98 2.53
CA ILE B 434 10.63 -32.95 2.02
C ILE B 434 10.76 -33.07 0.52
N SER B 435 10.87 -31.96 -0.21
CA SER B 435 11.03 -31.99 -1.66
C SER B 435 12.31 -32.69 -2.07
N ILE B 436 13.44 -32.33 -1.47
CA ILE B 436 14.73 -32.92 -1.80
C ILE B 436 14.70 -34.44 -1.59
N LYS B 437 14.19 -34.91 -0.46
CA LYS B 437 14.13 -36.34 -0.19
C LYS B 437 13.02 -37.09 -0.91
N ASN B 438 11.94 -36.43 -1.34
CA ASN B 438 10.98 -37.01 -2.26
C ASN B 438 11.64 -37.29 -3.62
N TYR B 439 12.50 -36.41 -4.09
CA TYR B 439 13.22 -36.61 -5.34
C TYR B 439 14.25 -37.75 -5.25
N HIS B 440 15.01 -37.81 -4.17
CA HIS B 440 15.96 -38.88 -3.91
C HIS B 440 16.20 -39.03 -2.42
N SER B 441 15.86 -40.17 -1.81
CA SER B 441 15.85 -40.30 -0.35
C SER B 441 17.24 -40.24 0.28
N ASP B 442 18.27 -40.64 -0.46
CA ASP B 442 19.58 -40.96 0.10
C ASP B 442 20.58 -39.81 0.02
N ILE B 443 20.21 -38.66 -0.55
CA ILE B 443 21.04 -37.47 -0.47
C ILE B 443 21.13 -37.02 0.99
N LYS B 444 22.34 -36.77 1.49
CA LYS B 444 22.57 -36.18 2.82
C LYS B 444 22.04 -34.76 2.84
N VAL B 445 21.08 -34.47 3.72
CA VAL B 445 20.56 -33.10 3.85
C VAL B 445 20.99 -32.51 5.16
N ILE B 446 21.64 -31.36 5.12
CA ILE B 446 21.97 -30.56 6.30
C ILE B 446 21.09 -29.32 6.24
N VAL B 447 20.28 -29.07 7.24
CA VAL B 447 19.29 -27.98 7.25
C VAL B 447 19.45 -27.13 8.48
N GLN B 448 19.28 -25.84 8.32
CA GLN B 448 19.29 -24.90 9.41
C GLN B 448 17.85 -24.65 9.86
N LEU B 449 17.56 -24.85 11.15
CA LEU B 449 16.24 -24.58 11.73
C LEU B 449 16.33 -23.47 12.76
N LEU B 450 15.32 -22.61 12.81
CA LEU B 450 15.27 -21.51 13.75
C LEU B 450 14.59 -21.88 15.08
N GLN B 451 13.76 -22.91 15.14
CA GLN B 451 13.00 -23.26 16.35
C GLN B 451 13.13 -24.74 16.69
N TYR B 452 13.31 -25.07 17.96
CA TYR B 452 13.54 -26.45 18.35
C TYR B 452 12.31 -27.34 18.16
N HIS B 453 11.10 -26.86 18.43
CA HIS B 453 9.90 -27.67 18.26
C HIS B 453 9.65 -28.09 16.80
N ASN B 454 10.07 -27.28 15.82
CA ASN B 454 9.97 -27.65 14.40
C ASN B 454 10.91 -28.79 14.01
N LYS B 455 11.95 -29.08 14.79
CA LYS B 455 12.85 -30.22 14.56
C LYS B 455 12.13 -31.56 14.65
N ALA B 456 11.08 -31.66 15.45
CA ALA B 456 10.27 -32.87 15.52
C ALA B 456 9.64 -33.22 14.16
N TYR B 457 9.20 -32.22 13.38
CA TYR B 457 8.56 -32.48 12.11
C TYR B 457 9.50 -33.17 11.14
N LEU B 458 10.74 -32.73 10.99
CA LEU B 458 11.67 -33.42 10.09
C LEU B 458 12.25 -34.72 10.66
N LEU B 459 12.27 -34.91 11.97
CA LEU B 459 12.57 -36.23 12.53
C LEU B 459 11.52 -37.27 12.13
N ASN B 460 10.29 -36.83 11.89
CA ASN B 460 9.17 -37.69 11.47
C ASN B 460 9.06 -37.87 9.95
N ILE B 461 9.93 -37.27 9.13
CA ILE B 461 9.96 -37.54 7.69
C ILE B 461 10.37 -39.00 7.45
N PRO B 462 9.71 -39.76 6.56
CA PRO B 462 9.95 -41.20 6.42
C PRO B 462 11.39 -41.58 6.07
N SER B 463 12.09 -40.70 5.36
CA SER B 463 13.42 -40.96 4.81
C SER B 463 14.54 -40.14 5.47
N TRP B 464 14.27 -39.41 6.56
CA TRP B 464 15.29 -38.73 7.34
C TRP B 464 16.07 -39.71 8.22
N ASP B 465 17.40 -39.68 8.20
CA ASP B 465 18.19 -40.62 9.00
C ASP B 465 19.52 -40.03 9.46
N TRP B 466 19.66 -39.77 10.76
CA TRP B 466 20.91 -39.21 11.28
C TRP B 466 22.12 -40.14 11.07
N LYS B 467 21.90 -41.45 10.93
CA LYS B 467 22.98 -42.41 10.69
C LYS B 467 23.59 -42.30 9.30
N ARG B 468 22.88 -41.71 8.32
CA ARG B 468 23.52 -41.28 7.04
C ARG B 468 24.14 -39.89 7.10
N GLY B 469 23.96 -39.18 8.20
CA GLY B 469 24.39 -37.80 8.36
C GLY B 469 23.36 -36.76 7.94
N ASP B 470 22.08 -37.11 7.77
CA ASP B 470 21.04 -36.07 7.73
C ASP B 470 21.06 -35.30 9.06
N ASP B 471 21.02 -33.97 9.01
CA ASP B 471 21.38 -33.18 10.17
C ASP B 471 20.66 -31.84 10.25
N ALA B 472 19.97 -31.58 11.36
CA ALA B 472 19.28 -30.33 11.59
C ALA B 472 20.05 -29.49 12.59
N VAL B 473 20.75 -28.47 12.10
CA VAL B 473 21.46 -27.47 12.90
C VAL B 473 20.42 -26.50 13.43
N CYS B 474 19.90 -26.73 14.63
CA CYS B 474 18.90 -25.88 15.23
C CYS B 474 19.55 -24.69 15.94
N VAL B 475 19.35 -23.50 15.41
CA VAL B 475 19.95 -22.27 15.91
C VAL B 475 19.53 -21.99 17.35
N ALA B 476 18.26 -22.14 17.70
CA ALA B 476 17.79 -21.93 19.07
C ALA B 476 18.34 -22.95 20.06
N GLU B 477 18.40 -24.23 19.69
CA GLU B 477 18.97 -25.29 20.52
C GLU B 477 20.43 -25.00 20.85
N LEU B 478 21.21 -24.67 19.84
CA LEU B 478 22.62 -24.39 19.98
C LEU B 478 22.83 -23.11 20.77
N LYS B 479 22.25 -21.99 20.35
CA LYS B 479 22.39 -20.69 21.01
C LYS B 479 22.20 -20.77 22.51
N LEU B 480 21.07 -21.33 22.95
CA LEU B 480 20.78 -21.42 24.37
C LEU B 480 21.69 -22.44 25.08
N GLY B 481 22.17 -23.49 24.41
CA GLY B 481 23.12 -24.41 25.01
C GLY B 481 24.53 -23.84 25.16
N PHE B 482 25.00 -23.01 24.22
CA PHE B 482 26.23 -22.24 24.40
C PHE B 482 26.08 -21.26 25.57
N ILE B 483 24.94 -20.58 25.70
CA ILE B 483 24.70 -19.64 26.80
C ILE B 483 24.61 -20.38 28.14
N ALA B 484 23.92 -21.51 28.22
CA ALA B 484 23.86 -22.35 29.41
C ALA B 484 25.26 -22.77 29.86
N GLN B 485 26.15 -23.03 28.92
CA GLN B 485 27.52 -23.38 29.24
C GLN B 485 28.28 -22.24 29.90
N SER B 486 28.05 -20.98 29.54
CA SER B 486 28.61 -19.86 30.30
C SER B 486 28.05 -19.74 31.70
N CYS B 487 26.87 -20.24 32.00
CA CYS B 487 26.37 -20.25 33.37
C CYS B 487 27.17 -21.20 34.26
N LEU B 488 27.71 -22.27 33.67
CA LEU B 488 28.51 -23.29 34.35
C LEU B 488 30.01 -22.94 34.36
N ALA B 489 30.51 -22.34 33.28
CA ALA B 489 31.90 -21.96 33.11
C ALA B 489 31.96 -20.61 32.38
N PRO B 490 31.92 -19.48 33.10
CA PRO B 490 31.84 -18.15 32.51
C PRO B 490 32.83 -17.94 31.37
N GLY B 491 32.34 -17.37 30.27
CA GLY B 491 33.11 -17.15 29.05
C GLY B 491 33.21 -18.35 28.11
N PHE B 492 32.77 -19.54 28.50
CA PHE B 492 32.90 -20.71 27.63
C PHE B 492 32.13 -20.59 26.31
N SER B 493 31.06 -19.80 26.26
CA SER B 493 30.37 -19.51 25.00
C SER B 493 31.31 -18.95 23.95
N THR B 494 32.22 -18.05 24.34
CA THR B 494 33.19 -17.44 23.44
C THR B 494 34.26 -18.42 23.03
N LEU B 495 34.79 -19.21 23.96
CA LEU B 495 35.79 -20.24 23.64
C LEU B 495 35.24 -21.16 22.58
N MET B 496 34.09 -21.75 22.88
CA MET B 496 33.50 -22.76 22.03
C MET B 496 33.00 -22.18 20.71
N ALA B 497 32.38 -21.00 20.69
CA ALA B 497 31.93 -20.41 19.42
C ALA B 497 33.10 -20.06 18.49
N ASN B 498 34.19 -19.49 19.01
CA ASN B 498 35.37 -19.22 18.18
C ASN B 498 35.95 -20.50 17.59
N LEU B 499 35.82 -21.62 18.29
CA LEU B 499 36.38 -22.90 17.89
C LEU B 499 35.72 -23.50 16.65
N PHE B 500 34.56 -23.00 16.22
CA PHE B 500 33.78 -23.54 15.11
C PHE B 500 33.60 -22.59 13.94
N THR B 501 34.50 -21.63 13.76
CA THR B 501 34.61 -20.97 12.46
C THR B 501 36.06 -20.75 12.08
N MET B 502 36.34 -20.94 10.80
CA MET B 502 37.68 -20.89 10.26
C MET B 502 38.23 -19.47 10.31
N ARG B 503 39.28 -19.24 11.11
CA ARG B 503 39.98 -17.94 11.17
C ARG B 503 41.48 -18.15 11.31
N SER B 504 42.24 -17.18 10.82
CA SER B 504 43.68 -17.25 10.89
C SER B 504 44.22 -16.01 11.56
N TYR B 505 45.22 -16.16 12.41
CA TYR B 505 45.76 -15.04 13.15
C TYR B 505 46.52 -14.09 12.27
N LYS B 506 46.59 -12.84 12.66
CA LYS B 506 47.24 -11.84 11.85
C LYS B 506 47.41 -10.59 12.67
N PRO B 507 48.54 -10.46 13.38
CA PRO B 507 48.69 -9.33 14.29
C PRO B 507 48.64 -7.98 13.57
N THR B 508 48.40 -6.90 14.33
CA THR B 508 48.57 -5.52 13.87
C THR B 508 49.27 -4.68 14.95
N PRO B 509 50.02 -3.62 14.61
CA PRO B 509 50.75 -2.82 15.60
C PRO B 509 49.83 -2.04 16.54
N GLU B 510 48.62 -1.69 16.09
CA GLU B 510 47.60 -1.01 16.90
C GLU B 510 46.96 -1.91 17.98
N MET B 511 47.12 -3.22 17.90
CA MET B 511 46.50 -4.21 18.77
C MET B 511 47.17 -4.24 20.15
N SER B 512 46.42 -4.03 21.23
CA SER B 512 46.95 -4.14 22.60
C SER B 512 47.34 -5.58 22.94
N GLN B 513 48.21 -5.79 23.91
CA GLN B 513 48.76 -7.13 24.13
C GLN B 513 47.69 -8.16 24.55
N TRP B 514 46.66 -7.76 25.30
CA TRP B 514 45.55 -8.67 25.60
C TRP B 514 44.78 -9.06 24.34
N GLN B 515 44.56 -8.12 23.41
CA GLN B 515 43.96 -8.45 22.13
C GLN B 515 44.84 -9.37 21.30
N THR B 516 46.17 -9.27 21.35
CA THR B 516 47.03 -10.20 20.62
C THR B 516 46.93 -11.62 21.16
N ASP B 517 46.79 -11.80 22.46
CA ASP B 517 46.55 -13.10 23.08
C ASP B 517 45.19 -13.67 22.70
N TYR B 518 44.14 -12.86 22.82
CA TYR B 518 42.80 -13.25 22.41
C TYR B 518 42.78 -13.65 20.94
N MET B 519 43.26 -12.77 20.06
CA MET B 519 43.24 -13.01 18.62
C MET B 519 44.08 -14.23 18.24
N ARG B 520 45.22 -14.49 18.88
CA ARG B 520 45.97 -15.72 18.66
C ARG B 520 45.14 -16.96 18.99
N GLY B 521 44.36 -16.92 20.06
CA GLY B 521 43.38 -17.96 20.41
C GLY B 521 42.27 -18.09 19.36
N THR B 522 41.72 -17.00 18.83
CA THR B 522 40.66 -17.09 17.80
C THR B 522 41.12 -17.78 16.52
N GLY B 523 42.42 -17.82 16.25
CA GLY B 523 42.98 -18.47 15.07
C GLY B 523 42.91 -19.99 15.10
N MET B 524 42.45 -20.60 16.19
CA MET B 524 42.34 -22.04 16.33
C MET B 524 40.91 -22.52 16.20
N GLU B 525 40.74 -23.65 15.53
CA GLU B 525 39.44 -24.27 15.37
C GLU B 525 39.54 -25.79 15.41
N MET B 526 38.39 -26.47 15.54
CA MET B 526 38.29 -27.92 15.69
C MET B 526 38.64 -28.69 14.42
N TYR B 527 39.40 -29.78 14.55
CA TYR B 527 39.81 -30.66 13.45
C TYR B 527 39.76 -32.13 13.82
N THR B 528 39.74 -32.99 12.80
CA THR B 528 39.72 -34.45 12.94
C THR B 528 40.83 -35.07 12.09
N GLU B 529 41.57 -36.02 12.65
CA GLU B 529 42.60 -36.77 11.93
C GLU B 529 42.74 -38.19 12.46
N TYR B 530 43.26 -39.08 11.62
CA TYR B 530 43.71 -40.39 12.07
C TYR B 530 45.03 -40.26 12.83
N LEU B 531 45.08 -40.81 14.05
CA LEU B 531 46.33 -40.94 14.79
C LEU B 531 47.27 -41.91 14.08
N SER B 532 48.57 -41.60 13.98
CA SER B 532 49.56 -42.49 13.38
C SER B 532 49.73 -43.80 14.17
N SER B 533 50.36 -44.80 13.54
CA SER B 533 50.66 -46.09 14.17
C SER B 533 51.48 -45.96 15.47
N ALA B 534 52.25 -44.89 15.64
CA ALA B 534 53.03 -44.65 16.85
C ALA B 534 52.17 -44.45 18.11
N PHE B 535 50.90 -44.07 17.96
CA PHE B 535 49.97 -43.94 19.08
C PHE B 535 49.32 -45.26 19.50
N ASN B 536 49.40 -46.33 18.71
CA ASN B 536 48.66 -47.55 18.99
C ASN B 536 49.05 -48.13 20.37
N ALA B 537 48.05 -48.54 21.15
CA ALA B 537 48.20 -49.06 22.51
C ALA B 537 48.76 -48.09 23.58
N LEU B 538 48.96 -46.81 23.28
CA LEU B 538 49.00 -45.79 24.35
C LEU B 538 47.63 -45.68 25.02
N THR B 539 47.58 -45.33 26.30
CA THR B 539 46.35 -44.83 26.91
C THR B 539 46.02 -43.45 26.36
N PHE B 540 44.76 -43.04 26.41
CA PHE B 540 44.39 -41.68 25.96
C PHE B 540 45.22 -40.57 26.64
N PRO B 541 45.45 -40.56 27.97
CA PRO B 541 46.27 -39.54 28.59
C PRO B 541 47.70 -39.49 28.04
N GLU B 542 48.33 -40.63 27.78
CA GLU B 542 49.64 -40.66 27.15
C GLU B 542 49.61 -40.09 25.73
N ALA B 543 48.59 -40.41 24.94
CA ALA B 543 48.45 -39.86 23.60
C ALA B 543 48.26 -38.34 23.62
N ALA B 544 47.46 -37.83 24.57
CA ALA B 544 47.26 -36.41 24.74
C ALA B 544 48.53 -35.69 25.19
N GLU B 545 49.29 -36.25 26.15
CA GLU B 545 50.61 -35.73 26.52
C GLU B 545 51.55 -35.66 25.32
N LEU B 546 51.62 -36.74 24.53
CA LEU B 546 52.47 -36.82 23.36
C LEU B 546 52.12 -35.73 22.34
N CYS B 547 50.84 -35.65 21.95
CA CYS B 547 50.36 -34.67 20.98
C CYS B 547 50.68 -33.25 21.41
N PHE B 548 50.44 -32.93 22.67
CA PHE B 548 50.69 -31.61 23.19
C PHE B 548 52.20 -31.33 23.28
N SER B 549 52.90 -32.08 24.12
CA SER B 549 54.30 -31.80 24.47
C SER B 549 55.23 -31.91 23.27
N LYS B 550 55.05 -32.91 22.40
CA LYS B 550 55.81 -32.99 21.14
C LYS B 550 55.14 -32.18 20.06
N LEU B 551 54.01 -32.65 19.53
CA LEU B 551 53.45 -32.13 18.26
C LEU B 551 52.85 -30.72 18.34
N LYS B 552 52.75 -30.11 19.52
CA LYS B 552 52.08 -28.82 19.76
C LYS B 552 50.56 -28.87 19.48
N LEU B 553 49.96 -30.06 19.46
CA LEU B 553 48.54 -30.27 19.14
C LEU B 553 47.75 -30.66 20.39
N LEU B 554 46.60 -30.03 20.60
CA LEU B 554 45.72 -30.36 21.72
C LEU B 554 44.71 -31.42 21.30
N LEU B 555 44.83 -32.63 21.84
CA LEU B 555 43.96 -33.78 21.54
C LEU B 555 42.81 -33.83 22.58
N LEU B 556 41.56 -33.68 22.16
CA LEU B 556 40.41 -33.64 23.07
C LEU B 556 39.75 -34.99 23.32
N ALA B 557 39.64 -35.78 22.26
CA ALA B 557 38.66 -36.85 22.17
C ALA B 557 39.05 -37.84 21.08
N ILE B 558 38.46 -39.03 21.10
CA ILE B 558 38.67 -40.08 20.11
C ILE B 558 37.36 -40.77 19.76
N GLU B 559 37.20 -41.17 18.50
CA GLU B 559 36.08 -42.00 18.07
C GLU B 559 36.44 -43.47 18.29
N VAL B 560 35.96 -44.05 19.39
CA VAL B 560 36.18 -45.45 19.76
C VAL B 560 35.35 -46.38 18.88
N ARG B 561 35.97 -47.42 18.32
CA ARG B 561 35.29 -48.40 17.45
C ARG B 561 34.21 -49.22 18.18
N GLU B 567 29.80 -50.56 14.84
CA GLU B 567 29.45 -49.22 15.32
C GLU B 567 30.60 -48.56 16.11
N SER B 568 30.50 -47.24 16.32
CA SER B 568 31.51 -46.43 17.01
C SER B 568 30.90 -45.31 17.84
N THR B 569 31.64 -44.83 18.84
CA THR B 569 31.19 -43.85 19.85
C THR B 569 32.27 -42.82 20.13
N LEU B 570 31.90 -41.56 20.26
CA LEU B 570 32.81 -40.46 20.55
C LEU B 570 33.11 -40.38 22.05
N ALA B 571 34.36 -40.52 22.45
CA ALA B 571 34.79 -40.40 23.84
C ALA B 571 35.61 -39.12 24.06
N ILE B 572 35.16 -38.24 24.95
CA ILE B 572 35.83 -36.97 25.26
C ILE B 572 36.64 -37.14 26.54
N ASN B 573 37.91 -36.77 26.49
CA ASN B 573 38.87 -36.91 27.58
C ASN B 573 38.72 -38.22 28.39
N PRO B 574 38.64 -39.41 27.76
CA PRO B 574 38.46 -40.65 28.49
C PRO B 574 39.67 -40.99 29.36
N GLY B 575 39.46 -41.72 30.45
CA GLY B 575 40.50 -42.03 31.43
C GLY B 575 41.54 -43.05 30.95
N PRO B 576 42.52 -43.40 31.81
CA PRO B 576 43.57 -44.37 31.47
C PRO B 576 43.05 -45.75 31.05
N LYS B 577 41.80 -46.09 31.39
CA LYS B 577 41.18 -47.36 31.06
C LYS B 577 40.95 -47.61 29.56
N VAL B 578 41.10 -46.60 28.68
CA VAL B 578 40.98 -46.79 27.22
C VAL B 578 42.32 -46.63 26.52
N LYS B 579 42.62 -47.57 25.62
CA LYS B 579 43.76 -47.51 24.70
C LYS B 579 43.36 -46.87 23.38
N ILE B 580 44.31 -46.23 22.71
CA ILE B 580 44.19 -45.92 21.29
C ILE B 580 44.28 -47.23 20.49
N GLU B 581 43.32 -47.50 19.61
CA GLU B 581 43.36 -48.66 18.70
C GLU B 581 44.37 -48.45 17.55
N ASN B 582 44.34 -49.30 16.53
CA ASN B 582 44.85 -48.93 15.21
C ASN B 582 43.81 -48.09 14.45
N ALA B 583 44.26 -47.13 13.64
CA ALA B 583 43.41 -46.26 12.81
C ALA B 583 42.30 -45.50 13.57
N THR B 584 42.59 -45.03 14.77
CA THR B 584 41.68 -44.21 15.59
C THR B 584 41.57 -42.79 15.05
N GLN B 585 40.36 -42.30 14.79
CA GLN B 585 40.08 -40.88 14.60
C GLN B 585 40.21 -40.13 15.93
N GLY B 586 41.00 -39.07 15.96
CA GLY B 586 41.14 -38.14 17.08
C GLY B 586 40.64 -36.74 16.73
N PHE B 587 40.15 -36.02 17.73
CA PHE B 587 39.68 -34.64 17.61
C PHE B 587 40.67 -33.68 18.23
N PHE B 588 41.02 -32.63 17.52
CA PHE B 588 42.12 -31.73 17.82
C PHE B 588 41.70 -30.27 17.82
N ILE B 589 42.39 -29.45 18.59
CA ILE B 589 42.40 -27.99 18.45
C ILE B 589 43.77 -27.58 17.90
N ALA B 590 43.79 -26.82 16.81
CA ALA B 590 45.02 -26.39 16.13
C ALA B 590 44.75 -25.17 15.25
N GLU B 591 45.79 -24.53 14.73
CA GLU B 591 45.64 -23.33 13.90
C GLU B 591 45.13 -23.62 12.48
N SER B 592 45.38 -24.82 11.94
CA SER B 592 44.93 -25.27 10.62
C SER B 592 44.96 -26.80 10.50
N ALA B 593 44.19 -27.37 9.58
CA ALA B 593 44.21 -28.79 9.26
C ALA B 593 45.60 -29.30 8.89
N GLU B 594 46.36 -28.50 8.13
CA GLU B 594 47.72 -28.87 7.72
C GLU B 594 48.70 -28.93 8.90
N GLU B 595 48.38 -28.25 10.00
CA GLU B 595 49.11 -28.39 11.25
C GLU B 595 48.77 -29.72 11.96
N VAL B 596 47.49 -30.11 11.95
CA VAL B 596 47.02 -31.33 12.61
C VAL B 596 47.56 -32.57 11.94
N LYS B 597 47.86 -32.51 10.64
CA LYS B 597 48.40 -33.64 9.88
C LYS B 597 49.72 -34.18 10.46
N ARG B 598 50.43 -33.42 11.30
CA ARG B 598 51.52 -33.96 12.12
C ARG B 598 51.12 -35.18 12.92
N ALA B 599 49.91 -35.26 13.46
CA ALA B 599 49.45 -36.42 14.22
C ALA B 599 49.26 -37.68 13.36
N PHE B 600 49.03 -37.53 12.05
CA PHE B 600 48.93 -38.64 11.12
C PHE B 600 50.29 -39.06 10.58
N TYR B 601 51.11 -38.08 10.20
CA TYR B 601 52.48 -38.32 9.76
C TYR B 601 53.44 -38.67 10.89
N TYR B 602 53.06 -38.50 12.16
CA TYR B 602 53.99 -38.63 13.28
C TYR B 602 54.75 -39.95 13.21
N CYS B 603 56.06 -39.79 13.16
CA CYS B 603 57.02 -40.83 12.89
C CYS B 603 57.00 -41.91 13.98
N LYS B 604 57.59 -43.06 13.69
CA LYS B 604 58.14 -43.87 14.79
C LYS B 604 59.10 -43.01 15.62
N ASN B 605 59.25 -43.28 16.92
CA ASN B 605 60.07 -42.45 17.80
C ASN B 605 61.51 -42.24 17.29
N CYS B 606 62.05 -43.22 16.55
CA CYS B 606 63.35 -43.16 15.88
C CYS B 606 63.50 -42.00 14.87
N HIS B 607 62.40 -41.57 14.23
CA HIS B 607 62.40 -40.54 13.19
C HIS B 607 61.82 -39.19 13.64
N ALA B 608 61.59 -38.98 14.95
CA ALA B 608 61.07 -37.73 15.50
C ALA B 608 61.56 -37.43 16.94
N ASN B 609 62.84 -37.65 17.21
CA ASN B 609 63.47 -37.26 18.48
C ASN B 609 63.81 -35.76 18.58
N VAL B 610 63.97 -35.06 17.45
CA VAL B 610 64.52 -33.69 17.42
C VAL B 610 63.49 -32.61 17.81
N SER B 611 62.20 -32.83 17.53
CA SER B 611 61.05 -32.03 17.99
C SER B 611 60.96 -30.55 17.53
N ASP B 612 61.72 -30.14 16.51
CA ASP B 612 61.48 -28.88 15.79
C ASP B 612 60.31 -29.08 14.82
N VAL B 613 59.06 -28.93 15.31
CA VAL B 613 57.89 -29.63 14.76
C VAL B 613 57.59 -29.45 13.28
N ARG B 614 58.09 -28.40 12.64
CA ARG B 614 57.91 -28.26 11.19
C ARG B 614 58.57 -29.41 10.42
N GLN B 615 59.55 -30.06 11.02
CA GLN B 615 60.24 -31.19 10.41
C GLN B 615 59.42 -32.49 10.36
N ILE B 616 58.31 -32.63 11.09
CA ILE B 616 57.46 -33.82 10.97
C ILE B 616 56.82 -33.83 9.57
N LYS B 617 56.97 -34.94 8.86
CA LYS B 617 56.55 -35.12 7.48
C LYS B 617 56.41 -36.61 7.16
N LYS B 618 55.80 -36.94 6.01
CA LYS B 618 55.39 -38.30 5.67
C LYS B 618 56.52 -39.36 5.58
N CYS B 619 57.79 -38.95 5.54
CA CYS B 619 58.96 -39.83 5.52
C CYS B 619 59.28 -40.51 6.87
N LYS B 620 58.27 -41.05 7.55
CA LYS B 620 58.39 -41.72 8.84
C LYS B 620 59.10 -43.09 8.80
N CYS B 621 59.27 -43.66 7.62
CA CYS B 621 59.93 -44.95 7.36
C CYS B 621 60.57 -45.01 5.98
N ARG B 706 17.00 -40.02 43.90
CA ARG B 706 16.72 -39.06 42.84
C ARG B 706 16.11 -39.70 41.59
N LYS B 707 15.46 -38.89 40.73
CA LYS B 707 14.79 -39.31 39.50
C LYS B 707 15.44 -38.67 38.28
N PHE B 708 15.39 -39.35 37.15
CA PHE B 708 16.01 -38.94 35.89
C PHE B 708 15.09 -39.16 34.70
N ASP B 709 15.39 -38.53 33.58
CA ASP B 709 14.68 -38.83 32.34
C ASP B 709 14.95 -40.29 31.90
N SER B 710 14.16 -40.79 30.94
CA SER B 710 14.24 -42.19 30.49
C SER B 710 15.61 -42.63 29.96
N THR B 711 16.41 -41.74 29.37
CA THR B 711 17.78 -42.03 28.91
C THR B 711 18.82 -41.77 30.00
N GLY B 712 18.40 -41.35 31.20
CA GLY B 712 19.25 -41.15 32.36
C GLY B 712 20.21 -39.96 32.25
N MET B 713 20.01 -39.07 31.29
CA MET B 713 20.92 -37.96 31.00
C MET B 713 20.66 -36.71 31.83
N PHE B 714 19.44 -36.49 32.34
CA PHE B 714 19.03 -35.27 33.05
C PHE B 714 18.25 -35.59 34.32
N HIS B 715 18.37 -34.76 35.36
CA HIS B 715 17.49 -34.83 36.54
C HIS B 715 16.05 -34.51 36.15
N TRP B 716 15.07 -35.05 36.87
CA TRP B 716 13.67 -35.02 36.42
C TRP B 716 12.67 -34.87 37.56
N CYS B 717 11.53 -34.26 37.27
CA CYS B 717 10.35 -34.17 38.12
C CYS B 717 9.12 -34.69 37.36
N PRO B 718 8.15 -35.29 38.06
CA PRO B 718 6.83 -35.52 37.47
C PRO B 718 6.17 -34.19 37.11
N ASP B 719 5.30 -34.20 36.10
CA ASP B 719 4.61 -33.00 35.63
C ASP B 719 3.92 -32.25 36.78
N ARG B 720 3.95 -30.92 36.74
CA ARG B 720 3.36 -30.05 37.76
C ARG B 720 2.86 -28.73 37.19
N PRO B 721 1.81 -28.11 37.76
CA PRO B 721 1.29 -26.84 37.27
C PRO B 721 2.20 -25.67 37.62
N LEU B 722 2.20 -24.62 36.80
CA LEU B 722 3.12 -23.49 36.93
C LEU B 722 3.04 -22.80 38.30
N ASN B 723 1.86 -22.73 38.91
CA ASN B 723 1.70 -22.08 40.21
C ASN B 723 2.35 -22.84 41.39
N ASP B 724 2.90 -24.04 41.19
CA ASP B 724 3.83 -24.66 42.16
C ASP B 724 5.21 -24.00 42.16
N CYS B 725 5.62 -23.41 41.03
CA CYS B 725 6.92 -22.79 40.81
C CYS B 725 6.86 -21.26 40.78
N LEU B 726 5.67 -20.68 40.65
CA LEU B 726 5.44 -19.24 40.66
C LEU B 726 5.72 -18.65 42.05
N GLN B 727 6.36 -17.49 42.10
CA GLN B 727 6.71 -16.77 43.31
C GLN B 727 6.39 -15.27 43.19
N ASP B 728 5.93 -14.66 44.28
CA ASP B 728 5.89 -13.22 44.45
C ASP B 728 7.25 -12.68 44.92
N ARG B 729 7.51 -11.36 44.86
CA ARG B 729 8.75 -10.74 45.33
C ARG B 729 9.08 -11.09 46.78
N SER B 730 8.06 -11.14 47.63
CA SER B 730 8.17 -11.56 49.03
C SER B 730 8.69 -12.99 49.14
N GLN B 731 8.11 -13.94 48.42
CA GLN B 731 8.55 -15.33 48.39
C GLN B 731 9.95 -15.48 47.80
N ALA B 732 10.26 -14.79 46.69
CA ALA B 732 11.56 -14.84 46.06
C ALA B 732 12.66 -14.32 46.99
N SER B 733 12.45 -13.17 47.63
CA SER B 733 13.42 -12.59 48.57
C SER B 733 13.51 -13.35 49.89
N ALA B 734 12.45 -14.04 50.32
CA ALA B 734 12.49 -14.95 51.46
C ALA B 734 13.31 -16.21 51.17
N SER B 735 13.28 -16.70 49.94
CA SER B 735 14.13 -17.82 49.50
C SER B 735 15.61 -17.43 49.49
N GLY B 736 16.47 -18.34 49.91
CA GLY B 736 17.91 -18.08 50.10
C GLY B 736 18.74 -18.11 48.81
N LEU B 737 18.28 -17.43 47.76
CA LEU B 737 18.87 -17.50 46.43
C LEU B 737 20.31 -16.99 46.43
N ARG B 738 21.25 -17.87 46.09
CA ARG B 738 22.68 -17.63 46.03
C ARG B 738 23.30 -18.58 45.02
N ASN B 739 24.32 -18.16 44.28
CA ASN B 739 24.96 -18.97 43.22
C ASN B 739 24.00 -19.48 42.14
N HIS B 740 22.84 -18.84 42.01
CA HIS B 740 21.75 -19.21 41.10
C HIS B 740 21.96 -18.67 39.70
N VAL B 741 21.10 -19.06 38.76
CA VAL B 741 21.01 -18.43 37.44
C VAL B 741 19.72 -17.63 37.35
N VAL B 742 19.80 -16.37 36.95
CA VAL B 742 18.63 -15.52 36.70
C VAL B 742 18.43 -15.38 35.20
N VAL B 743 17.27 -15.72 34.69
CA VAL B 743 16.94 -15.50 33.28
C VAL B 743 16.05 -14.28 33.18
N CYS B 744 16.59 -13.15 32.76
CA CYS B 744 15.84 -11.94 32.47
C CYS B 744 15.23 -12.07 31.08
N LEU B 745 13.95 -12.42 31.01
CA LEU B 745 13.26 -12.74 29.77
C LEU B 745 12.37 -11.59 29.35
N PHE B 746 12.58 -11.06 28.15
CA PHE B 746 11.69 -10.09 27.54
C PHE B 746 10.76 -10.76 26.55
N ALA B 747 9.46 -10.72 26.77
CA ALA B 747 8.50 -11.41 25.93
C ALA B 747 7.12 -10.73 25.97
N ASP B 748 6.45 -10.64 24.84
CA ASP B 748 5.00 -10.40 24.81
C ASP B 748 4.28 -11.73 24.92
N ALA B 749 3.06 -11.76 25.47
CA ALA B 749 2.29 -12.98 25.64
C ALA B 749 2.11 -13.77 24.33
N ALA B 750 2.00 -13.08 23.19
CA ALA B 750 1.83 -13.65 21.86
C ALA B 750 3.14 -14.01 21.12
N SER B 751 4.31 -13.58 21.62
CA SER B 751 5.59 -13.69 20.90
C SER B 751 6.06 -15.14 20.71
N PRO B 752 6.89 -15.48 19.71
CA PRO B 752 7.27 -16.86 19.42
C PRO B 752 8.05 -17.53 20.57
N LEU B 753 7.91 -18.85 20.71
CA LEU B 753 8.64 -19.60 21.73
C LEU B 753 10.14 -19.66 21.43
N ILE B 754 10.98 -19.19 22.36
CA ILE B 754 12.45 -19.37 22.25
C ILE B 754 12.92 -20.74 22.72
N GLY B 755 12.10 -21.49 23.46
CA GLY B 755 12.45 -22.82 23.91
C GLY B 755 13.43 -22.80 25.07
N LEU B 756 13.05 -22.19 26.20
CA LEU B 756 13.88 -22.16 27.42
C LEU B 756 14.28 -23.54 27.93
N ARG B 757 13.59 -24.59 27.51
CA ARG B 757 14.01 -25.99 27.65
C ARG B 757 15.49 -26.18 27.30
N ASN B 758 15.97 -25.55 26.24
CA ASN B 758 17.35 -25.66 25.78
C ASN B 758 18.36 -24.87 26.64
N LEU B 759 17.91 -23.84 27.37
CA LEU B 759 18.75 -23.13 28.34
C LEU B 759 18.80 -23.90 29.66
N VAL B 760 17.67 -24.41 30.14
CA VAL B 760 17.57 -25.07 31.45
C VAL B 760 18.12 -26.49 31.42
N MET B 761 17.85 -27.27 30.39
CA MET B 761 18.22 -28.68 30.36
C MET B 761 19.72 -28.94 30.55
N PRO B 762 20.67 -28.21 29.95
CA PRO B 762 22.09 -28.40 30.22
C PRO B 762 22.47 -28.10 31.68
N LEU B 763 21.76 -27.20 32.35
CA LEU B 763 21.93 -26.92 33.78
C LEU B 763 21.35 -28.01 34.68
N ARG B 764 20.81 -29.08 34.09
CA ARG B 764 20.23 -30.17 34.88
C ARG B 764 20.80 -31.51 34.48
N ALA B 765 21.89 -31.54 33.74
CA ALA B 765 22.61 -32.74 33.39
C ALA B 765 22.82 -33.64 34.60
N SER B 766 22.53 -34.93 34.46
CA SER B 766 22.74 -35.96 35.48
C SER B 766 24.21 -36.19 35.82
N ASN B 767 25.11 -35.52 35.09
CA ASN B 767 26.51 -35.41 35.41
C ASN B 767 26.73 -34.81 36.82
N PHE B 768 25.92 -33.84 37.21
CA PHE B 768 25.98 -33.17 38.51
C PHE B 768 25.35 -33.99 39.63
N HIS B 769 25.77 -33.79 40.87
CA HIS B 769 24.97 -34.20 42.03
C HIS B 769 23.80 -33.24 42.23
N TYR B 770 22.69 -33.69 42.79
CA TYR B 770 21.50 -32.85 42.95
C TYR B 770 21.79 -31.58 43.77
N HIS B 771 22.63 -31.70 44.79
CA HIS B 771 22.99 -30.57 45.65
C HIS B 771 23.83 -29.48 44.96
N GLU B 772 24.49 -29.78 43.84
CA GLU B 772 25.30 -28.80 43.09
C GLU B 772 24.61 -28.28 41.82
N LEU B 773 23.36 -28.66 41.57
CA LEU B 773 22.54 -28.01 40.55
C LEU B 773 22.28 -26.56 40.93
N LYS B 774 22.65 -25.61 40.07
CA LYS B 774 22.35 -24.18 40.28
C LYS B 774 20.84 -23.97 40.17
N PRO B 775 20.15 -23.45 41.20
CA PRO B 775 18.73 -23.14 41.07
C PRO B 775 18.53 -22.02 40.05
N THR B 776 17.39 -22.00 39.39
CA THR B 776 17.14 -21.11 38.26
C THR B 776 15.86 -20.36 38.48
N ILE B 777 15.87 -19.04 38.27
CA ILE B 777 14.68 -18.20 38.36
C ILE B 777 14.50 -17.49 37.05
N ILE B 778 13.32 -17.60 36.43
CA ILE B 778 13.00 -16.84 35.24
C ILE B 778 12.18 -15.63 35.68
N VAL B 779 12.62 -14.44 35.30
CA VAL B 779 11.90 -13.19 35.51
C VAL B 779 11.33 -12.80 34.16
N GLY B 780 10.02 -12.69 34.01
CA GLY B 780 9.44 -12.35 32.72
C GLY B 780 7.92 -12.36 32.67
N ASN B 781 7.37 -12.22 31.47
CA ASN B 781 5.93 -12.18 31.23
C ASN B 781 5.26 -13.52 31.56
N LEU B 782 4.26 -13.48 32.45
CA LEU B 782 3.63 -14.67 33.01
C LEU B 782 2.80 -15.43 31.97
N ASP B 783 2.08 -14.73 31.09
CA ASP B 783 1.30 -15.35 30.03
C ASP B 783 2.17 -16.04 28.98
N TYR B 784 3.35 -15.49 28.70
CA TYR B 784 4.34 -16.17 27.87
C TYR B 784 4.85 -17.44 28.55
N LEU B 785 5.21 -17.34 29.83
CA LEU B 785 5.77 -18.46 30.57
C LEU B 785 4.79 -19.62 30.72
N HIS B 786 3.51 -19.37 30.69
CA HIS B 786 2.59 -20.48 30.72
C HIS B 786 2.76 -21.26 29.46
N ARG B 787 3.06 -20.60 28.37
CA ARG B 787 3.13 -21.29 27.10
C ARG B 787 4.32 -22.20 27.02
N GLU B 788 5.39 -21.85 27.71
CA GLU B 788 6.61 -22.64 27.64
C GLU B 788 6.62 -23.65 28.73
N TRP B 789 5.89 -23.38 29.77
CA TRP B 789 5.89 -24.25 30.94
C TRP B 789 5.74 -25.73 30.64
N LYS B 790 4.95 -26.07 29.61
CA LYS B 790 4.73 -27.46 29.17
C LYS B 790 6.03 -28.23 28.94
N THR B 791 7.06 -27.52 28.48
CA THR B 791 8.41 -28.06 28.24
C THR B 791 9.33 -27.99 29.45
N LEU B 792 9.15 -27.02 30.36
CA LEU B 792 10.00 -26.80 31.53
C LEU B 792 9.60 -27.62 32.74
N GLN B 793 8.34 -28.02 32.85
CA GLN B 793 7.76 -28.55 34.08
C GLN B 793 8.45 -29.79 34.66
N ASN B 794 9.25 -30.51 33.88
CA ASN B 794 9.96 -31.69 34.33
C ASN B 794 11.34 -31.41 34.94
N PHE B 795 11.75 -30.16 35.13
CA PHE B 795 13.05 -29.84 35.71
C PHE B 795 12.95 -29.41 37.18
N PRO B 796 13.85 -29.90 38.06
CA PRO B 796 13.89 -29.49 39.47
C PRO B 796 14.51 -28.11 39.66
N LYS B 797 14.37 -27.55 40.86
CA LYS B 797 15.04 -26.31 41.33
C LYS B 797 14.84 -25.14 40.37
N LEU B 798 13.60 -24.95 39.93
CA LEU B 798 13.22 -23.96 38.95
C LEU B 798 12.03 -23.16 39.48
N SER B 799 12.07 -21.84 39.39
CA SER B 799 10.97 -20.98 39.81
C SER B 799 10.79 -19.78 38.89
N ILE B 800 9.65 -19.11 39.02
CA ILE B 800 9.27 -17.99 38.16
C ILE B 800 8.87 -16.81 39.03
N LEU B 801 9.39 -15.64 38.70
CA LEU B 801 8.94 -14.36 39.25
C LEU B 801 8.29 -13.58 38.10
N PRO B 802 6.98 -13.31 38.13
CA PRO B 802 6.32 -12.66 37.02
C PRO B 802 6.60 -11.15 37.00
N GLY B 803 6.70 -10.56 35.82
CA GLY B 803 6.87 -9.13 35.62
C GLY B 803 8.17 -8.74 34.94
N SER B 804 8.35 -7.45 34.66
CA SER B 804 9.45 -6.96 33.83
C SER B 804 10.82 -7.14 34.50
N PRO B 805 11.85 -7.64 33.79
CA PRO B 805 13.22 -7.63 34.29
C PRO B 805 13.83 -6.24 34.44
N LEU B 806 13.23 -5.19 33.87
CA LEU B 806 13.74 -3.82 34.03
C LEU B 806 13.40 -3.23 35.41
N ASN B 807 12.44 -3.81 36.12
CA ASN B 807 12.04 -3.34 37.43
C ASN B 807 13.09 -3.72 38.50
N ARG B 808 13.71 -2.74 39.17
CA ARG B 808 14.74 -3.01 40.17
C ARG B 808 14.24 -3.79 41.38
N ALA B 809 12.99 -3.64 41.80
CA ALA B 809 12.46 -4.45 42.89
C ALA B 809 12.43 -5.94 42.54
N ASN B 810 12.13 -6.31 41.30
CA ASN B 810 12.26 -7.71 40.86
C ASN B 810 13.71 -8.19 40.95
N LEU B 811 14.66 -7.40 40.46
CA LEU B 811 16.07 -7.78 40.47
C LEU B 811 16.64 -7.89 41.88
N ARG B 812 16.19 -7.07 42.80
CA ARG B 812 16.66 -7.20 44.15
C ARG B 812 15.95 -8.35 44.84
N ALA B 813 14.68 -8.54 44.56
CA ALA B 813 13.97 -9.66 45.15
C ALA B 813 14.57 -11.01 44.76
N VAL B 814 15.09 -11.14 43.54
CA VAL B 814 15.75 -12.37 43.07
C VAL B 814 17.24 -12.42 43.41
N ASN B 815 17.75 -11.57 44.31
CA ASN B 815 19.14 -11.50 44.72
C ASN B 815 20.12 -11.41 43.55
N ILE B 816 19.88 -10.53 42.58
CA ILE B 816 20.68 -10.43 41.36
C ILE B 816 22.19 -10.33 41.63
N ASN B 817 22.61 -9.68 42.70
CA ASN B 817 24.02 -9.52 43.07
C ASN B 817 24.70 -10.80 43.58
N LEU B 818 23.94 -11.83 43.95
CA LEU B 818 24.47 -13.09 44.47
C LEU B 818 24.45 -14.23 43.44
N CYS B 819 23.91 -13.99 42.25
CA CYS B 819 23.79 -15.03 41.23
C CYS B 819 25.17 -15.40 40.63
N ASP B 820 25.29 -16.60 40.08
CA ASP B 820 26.44 -17.01 39.27
C ASP B 820 26.33 -16.60 37.81
N MET B 821 25.13 -16.36 37.30
CA MET B 821 24.93 -15.81 35.96
C MET B 821 23.58 -15.13 35.84
N CYS B 822 23.54 -13.97 35.21
CA CYS B 822 22.32 -13.39 34.70
C CYS B 822 22.29 -13.52 33.17
N VAL B 823 21.25 -14.14 32.64
CA VAL B 823 21.07 -14.41 31.22
C VAL B 823 19.99 -13.48 30.71
N ILE B 824 20.32 -12.58 29.80
CA ILE B 824 19.38 -11.59 29.28
C ILE B 824 19.00 -11.99 27.87
N VAL B 825 17.74 -12.34 27.65
CA VAL B 825 17.24 -12.91 26.39
C VAL B 825 15.92 -12.26 26.01
N SER B 826 15.74 -11.96 24.72
CA SER B 826 14.47 -11.45 24.20
C SER B 826 13.80 -12.47 23.31
N ALA B 827 12.56 -12.84 23.66
CA ALA B 827 11.66 -13.62 22.83
C ALA B 827 10.87 -12.78 21.83
N LYS B 828 10.88 -11.44 21.98
CA LYS B 828 10.24 -10.53 21.02
C LYS B 828 10.85 -10.70 19.62
N ASP B 829 10.15 -10.22 18.60
CA ASP B 829 10.30 -10.71 17.22
C ASP B 829 11.71 -10.59 16.57
N ARG B 830 12.62 -9.81 17.15
CA ARG B 830 13.97 -9.54 16.61
C ARG B 830 13.98 -8.86 15.24
N ASN B 831 12.87 -8.24 14.83
CA ASN B 831 12.67 -7.62 13.51
C ASN B 831 11.92 -6.27 13.56
N MET B 832 11.30 -5.92 14.69
CA MET B 832 10.57 -4.67 14.89
C MET B 832 11.39 -3.42 14.57
N GLU B 833 10.72 -2.41 14.00
CA GLU B 833 11.24 -1.07 13.74
C GLU B 833 12.64 -1.06 13.07
N ASP B 834 13.55 -0.25 13.53
CA ASP B 834 14.90 -0.07 13.00
C ASP B 834 15.94 -0.94 13.75
N PRO B 835 17.14 -1.15 13.20
CA PRO B 835 18.15 -2.03 13.79
C PRO B 835 18.79 -1.52 15.08
N ASN B 836 18.48 -0.30 15.50
CA ASN B 836 18.90 0.28 16.77
C ASN B 836 17.91 -0.10 17.87
N LEU B 837 16.62 0.02 17.61
CA LEU B 837 15.55 -0.29 18.55
C LEU B 837 15.47 -1.79 18.89
N VAL B 838 15.93 -2.67 18.01
CA VAL B 838 15.71 -4.12 18.16
C VAL B 838 16.32 -4.72 19.44
N ASP B 839 17.39 -4.14 19.98
CA ASP B 839 18.04 -4.60 21.22
C ASP B 839 17.79 -3.69 22.42
N LYS B 840 16.77 -2.81 22.38
CA LYS B 840 16.51 -1.82 23.42
C LYS B 840 16.42 -2.44 24.81
N GLU B 841 15.56 -3.44 25.03
CA GLU B 841 15.44 -4.04 26.35
C GLU B 841 16.70 -4.76 26.79
N ALA B 842 17.39 -5.48 25.90
CA ALA B 842 18.60 -6.19 26.27
C ALA B 842 19.70 -5.22 26.72
N ILE B 843 19.87 -4.11 26.01
CA ILE B 843 20.83 -3.07 26.38
C ILE B 843 20.40 -2.38 27.67
N LEU B 844 19.15 -1.93 27.79
CA LEU B 844 18.69 -1.25 28.99
C LEU B 844 18.76 -2.14 30.21
N CYS B 845 18.42 -3.43 30.10
CA CYS B 845 18.52 -4.37 31.20
C CYS B 845 19.96 -4.55 31.65
N SER B 846 20.88 -4.73 30.70
CA SER B 846 22.31 -4.83 30.98
C SER B 846 22.83 -3.59 31.70
N LEU B 847 22.57 -2.39 31.18
CA LEU B 847 22.99 -1.13 31.79
C LEU B 847 22.34 -0.91 33.15
N ASN B 848 21.04 -1.20 33.29
CA ASN B 848 20.33 -1.07 34.55
C ASN B 848 20.92 -1.97 35.63
N ILE B 849 21.28 -3.20 35.31
CA ILE B 849 21.91 -4.09 36.29
C ILE B 849 23.28 -3.54 36.69
N LYS B 850 24.11 -3.12 35.74
CA LYS B 850 25.43 -2.55 36.06
C LYS B 850 25.36 -1.28 36.88
N ALA B 851 24.30 -0.50 36.75
CA ALA B 851 24.11 0.74 37.47
C ALA B 851 23.65 0.57 38.94
N MET B 852 23.13 -0.59 39.33
CA MET B 852 22.68 -0.82 40.72
C MET B 852 23.83 -0.84 41.73
N THR B 853 23.50 -0.63 43.01
CA THR B 853 24.38 -0.89 44.15
C THR B 853 23.65 -1.71 45.21
N PHE B 854 24.40 -2.51 45.95
CA PHE B 854 23.88 -3.51 46.90
C PHE B 854 24.49 -3.34 48.31
N ASP B 855 24.89 -2.12 48.64
CA ASP B 855 25.55 -1.73 49.88
C ASP B 855 24.68 -1.88 51.15
N ASP B 856 23.36 -2.08 51.00
CA ASP B 856 22.44 -2.28 52.11
C ASP B 856 22.76 -3.54 52.93
N ALA B 882 27.61 -3.38 44.51
CA ALA B 882 28.61 -4.10 43.74
C ALA B 882 28.46 -3.95 42.21
N GLY B 883 27.26 -3.61 41.74
CA GLY B 883 26.97 -3.19 40.36
C GLY B 883 27.59 -4.07 39.28
N ALA B 884 28.51 -3.49 38.49
CA ALA B 884 29.18 -4.14 37.36
C ALA B 884 29.99 -5.41 37.69
N ASN B 885 30.16 -5.76 38.97
CA ASN B 885 30.75 -7.05 39.36
C ASN B 885 29.84 -8.26 39.06
N VAL B 886 28.53 -8.08 38.90
CA VAL B 886 27.62 -9.19 38.58
C VAL B 886 27.84 -9.71 37.15
N PRO B 887 27.93 -11.03 36.92
CA PRO B 887 28.20 -11.57 35.59
C PRO B 887 26.94 -11.61 34.72
N LEU B 888 27.02 -11.05 33.52
CA LEU B 888 25.93 -11.02 32.54
C LEU B 888 26.30 -11.78 31.28
N ILE B 889 25.35 -12.44 30.64
CA ILE B 889 25.44 -12.86 29.24
C ILE B 889 24.21 -12.31 28.52
N THR B 890 24.40 -11.55 27.46
CA THR B 890 23.34 -10.93 26.66
C THR B 890 23.26 -11.56 25.30
N GLU B 891 22.09 -12.08 24.94
CA GLU B 891 21.75 -12.42 23.56
C GLU B 891 21.43 -11.14 22.79
N LEU B 892 22.09 -10.89 21.66
CA LEU B 892 21.87 -9.74 20.79
C LEU B 892 21.16 -10.13 19.50
N ALA B 893 20.08 -9.43 19.15
CA ALA B 893 19.38 -9.62 17.89
C ALA B 893 20.16 -9.04 16.70
N ASN B 894 20.81 -7.90 16.88
CA ASN B 894 21.71 -7.32 15.88
C ASN B 894 23.13 -7.22 16.46
N ASP B 895 24.09 -7.90 15.85
CA ASP B 895 25.48 -7.92 16.31
C ASP B 895 26.10 -6.53 16.40
N SER B 896 25.66 -5.56 15.61
CA SER B 896 26.16 -4.17 15.63
C SER B 896 25.88 -3.47 16.96
N ASN B 897 24.85 -3.88 17.70
CA ASN B 897 24.51 -3.28 18.98
C ASN B 897 25.45 -3.66 20.11
N VAL B 898 26.40 -4.59 19.89
CA VAL B 898 27.38 -4.99 20.90
C VAL B 898 28.15 -3.79 21.45
N GLN B 899 28.38 -2.76 20.64
CA GLN B 899 29.12 -1.57 21.06
C GLN B 899 28.47 -0.83 22.22
N PHE B 900 27.16 -0.95 22.43
CA PHE B 900 26.47 -0.26 23.53
C PHE B 900 26.59 -0.99 24.86
N LEU B 901 27.09 -2.23 24.89
CA LEU B 901 27.06 -3.03 26.11
C LEU B 901 28.07 -2.60 27.17
N ASP B 902 29.17 -1.95 26.83
CA ASP B 902 30.17 -1.54 27.82
C ASP B 902 30.95 -0.27 27.46
N GLN B 903 31.61 0.31 28.46
CA GLN B 903 32.28 1.60 28.43
C GLN B 903 33.81 1.42 28.37
N ASP B 904 34.50 2.33 27.69
CA ASP B 904 35.93 2.19 27.37
C ASP B 904 36.27 0.93 26.54
N ASP B 905 35.33 0.49 25.69
CA ASP B 905 35.57 -0.53 24.66
C ASP B 905 36.38 -0.01 23.47
N ASP B 906 36.44 1.31 23.24
CA ASP B 906 36.93 1.92 22.00
C ASP B 906 36.22 1.34 20.77
N ASP B 907 34.92 1.60 20.67
CA ASP B 907 34.03 1.01 19.68
C ASP B 907 34.35 1.42 18.24
N ASP B 908 34.20 0.49 17.29
CA ASP B 908 34.20 0.74 15.84
C ASP B 908 33.02 0.02 15.18
N PRO B 909 32.32 0.62 14.19
CA PRO B 909 31.21 -0.04 13.52
C PRO B 909 31.61 -1.23 12.62
N ASP B 910 32.87 -1.28 12.18
CA ASP B 910 33.33 -2.22 11.15
C ASP B 910 34.15 -3.42 11.66
N THR B 911 34.48 -3.50 12.96
CA THR B 911 35.02 -4.74 13.53
C THR B 911 33.94 -5.82 13.55
N GLU B 912 34.30 -7.05 13.16
CA GLU B 912 33.42 -8.21 13.29
C GLU B 912 33.09 -8.48 14.77
N LEU B 913 31.94 -9.06 15.08
CA LEU B 913 31.49 -9.26 16.46
C LEU B 913 32.54 -9.94 17.32
N TYR B 914 33.18 -10.99 16.80
CA TYR B 914 34.13 -11.78 17.56
C TYR B 914 35.35 -11.00 18.04
N MET B 915 35.70 -9.87 17.43
CA MET B 915 36.82 -9.02 17.86
C MET B 915 36.43 -8.06 18.97
N THR B 916 35.13 -7.77 19.15
CA THR B 916 34.69 -6.75 20.09
C THR B 916 34.91 -7.20 21.54
N GLN B 917 35.25 -6.26 22.42
CA GLN B 917 35.52 -6.56 23.82
C GLN B 917 34.39 -7.33 24.52
N PRO B 918 33.10 -7.01 24.36
CA PRO B 918 32.05 -7.74 25.06
C PRO B 918 31.99 -9.21 24.65
N PHE B 919 32.21 -9.52 23.38
CA PHE B 919 32.28 -10.92 22.94
C PHE B 919 33.54 -11.61 23.43
N ALA B 920 34.70 -10.97 23.35
CA ALA B 920 35.95 -11.54 23.83
C ALA B 920 35.92 -11.88 25.32
N CYS B 921 35.16 -11.14 26.10
CA CYS B 921 34.94 -11.39 27.53
C CYS B 921 33.86 -12.44 27.83
N GLY B 922 33.05 -12.81 26.85
CA GLY B 922 31.92 -13.72 27.05
C GLY B 922 30.70 -13.08 27.69
N THR B 923 30.56 -11.77 27.59
CA THR B 923 29.40 -11.00 28.08
C THR B 923 28.28 -10.89 27.04
N ALA B 924 28.59 -11.15 25.78
CA ALA B 924 27.65 -11.04 24.67
C ALA B 924 27.66 -12.30 23.83
N PHE B 925 26.55 -12.58 23.17
CA PHE B 925 26.41 -13.65 22.20
C PHE B 925 25.44 -13.22 21.10
N ALA B 926 25.56 -13.78 19.91
CA ALA B 926 24.62 -13.56 18.83
C ALA B 926 24.58 -14.77 17.91
N VAL B 927 23.48 -14.97 17.20
CA VAL B 927 23.32 -16.06 16.23
C VAL B 927 24.37 -16.04 15.12
N SER B 928 24.89 -14.88 14.75
CA SER B 928 25.84 -14.74 13.63
C SER B 928 27.15 -15.50 13.84
N VAL B 929 27.54 -15.85 15.07
CA VAL B 929 28.74 -16.67 15.28
C VAL B 929 28.52 -18.15 14.98
N LEU B 930 27.28 -18.61 14.87
CA LEU B 930 26.94 -20.03 14.71
C LEU B 930 26.81 -20.50 13.27
N ASP B 931 26.66 -19.63 12.28
CA ASP B 931 26.24 -20.07 10.94
C ASP B 931 27.32 -20.84 10.15
N SER B 932 28.57 -20.81 10.56
CA SER B 932 29.62 -21.71 10.09
C SER B 932 29.38 -23.16 10.51
N LEU B 933 28.45 -23.47 11.40
CA LEU B 933 28.10 -24.84 11.72
C LEU B 933 27.46 -25.57 10.55
N MET B 934 26.99 -24.87 9.52
CA MET B 934 26.66 -25.51 8.24
C MET B 934 27.89 -26.18 7.63
N SER B 935 28.95 -25.42 7.40
CA SER B 935 30.18 -25.94 6.80
C SER B 935 30.88 -26.93 7.72
N THR B 936 30.91 -26.75 9.04
CA THR B 936 31.51 -27.80 9.89
C THR B 936 30.67 -29.07 9.89
N SER B 937 29.34 -29.00 9.90
CA SER B 937 28.49 -30.19 9.78
C SER B 937 28.76 -30.95 8.50
N TYR B 938 29.02 -30.26 7.38
CA TYR B 938 29.43 -30.92 6.15
C TYR B 938 30.83 -31.53 6.25
N PHE B 939 31.85 -30.77 6.65
CA PHE B 939 33.23 -31.25 6.59
C PHE B 939 33.60 -32.28 7.65
N ASN B 940 32.98 -32.28 8.82
CA ASN B 940 33.11 -33.35 9.81
C ASN B 940 31.89 -33.47 10.72
N ASP B 941 30.96 -34.32 10.33
CA ASP B 941 29.74 -34.64 11.08
C ASP B 941 30.03 -35.03 12.53
N ASN B 942 31.04 -35.88 12.73
CA ASN B 942 31.46 -36.32 14.05
C ASN B 942 31.79 -35.14 14.97
N ALA B 943 32.44 -34.10 14.46
CA ALA B 943 32.79 -32.92 15.25
C ALA B 943 31.54 -32.12 15.67
N LEU B 944 30.48 -32.06 14.87
CA LEU B 944 29.23 -31.47 15.35
C LEU B 944 28.66 -32.27 16.52
N THR B 945 28.73 -33.60 16.53
CA THR B 945 28.26 -34.37 17.70
C THR B 945 29.14 -34.12 18.93
N LEU B 946 30.43 -33.86 18.76
CA LEU B 946 31.30 -33.45 19.87
C LEU B 946 30.81 -32.15 20.50
N ILE B 947 30.49 -31.16 19.69
CA ILE B 947 30.03 -29.93 20.27
C ILE B 947 28.76 -30.20 21.00
N ARG B 948 27.81 -30.85 20.38
CA ARG B 948 26.52 -31.00 21.01
C ARG B 948 26.57 -31.83 22.25
N THR B 949 27.30 -32.92 22.30
CA THR B 949 27.34 -33.64 23.54
C THR B 949 27.68 -32.68 24.65
N LEU B 950 28.60 -31.78 24.40
CA LEU B 950 29.01 -30.83 25.42
C LEU B 950 27.92 -29.77 25.65
N ILE B 951 27.50 -29.07 24.60
CA ILE B 951 26.62 -27.92 24.68
C ILE B 951 25.21 -28.26 25.18
N THR B 952 24.68 -29.44 24.86
CA THR B 952 23.38 -29.88 25.39
C THR B 952 23.49 -30.51 26.77
N GLY B 953 24.68 -30.71 27.30
CA GLY B 953 24.89 -31.50 28.51
C GLY B 953 24.63 -32.99 28.34
N GLY B 954 24.53 -33.49 27.09
CA GLY B 954 24.44 -34.92 26.80
C GLY B 954 23.10 -35.38 26.23
N ALA B 955 22.36 -34.54 25.50
CA ALA B 955 21.22 -35.01 24.72
C ALA B 955 21.66 -35.99 23.62
N THR B 956 20.76 -36.89 23.22
CA THR B 956 21.04 -38.01 22.31
C THR B 956 19.93 -38.17 21.29
N PRO B 957 20.15 -38.91 20.18
CA PRO B 957 19.09 -39.23 19.23
C PRO B 957 17.90 -39.93 19.89
N GLU B 958 18.15 -40.78 20.89
CA GLU B 958 17.10 -41.43 21.68
C GLU B 958 16.21 -40.40 22.40
N LEU B 959 16.81 -39.43 23.08
CA LEU B 959 16.06 -38.38 23.76
C LEU B 959 15.30 -37.51 22.76
N GLU B 960 15.92 -37.14 21.64
CA GLU B 960 15.27 -36.38 20.58
C GLU B 960 14.06 -37.12 20.00
N GLN B 961 14.17 -38.43 19.81
CA GLN B 961 13.05 -39.26 19.37
C GLN B 961 11.96 -39.36 20.44
N ILE B 962 12.28 -39.56 21.72
CA ILE B 962 11.28 -39.61 22.79
C ILE B 962 10.49 -38.30 22.86
N LEU B 963 11.13 -37.15 22.71
CA LEU B 963 10.43 -35.87 22.63
C LEU B 963 9.59 -35.75 21.35
N ALA B 964 10.10 -36.18 20.20
CA ALA B 964 9.36 -36.17 18.94
C ALA B 964 8.14 -37.10 18.95
N GLU B 965 8.07 -38.07 19.87
CA GLU B 965 6.89 -38.89 20.13
C GLU B 965 5.73 -38.12 20.78
N GLY B 966 5.91 -36.84 21.14
CA GLY B 966 4.85 -35.92 21.57
C GLY B 966 4.30 -36.10 22.98
N ALA B 967 4.75 -37.12 23.71
CA ALA B 967 4.31 -37.43 25.06
C ALA B 967 4.91 -36.54 26.17
N GLY B 968 5.85 -35.65 25.85
CA GLY B 968 6.67 -34.92 26.81
C GLY B 968 7.83 -35.77 27.36
N MET B 969 8.72 -35.15 28.12
CA MET B 969 9.93 -35.81 28.64
C MET B 969 9.57 -36.86 29.70
N ARG B 970 9.63 -38.12 29.32
CA ARG B 970 9.35 -39.19 30.25
C ARG B 970 10.51 -39.44 31.16
N GLY B 971 10.22 -39.82 32.38
CA GLY B 971 11.27 -40.11 33.36
C GLY B 971 10.75 -40.83 34.59
N GLY B 972 11.61 -41.04 35.58
CA GLY B 972 11.31 -41.77 36.81
C GLY B 972 12.58 -42.20 37.55
N TYR B 973 12.49 -43.23 38.38
CA TYR B 973 13.67 -43.96 38.86
C TYR B 973 14.27 -44.82 37.75
N CYS B 974 15.57 -45.09 37.80
CA CYS B 974 16.34 -45.68 36.70
C CYS B 974 17.32 -46.77 37.16
N SER B 975 17.71 -47.64 36.23
CA SER B 975 18.57 -48.80 36.50
C SER B 975 20.05 -48.42 36.67
N PRO B 976 20.86 -49.21 37.39
CA PRO B 976 22.31 -49.04 37.45
C PRO B 976 22.99 -49.05 36.07
N ALA B 977 22.42 -49.77 35.11
CA ALA B 977 22.93 -49.85 33.75
C ALA B 977 22.84 -48.51 33.00
N VAL B 978 21.73 -47.78 33.12
CA VAL B 978 21.59 -46.46 32.48
C VAL B 978 22.24 -45.36 33.32
N LEU B 979 22.25 -45.48 34.64
CA LEU B 979 22.95 -44.57 35.55
C LEU B 979 24.47 -44.52 35.30
N ALA B 980 25.06 -45.52 34.65
CA ALA B 980 26.45 -45.47 34.21
C ALA B 980 26.76 -44.24 33.33
N ASN B 981 25.78 -43.70 32.61
CA ASN B 981 25.92 -42.47 31.82
C ASN B 981 26.18 -41.21 32.65
N ARG B 982 26.05 -41.26 33.97
CA ARG B 982 26.37 -40.10 34.81
C ARG B 982 27.86 -39.86 34.86
N ASP B 983 28.66 -40.90 34.80
CA ASP B 983 30.11 -40.79 34.73
C ASP B 983 30.54 -40.43 33.31
N ARG B 984 30.42 -39.15 32.94
CA ARG B 984 30.80 -38.62 31.63
C ARG B 984 31.50 -37.27 31.73
N CYS B 985 32.22 -36.85 30.71
CA CYS B 985 32.99 -35.61 30.83
C CYS B 985 32.19 -34.34 30.75
N ARG B 986 32.65 -33.30 31.44
CA ARG B 986 31.97 -32.01 31.40
C ARG B 986 32.99 -30.93 31.37
N VAL B 987 32.58 -29.75 30.93
CA VAL B 987 33.48 -28.63 30.93
C VAL B 987 33.35 -27.94 32.25
N ALA B 988 34.46 -27.62 32.83
CA ALA B 988 34.50 -26.93 34.10
C ALA B 988 35.55 -25.82 34.04
N GLN B 989 35.53 -24.89 34.99
CA GLN B 989 36.49 -23.80 35.08
C GLN B 989 37.07 -23.77 36.48
N ILE B 990 38.39 -23.75 36.60
CA ILE B 990 39.08 -23.84 37.91
C ILE B 990 40.14 -22.75 38.04
N SER B 991 40.49 -22.39 39.27
CA SER B 991 41.36 -21.25 39.57
C SER B 991 42.77 -21.66 39.97
N LEU B 992 43.78 -20.92 39.51
CA LEU B 992 45.16 -21.06 39.95
C LEU B 992 45.49 -20.26 41.24
N PHE B 993 44.51 -19.63 41.88
CA PHE B 993 44.77 -18.83 43.09
C PHE B 993 45.15 -19.69 44.31
N ASP B 994 44.57 -20.88 44.44
CA ASP B 994 44.73 -21.78 45.57
C ASP B 994 44.56 -23.26 45.17
N GLY B 995 44.90 -24.19 46.06
CA GLY B 995 44.89 -25.63 45.78
C GLY B 995 46.16 -26.13 45.05
N PRO B 996 46.20 -27.40 44.62
CA PRO B 996 47.42 -28.04 44.16
C PRO B 996 48.03 -27.40 42.91
N LEU B 997 47.20 -26.83 42.05
CA LEU B 997 47.65 -26.17 40.81
C LEU B 997 48.16 -24.74 41.02
N ALA B 998 48.05 -24.16 42.22
CA ALA B 998 48.49 -22.79 42.47
C ALA B 998 49.99 -22.57 42.23
N GLN B 999 50.80 -23.62 42.38
CA GLN B 999 52.22 -23.60 42.05
C GLN B 999 52.51 -23.14 40.61
N PHE B 1000 51.58 -23.37 39.67
CA PHE B 1000 51.74 -22.93 38.29
C PHE B 1000 51.30 -21.48 38.10
N GLY B 1001 50.25 -21.03 38.81
CA GLY B 1001 49.86 -19.63 38.81
C GLY B 1001 50.97 -18.70 39.31
N GLN B 1002 51.77 -19.18 40.28
CA GLN B 1002 52.94 -18.50 40.82
C GLN B 1002 54.15 -18.53 39.87
N GLY B 1003 53.98 -17.99 38.66
CA GLY B 1003 55.07 -17.78 37.69
C GLY B 1003 55.46 -18.99 36.85
N GLY B 1004 54.66 -20.06 36.81
CA GLY B 1004 54.84 -21.18 35.89
C GLY B 1004 54.34 -20.88 34.47
N HIS B 1005 54.36 -21.89 33.61
CA HIS B 1005 53.94 -21.81 32.20
C HIS B 1005 52.80 -22.77 31.89
N TYR B 1006 51.94 -22.42 30.94
CA TYR B 1006 50.77 -23.22 30.59
C TYR B 1006 51.10 -24.66 30.24
N GLY B 1007 52.23 -24.91 29.58
CA GLY B 1007 52.67 -26.25 29.24
C GLY B 1007 52.95 -27.13 30.47
N GLU B 1008 53.47 -26.54 31.54
CA GLU B 1008 53.73 -27.25 32.80
C GLU B 1008 52.41 -27.65 33.46
N LEU B 1009 51.48 -26.70 33.55
CA LEU B 1009 50.15 -26.88 34.08
C LEU B 1009 49.39 -27.99 33.34
N PHE B 1010 49.38 -27.95 32.00
CA PHE B 1010 48.66 -28.92 31.18
C PHE B 1010 49.13 -30.34 31.48
N VAL B 1011 50.44 -30.58 31.42
CA VAL B 1011 51.00 -31.91 31.65
C VAL B 1011 50.76 -32.37 33.08
N TYR B 1012 50.95 -31.50 34.06
CA TYR B 1012 50.75 -31.87 35.45
C TYR B 1012 49.30 -32.24 35.73
N ALA B 1013 48.33 -31.44 35.29
CA ALA B 1013 46.92 -31.69 35.57
C ALA B 1013 46.40 -32.95 34.87
N LEU B 1014 46.86 -33.20 33.66
CA LEU B 1014 46.53 -34.41 32.91
C LEU B 1014 47.07 -35.65 33.60
N ARG B 1015 48.33 -35.62 34.05
CA ARG B 1015 48.97 -36.74 34.74
C ARG B 1015 48.36 -37.03 36.11
N HIS B 1016 48.21 -36.02 36.95
CA HIS B 1016 47.79 -36.22 38.34
C HIS B 1016 46.27 -36.35 38.51
N PHE B 1017 45.47 -35.75 37.63
CA PHE B 1017 44.01 -35.67 37.80
C PHE B 1017 43.20 -36.11 36.59
N GLY B 1018 43.82 -36.39 35.44
CA GLY B 1018 43.09 -36.61 34.19
C GLY B 1018 42.37 -35.36 33.67
N ILE B 1019 42.69 -34.19 34.23
CA ILE B 1019 42.12 -32.90 33.86
C ILE B 1019 42.81 -32.42 32.60
N LEU B 1020 42.05 -32.18 31.53
CA LEU B 1020 42.59 -31.78 30.23
C LEU B 1020 42.30 -30.29 30.02
N CYS B 1021 43.32 -29.44 30.10
CA CYS B 1021 43.16 -27.98 29.97
C CYS B 1021 43.00 -27.55 28.51
N ILE B 1022 42.04 -26.67 28.23
CA ILE B 1022 41.73 -26.23 26.86
C ILE B 1022 41.89 -24.73 26.65
N GLY B 1023 42.07 -23.93 27.70
CA GLY B 1023 42.29 -22.50 27.56
C GLY B 1023 42.21 -21.75 28.88
N LEU B 1024 42.41 -20.45 28.83
CA LEU B 1024 42.51 -19.56 29.99
C LEU B 1024 41.39 -18.52 29.97
N TYR B 1025 41.01 -18.03 31.15
CA TYR B 1025 40.12 -16.90 31.35
C TYR B 1025 40.81 -15.88 32.24
N ARG B 1026 41.43 -14.86 31.63
CA ARG B 1026 42.42 -13.98 32.26
C ARG B 1026 41.87 -12.56 32.44
N PHE B 1027 42.22 -11.90 33.54
CA PHE B 1027 41.76 -10.55 33.78
C PHE B 1027 42.29 -9.65 32.71
N ARG B 1028 41.47 -8.77 32.21
CA ARG B 1028 41.87 -7.92 31.12
C ARG B 1028 42.92 -6.96 31.58
N ASP B 1029 42.76 -6.45 32.78
CA ASP B 1029 43.71 -5.50 33.30
C ASP B 1029 44.31 -5.96 34.61
N THR B 1030 45.59 -5.68 34.80
CA THR B 1030 46.31 -6.19 35.98
C THR B 1030 46.91 -5.04 36.81
N ASN B 1031 46.56 -4.96 38.09
CA ASN B 1031 47.03 -3.92 39.01
C ASN B 1031 46.89 -4.35 40.48
N PRO B 1037 42.08 -2.44 37.38
CA PRO B 1037 41.22 -2.60 38.55
C PRO B 1037 39.82 -3.17 38.24
N SER B 1038 39.48 -3.42 36.97
CA SER B 1038 38.17 -3.95 36.57
C SER B 1038 38.05 -5.47 36.78
N SER B 1039 36.82 -5.97 36.86
CA SER B 1039 36.57 -7.41 37.04
C SER B 1039 36.55 -8.21 35.73
N LYS B 1040 36.66 -7.55 34.59
CA LYS B 1040 36.51 -8.26 33.30
C LYS B 1040 37.63 -9.21 32.99
N ARG B 1041 37.31 -10.32 32.34
CA ARG B 1041 38.30 -11.31 31.98
C ARG B 1041 38.09 -11.68 30.53
N TYR B 1042 39.10 -12.22 29.86
CA TYR B 1042 38.98 -12.60 28.47
C TYR B 1042 39.41 -14.01 28.21
N VAL B 1043 38.91 -14.60 27.13
CA VAL B 1043 39.23 -15.99 26.80
C VAL B 1043 40.57 -16.10 26.08
N ILE B 1044 41.34 -17.16 26.34
CA ILE B 1044 42.54 -17.50 25.58
C ILE B 1044 42.49 -18.98 25.24
N THR B 1045 41.97 -19.33 24.06
CA THR B 1045 41.89 -20.73 23.64
C THR B 1045 43.28 -21.30 23.42
N ASN B 1046 43.57 -22.45 24.03
CA ASN B 1046 44.80 -23.24 23.82
C ASN B 1046 46.10 -22.41 23.70
N PRO B 1047 46.60 -21.80 24.79
CA PRO B 1047 47.84 -21.05 24.77
C PRO B 1047 49.06 -21.90 24.37
N PRO B 1048 50.16 -21.30 23.90
CA PRO B 1048 51.43 -22.00 23.71
C PRO B 1048 51.97 -22.63 25.00
N GLU B 1049 52.86 -23.61 24.90
CA GLU B 1049 53.43 -24.26 26.09
C GLU B 1049 54.28 -23.34 26.96
N ASP B 1050 54.99 -22.39 26.38
CA ASP B 1050 55.81 -21.42 27.10
C ASP B 1050 55.03 -20.16 27.50
N PHE B 1051 53.70 -20.17 27.45
CA PHE B 1051 52.86 -19.04 27.82
C PHE B 1051 52.89 -18.81 29.34
N PRO B 1052 53.29 -17.63 29.85
CA PRO B 1052 53.37 -17.38 31.28
C PRO B 1052 52.01 -17.31 31.95
N LEU B 1053 51.86 -17.95 33.11
CA LEU B 1053 50.65 -17.90 33.93
C LEU B 1053 50.71 -16.79 34.98
N LEU B 1054 49.53 -16.41 35.51
CA LEU B 1054 49.34 -15.46 36.60
C LEU B 1054 48.55 -16.14 37.73
N PRO B 1055 48.74 -15.77 39.01
CA PRO B 1055 48.00 -16.39 40.11
C PRO B 1055 46.50 -16.11 40.06
N THR B 1056 46.08 -15.07 39.35
CA THR B 1056 44.68 -14.69 39.14
C THR B 1056 44.03 -15.40 37.95
N ASP B 1057 44.76 -16.18 37.16
CA ASP B 1057 44.17 -16.90 36.02
C ASP B 1057 43.20 -18.00 36.46
N GLN B 1058 42.20 -18.23 35.62
CA GLN B 1058 41.34 -19.39 35.66
C GLN B 1058 41.52 -20.18 34.36
N VAL B 1059 41.43 -21.49 34.42
CA VAL B 1059 41.66 -22.39 33.29
C VAL B 1059 40.40 -23.20 33.01
N TYR B 1060 40.00 -23.26 31.74
CA TYR B 1060 38.95 -24.11 31.26
C TYR B 1060 39.47 -25.53 31.12
N VAL B 1061 38.72 -26.50 31.61
CA VAL B 1061 39.16 -27.89 31.70
C VAL B 1061 38.05 -28.84 31.30
N LEU B 1062 38.39 -29.88 30.55
CA LEU B 1062 37.56 -31.07 30.40
C LEU B 1062 37.87 -32.01 31.56
N THR B 1063 36.83 -32.51 32.22
CA THR B 1063 36.91 -33.17 33.54
C THR B 1063 35.89 -34.29 33.64
N TYR B 1064 36.16 -35.29 34.49
CA TYR B 1064 35.37 -36.52 34.56
C TYR B 1064 34.69 -36.77 35.91
N LYS B 1065 34.87 -35.89 36.90
CA LYS B 1065 34.25 -35.99 38.22
C LYS B 1065 34.19 -34.66 38.95
N ARG C 14 5.25 49.01 -45.89
CA ARG C 14 5.01 50.46 -45.69
C ARG C 14 3.94 50.75 -44.64
N GLN C 15 2.65 50.49 -44.91
CA GLN C 15 1.52 51.02 -44.11
C GLN C 15 1.22 50.30 -42.77
N TRP C 16 1.87 49.18 -42.45
CA TRP C 16 1.46 48.25 -41.39
C TRP C 16 1.17 48.92 -40.03
N TYR C 17 1.97 49.93 -39.67
CA TYR C 17 1.90 50.60 -38.38
C TYR C 17 0.55 51.26 -38.12
N SER C 18 -0.18 51.67 -39.17
CA SER C 18 -1.52 52.23 -39.04
C SER C 18 -2.52 51.19 -38.49
N PHE C 19 -2.52 49.98 -39.04
CA PHE C 19 -3.35 48.87 -38.57
C PHE C 19 -2.96 48.48 -37.14
N LEU C 20 -1.68 48.33 -36.86
CA LEU C 20 -1.21 48.01 -35.51
C LEU C 20 -1.64 49.10 -34.52
N ALA C 21 -1.42 50.37 -34.84
CA ALA C 21 -1.84 51.49 -34.01
C ALA C 21 -3.35 51.44 -33.71
N SER C 22 -4.20 51.13 -34.70
CA SER C 22 -5.65 51.05 -34.49
C SER C 22 -6.02 50.05 -33.39
N SER C 23 -5.32 48.92 -33.28
CA SER C 23 -5.53 47.98 -32.19
C SER C 23 -4.97 48.49 -30.85
N LEU C 24 -3.81 49.14 -30.85
CA LEU C 24 -3.20 49.65 -29.63
C LEU C 24 -3.98 50.84 -29.03
N VAL C 25 -4.45 51.78 -29.83
CA VAL C 25 -5.23 52.92 -29.33
C VAL C 25 -6.60 52.47 -28.83
N THR C 26 -7.26 51.53 -29.51
CA THR C 26 -8.54 51.00 -29.03
C THR C 26 -8.37 50.20 -27.74
N PHE C 27 -7.31 49.41 -27.58
CA PHE C 27 -6.97 48.79 -26.30
C PHE C 27 -6.67 49.85 -25.21
N GLY C 28 -5.71 50.74 -25.45
CA GLY C 28 -5.21 51.66 -24.44
C GLY C 28 -6.25 52.67 -23.95
N SER C 29 -7.02 53.27 -24.86
CA SER C 29 -8.06 54.24 -24.49
C SER C 29 -9.13 53.65 -23.57
N GLY C 30 -9.62 52.44 -23.85
CA GLY C 30 -10.60 51.79 -22.98
C GLY C 30 -10.01 51.44 -21.60
N LEU C 31 -8.75 50.98 -21.56
CA LEU C 31 -8.06 50.74 -20.29
C LEU C 31 -7.91 52.03 -19.47
N VAL C 32 -7.51 53.15 -20.10
CA VAL C 32 -7.42 54.45 -19.44
C VAL C 32 -8.78 54.89 -18.90
N VAL C 33 -9.84 54.83 -19.71
CA VAL C 33 -11.20 55.15 -19.27
C VAL C 33 -11.60 54.34 -18.04
N ILE C 34 -11.36 53.03 -18.04
CA ILE C 34 -11.66 52.16 -16.90
C ILE C 34 -10.86 52.56 -15.65
N ILE C 35 -9.56 52.84 -15.77
CA ILE C 35 -8.74 53.28 -14.63
C ILE C 35 -9.23 54.63 -14.06
N ILE C 36 -9.52 55.60 -14.93
CA ILE C 36 -10.07 56.90 -14.51
C ILE C 36 -11.39 56.72 -13.78
N TYR C 37 -12.33 55.94 -14.33
CA TYR C 37 -13.62 55.65 -13.71
C TYR C 37 -13.47 55.00 -12.33
N ARG C 38 -12.57 54.02 -12.18
CA ARG C 38 -12.28 53.37 -10.90
C ARG C 38 -11.72 54.37 -9.88
N ILE C 39 -10.77 55.21 -10.26
CA ILE C 39 -10.20 56.23 -9.36
C ILE C 39 -11.24 57.30 -8.99
N VAL C 40 -12.06 57.76 -9.93
CA VAL C 40 -13.15 58.71 -9.66
C VAL C 40 -14.12 58.13 -8.63
N LEU C 41 -14.64 56.92 -8.83
CA LEU C 41 -15.59 56.34 -7.89
C LEU C 41 -14.93 55.86 -6.57
N TRP C 42 -13.62 55.64 -6.54
CA TRP C 42 -12.88 55.38 -5.31
C TRP C 42 -12.74 56.64 -4.44
N LEU C 43 -12.47 57.79 -5.04
CA LEU C 43 -12.26 59.05 -4.32
C LEU C 43 -13.55 59.84 -4.05
N CYS C 44 -14.47 59.91 -5.00
CA CYS C 44 -15.68 60.72 -4.92
C CYS C 44 -16.81 60.01 -4.15
N GLY C 79 -30.75 47.19 -9.53
CA GLY C 79 -31.01 48.20 -10.56
C GLY C 79 -30.85 47.69 -11.99
N TRP C 80 -31.18 48.54 -12.98
CA TRP C 80 -31.23 48.16 -14.40
C TRP C 80 -29.91 47.56 -14.91
N MET C 81 -28.77 48.06 -14.44
CA MET C 81 -27.46 47.58 -14.84
C MET C 81 -27.17 46.15 -14.34
N THR C 82 -27.68 45.77 -13.16
CA THR C 82 -27.61 44.39 -12.67
C THR C 82 -28.56 43.48 -13.45
N GLU C 83 -29.76 43.95 -13.81
CA GLU C 83 -30.65 43.18 -14.68
C GLU C 83 -30.04 42.96 -16.07
N ALA C 84 -29.40 44.00 -16.64
CA ALA C 84 -28.66 43.88 -17.89
C ALA C 84 -27.47 42.91 -17.77
N LYS C 85 -26.69 42.99 -16.69
CA LYS C 85 -25.56 42.07 -16.43
C LYS C 85 -26.05 40.63 -16.41
N ASP C 86 -27.09 40.34 -15.65
CA ASP C 86 -27.59 38.98 -15.51
C ASP C 86 -28.30 38.49 -16.78
N TRP C 87 -29.00 39.36 -17.51
CA TRP C 87 -29.55 39.05 -18.82
C TRP C 87 -28.45 38.69 -19.82
N ALA C 88 -27.42 39.53 -19.96
CA ALA C 88 -26.28 39.24 -20.82
C ALA C 88 -25.54 37.97 -20.39
N GLY C 89 -25.42 37.74 -19.09
CA GLY C 89 -24.90 36.51 -18.52
C GLY C 89 -25.69 35.27 -18.95
N GLU C 90 -27.02 35.31 -18.85
CA GLU C 90 -27.89 34.22 -19.31
C GLU C 90 -27.80 34.00 -20.82
N LEU C 91 -27.61 35.07 -21.60
CA LEU C 91 -27.34 34.99 -23.04
C LEU C 91 -26.03 34.23 -23.30
N ILE C 92 -24.90 34.73 -22.80
CA ILE C 92 -23.60 34.12 -23.12
C ILE C 92 -23.41 32.74 -22.48
N SER C 93 -24.17 32.43 -21.43
CA SER C 93 -24.22 31.08 -20.84
C SER C 93 -25.12 30.11 -21.60
N GLY C 94 -25.82 30.56 -22.66
CA GLY C 94 -26.72 29.72 -23.44
C GLY C 94 -27.99 29.29 -22.70
N GLN C 95 -28.41 30.04 -21.68
CA GLN C 95 -29.59 29.70 -20.88
C GLN C 95 -30.89 30.18 -21.55
N THR C 96 -30.89 31.35 -22.18
CA THR C 96 -31.98 31.77 -23.07
C THR C 96 -31.82 31.13 -24.45
N THR C 97 -32.92 30.98 -25.19
CA THR C 97 -32.86 30.49 -26.59
C THR C 97 -32.10 31.46 -27.49
N THR C 98 -32.33 32.76 -27.35
CA THR C 98 -31.55 33.79 -28.07
C THR C 98 -30.07 33.74 -27.72
N GLY C 99 -29.76 33.34 -26.50
CA GLY C 99 -28.37 33.17 -26.16
C GLY C 99 -27.92 31.96 -26.93
N ARG C 100 -28.63 30.87 -26.75
CA ARG C 100 -28.23 29.63 -27.39
C ARG C 100 -27.94 29.85 -28.86
N ILE C 101 -28.58 30.82 -29.47
CA ILE C 101 -28.29 31.09 -30.86
C ILE C 101 -27.07 31.95 -30.94
N LEU C 102 -27.19 33.18 -30.45
CA LEU C 102 -26.06 34.11 -30.50
C LEU C 102 -24.72 33.41 -30.37
N VAL C 103 -24.57 32.52 -29.39
CA VAL C 103 -23.34 31.76 -29.16
C VAL C 103 -23.00 30.90 -30.37
N GLY C 104 -23.98 30.19 -30.94
CA GLY C 104 -23.77 29.39 -32.15
C GLY C 104 -23.33 30.23 -33.35
N LEU C 105 -23.95 31.40 -33.55
CA LEU C 105 -23.58 32.32 -34.62
C LEU C 105 -22.17 32.88 -34.44
N VAL C 106 -21.78 33.31 -33.24
CA VAL C 106 -20.41 33.76 -32.96
C VAL C 106 -19.41 32.69 -33.32
N PHE C 107 -19.65 31.45 -32.88
CA PHE C 107 -18.81 30.33 -33.24
C PHE C 107 -18.72 30.16 -34.77
N LEU C 108 -19.84 29.96 -35.46
CA LEU C 108 -19.82 29.68 -36.90
C LEU C 108 -19.21 30.82 -37.72
N LEU C 109 -19.53 32.08 -37.40
CA LEU C 109 -18.94 33.22 -38.08
C LEU C 109 -17.45 33.34 -37.80
N SER C 110 -16.96 32.97 -36.61
CA SER C 110 -15.52 32.93 -36.38
C SER C 110 -14.82 31.93 -37.29
N ILE C 111 -15.44 30.77 -37.57
CA ILE C 111 -14.90 29.80 -38.52
C ILE C 111 -14.93 30.35 -39.94
N ALA C 112 -16.01 31.00 -40.36
CA ALA C 112 -16.06 31.64 -41.66
C ALA C 112 -14.96 32.71 -41.81
N SER C 113 -14.75 33.54 -40.79
CA SER C 113 -13.67 34.54 -40.79
C SER C 113 -12.28 33.90 -40.89
N LEU C 114 -12.05 32.80 -40.16
CA LEU C 114 -10.82 32.03 -40.27
C LEU C 114 -10.60 31.48 -41.68
N ILE C 115 -11.63 30.92 -42.32
CA ILE C 115 -11.53 30.43 -43.69
C ILE C 115 -11.22 31.57 -44.67
N ILE C 116 -11.78 32.76 -44.49
CA ILE C 116 -11.40 33.92 -45.31
C ILE C 116 -9.93 34.27 -45.12
N TYR C 117 -9.40 34.19 -43.89
CA TYR C 117 -7.97 34.32 -43.67
C TYR C 117 -7.16 33.24 -44.41
N PHE C 118 -7.55 31.97 -44.36
CA PHE C 118 -6.85 30.92 -45.12
C PHE C 118 -6.85 31.22 -46.62
N ILE C 119 -7.96 31.66 -47.19
CA ILE C 119 -8.04 32.04 -48.60
C ILE C 119 -7.12 33.23 -48.90
N ASP C 120 -7.11 34.26 -48.07
CA ASP C 120 -6.18 35.37 -48.23
C ASP C 120 -4.72 34.95 -48.10
N ALA C 121 -4.41 33.93 -47.28
CA ALA C 121 -3.06 33.40 -47.10
C ALA C 121 -2.63 32.43 -48.21
N SER C 122 -3.55 31.68 -48.84
CA SER C 122 -3.23 30.78 -49.95
C SER C 122 -3.17 31.50 -51.29
N THR C 123 -3.96 32.56 -51.47
CA THR C 123 -3.87 33.48 -52.62
C THR C 123 -2.70 34.46 -52.47
N ASN C 124 -2.30 35.13 -53.56
CA ASN C 124 -1.20 36.08 -53.61
C ASN C 124 0.11 35.55 -53.00
N SER C 134 -10.44 48.98 -51.51
CA SER C 134 -11.33 48.20 -50.63
C SER C 134 -12.41 47.41 -51.40
N SER C 135 -12.40 47.51 -52.73
CA SER C 135 -13.38 46.89 -53.62
C SER C 135 -13.09 45.39 -53.87
N SER C 136 -13.31 44.56 -52.85
CA SER C 136 -13.24 43.09 -52.96
C SER C 136 -14.27 42.40 -52.07
N THR C 137 -14.72 41.21 -52.49
CA THR C 137 -15.74 40.44 -51.76
C THR C 137 -15.24 39.99 -50.38
N THR C 138 -13.99 39.52 -50.29
CA THR C 138 -13.42 39.00 -49.05
C THR C 138 -13.31 40.04 -47.95
N GLN C 139 -12.76 41.22 -48.25
CA GLN C 139 -12.67 42.32 -47.29
C GLN C 139 -14.05 42.78 -46.82
N GLN C 140 -15.05 42.76 -47.70
CA GLN C 140 -16.42 43.10 -47.36
C GLN C 140 -17.04 42.13 -46.36
N VAL C 141 -17.03 40.81 -46.64
CA VAL C 141 -17.65 39.84 -45.72
C VAL C 141 -16.92 39.75 -44.38
N ASP C 142 -15.58 39.82 -44.37
CA ASP C 142 -14.84 39.74 -43.10
C ASP C 142 -15.03 41.03 -42.26
N LEU C 143 -15.24 42.19 -42.89
CA LEU C 143 -15.68 43.39 -42.20
C LEU C 143 -17.07 43.20 -41.58
N ALA C 144 -18.03 42.65 -42.33
CA ALA C 144 -19.36 42.37 -41.80
C ALA C 144 -19.30 41.44 -40.57
N PHE C 145 -18.50 40.38 -40.63
CA PHE C 145 -18.29 39.50 -39.48
C PHE C 145 -17.61 40.24 -38.32
N ASN C 146 -16.64 41.11 -38.59
CA ASN C 146 -16.03 41.93 -37.54
C ASN C 146 -17.03 42.86 -36.85
N VAL C 147 -17.96 43.48 -37.58
CA VAL C 147 -19.04 44.25 -36.95
C VAL C 147 -19.89 43.37 -36.04
N PHE C 148 -20.25 42.16 -36.47
CA PHE C 148 -20.97 41.22 -35.62
C PHE C 148 -20.18 40.82 -34.35
N PHE C 149 -18.88 40.52 -34.47
CA PHE C 149 -18.03 40.23 -33.32
C PHE C 149 -17.95 41.42 -32.35
N MET C 150 -17.96 42.65 -32.84
CA MET C 150 -17.97 43.85 -31.99
C MET C 150 -19.24 43.94 -31.15
N ILE C 151 -20.40 43.63 -31.72
CA ILE C 151 -21.65 43.55 -30.94
C ILE C 151 -21.54 42.49 -29.85
N TYR C 152 -21.03 41.30 -30.18
CA TYR C 152 -20.81 40.27 -29.17
C TYR C 152 -19.80 40.68 -28.10
N PHE C 153 -18.74 41.40 -28.45
CA PHE C 153 -17.79 41.97 -27.49
C PHE C 153 -18.47 42.88 -26.47
N PHE C 154 -19.39 43.76 -26.90
CA PHE C 154 -20.17 44.57 -25.96
C PHE C 154 -21.08 43.72 -25.07
N ILE C 155 -21.69 42.65 -25.60
CA ILE C 155 -22.49 41.73 -24.78
C ILE C 155 -21.63 41.03 -23.71
N ARG C 156 -20.40 40.65 -24.02
CA ARG C 156 -19.57 40.09 -22.96
C ARG C 156 -19.18 41.18 -21.98
N PHE C 157 -18.84 42.36 -22.46
CA PHE C 157 -18.52 43.49 -21.58
C PHE C 157 -19.62 43.74 -20.54
N VAL C 158 -20.88 43.73 -20.96
CA VAL C 158 -22.03 43.86 -20.05
C VAL C 158 -22.07 42.69 -19.07
N ALA C 159 -21.95 41.45 -19.54
CA ALA C 159 -22.07 40.26 -18.72
C ALA C 159 -20.95 40.10 -17.66
N ALA C 160 -19.76 40.62 -17.91
CA ALA C 160 -18.60 40.44 -17.02
C ALA C 160 -18.78 41.08 -15.64
N ASN C 161 -18.26 40.45 -14.59
CA ASN C 161 -18.33 40.98 -13.22
C ASN C 161 -17.38 42.18 -13.01
N ASP C 162 -16.15 42.12 -13.53
CA ASP C 162 -15.17 43.20 -13.45
C ASP C 162 -14.79 43.72 -14.85
N LYS C 163 -14.97 45.01 -15.12
CA LYS C 163 -14.59 45.60 -16.41
C LYS C 163 -13.07 45.54 -16.66
N LEU C 164 -12.24 45.64 -15.62
CA LEU C 164 -10.79 45.64 -15.78
C LEU C 164 -10.26 44.25 -16.15
N TRP C 165 -10.58 43.21 -15.38
CA TRP C 165 -10.24 41.85 -15.79
C TRP C 165 -10.88 41.46 -17.13
N PHE C 166 -12.06 41.97 -17.47
CA PHE C 166 -12.60 41.78 -18.82
C PHE C 166 -11.73 42.42 -19.90
N TRP C 167 -11.22 43.63 -19.73
CA TRP C 167 -10.40 44.28 -20.76
C TRP C 167 -9.03 43.65 -21.01
N VAL C 168 -8.65 42.62 -20.23
CA VAL C 168 -7.44 41.83 -20.42
C VAL C 168 -7.74 40.34 -20.63
N GLU C 169 -9.01 39.94 -20.76
CA GLU C 169 -9.38 38.55 -21.10
C GLU C 169 -8.95 38.22 -22.55
N LEU C 170 -8.54 36.98 -22.82
CA LEU C 170 -7.90 36.64 -24.09
C LEU C 170 -8.71 37.04 -25.33
N PHE C 171 -10.01 36.76 -25.37
CA PHE C 171 -10.81 37.10 -26.53
C PHE C 171 -11.03 38.60 -26.69
N SER C 172 -10.83 39.42 -25.65
CA SER C 172 -10.82 40.86 -25.85
C SER C 172 -9.64 41.28 -26.71
N PHE C 173 -8.46 40.68 -26.53
CA PHE C 173 -7.32 40.91 -27.43
C PHE C 173 -7.60 40.43 -28.84
N VAL C 174 -8.21 39.27 -29.02
CA VAL C 174 -8.60 38.80 -30.36
C VAL C 174 -9.48 39.84 -31.04
N ASP C 175 -10.40 40.45 -30.31
CA ASP C 175 -11.23 41.53 -30.84
C ASP C 175 -10.41 42.81 -31.12
N TYR C 176 -9.58 43.29 -30.19
CA TYR C 176 -8.74 44.48 -30.42
C TYR C 176 -7.83 44.33 -31.65
N PHE C 177 -7.24 43.16 -31.85
CA PHE C 177 -6.35 42.89 -32.97
C PHE C 177 -7.09 42.57 -34.28
N THR C 178 -8.42 42.63 -34.32
CA THR C 178 -9.16 42.31 -35.55
C THR C 178 -10.17 43.39 -35.96
N ILE C 179 -11.04 43.88 -35.06
CA ILE C 179 -12.08 44.83 -35.50
C ILE C 179 -11.45 46.15 -36.01
N PRO C 180 -10.58 46.83 -35.25
CA PRO C 180 -10.00 48.09 -35.69
C PRO C 180 -9.19 47.94 -37.00
N PRO C 181 -8.30 46.93 -37.15
CA PRO C 181 -7.67 46.67 -38.44
C PRO C 181 -8.67 46.44 -39.57
N SER C 182 -9.80 45.77 -39.33
CA SER C 182 -10.80 45.55 -40.39
C SER C 182 -11.48 46.86 -40.85
N PHE C 183 -11.65 47.84 -39.95
CA PHE C 183 -12.09 49.18 -40.35
C PHE C 183 -11.02 49.89 -41.18
N VAL C 184 -9.78 49.90 -40.69
CA VAL C 184 -8.64 50.53 -41.39
C VAL C 184 -8.44 49.95 -42.79
N ALA C 185 -8.68 48.65 -42.99
CA ALA C 185 -8.51 47.98 -44.29
C ALA C 185 -9.35 48.63 -45.40
N ILE C 186 -10.65 48.85 -45.15
CA ILE C 186 -11.52 49.51 -46.12
C ILE C 186 -11.18 51.00 -46.22
N TYR C 187 -10.87 51.66 -45.10
CA TYR C 187 -10.49 53.07 -45.09
C TYR C 187 -9.25 53.40 -45.93
N LEU C 188 -8.22 52.56 -45.88
CA LEU C 188 -6.96 52.73 -46.63
C LEU C 188 -6.93 51.97 -47.97
N ASP C 189 -8.01 51.30 -48.37
CA ASP C 189 -8.07 50.46 -49.58
C ASP C 189 -6.98 49.36 -49.62
N ARG C 190 -6.69 48.74 -48.48
CA ARG C 190 -5.58 47.80 -48.29
C ARG C 190 -6.00 46.62 -47.43
N ASN C 191 -6.17 45.46 -48.04
CA ASN C 191 -6.48 44.20 -47.37
C ASN C 191 -5.25 43.62 -46.66
N TRP C 192 -4.80 44.23 -45.56
CA TRP C 192 -3.69 43.72 -44.76
C TRP C 192 -4.02 42.35 -44.17
N LEU C 193 -3.10 41.40 -44.26
CA LEU C 193 -3.30 40.04 -43.76
C LEU C 193 -3.25 40.00 -42.23
N GLY C 194 -2.28 40.70 -41.64
CA GLY C 194 -2.26 41.05 -40.23
C GLY C 194 -2.42 39.89 -39.24
N LEU C 195 -2.99 40.22 -38.07
CA LEU C 195 -3.23 39.29 -36.97
C LEU C 195 -4.55 38.50 -37.11
N ARG C 196 -5.19 38.50 -38.27
CA ARG C 196 -6.51 37.87 -38.42
C ARG C 196 -6.59 36.41 -38.07
N PHE C 197 -5.51 35.69 -38.22
CA PHE C 197 -5.45 34.29 -37.79
C PHE C 197 -5.87 34.06 -36.34
N LEU C 198 -5.86 35.08 -35.50
CA LEU C 198 -6.14 34.87 -34.10
C LEU C 198 -7.55 34.38 -33.86
N ARG C 199 -8.39 34.45 -34.88
CA ARG C 199 -9.74 34.01 -34.73
C ARG C 199 -9.80 32.52 -34.56
N ALA C 200 -8.68 31.85 -34.78
CA ALA C 200 -8.64 30.41 -34.65
C ALA C 200 -8.83 30.06 -33.22
N LEU C 201 -8.42 30.94 -32.35
CA LEU C 201 -8.65 30.74 -30.92
C LEU C 201 -10.12 30.54 -30.59
N GLN C 202 -11.07 31.01 -31.39
CA GLN C 202 -12.49 30.76 -31.13
C GLN C 202 -12.87 29.28 -31.26
N LEU C 203 -12.10 28.46 -31.98
CA LEU C 203 -12.27 27.00 -31.93
C LEU C 203 -12.22 26.49 -30.48
N MET C 204 -11.40 27.11 -29.64
CA MET C 204 -11.19 26.70 -28.26
C MET C 204 -12.42 26.90 -27.37
N SER C 205 -13.47 27.55 -27.87
CA SER C 205 -14.79 27.62 -27.22
C SER C 205 -15.65 26.37 -27.42
N ILE C 206 -15.35 25.48 -28.38
CA ILE C 206 -16.16 24.29 -28.66
C ILE C 206 -16.47 23.43 -27.42
N PRO C 207 -15.56 23.19 -26.45
CA PRO C 207 -15.89 22.42 -25.27
C PRO C 207 -16.94 23.12 -24.40
N ASP C 208 -16.94 24.45 -24.36
CA ASP C 208 -17.98 25.22 -23.69
C ASP C 208 -19.32 25.09 -24.43
N ILE C 209 -19.34 25.25 -25.76
CA ILE C 209 -20.58 25.07 -26.54
C ILE C 209 -21.17 23.69 -26.30
N LEU C 210 -20.36 22.63 -26.40
CA LEU C 210 -20.80 21.26 -26.19
C LEU C 210 -21.06 20.92 -24.71
N THR C 211 -20.85 21.87 -23.80
CA THR C 211 -21.20 21.80 -22.36
C THR C 211 -22.41 22.68 -22.02
N TYR C 212 -22.64 23.77 -22.75
CA TYR C 212 -23.89 24.55 -22.67
C TYR C 212 -25.04 23.75 -23.25
N LEU C 213 -24.78 23.00 -24.33
CA LEU C 213 -25.58 21.83 -24.70
C LEU C 213 -25.20 20.64 -23.80
N ASN C 214 -26.10 19.69 -23.61
CA ASN C 214 -25.86 18.52 -22.73
C ASN C 214 -25.13 17.35 -23.43
N VAL C 215 -24.62 17.55 -24.65
CA VAL C 215 -24.12 16.50 -25.55
C VAL C 215 -22.79 15.84 -25.10
N LEU C 216 -21.88 16.59 -24.48
CA LEU C 216 -20.56 16.08 -24.10
C LEU C 216 -20.59 15.39 -22.73
N LYS C 217 -21.24 14.21 -22.68
CA LYS C 217 -21.80 13.63 -21.45
C LYS C 217 -20.80 13.15 -20.40
N THR C 218 -19.59 12.72 -20.77
CA THR C 218 -18.67 12.01 -19.87
C THR C 218 -17.33 12.70 -19.70
N SER C 219 -16.68 12.51 -18.56
CA SER C 219 -15.41 13.17 -18.22
C SER C 219 -14.31 12.93 -19.26
N THR C 220 -14.19 11.71 -19.79
CA THR C 220 -13.21 11.40 -20.83
C THR C 220 -13.52 12.06 -22.17
N LEU C 221 -14.79 12.17 -22.58
CA LEU C 221 -15.16 12.91 -23.79
C LEU C 221 -14.93 14.41 -23.62
N ILE C 222 -15.18 14.96 -22.43
CA ILE C 222 -14.85 16.35 -22.12
C ILE C 222 -13.34 16.57 -22.28
N ARG C 223 -12.52 15.75 -21.62
CA ARG C 223 -11.06 15.85 -21.70
C ARG C 223 -10.54 15.68 -23.12
N LEU C 224 -11.07 14.71 -23.87
CA LEU C 224 -10.71 14.47 -25.26
C LEU C 224 -10.95 15.70 -26.13
N VAL C 225 -12.16 16.25 -26.12
CA VAL C 225 -12.47 17.40 -26.97
C VAL C 225 -11.69 18.63 -26.53
N GLN C 226 -11.48 18.84 -25.24
CA GLN C 226 -10.60 19.91 -24.76
C GLN C 226 -9.17 19.77 -25.30
N LEU C 227 -8.55 18.59 -25.19
CA LEU C 227 -7.19 18.38 -25.68
C LEU C 227 -7.10 18.63 -27.19
N VAL C 228 -7.94 17.99 -27.98
CA VAL C 228 -7.87 18.09 -29.45
C VAL C 228 -8.05 19.53 -29.91
N VAL C 229 -9.08 20.22 -29.44
CA VAL C 229 -9.36 21.56 -29.96
C VAL C 229 -8.39 22.61 -29.40
N SER C 230 -7.88 22.42 -28.19
CA SER C 230 -6.81 23.26 -27.65
C SER C 230 -5.56 23.14 -28.51
N PHE C 231 -5.12 21.91 -28.79
CA PHE C 231 -3.97 21.65 -29.64
C PHE C 231 -4.12 22.29 -31.03
N VAL C 232 -5.22 21.99 -31.71
CA VAL C 232 -5.43 22.49 -33.07
C VAL C 232 -5.52 24.00 -33.11
N SER C 233 -6.23 24.64 -32.18
CA SER C 233 -6.31 26.09 -32.18
C SER C 233 -4.98 26.76 -31.88
N LEU C 234 -4.17 26.25 -30.94
CA LEU C 234 -2.84 26.79 -30.66
C LEU C 234 -1.89 26.57 -31.83
N TRP C 235 -1.89 25.40 -32.45
CA TRP C 235 -1.07 25.10 -33.61
C TRP C 235 -1.41 25.99 -34.81
N LEU C 236 -2.69 26.14 -35.15
CA LEU C 236 -3.11 27.06 -36.20
C LEU C 236 -2.74 28.51 -35.88
N THR C 237 -2.86 28.93 -34.62
CA THR C 237 -2.52 30.28 -34.20
C THR C 237 -1.03 30.54 -34.32
N ALA C 238 -0.20 29.65 -33.78
CA ALA C 238 1.25 29.78 -33.84
C ALA C 238 1.76 29.75 -35.28
N ALA C 239 1.16 28.97 -36.17
CA ALA C 239 1.50 28.98 -37.59
C ALA C 239 1.22 30.32 -38.24
N GLY C 240 0.11 30.97 -37.90
CA GLY C 240 -0.18 32.31 -38.39
C GLY C 240 0.80 33.33 -37.85
N PHE C 241 1.19 33.20 -36.60
CA PHE C 241 2.15 34.09 -35.98
C PHE C 241 3.53 34.00 -36.65
N LEU C 242 4.04 32.80 -36.88
CA LEU C 242 5.31 32.64 -37.61
C LEU C 242 5.20 33.16 -39.04
N HIS C 243 4.09 32.90 -39.73
CA HIS C 243 3.86 33.40 -41.08
C HIS C 243 3.93 34.93 -41.12
N LEU C 244 3.33 35.61 -40.15
CA LEU C 244 3.46 37.05 -40.03
C LEU C 244 4.93 37.47 -39.89
N LEU C 245 5.67 36.88 -38.95
CA LEU C 245 7.06 37.28 -38.70
C LEU C 245 8.00 37.03 -39.88
N GLU C 246 7.97 35.85 -40.48
CA GLU C 246 8.90 35.53 -41.56
C GLU C 246 8.59 36.30 -42.84
N ASN C 247 7.32 36.45 -43.22
CA ASN C 247 6.95 37.19 -44.43
C ASN C 247 7.05 38.70 -44.21
N SER C 248 6.86 39.19 -42.99
CA SER C 248 7.17 40.58 -42.65
C SER C 248 8.63 40.89 -42.90
N GLY C 249 9.51 39.98 -42.51
CA GLY C 249 10.91 40.31 -42.29
C GLY C 249 11.12 41.12 -41.02
N ASP C 250 12.37 41.23 -40.59
CA ASP C 250 12.73 41.90 -39.33
C ASP C 250 12.78 43.43 -39.46
N PRO C 251 12.21 44.21 -38.53
CA PRO C 251 12.22 45.67 -38.59
C PRO C 251 13.62 46.27 -38.42
N PHE C 252 14.51 45.61 -37.69
CA PHE C 252 15.88 46.07 -37.44
C PHE C 252 16.72 46.16 -38.72
N PHE C 253 16.36 45.37 -39.73
CA PHE C 253 17.01 45.32 -41.04
C PHE C 253 16.12 45.93 -42.13
N ASP C 254 15.27 46.90 -41.75
CA ASP C 254 14.34 47.60 -42.64
C ASP C 254 13.43 46.67 -43.45
N PHE C 255 13.08 45.53 -42.87
CA PHE C 255 12.28 44.48 -43.50
C PHE C 255 12.93 43.84 -44.75
N GLY C 256 14.24 44.00 -44.95
CA GLY C 256 14.96 43.41 -46.08
C GLY C 256 15.21 41.91 -45.93
N ASN C 257 15.55 41.48 -44.71
CA ASN C 257 15.64 40.08 -44.34
C ASN C 257 14.23 39.51 -44.14
N ALA C 258 13.72 38.74 -45.10
CA ALA C 258 12.38 38.13 -45.10
C ALA C 258 12.33 36.81 -45.87
N GLN C 259 11.35 35.96 -45.60
CA GLN C 259 11.07 34.75 -46.38
C GLN C 259 9.62 34.71 -46.85
N HIS C 260 9.37 34.30 -48.08
CA HIS C 260 8.02 34.16 -48.60
C HIS C 260 7.47 32.75 -48.40
N LEU C 261 7.38 32.33 -47.14
CA LEU C 261 6.67 31.12 -46.75
C LEU C 261 5.17 31.28 -46.97
N THR C 262 4.48 30.22 -47.36
CA THR C 262 3.02 30.14 -47.25
C THR C 262 2.60 29.84 -45.82
N TYR C 263 1.34 30.06 -45.48
CA TYR C 263 0.80 29.62 -44.19
C TYR C 263 0.97 28.12 -44.00
N TRP C 264 0.73 27.33 -45.05
CA TRP C 264 0.81 25.87 -44.99
C TRP C 264 2.22 25.36 -44.73
N GLU C 265 3.24 26.01 -45.29
CA GLU C 265 4.62 25.73 -44.93
C GLU C 265 4.92 26.03 -43.47
N CYS C 266 4.39 27.11 -42.91
CA CYS C 266 4.54 27.39 -41.49
C CYS C 266 3.81 26.36 -40.63
N LEU C 267 2.61 25.94 -41.02
CA LEU C 267 1.85 24.94 -40.29
C LEU C 267 2.57 23.60 -40.25
N TYR C 268 3.13 23.18 -41.38
CA TYR C 268 3.98 22.01 -41.50
C TYR C 268 5.25 22.14 -40.68
N PHE C 269 5.97 23.25 -40.80
CA PHE C 269 7.20 23.48 -40.07
C PHE C 269 6.99 23.45 -38.55
N LEU C 270 5.89 24.01 -38.04
CA LEU C 270 5.57 23.91 -36.62
C LEU C 270 5.29 22.48 -36.19
N MET C 271 4.60 21.67 -37.00
CA MET C 271 4.41 20.26 -36.67
C MET C 271 5.73 19.50 -36.65
N VAL C 272 6.58 19.73 -37.65
CA VAL C 272 7.90 19.13 -37.75
C VAL C 272 8.82 19.54 -36.60
N THR C 273 8.71 20.74 -36.06
CA THR C 273 9.49 21.18 -34.89
C THR C 273 8.87 20.77 -33.56
N MET C 274 7.57 20.87 -33.33
CA MET C 274 6.99 20.47 -32.03
C MET C 274 7.06 18.97 -31.79
N SER C 275 7.04 18.16 -32.84
CA SER C 275 7.31 16.72 -32.76
C SER C 275 8.79 16.41 -32.51
N THR C 276 9.68 17.42 -32.61
CA THR C 276 11.13 17.34 -32.53
C THR C 276 11.80 16.56 -33.67
N VAL C 277 11.12 16.35 -34.79
CA VAL C 277 11.72 15.72 -35.96
C VAL C 277 12.74 16.65 -36.61
N GLY C 278 12.34 17.89 -36.90
CA GLY C 278 13.24 18.96 -37.35
C GLY C 278 14.03 18.61 -38.61
N PHE C 279 13.37 18.41 -39.75
CA PHE C 279 14.04 18.12 -41.01
C PHE C 279 14.97 19.24 -41.45
N GLY C 280 14.59 20.50 -41.25
CA GLY C 280 15.34 21.65 -41.75
C GLY C 280 15.28 21.82 -43.27
N ASP C 281 14.29 21.21 -43.92
CA ASP C 281 13.88 21.54 -45.30
C ASP C 281 13.29 22.94 -45.37
N ILE C 282 12.55 23.33 -44.34
CA ILE C 282 12.07 24.68 -44.02
C ILE C 282 12.62 25.04 -42.64
N PHE C 283 13.06 26.28 -42.47
CA PHE C 283 13.47 26.84 -41.19
C PHE C 283 13.27 28.36 -41.20
N ALA C 284 13.09 28.97 -40.03
CA ALA C 284 12.99 30.41 -39.90
C ALA C 284 14.36 31.08 -40.08
N THR C 285 14.42 32.26 -40.70
CA THR C 285 15.68 32.99 -40.88
C THR C 285 15.64 34.42 -40.38
N THR C 286 14.48 35.01 -40.10
CA THR C 286 14.44 36.33 -39.47
C THR C 286 14.76 36.21 -37.98
N VAL C 287 15.34 37.22 -37.36
CA VAL C 287 15.63 37.17 -35.91
C VAL C 287 14.35 37.07 -35.07
N LEU C 288 13.26 37.70 -35.51
CA LEU C 288 11.97 37.55 -34.83
C LEU C 288 11.41 36.14 -35.02
N GLY C 289 11.43 35.58 -36.23
CA GLY C 289 10.97 34.21 -36.46
C GLY C 289 11.82 33.19 -35.71
N ARG C 290 13.14 33.36 -35.63
CA ARG C 290 14.00 32.48 -34.83
C ARG C 290 13.76 32.60 -33.34
N THR C 291 13.63 33.81 -32.78
CA THR C 291 13.28 33.94 -31.37
C THR C 291 11.88 33.41 -31.07
N PHE C 292 10.93 33.55 -32.00
CA PHE C 292 9.64 32.89 -31.89
C PHE C 292 9.78 31.37 -31.88
N VAL C 293 10.57 30.78 -32.78
CA VAL C 293 10.84 29.34 -32.78
C VAL C 293 11.47 28.87 -31.48
N VAL C 294 12.37 29.63 -30.87
CA VAL C 294 12.93 29.29 -29.54
C VAL C 294 11.85 29.26 -28.46
N ILE C 295 11.00 30.29 -28.40
CA ILE C 295 9.89 30.34 -27.44
C ILE C 295 8.90 29.20 -27.70
N PHE C 296 8.55 28.97 -28.96
CA PHE C 296 7.69 27.89 -29.39
C PHE C 296 8.25 26.54 -28.98
N ILE C 297 9.55 26.29 -29.16
CA ILE C 297 10.18 25.03 -28.75
C ILE C 297 10.04 24.82 -27.25
N MET C 298 10.32 25.83 -26.43
CA MET C 298 10.21 25.68 -24.98
C MET C 298 8.80 25.36 -24.52
N ILE C 299 7.77 25.86 -25.20
CA ILE C 299 6.37 25.64 -24.83
C ILE C 299 5.81 24.36 -25.46
N PHE C 300 5.85 24.24 -26.78
CA PHE C 300 5.08 23.25 -27.53
C PHE C 300 5.68 21.85 -27.52
N ILE C 301 6.96 21.65 -27.23
CA ILE C 301 7.47 20.29 -26.99
C ILE C 301 6.77 19.68 -25.78
N GLY C 302 6.56 20.45 -24.70
CA GLY C 302 5.79 20.00 -23.56
C GLY C 302 4.35 19.64 -23.94
N LEU C 303 3.68 20.47 -24.74
CA LEU C 303 2.33 20.18 -25.20
C LEU C 303 2.30 18.90 -26.03
N PHE C 304 3.08 18.79 -27.10
CA PHE C 304 3.06 17.61 -27.95
C PHE C 304 3.36 16.33 -27.17
N ALA C 305 4.42 16.32 -26.36
CA ALA C 305 4.84 15.15 -25.61
C ALA C 305 3.87 14.73 -24.50
N SER C 306 2.96 15.60 -24.05
CA SER C 306 1.93 15.25 -23.06
C SER C 306 0.56 14.99 -23.69
N PHE C 307 0.17 15.77 -24.69
CA PHE C 307 -1.13 15.65 -25.36
C PHE C 307 -1.23 14.36 -26.17
N ILE C 308 -0.25 14.04 -27.02
CA ILE C 308 -0.37 12.87 -27.89
C ILE C 308 -0.47 11.55 -27.10
N PRO C 309 0.29 11.32 -26.02
CA PRO C 309 0.04 10.17 -25.15
C PRO C 309 -1.32 10.17 -24.46
N GLU C 310 -1.83 11.32 -24.01
CA GLU C 310 -3.14 11.36 -23.36
C GLU C 310 -4.29 11.12 -24.36
N ILE C 311 -4.18 11.61 -25.60
CA ILE C 311 -5.10 11.22 -26.68
C ILE C 311 -5.04 9.71 -26.92
N ALA C 312 -3.84 9.14 -27.06
CA ALA C 312 -3.68 7.70 -27.28
C ALA C 312 -4.25 6.86 -26.13
N GLU C 313 -4.08 7.31 -24.89
CA GLU C 313 -4.68 6.69 -23.71
C GLU C 313 -6.20 6.70 -23.77
N ILE C 314 -6.82 7.85 -24.05
CA ILE C 314 -8.29 7.94 -24.13
C ILE C 314 -8.82 7.09 -25.29
N LEU C 315 -8.19 7.10 -26.46
CA LEU C 315 -8.59 6.25 -27.59
C LEU C 315 -8.36 4.76 -27.32
N GLY C 316 -7.39 4.40 -26.47
CA GLY C 316 -7.12 3.03 -26.07
C GLY C 316 -8.12 2.47 -25.06
N LYS C 317 -8.60 3.30 -24.14
CA LYS C 317 -9.59 2.96 -23.10
C LYS C 317 -11.01 2.90 -23.66
N ARG C 318 -11.27 1.88 -24.48
CA ARG C 318 -12.53 1.60 -25.18
C ARG C 318 -12.87 0.12 -25.11
N GLN C 319 -14.13 -0.23 -24.86
CA GLN C 319 -14.58 -1.63 -24.77
C GLN C 319 -14.49 -2.32 -26.14
N LYS C 320 -13.71 -3.41 -26.21
CA LYS C 320 -13.48 -4.21 -27.42
C LYS C 320 -14.45 -5.38 -27.59
N TYR C 321 -15.13 -5.78 -26.53
CA TYR C 321 -16.12 -6.86 -26.50
C TYR C 321 -17.51 -6.37 -26.10
N GLY C 322 -17.82 -5.12 -26.42
CA GLY C 322 -19.20 -4.64 -26.42
C GLY C 322 -20.02 -5.32 -27.53
N GLY C 323 -21.23 -4.84 -27.75
CA GLY C 323 -22.14 -5.43 -28.72
C GLY C 323 -22.91 -6.61 -28.14
N SER C 324 -23.62 -7.32 -29.00
CA SER C 324 -24.78 -8.14 -28.64
C SER C 324 -24.74 -9.51 -29.31
N TYR C 325 -25.20 -10.55 -28.63
CA TYR C 325 -25.25 -11.89 -29.21
C TYR C 325 -26.38 -11.97 -30.23
N LYS C 326 -26.01 -12.21 -31.50
CA LYS C 326 -26.95 -12.39 -32.60
C LYS C 326 -27.38 -13.84 -32.65
N LYS C 327 -28.53 -14.14 -32.06
CA LYS C 327 -29.12 -15.47 -31.94
C LYS C 327 -29.36 -16.11 -33.32
N GLU C 328 -28.60 -17.13 -33.66
CA GLU C 328 -28.78 -17.88 -34.92
C GLU C 328 -30.13 -18.62 -34.96
N ARG C 329 -30.63 -18.91 -36.18
CA ARG C 329 -32.06 -19.23 -36.42
C ARG C 329 -32.63 -20.47 -35.72
N GLY C 330 -31.79 -21.42 -35.32
CA GLY C 330 -32.23 -22.68 -34.71
C GLY C 330 -31.16 -23.37 -33.86
N LYS C 331 -30.22 -22.61 -33.32
CA LYS C 331 -29.15 -23.17 -32.53
C LYS C 331 -29.40 -22.83 -31.10
N ARG C 332 -28.83 -23.61 -30.20
CA ARG C 332 -29.00 -23.36 -28.79
C ARG C 332 -27.80 -22.69 -28.27
N HIS C 333 -27.93 -21.98 -27.16
CA HIS C 333 -26.76 -21.41 -26.55
C HIS C 333 -26.78 -21.48 -25.07
N VAL C 334 -25.63 -21.47 -24.46
CA VAL C 334 -25.49 -21.51 -23.01
C VAL C 334 -24.70 -20.29 -22.59
N VAL C 335 -25.20 -19.56 -21.61
CA VAL C 335 -24.49 -18.40 -21.06
C VAL C 335 -23.58 -18.88 -19.94
N VAL C 336 -22.36 -18.38 -19.87
CA VAL C 336 -21.43 -18.76 -18.80
C VAL C 336 -20.85 -17.52 -18.18
N CYS C 337 -20.79 -17.46 -16.85
CA CYS C 337 -20.36 -16.27 -16.12
C CYS C 337 -19.78 -16.64 -14.76
N GLY C 338 -19.46 -15.63 -13.94
CA GLY C 338 -18.79 -15.81 -12.67
C GLY C 338 -17.28 -15.76 -12.85
N TYR C 339 -16.54 -16.71 -12.29
CA TYR C 339 -15.09 -16.74 -12.39
C TYR C 339 -14.62 -17.19 -13.79
N ILE C 340 -14.45 -16.25 -14.70
CA ILE C 340 -14.01 -16.49 -16.07
C ILE C 340 -12.56 -16.04 -16.23
N THR C 341 -11.67 -16.98 -16.50
CA THR C 341 -10.22 -16.79 -16.66
C THR C 341 -9.68 -17.86 -17.61
N PHE C 342 -8.44 -17.73 -18.11
CA PHE C 342 -7.87 -18.76 -18.96
C PHE C 342 -7.87 -20.14 -18.31
N ASP C 343 -7.53 -20.24 -17.02
CA ASP C 343 -7.59 -21.49 -16.27
C ASP C 343 -9.01 -22.03 -16.18
N SER C 344 -10.03 -21.24 -15.83
CA SER C 344 -11.37 -21.80 -15.71
C SER C 344 -11.96 -22.14 -17.08
N VAL C 345 -11.81 -21.26 -18.07
CA VAL C 345 -12.37 -21.45 -19.41
C VAL C 345 -11.74 -22.63 -20.12
N SER C 346 -10.42 -22.81 -20.07
CA SER C 346 -9.78 -23.94 -20.76
C SER C 346 -10.23 -25.28 -20.19
N ASN C 347 -10.29 -25.42 -18.86
CA ASN C 347 -10.79 -26.63 -18.22
C ASN C 347 -12.27 -26.86 -18.50
N PHE C 348 -13.08 -25.81 -18.54
CA PHE C 348 -14.48 -25.92 -18.88
C PHE C 348 -14.67 -26.36 -20.34
N LEU C 349 -14.08 -25.65 -21.30
CA LEU C 349 -14.26 -25.94 -22.72
C LEU C 349 -13.77 -27.32 -23.10
N LYS C 350 -12.63 -27.78 -22.58
CA LYS C 350 -12.14 -29.11 -22.96
C LYS C 350 -13.01 -30.25 -22.45
N ASP C 351 -13.85 -30.04 -21.44
CA ASP C 351 -14.86 -31.02 -21.05
C ASP C 351 -16.19 -30.79 -21.79
N PHE C 352 -16.60 -29.55 -22.00
CA PHE C 352 -17.87 -29.21 -22.64
C PHE C 352 -17.89 -29.56 -24.13
N LEU C 353 -16.82 -29.25 -24.85
CA LEU C 353 -16.68 -29.47 -26.29
C LEU C 353 -15.96 -30.79 -26.62
N HIS C 354 -15.81 -31.71 -25.67
CA HIS C 354 -15.03 -32.93 -25.85
C HIS C 354 -15.64 -33.87 -26.89
N LYS C 355 -14.81 -34.49 -27.73
CA LYS C 355 -15.24 -35.37 -28.82
C LYS C 355 -15.92 -36.67 -28.38
N ASP C 356 -15.77 -37.10 -27.12
CA ASP C 356 -16.48 -38.27 -26.62
C ASP C 356 -17.96 -38.02 -26.37
N ARG C 357 -18.39 -36.76 -26.22
CA ARG C 357 -19.80 -36.40 -26.18
C ARG C 357 -20.42 -36.54 -27.57
N GLU C 358 -21.72 -36.76 -27.65
CA GLU C 358 -22.42 -36.72 -28.93
C GLU C 358 -22.35 -35.32 -29.56
N ASP C 359 -22.32 -35.25 -30.89
CA ASP C 359 -22.24 -33.98 -31.61
C ASP C 359 -23.55 -33.19 -31.44
N VAL C 360 -23.47 -32.05 -30.76
CA VAL C 360 -24.57 -31.09 -30.62
C VAL C 360 -24.03 -29.69 -30.84
N ASP C 361 -24.73 -28.89 -31.64
CA ASP C 361 -24.42 -27.49 -31.85
C ASP C 361 -24.99 -26.62 -30.73
N VAL C 362 -24.21 -26.47 -29.65
CA VAL C 362 -24.46 -25.49 -28.59
C VAL C 362 -23.39 -24.41 -28.65
N GLU C 363 -23.77 -23.16 -28.81
CA GLU C 363 -22.87 -22.00 -28.66
C GLU C 363 -22.61 -21.70 -27.18
N ILE C 364 -21.37 -21.43 -26.79
CA ILE C 364 -21.07 -20.92 -25.45
C ILE C 364 -20.91 -19.41 -25.52
N VAL C 365 -21.57 -18.69 -24.63
CA VAL C 365 -21.52 -17.23 -24.57
C VAL C 365 -20.98 -16.79 -23.23
N PHE C 366 -19.69 -16.45 -23.15
CA PHE C 366 -19.10 -15.93 -21.93
C PHE C 366 -19.52 -14.48 -21.70
N LEU C 367 -19.97 -14.16 -20.50
CA LEU C 367 -20.27 -12.80 -20.06
C LEU C 367 -19.42 -12.48 -18.84
N HIS C 368 -18.54 -11.49 -18.93
CA HIS C 368 -17.68 -11.13 -17.80
C HIS C 368 -17.28 -9.65 -17.81
N LYS C 369 -17.18 -9.02 -16.63
CA LYS C 369 -16.81 -7.61 -16.50
C LYS C 369 -15.30 -7.48 -16.49
N GLY C 370 -14.70 -7.69 -17.65
CA GLY C 370 -13.26 -7.59 -17.83
C GLY C 370 -12.83 -7.87 -19.26
N LEU C 371 -11.62 -7.43 -19.61
CA LEU C 371 -11.00 -7.75 -20.88
C LEU C 371 -10.29 -9.12 -20.76
N PRO C 372 -10.40 -10.02 -21.75
CA PRO C 372 -9.61 -11.24 -21.76
C PRO C 372 -8.10 -10.98 -21.73
N GLY C 373 -7.35 -11.79 -20.99
CA GLY C 373 -5.89 -11.84 -21.16
C GLY C 373 -5.54 -12.45 -22.51
N LEU C 374 -4.32 -12.24 -22.99
CA LEU C 374 -3.92 -12.69 -24.34
C LEU C 374 -4.03 -14.21 -24.53
N GLU C 375 -3.77 -15.00 -23.48
CA GLU C 375 -3.94 -16.45 -23.51
C GLU C 375 -5.41 -16.84 -23.72
N LEU C 376 -6.33 -16.22 -22.99
CA LEU C 376 -7.76 -16.43 -23.15
C LEU C 376 -8.26 -15.92 -24.49
N GLU C 377 -7.81 -14.76 -24.95
CA GLU C 377 -8.18 -14.24 -26.27
C GLU C 377 -7.73 -15.17 -27.40
N GLY C 378 -6.57 -15.81 -27.29
CA GLY C 378 -6.15 -16.86 -28.22
C GLY C 378 -7.07 -18.08 -28.17
N LEU C 379 -7.41 -18.56 -26.97
CA LEU C 379 -8.33 -19.67 -26.79
C LEU C 379 -9.72 -19.38 -27.38
N LEU C 380 -10.26 -18.20 -27.15
CA LEU C 380 -11.52 -17.78 -27.76
C LEU C 380 -11.44 -17.81 -29.28
N LYS C 381 -10.34 -17.31 -29.88
CA LYS C 381 -10.16 -17.35 -31.33
C LYS C 381 -10.01 -18.78 -31.87
N ARG C 382 -9.41 -19.72 -31.15
CA ARG C 382 -9.37 -21.14 -31.56
C ARG C 382 -10.75 -21.79 -31.59
N HIS C 383 -11.71 -21.31 -30.81
CA HIS C 383 -13.08 -21.81 -30.79
C HIS C 383 -14.10 -20.86 -31.44
N PHE C 384 -13.64 -19.94 -32.28
CA PHE C 384 -14.43 -18.85 -32.88
C PHE C 384 -15.80 -19.28 -33.43
N THR C 385 -15.92 -20.47 -34.00
CA THR C 385 -17.17 -20.99 -34.58
C THR C 385 -18.26 -21.35 -33.56
N GLN C 386 -17.92 -21.54 -32.28
CA GLN C 386 -18.82 -22.11 -31.26
C GLN C 386 -18.68 -21.47 -29.86
N VAL C 387 -17.81 -20.49 -29.71
CA VAL C 387 -17.59 -19.75 -28.48
C VAL C 387 -17.57 -18.26 -28.77
N GLU C 388 -18.29 -17.46 -28.00
CA GLU C 388 -18.32 -15.99 -28.11
C GLU C 388 -18.16 -15.37 -26.73
N TYR C 389 -17.59 -14.18 -26.64
CA TYR C 389 -17.30 -13.49 -25.38
C TYR C 389 -17.81 -12.06 -25.43
N PHE C 390 -18.43 -11.60 -24.34
CA PHE C 390 -18.92 -10.24 -24.20
C PHE C 390 -18.48 -9.62 -22.89
N TRP C 391 -18.08 -8.36 -22.94
CA TRP C 391 -17.90 -7.54 -21.76
C TRP C 391 -19.25 -7.27 -21.13
N GLY C 392 -19.40 -7.48 -19.83
CA GLY C 392 -20.60 -7.10 -19.08
C GLY C 392 -20.82 -7.97 -17.87
N SER C 393 -21.89 -7.76 -17.13
CA SER C 393 -22.20 -8.54 -15.93
C SER C 393 -23.64 -9.00 -15.90
N VAL C 394 -23.88 -10.22 -15.41
CA VAL C 394 -25.23 -10.70 -15.14
C VAL C 394 -25.96 -9.87 -14.09
N MET C 395 -25.29 -8.95 -13.40
CA MET C 395 -25.94 -7.98 -12.52
C MET C 395 -26.69 -6.87 -13.27
N ASP C 396 -26.51 -6.70 -14.58
CA ASP C 396 -27.23 -5.68 -15.38
C ASP C 396 -28.25 -6.30 -16.32
N ALA C 397 -29.51 -5.87 -16.25
CA ALA C 397 -30.54 -6.33 -17.16
C ALA C 397 -30.21 -6.04 -18.64
N ASN C 398 -29.51 -4.94 -18.93
CA ASN C 398 -29.09 -4.62 -20.28
C ASN C 398 -28.08 -5.64 -20.83
N ASP C 399 -27.14 -6.10 -20.00
CA ASP C 399 -26.17 -7.11 -20.41
C ASP C 399 -26.81 -8.48 -20.57
N LEU C 400 -27.75 -8.84 -19.70
CA LEU C 400 -28.54 -10.05 -19.86
C LEU C 400 -29.37 -10.04 -21.14
N GLU C 401 -29.76 -8.87 -21.62
CA GLU C 401 -30.46 -8.83 -22.87
C GLU C 401 -29.50 -8.98 -24.01
N ARG C 402 -28.30 -8.47 -23.87
CA ARG C 402 -27.33 -8.57 -24.91
C ARG C 402 -26.99 -10.02 -25.16
N VAL C 403 -26.77 -10.78 -24.11
CA VAL C 403 -26.44 -12.18 -24.22
C VAL C 403 -27.69 -12.95 -24.55
N LYS C 404 -28.81 -12.29 -24.63
CA LYS C 404 -30.02 -12.96 -25.13
C LYS C 404 -30.54 -14.05 -24.19
N ILE C 405 -30.39 -13.86 -22.89
CA ILE C 405 -30.64 -14.93 -21.90
C ILE C 405 -32.11 -15.37 -21.80
N GLN C 406 -33.06 -14.58 -22.33
CA GLN C 406 -34.46 -14.98 -22.49
C GLN C 406 -34.61 -16.32 -23.23
N GLU C 407 -33.67 -16.63 -24.11
CA GLU C 407 -33.72 -17.80 -24.99
C GLU C 407 -32.41 -18.58 -25.02
N ALA C 408 -31.58 -18.40 -23.99
CA ALA C 408 -30.51 -19.34 -23.66
C ALA C 408 -31.10 -20.66 -23.15
N ASP C 409 -30.37 -21.75 -23.33
CA ASP C 409 -30.78 -23.07 -22.87
C ASP C 409 -30.52 -23.25 -21.36
N ALA C 410 -29.44 -22.67 -20.86
CA ALA C 410 -29.08 -22.61 -19.45
C ALA C 410 -28.09 -21.46 -19.20
N CYS C 411 -27.94 -21.08 -17.94
CA CYS C 411 -26.86 -20.21 -17.49
C CYS C 411 -25.99 -20.94 -16.47
N LEU C 412 -24.68 -20.97 -16.67
CA LEU C 412 -23.73 -21.62 -15.77
C LEU C 412 -22.94 -20.56 -15.01
N VAL C 413 -22.96 -20.61 -13.69
CA VAL C 413 -22.26 -19.65 -12.83
C VAL C 413 -21.08 -20.35 -12.18
N LEU C 414 -19.88 -20.13 -12.70
CA LEU C 414 -18.62 -20.73 -12.24
C LEU C 414 -18.09 -19.99 -11.02
N ALA C 415 -17.49 -20.69 -10.07
CA ALA C 415 -16.97 -20.13 -8.83
C ALA C 415 -15.44 -20.15 -8.78
N ASN C 416 -14.84 -19.13 -8.18
CA ASN C 416 -13.41 -19.14 -7.87
C ASN C 416 -13.14 -20.05 -6.67
N LYS C 417 -12.81 -21.32 -6.91
CA LYS C 417 -12.55 -22.32 -5.86
C LYS C 417 -11.35 -21.96 -4.96
N TYR C 418 -10.51 -21.01 -5.38
CA TYR C 418 -9.27 -20.61 -4.70
C TYR C 418 -9.29 -19.11 -4.33
N CYS C 419 -10.46 -18.59 -3.97
CA CYS C 419 -10.61 -17.24 -3.41
C CYS C 419 -10.11 -17.17 -1.97
N GLN C 420 -9.76 -15.96 -1.51
CA GLN C 420 -9.31 -15.72 -0.14
C GLN C 420 -10.37 -16.06 0.92
N ASP C 421 -11.66 -15.99 0.57
CA ASP C 421 -12.78 -16.29 1.46
C ASP C 421 -14.00 -16.84 0.67
N PRO C 422 -14.48 -18.06 0.99
CA PRO C 422 -15.54 -18.67 0.20
C PRO C 422 -16.93 -18.09 0.43
N ASP C 423 -17.19 -17.36 1.52
CA ASP C 423 -18.50 -16.75 1.72
C ASP C 423 -18.69 -15.51 0.87
N GLN C 424 -17.65 -14.70 0.66
CA GLN C 424 -17.75 -13.61 -0.30
C GLN C 424 -17.92 -14.13 -1.72
N GLU C 425 -17.27 -15.25 -2.08
CA GLU C 425 -17.48 -15.87 -3.38
C GLU C 425 -18.88 -16.45 -3.53
N ASP C 426 -19.39 -17.18 -2.54
CA ASP C 426 -20.76 -17.67 -2.56
C ASP C 426 -21.78 -16.55 -2.55
N ALA C 427 -21.58 -15.49 -1.77
CA ALA C 427 -22.50 -14.36 -1.77
C ALA C 427 -22.58 -13.70 -3.14
N ALA C 428 -21.45 -13.50 -3.81
CA ALA C 428 -21.43 -13.01 -5.18
C ALA C 428 -22.19 -13.94 -6.13
N ASN C 429 -21.95 -15.25 -6.08
CA ASN C 429 -22.64 -16.17 -6.98
C ASN C 429 -24.13 -16.27 -6.68
N ILE C 430 -24.56 -16.19 -5.43
CA ILE C 430 -25.98 -16.11 -5.09
C ILE C 430 -26.59 -14.81 -5.62
N MET C 431 -25.89 -13.71 -5.57
CA MET C 431 -26.46 -12.52 -6.12
C MET C 431 -26.58 -12.60 -7.61
N ARG C 432 -25.77 -13.42 -8.24
CA ARG C 432 -25.85 -13.55 -9.66
C ARG C 432 -27.04 -14.34 -10.05
N VAL C 433 -27.41 -15.33 -9.27
CA VAL C 433 -28.57 -16.13 -9.58
C VAL C 433 -29.78 -15.31 -9.28
N ILE C 434 -29.74 -14.55 -8.21
CA ILE C 434 -30.87 -13.66 -7.94
C ILE C 434 -31.07 -12.70 -9.10
N SER C 435 -29.99 -12.11 -9.63
CA SER C 435 -30.09 -11.20 -10.77
C SER C 435 -30.62 -11.89 -12.01
N ILE C 436 -30.07 -13.05 -12.36
CA ILE C 436 -30.49 -13.81 -13.53
C ILE C 436 -31.97 -14.16 -13.45
N LYS C 437 -32.44 -14.67 -12.31
CA LYS C 437 -33.85 -15.04 -12.16
C LYS C 437 -34.80 -13.86 -11.95
N ASN C 438 -34.33 -12.72 -11.44
CA ASN C 438 -35.10 -11.48 -11.45
C ASN C 438 -35.37 -11.02 -12.89
N TYR C 439 -34.39 -11.15 -13.78
CA TYR C 439 -34.57 -10.82 -15.19
C TYR C 439 -35.55 -11.76 -15.90
N HIS C 440 -35.42 -13.06 -15.68
CA HIS C 440 -36.34 -14.07 -16.23
C HIS C 440 -36.35 -15.30 -15.35
N SER C 441 -37.49 -15.66 -14.74
CA SER C 441 -37.53 -16.70 -13.72
C SER C 441 -37.22 -18.11 -14.24
N ASP C 442 -37.51 -18.35 -15.52
CA ASP C 442 -37.60 -19.70 -16.06
C ASP C 442 -36.33 -20.17 -16.76
N ILE C 443 -35.29 -19.35 -16.84
CA ILE C 443 -33.98 -19.81 -17.29
C ILE C 443 -33.44 -20.83 -16.30
N LYS C 444 -32.97 -21.99 -16.78
CA LYS C 444 -32.28 -22.99 -15.97
C LYS C 444 -30.95 -22.43 -15.50
N VAL C 445 -30.74 -22.34 -14.19
CA VAL C 445 -29.47 -21.86 -13.64
C VAL C 445 -28.74 -23.01 -12.98
N ILE C 446 -27.50 -23.26 -13.41
CA ILE C 446 -26.59 -24.19 -12.76
C ILE C 446 -25.50 -23.36 -12.12
N VAL C 447 -25.30 -23.47 -10.82
CA VAL C 447 -24.38 -22.62 -10.06
C VAL C 447 -23.44 -23.47 -9.25
N GLN C 448 -22.19 -23.04 -9.17
CA GLN C 448 -21.19 -23.69 -8.34
C GLN C 448 -21.13 -22.96 -7.00
N LEU C 449 -21.28 -23.70 -5.89
CA LEU C 449 -21.17 -23.15 -4.54
C LEU C 449 -20.00 -23.76 -3.81
N LEU C 450 -19.29 -22.98 -3.01
CA LEU C 450 -18.15 -23.45 -2.24
C LEU C 450 -18.52 -23.96 -0.86
N GLN C 451 -19.66 -23.57 -0.28
CA GLN C 451 -20.03 -23.94 1.10
C GLN C 451 -21.45 -24.49 1.16
N TYR C 452 -21.67 -25.56 1.91
CA TYR C 452 -22.98 -26.20 1.94
C TYR C 452 -24.05 -25.34 2.62
N HIS C 453 -23.73 -24.61 3.68
CA HIS C 453 -24.72 -23.78 4.37
C HIS C 453 -25.26 -22.64 3.49
N ASN C 454 -24.47 -22.13 2.55
CA ASN C 454 -24.94 -21.13 1.59
C ASN C 454 -25.96 -21.67 0.58
N LYS C 455 -26.04 -22.98 0.39
CA LYS C 455 -27.04 -23.62 -0.47
C LYS C 455 -28.47 -23.38 0.02
N ALA C 456 -28.67 -23.23 1.32
CA ALA C 456 -29.98 -22.88 1.88
C ALA C 456 -30.49 -21.55 1.34
N TYR C 457 -29.63 -20.54 1.15
CA TYR C 457 -30.05 -19.24 0.68
C TYR C 457 -30.67 -19.31 -0.71
N LEU C 458 -30.05 -20.01 -1.67
CA LEU C 458 -30.66 -20.12 -2.98
C LEU C 458 -31.82 -21.10 -3.07
N LEU C 459 -31.93 -22.08 -2.16
CA LEU C 459 -33.16 -22.88 -2.06
C LEU C 459 -34.36 -22.02 -1.66
N ASN C 460 -34.11 -20.93 -0.94
CA ASN C 460 -35.15 -19.99 -0.50
C ASN C 460 -35.44 -18.86 -1.51
N ILE C 461 -34.78 -18.80 -2.67
CA ILE C 461 -35.13 -17.85 -3.73
C ILE C 461 -36.53 -18.18 -4.26
N PRO C 462 -37.44 -17.21 -4.47
CA PRO C 462 -38.83 -17.49 -4.82
C PRO C 462 -39.02 -18.30 -6.10
N SER C 463 -38.09 -18.16 -7.05
CA SER C 463 -38.18 -18.74 -8.38
C SER C 463 -37.18 -19.85 -8.66
N TRP C 464 -36.43 -20.32 -7.66
CA TRP C 464 -35.56 -21.49 -7.79
C TRP C 464 -36.36 -22.78 -7.76
N ASP C 465 -36.14 -23.69 -8.71
CA ASP C 465 -36.90 -24.96 -8.76
C ASP C 465 -36.09 -26.12 -9.34
N TRP C 466 -35.73 -27.09 -8.50
CA TRP C 466 -34.97 -28.24 -8.99
C TRP C 466 -35.73 -29.06 -10.03
N LYS C 467 -37.06 -29.01 -10.06
CA LYS C 467 -37.87 -29.74 -11.04
C LYS C 467 -37.76 -29.16 -12.45
N ARG C 468 -37.33 -27.90 -12.62
CA ARG C 468 -36.91 -27.37 -13.93
C ARG C 468 -35.44 -27.64 -14.25
N GLY C 469 -34.69 -28.19 -13.31
CA GLY C 469 -33.26 -28.40 -13.42
C GLY C 469 -32.42 -27.23 -12.92
N ASP C 470 -32.95 -26.27 -12.17
CA ASP C 470 -32.07 -25.37 -11.41
C ASP C 470 -31.23 -26.20 -10.44
N ASP C 471 -29.92 -25.95 -10.37
CA ASP C 471 -29.00 -26.90 -9.75
C ASP C 471 -27.79 -26.25 -9.11
N ALA C 472 -27.56 -26.51 -7.83
CA ALA C 472 -26.42 -26.01 -7.11
C ALA C 472 -25.41 -27.13 -6.89
N VAL C 473 -24.34 -27.12 -7.67
CA VAL C 473 -23.20 -28.03 -7.54
C VAL C 473 -22.34 -27.53 -6.39
N CYS C 474 -22.58 -28.04 -5.18
CA CYS C 474 -21.84 -27.64 -4.00
C CYS C 474 -20.53 -28.43 -3.90
N VAL C 475 -19.41 -27.74 -4.05
CA VAL C 475 -18.08 -28.33 -4.05
C VAL C 475 -17.77 -29.01 -2.73
N ALA C 476 -18.09 -28.39 -1.59
CA ALA C 476 -17.85 -29.00 -0.28
C ALA C 476 -18.72 -30.23 -0.03
N GLU C 477 -20.00 -30.20 -0.41
CA GLU C 477 -20.91 -31.33 -0.27
C GLU C 477 -20.38 -32.54 -1.05
N LEU C 478 -20.02 -32.32 -2.31
CA LEU C 478 -19.52 -33.37 -3.18
C LEU C 478 -18.19 -33.88 -2.70
N LYS C 479 -17.19 -33.01 -2.52
CA LYS C 479 -15.84 -33.37 -2.08
C LYS C 479 -15.86 -34.31 -0.88
N LEU C 480 -16.55 -33.92 0.18
CA LEU C 480 -16.59 -34.73 1.40
C LEU C 480 -17.41 -36.00 1.20
N GLY C 481 -18.42 -36.03 0.33
CA GLY C 481 -19.16 -37.24 0.03
C GLY C 481 -18.37 -38.25 -0.82
N PHE C 482 -17.56 -37.79 -1.77
CA PHE C 482 -16.60 -38.66 -2.47
C PHE C 482 -15.58 -39.23 -1.47
N ILE C 483 -15.06 -38.44 -0.55
CA ILE C 483 -14.11 -38.90 0.46
C ILE C 483 -14.76 -39.89 1.43
N ALA C 484 -15.98 -39.63 1.90
CA ALA C 484 -16.73 -40.56 2.74
C ALA C 484 -16.92 -41.91 2.06
N GLN C 485 -17.10 -41.91 0.74
CA GLN C 485 -17.23 -43.13 -0.02
C GLN C 485 -15.95 -43.97 -0.01
N SER C 486 -14.77 -43.35 -0.03
CA SER C 486 -13.53 -44.11 0.16
C SER C 486 -13.40 -44.70 1.56
N CYS C 487 -14.05 -44.15 2.59
CA CYS C 487 -14.05 -44.78 3.91
C CYS C 487 -14.81 -46.10 3.92
N LEU C 488 -15.82 -46.22 3.05
CA LEU C 488 -16.67 -47.40 2.90
C LEU C 488 -16.11 -48.41 1.89
N ALA C 489 -15.52 -47.91 0.80
CA ALA C 489 -14.94 -48.69 -0.28
C ALA C 489 -13.65 -48.01 -0.76
N PRO C 490 -12.50 -48.33 -0.15
CA PRO C 490 -11.24 -47.66 -0.44
C PRO C 490 -10.95 -47.51 -1.93
N GLY C 491 -10.53 -46.32 -2.33
CA GLY C 491 -10.29 -45.97 -3.72
C GLY C 491 -11.50 -45.55 -4.53
N PHE C 492 -12.73 -45.70 -4.02
CA PHE C 492 -13.93 -45.34 -4.79
C PHE C 492 -14.00 -43.87 -5.17
N SER C 493 -13.38 -42.96 -4.41
CA SER C 493 -13.27 -41.55 -4.80
C SER C 493 -12.64 -41.39 -6.18
N THR C 494 -11.61 -42.17 -6.48
CA THR C 494 -10.92 -42.12 -7.77
C THR C 494 -11.76 -42.72 -8.87
N LEU C 495 -12.41 -43.87 -8.63
CA LEU C 495 -13.28 -44.48 -9.62
C LEU C 495 -14.36 -43.49 -10.03
N MET C 496 -15.07 -42.98 -9.04
CA MET C 496 -16.21 -42.13 -9.30
C MET C 496 -15.81 -40.77 -9.83
N ALA C 497 -14.73 -40.14 -9.36
CA ALA C 497 -14.29 -38.87 -9.90
C ALA C 497 -13.83 -38.96 -11.35
N ASN C 498 -13.08 -40.00 -11.73
CA ASN C 498 -12.70 -40.20 -13.13
C ASN C 498 -13.91 -40.38 -14.04
N LEU C 499 -14.99 -40.94 -13.52
CA LEU C 499 -16.20 -41.24 -14.26
C LEU C 499 -16.97 -40.00 -14.71
N PHE C 500 -16.67 -38.81 -14.17
CA PHE C 500 -17.39 -37.57 -14.44
C PHE C 500 -16.55 -36.48 -15.08
N THR C 501 -15.49 -36.83 -15.78
CA THR C 501 -14.90 -35.91 -16.75
C THR C 501 -14.51 -36.62 -18.02
N MET C 502 -14.72 -35.94 -19.14
CA MET C 502 -14.52 -36.49 -20.47
C MET C 502 -13.04 -36.69 -20.72
N ARG C 503 -12.60 -37.94 -20.89
CA ARG C 503 -11.21 -38.28 -21.27
C ARG C 503 -11.20 -39.45 -22.22
N SER C 504 -10.17 -39.49 -23.06
CA SER C 504 -10.01 -40.56 -24.03
C SER C 504 -8.67 -41.22 -23.86
N TYR C 505 -8.62 -42.54 -23.97
CA TYR C 505 -7.39 -43.27 -23.76
C TYR C 505 -6.40 -43.05 -24.86
N LYS C 506 -5.13 -43.18 -24.57
CA LYS C 506 -4.10 -42.91 -25.55
C LYS C 506 -2.78 -43.42 -25.01
N PRO C 507 -2.45 -44.68 -25.29
CA PRO C 507 -1.25 -45.26 -24.70
C PRO C 507 0.04 -44.52 -25.09
N THR C 508 1.10 -44.74 -24.33
CA THR C 508 2.47 -44.33 -24.70
C THR C 508 3.46 -45.45 -24.37
N PRO C 509 4.60 -45.57 -25.09
CA PRO C 509 5.55 -46.66 -24.85
C PRO C 509 6.25 -46.56 -23.49
N GLU C 510 6.40 -45.35 -22.94
CA GLU C 510 6.96 -45.12 -21.60
C GLU C 510 6.07 -45.56 -20.44
N MET C 511 4.78 -45.81 -20.69
CA MET C 511 3.77 -46.14 -19.68
C MET C 511 3.93 -47.58 -19.18
N SER C 512 4.10 -47.79 -17.87
CA SER C 512 4.16 -49.14 -17.29
C SER C 512 2.81 -49.85 -17.41
N GLN C 513 2.78 -51.18 -17.35
CA GLN C 513 1.55 -51.91 -17.65
C GLN C 513 0.41 -51.62 -16.65
N TRP C 514 0.70 -51.37 -15.38
CA TRP C 514 -0.34 -50.94 -14.44
C TRP C 514 -0.91 -49.57 -14.82
N GLN C 515 -0.07 -48.64 -15.26
CA GLN C 515 -0.57 -47.36 -15.76
C GLN C 515 -1.40 -47.53 -17.03
N THR C 516 -1.10 -48.47 -17.91
CA THR C 516 -1.95 -48.70 -19.10
C THR C 516 -3.33 -49.20 -18.72
N ASP C 517 -3.44 -50.06 -17.71
CA ASP C 517 -4.73 -50.52 -17.18
C ASP C 517 -5.50 -49.39 -16.54
N TYR C 518 -4.85 -48.62 -15.66
CA TYR C 518 -5.46 -47.47 -15.03
C TYR C 518 -5.94 -46.47 -16.07
N MET C 519 -5.07 -46.06 -16.99
CA MET C 519 -5.40 -45.07 -18.00
C MET C 519 -6.51 -45.55 -18.94
N ARG C 520 -6.56 -46.84 -19.30
CA ARG C 520 -7.68 -47.39 -20.06
C ARG C 520 -9.01 -47.23 -19.30
N GLY C 521 -9.00 -47.43 -17.99
CA GLY C 521 -10.15 -47.15 -17.13
C GLY C 521 -10.51 -45.66 -17.08
N THR C 522 -9.55 -44.74 -17.02
CA THR C 522 -9.85 -43.30 -17.01
C THR C 522 -10.55 -42.82 -18.27
N GLY C 523 -10.42 -43.54 -19.38
CA GLY C 523 -11.05 -43.18 -20.65
C GLY C 523 -12.57 -43.38 -20.66
N MET C 524 -13.16 -43.93 -19.61
CA MET C 524 -14.59 -44.17 -19.50
C MET C 524 -15.28 -43.14 -18.63
N GLU C 525 -16.47 -42.72 -19.04
CA GLU C 525 -17.27 -41.79 -18.26
C GLU C 525 -18.76 -42.12 -18.41
N MET C 526 -19.59 -41.50 -17.55
CA MET C 526 -21.02 -41.76 -17.43
C MET C 526 -21.82 -41.23 -18.63
N TYR C 527 -22.77 -42.01 -19.15
CA TYR C 527 -23.64 -41.64 -20.26
C TYR C 527 -25.09 -42.08 -20.05
N THR C 528 -26.00 -41.48 -20.81
CA THR C 528 -27.44 -41.78 -20.78
C THR C 528 -27.95 -42.04 -22.19
N GLU C 529 -28.74 -43.09 -22.38
CA GLU C 529 -29.39 -43.41 -23.65
C GLU C 529 -30.73 -44.09 -23.46
N TYR C 530 -31.59 -44.00 -24.47
CA TYR C 530 -32.79 -44.83 -24.53
C TYR C 530 -32.43 -46.26 -24.92
N LEU C 531 -32.87 -47.22 -24.13
CA LEU C 531 -32.77 -48.64 -24.49
C LEU C 531 -33.64 -48.94 -25.72
N SER C 532 -33.15 -49.72 -26.67
CA SER C 532 -33.94 -50.12 -27.85
C SER C 532 -35.14 -50.98 -27.49
N SER C 533 -36.08 -51.13 -28.44
CA SER C 533 -37.27 -51.97 -28.26
C SER C 533 -36.95 -53.43 -27.91
N ALA C 534 -35.77 -53.93 -28.29
CA ALA C 534 -35.33 -55.29 -27.96
C ALA C 534 -35.18 -55.54 -26.45
N PHE C 535 -35.00 -54.51 -25.64
CA PHE C 535 -34.94 -54.63 -24.18
C PHE C 535 -36.31 -54.67 -23.50
N ASN C 536 -37.40 -54.33 -24.18
CA ASN C 536 -38.70 -54.18 -23.53
C ASN C 536 -39.13 -55.51 -22.87
N ALA C 537 -39.62 -55.43 -21.64
CA ALA C 537 -40.03 -56.57 -20.81
C ALA C 537 -38.92 -57.56 -20.39
N LEU C 538 -37.65 -57.31 -20.66
CA LEU C 538 -36.57 -57.94 -19.89
C LEU C 538 -36.62 -57.43 -18.43
N THR C 539 -36.20 -58.25 -17.47
CA THR C 539 -35.84 -57.75 -16.15
C THR C 539 -34.55 -56.93 -16.22
N PHE C 540 -34.33 -56.02 -15.27
CA PHE C 540 -33.08 -55.26 -15.26
C PHE C 540 -31.81 -56.14 -15.30
N PRO C 541 -31.69 -57.23 -14.52
CA PRO C 541 -30.52 -58.10 -14.60
C PRO C 541 -30.30 -58.69 -15.99
N GLU C 542 -31.36 -59.11 -16.68
CA GLU C 542 -31.23 -59.59 -18.07
C GLU C 542 -30.75 -58.49 -19.01
N ALA C 543 -31.28 -57.27 -18.87
CA ALA C 543 -30.84 -56.16 -19.68
C ALA C 543 -29.37 -55.81 -19.44
N ALA C 544 -28.91 -55.85 -18.19
CA ALA C 544 -27.53 -55.61 -17.84
C ALA C 544 -26.60 -56.72 -18.37
N GLU C 545 -26.98 -57.99 -18.26
CA GLU C 545 -26.26 -59.10 -18.90
C GLU C 545 -26.14 -58.89 -20.40
N LEU C 546 -27.23 -58.53 -21.07
CA LEU C 546 -27.27 -58.32 -22.52
C LEU C 546 -26.31 -57.20 -22.91
N CYS C 547 -26.44 -56.02 -22.29
CA CYS C 547 -25.61 -54.86 -22.59
C CYS C 547 -24.13 -55.18 -22.43
N PHE C 548 -23.76 -55.86 -21.34
CA PHE C 548 -22.39 -56.20 -21.08
C PHE C 548 -21.89 -57.26 -22.06
N SER C 549 -22.47 -58.46 -21.99
CA SER C 549 -21.97 -59.63 -22.72
C SER C 549 -22.04 -59.45 -24.23
N LYS C 550 -23.10 -58.87 -24.79
CA LYS C 550 -23.15 -58.53 -26.22
C LYS C 550 -22.52 -57.17 -26.45
N LEU C 551 -23.18 -56.09 -26.08
CA LEU C 551 -22.83 -54.74 -26.54
C LEU C 551 -21.52 -54.17 -25.98
N LYS C 552 -20.85 -54.83 -25.04
CA LYS C 552 -19.65 -54.34 -24.32
C LYS C 552 -19.95 -53.10 -23.47
N LEU C 553 -21.21 -52.84 -23.11
CA LEU C 553 -21.65 -51.66 -22.36
C LEU C 553 -22.06 -52.05 -20.94
N LEU C 554 -21.60 -51.31 -19.94
CA LEU C 554 -21.97 -51.53 -18.54
C LEU C 554 -23.20 -50.68 -18.19
N LEU C 555 -24.34 -51.33 -17.96
CA LEU C 555 -25.61 -50.68 -17.62
C LEU C 555 -25.76 -50.61 -16.09
N LEU C 556 -25.82 -49.42 -15.50
CA LEU C 556 -25.89 -49.27 -14.04
C LEU C 556 -27.30 -49.19 -13.48
N ALA C 557 -28.17 -48.47 -14.19
CA ALA C 557 -29.37 -47.88 -13.63
C ALA C 557 -30.36 -47.54 -14.73
N ILE C 558 -31.62 -47.33 -14.37
CA ILE C 558 -32.70 -46.93 -15.28
C ILE C 558 -33.59 -45.87 -14.65
N GLU C 559 -34.08 -44.92 -15.45
CA GLU C 559 -35.10 -43.96 -15.01
C GLU C 559 -36.49 -44.59 -15.19
N VAL C 560 -37.05 -45.11 -14.11
CA VAL C 560 -38.38 -45.74 -14.08
C VAL C 560 -39.48 -44.68 -14.18
N ARG C 561 -40.45 -44.87 -15.06
CA ARG C 561 -41.57 -43.94 -15.26
C ARG C 561 -42.49 -43.81 -14.04
N GLU C 567 -44.66 -38.59 -13.36
CA GLU C 567 -43.36 -38.50 -12.71
C GLU C 567 -42.49 -39.75 -12.92
N SER C 568 -41.19 -39.64 -12.62
CA SER C 568 -40.20 -40.71 -12.81
C SER C 568 -39.12 -40.70 -11.72
N THR C 569 -38.48 -41.84 -11.50
CA THR C 569 -37.51 -42.10 -10.43
C THR C 569 -36.32 -42.90 -10.93
N LEU C 570 -35.12 -42.53 -10.49
CA LEU C 570 -33.89 -43.22 -10.88
C LEU C 570 -33.67 -44.47 -10.01
N ALA C 571 -33.61 -45.65 -10.61
CA ALA C 571 -33.34 -46.90 -9.92
C ALA C 571 -31.94 -47.43 -10.28
N ILE C 572 -31.07 -47.62 -9.28
CA ILE C 572 -29.70 -48.11 -9.46
C ILE C 572 -29.67 -49.60 -9.14
N ASN C 573 -29.12 -50.40 -10.05
CA ASN C 573 -29.06 -51.85 -9.95
C ASN C 573 -30.33 -52.52 -9.35
N PRO C 574 -31.55 -52.19 -9.81
CA PRO C 574 -32.76 -52.75 -9.23
C PRO C 574 -32.84 -54.27 -9.48
N GLY C 575 -33.54 -54.99 -8.61
CA GLY C 575 -33.64 -56.44 -8.66
C GLY C 575 -34.51 -56.98 -9.80
N PRO C 576 -34.67 -58.31 -9.91
CA PRO C 576 -35.50 -58.95 -10.93
C PRO C 576 -36.96 -58.50 -10.94
N LYS C 577 -37.45 -57.92 -9.85
CA LYS C 577 -38.82 -57.44 -9.71
C LYS C 577 -39.19 -56.27 -10.63
N VAL C 578 -38.24 -55.60 -11.29
CA VAL C 578 -38.53 -54.52 -12.26
C VAL C 578 -38.23 -54.95 -13.69
N LYS C 579 -39.17 -54.65 -14.59
CA LYS C 579 -39.00 -54.80 -16.04
C LYS C 579 -38.51 -53.49 -16.66
N ILE C 580 -37.79 -53.58 -17.76
CA ILE C 580 -37.59 -52.46 -18.67
C ILE C 580 -38.92 -52.15 -19.37
N GLU C 581 -39.38 -50.90 -19.34
CA GLU C 581 -40.57 -50.45 -20.07
C GLU C 581 -40.30 -50.31 -21.58
N ASN C 582 -41.20 -49.71 -22.34
CA ASN C 582 -40.86 -49.09 -23.61
C ASN C 582 -40.22 -47.69 -23.37
N ALA C 583 -39.25 -47.29 -24.20
CA ALA C 583 -38.58 -45.99 -24.14
C ALA C 583 -37.94 -45.64 -22.78
N THR C 584 -37.36 -46.63 -22.10
CA THR C 584 -36.63 -46.45 -20.84
C THR C 584 -35.27 -45.79 -21.07
N GLN C 585 -34.98 -44.69 -20.36
CA GLN C 585 -33.63 -44.14 -20.23
C GLN C 585 -32.79 -45.06 -19.33
N GLY C 586 -31.62 -45.48 -19.81
CA GLY C 586 -30.62 -46.23 -19.06
C GLY C 586 -29.33 -45.43 -18.87
N PHE C 587 -28.62 -45.68 -17.78
CA PHE C 587 -27.34 -45.07 -17.46
C PHE C 587 -26.20 -46.06 -17.66
N PHE C 588 -25.16 -45.63 -18.35
CA PHE C 588 -24.09 -46.49 -18.84
C PHE C 588 -22.71 -45.96 -18.48
N ILE C 589 -21.76 -46.88 -18.37
CA ILE C 589 -20.33 -46.57 -18.40
C ILE C 589 -19.76 -47.08 -19.72
N ALA C 590 -19.08 -46.22 -20.47
CA ALA C 590 -18.52 -46.52 -21.78
C ALA C 590 -17.40 -45.54 -22.15
N GLU C 591 -16.65 -45.79 -23.22
CA GLU C 591 -15.55 -44.93 -23.62
C GLU C 591 -16.00 -43.62 -24.30
N SER C 592 -17.18 -43.59 -24.91
CA SER C 592 -17.78 -42.42 -25.56
C SER C 592 -19.28 -42.58 -25.74
N ALA C 593 -20.02 -41.48 -25.90
CA ALA C 593 -21.44 -41.48 -26.22
C ALA C 593 -21.76 -42.26 -27.49
N GLU C 594 -20.91 -42.15 -28.51
CA GLU C 594 -21.11 -42.85 -29.78
C GLU C 594 -20.95 -44.36 -29.63
N GLU C 595 -20.26 -44.83 -28.60
CA GLU C 595 -20.21 -46.24 -28.23
C GLU C 595 -21.52 -46.68 -27.57
N VAL C 596 -22.08 -45.85 -26.70
CA VAL C 596 -23.33 -46.16 -25.96
C VAL C 596 -24.52 -46.25 -26.90
N LYS C 597 -24.50 -45.54 -28.03
CA LYS C 597 -25.59 -45.55 -29.00
C LYS C 597 -25.88 -46.95 -29.55
N ARG C 598 -24.97 -47.93 -29.42
CA ARG C 598 -25.30 -49.35 -29.63
C ARG C 598 -26.52 -49.80 -28.84
N ALA C 599 -26.73 -49.35 -27.61
CA ALA C 599 -27.91 -49.74 -26.83
C ALA C 599 -29.22 -49.19 -27.37
N PHE C 600 -29.19 -48.08 -28.13
CA PHE C 600 -30.37 -47.51 -28.79
C PHE C 600 -30.61 -48.15 -30.15
N TYR C 601 -29.55 -48.31 -30.95
CA TYR C 601 -29.62 -48.99 -32.24
C TYR C 601 -29.76 -50.50 -32.13
N TYR C 602 -29.56 -51.11 -30.96
CA TYR C 602 -29.48 -52.56 -30.81
C TYR C 602 -30.67 -53.24 -31.47
N CYS C 603 -30.34 -54.09 -32.43
CA CYS C 603 -31.25 -54.71 -33.35
C CYS C 603 -32.24 -55.62 -32.64
N LYS C 604 -33.32 -56.02 -33.31
CA LYS C 604 -33.96 -57.28 -32.97
C LYS C 604 -32.92 -58.41 -33.00
N ASN C 605 -33.08 -59.45 -32.21
CA ASN C 605 -32.09 -60.54 -32.12
C ASN C 605 -31.70 -61.14 -33.48
N CYS C 606 -32.63 -61.15 -34.43
CA CYS C 606 -32.44 -61.56 -35.82
C CYS C 606 -31.33 -60.79 -36.57
N HIS C 607 -31.11 -59.51 -36.23
CA HIS C 607 -30.16 -58.63 -36.91
C HIS C 607 -28.88 -58.35 -36.11
N ALA C 608 -28.63 -59.07 -35.00
CA ALA C 608 -27.43 -58.90 -34.17
C ALA C 608 -26.98 -60.21 -33.48
N ASN C 609 -26.97 -61.34 -34.21
CA ASN C 609 -26.43 -62.61 -33.74
C ASN C 609 -24.89 -62.70 -33.82
N VAL C 610 -24.24 -61.91 -34.68
CA VAL C 610 -22.81 -62.06 -35.01
C VAL C 610 -21.88 -61.47 -33.95
N SER C 611 -22.30 -60.40 -33.26
CA SER C 611 -21.64 -59.82 -32.08
C SER C 611 -20.23 -59.21 -32.26
N ASP C 612 -19.78 -58.96 -33.48
CA ASP C 612 -18.61 -58.10 -33.75
C ASP C 612 -19.04 -56.63 -33.63
N VAL C 613 -19.04 -56.09 -32.40
CA VAL C 613 -19.94 -54.99 -32.01
C VAL C 613 -19.89 -53.70 -32.83
N ARG C 614 -18.83 -53.45 -33.57
CA ARG C 614 -18.82 -52.29 -34.46
C ARG C 614 -19.90 -52.38 -35.54
N GLN C 615 -20.37 -53.57 -35.84
CA GLN C 615 -21.42 -53.80 -36.83
C GLN C 615 -22.83 -53.38 -36.36
N ILE C 616 -23.07 -53.14 -35.06
CA ILE C 616 -24.38 -52.64 -34.62
C ILE C 616 -24.57 -51.21 -35.16
N LYS C 617 -25.69 -50.99 -35.83
CA LYS C 617 -26.02 -49.74 -36.53
C LYS C 617 -27.53 -49.64 -36.75
N LYS C 618 -28.01 -48.47 -37.13
CA LYS C 618 -29.45 -48.14 -37.17
C LYS C 618 -30.32 -49.01 -38.08
N CYS C 619 -29.74 -49.81 -38.99
CA CYS C 619 -30.44 -50.74 -39.88
C CYS C 619 -30.99 -52.01 -39.19
N LYS C 620 -31.62 -51.86 -38.03
CA LYS C 620 -32.18 -52.95 -37.23
C LYS C 620 -33.43 -53.62 -37.84
N CYS C 621 -34.05 -52.99 -38.84
CA CYS C 621 -35.25 -53.46 -39.55
C CYS C 621 -35.30 -52.95 -40.99
N ARG C 706 -34.25 -48.58 16.81
CA ARG C 706 -33.40 -47.49 16.32
C ARG C 706 -34.20 -46.29 15.82
N LYS C 707 -33.56 -45.12 15.73
CA LYS C 707 -34.15 -43.84 15.30
C LYS C 707 -33.50 -43.34 14.02
N PHE C 708 -34.25 -42.61 13.21
CA PHE C 708 -33.84 -42.10 11.91
C PHE C 708 -34.26 -40.66 11.70
N ASP C 709 -33.67 -39.98 10.73
CA ASP C 709 -34.15 -38.66 10.33
C ASP C 709 -35.58 -38.75 9.75
N SER C 710 -36.25 -37.61 9.60
CA SER C 710 -37.65 -37.55 9.15
C SER C 710 -37.92 -38.19 7.78
N THR C 711 -36.96 -38.20 6.86
CA THR C 711 -37.08 -38.87 5.55
C THR C 711 -36.60 -40.33 5.59
N GLY C 712 -36.17 -40.82 6.77
CA GLY C 712 -35.78 -42.20 7.00
C GLY C 712 -34.46 -42.62 6.31
N MET C 713 -33.68 -41.67 5.83
CA MET C 713 -32.47 -41.93 5.04
C MET C 713 -31.22 -42.14 5.89
N PHE C 714 -31.14 -41.62 7.11
CA PHE C 714 -29.96 -41.67 7.98
C PHE C 714 -30.31 -42.06 9.42
N HIS C 715 -29.40 -42.76 10.12
CA HIS C 715 -29.53 -42.98 11.55
C HIS C 715 -29.44 -41.65 12.32
N TRP C 716 -30.07 -41.56 13.48
CA TRP C 716 -30.27 -40.28 14.15
C TRP C 716 -30.20 -40.35 15.67
N CYS C 717 -29.78 -39.26 16.30
CA CYS C 717 -29.80 -39.03 17.74
C CYS C 717 -30.54 -37.72 18.05
N PRO C 718 -31.23 -37.62 19.18
CA PRO C 718 -31.68 -36.33 19.69
C PRO C 718 -30.49 -35.42 19.96
N ASP C 719 -30.70 -34.10 19.87
CA ASP C 719 -29.64 -33.11 20.08
C ASP C 719 -28.92 -33.33 21.42
N ARG C 720 -27.61 -33.13 21.46
CA ARG C 720 -26.77 -33.31 22.65
C ARG C 720 -25.57 -32.37 22.67
N PRO C 721 -25.07 -31.95 23.84
CA PRO C 721 -23.93 -31.05 23.94
C PRO C 721 -22.62 -31.76 23.61
N LEU C 722 -21.63 -31.02 23.09
CA LEU C 722 -20.37 -31.59 22.60
C LEU C 722 -19.62 -32.40 23.66
N ASN C 723 -19.68 -32.00 24.93
CA ASN C 723 -18.98 -32.70 26.00
C ASN C 723 -19.56 -34.09 26.33
N ASP C 724 -20.68 -34.51 25.74
CA ASP C 724 -21.09 -35.93 25.74
C ASP C 724 -20.24 -36.79 24.80
N CYS C 725 -19.68 -36.19 23.75
CA CYS C 725 -18.88 -36.85 22.71
C CYS C 725 -17.38 -36.57 22.83
N LEU C 726 -17.00 -35.56 23.60
CA LEU C 726 -15.61 -35.21 23.85
C LEU C 726 -14.89 -36.28 24.67
N GLN C 727 -13.65 -36.59 24.32
CA GLN C 727 -12.81 -37.60 24.98
C GLN C 727 -11.39 -37.07 25.21
N ASP C 728 -10.79 -37.41 26.33
CA ASP C 728 -9.35 -37.29 26.56
C ASP C 728 -8.59 -38.49 25.97
N ARG C 729 -7.26 -38.43 25.82
CA ARG C 729 -6.43 -39.54 25.31
C ARG C 729 -6.64 -40.84 26.09
N SER C 730 -6.79 -40.73 27.41
CA SER C 730 -7.09 -41.86 28.29
C SER C 730 -8.42 -42.51 27.91
N GLN C 731 -9.49 -41.73 27.77
CA GLN C 731 -10.80 -42.22 27.35
C GLN C 731 -10.78 -42.81 25.94
N ALA C 732 -10.13 -42.14 24.99
CA ALA C 732 -10.03 -42.60 23.61
C ALA C 732 -9.30 -43.96 23.53
N SER C 733 -8.14 -44.09 24.20
CA SER C 733 -7.38 -45.34 24.22
C SER C 733 -8.04 -46.45 25.04
N ALA C 734 -8.84 -46.10 26.05
CA ALA C 734 -9.66 -47.06 26.79
C ALA C 734 -10.80 -47.62 25.93
N SER C 735 -11.37 -46.80 25.04
CA SER C 735 -12.38 -47.24 24.07
C SER C 735 -11.78 -48.21 23.05
N GLY C 736 -12.53 -49.25 22.68
CA GLY C 736 -12.06 -50.34 21.83
C GLY C 736 -12.04 -50.02 20.33
N LEU C 737 -11.51 -48.85 19.94
CA LEU C 737 -11.58 -48.34 18.59
C LEU C 737 -10.87 -49.27 17.60
N ARG C 738 -11.62 -49.80 16.65
CA ARG C 738 -11.17 -50.72 15.60
C ARG C 738 -12.10 -50.59 14.40
N ASN C 739 -11.58 -50.71 13.19
CA ASN C 739 -12.35 -50.55 11.94
C ASN C 739 -13.06 -49.18 11.81
N HIS C 740 -12.61 -48.19 12.58
CA HIS C 740 -13.19 -46.86 12.69
C HIS C 740 -12.71 -45.92 11.57
N VAL C 741 -13.28 -44.73 11.49
CA VAL C 741 -12.77 -43.64 10.66
C VAL C 741 -12.16 -42.57 11.55
N VAL C 742 -10.93 -42.15 11.28
CA VAL C 742 -10.29 -41.04 11.98
C VAL C 742 -10.27 -39.83 11.07
N VAL C 743 -10.81 -38.70 11.50
CA VAL C 743 -10.72 -37.46 10.74
C VAL C 743 -9.65 -36.58 11.38
N CYS C 744 -8.49 -36.49 10.76
CA CYS C 744 -7.42 -35.59 11.15
C CYS C 744 -7.73 -34.21 10.59
N LEU C 745 -8.26 -33.32 11.42
CA LEU C 745 -8.75 -32.02 11.01
C LEU C 745 -7.77 -30.92 11.40
N PHE C 746 -7.30 -30.15 10.44
CA PHE C 746 -6.50 -28.96 10.69
C PHE C 746 -7.37 -27.73 10.59
N ALA C 747 -7.49 -26.96 11.67
CA ALA C 747 -8.38 -25.81 11.73
C ALA C 747 -7.90 -24.79 12.75
N ASP C 748 -7.98 -23.51 12.43
CA ASP C 748 -7.94 -22.45 13.45
C ASP C 748 -9.36 -22.21 13.96
N ALA C 749 -9.53 -21.75 15.20
CA ALA C 749 -10.85 -21.52 15.79
C ALA C 749 -11.73 -20.59 14.95
N ALA C 750 -11.14 -19.62 14.26
CA ALA C 750 -11.81 -18.65 13.40
C ALA C 750 -12.02 -19.09 11.93
N SER C 751 -11.40 -20.19 11.49
CA SER C 751 -11.37 -20.59 10.07
C SER C 751 -12.75 -21.00 9.52
N PRO C 752 -13.02 -20.92 8.21
CA PRO C 752 -14.35 -21.19 7.67
C PRO C 752 -14.83 -22.62 7.89
N LEU C 753 -16.14 -22.84 8.01
CA LEU C 753 -16.72 -24.16 8.18
C LEU C 753 -16.58 -25.00 6.91
N ILE C 754 -15.93 -26.17 7.00
CA ILE C 754 -15.90 -27.14 5.88
C ILE C 754 -17.15 -28.01 5.80
N GLY C 755 -17.96 -28.06 6.85
CA GLY C 755 -19.21 -28.82 6.86
C GLY C 755 -18.97 -30.32 6.99
N LEU C 756 -18.35 -30.76 8.09
CA LEU C 756 -18.10 -32.18 8.37
C LEU C 756 -19.38 -33.03 8.38
N ARG C 757 -20.55 -32.41 8.50
CA ARG C 757 -21.86 -33.01 8.22
C ARG C 757 -21.87 -33.81 6.92
N ASN C 758 -21.24 -33.30 5.87
CA ASN C 758 -21.18 -33.97 4.56
C ASN C 758 -20.20 -35.15 4.52
N LEU C 759 -19.19 -35.20 5.39
CA LEU C 759 -18.31 -36.37 5.54
C LEU C 759 -18.98 -37.45 6.39
N VAL C 760 -19.62 -37.06 7.50
CA VAL C 760 -20.20 -38.01 8.46
C VAL C 760 -21.52 -38.59 7.97
N MET C 761 -22.40 -37.78 7.39
CA MET C 761 -23.74 -38.22 7.02
C MET C 761 -23.77 -39.45 6.08
N PRO C 762 -22.95 -39.57 5.03
CA PRO C 762 -22.92 -40.79 4.22
C PRO C 762 -22.47 -42.03 5.00
N LEU C 763 -21.64 -41.87 6.03
CA LEU C 763 -21.24 -42.96 6.93
C LEU C 763 -22.35 -43.35 7.91
N ARG C 764 -23.52 -42.72 7.82
CA ARG C 764 -24.63 -43.02 8.72
C ARG C 764 -25.90 -43.34 7.96
N ALA C 765 -25.82 -43.58 6.68
CA ALA C 765 -26.92 -44.01 5.85
C ALA C 765 -27.70 -45.15 6.51
N SER C 766 -29.03 -45.03 6.54
CA SER C 766 -29.95 -46.05 7.06
C SER C 766 -29.94 -47.34 6.24
N ASN C 767 -29.19 -47.35 5.13
CA ASN C 767 -28.86 -48.54 4.37
C ASN C 767 -28.15 -49.61 5.25
N PHE C 768 -27.28 -49.16 6.16
CA PHE C 768 -26.53 -50.02 7.08
C PHE C 768 -27.36 -50.49 8.26
N HIS C 769 -27.02 -51.63 8.84
CA HIS C 769 -27.46 -51.95 10.21
C HIS C 769 -26.67 -51.14 11.23
N TYR C 770 -27.26 -50.82 12.39
CA TYR C 770 -26.58 -49.99 13.38
C TYR C 770 -25.23 -50.57 13.83
N HIS C 771 -25.16 -51.90 13.97
CA HIS C 771 -23.94 -52.59 14.38
C HIS C 771 -22.79 -52.52 13.36
N GLU C 772 -23.06 -52.23 12.08
CA GLU C 772 -22.02 -52.13 11.04
C GLU C 772 -21.69 -50.69 10.66
N LEU C 773 -22.26 -49.69 11.34
CA LEU C 773 -21.80 -48.30 11.24
C LEU C 773 -20.38 -48.17 11.77
N LYS C 774 -19.44 -47.69 10.95
CA LYS C 774 -18.07 -47.42 11.40
C LYS C 774 -18.08 -46.27 12.39
N PRO C 775 -17.60 -46.42 13.63
CA PRO C 775 -17.51 -45.30 14.56
C PRO C 775 -16.50 -44.29 14.04
N THR C 776 -16.68 -43.02 14.38
CA THR C 776 -15.92 -41.92 13.80
C THR C 776 -15.33 -41.07 14.91
N ILE C 777 -14.05 -40.74 14.84
CA ILE C 777 -13.39 -39.85 15.78
C ILE C 777 -12.80 -38.70 15.02
N ILE C 778 -13.11 -37.47 15.41
CA ILE C 778 -12.49 -36.30 14.83
C ILE C 778 -11.38 -35.85 15.78
N VAL C 779 -10.17 -35.72 15.27
CA VAL C 779 -9.03 -35.17 16.00
C VAL C 779 -8.82 -33.77 15.47
N GLY C 780 -8.90 -32.74 16.29
CA GLY C 780 -8.73 -31.38 15.81
C GLY C 780 -8.97 -30.29 16.85
N ASN C 781 -8.98 -29.04 16.39
CA ASN C 781 -9.16 -27.87 17.23
C ASN C 781 -10.56 -27.84 17.88
N LEU C 782 -10.62 -27.76 19.19
CA LEU C 782 -11.85 -27.88 19.97
C LEU C 782 -12.79 -26.68 19.77
N ASP C 783 -12.25 -25.46 19.70
CA ASP C 783 -13.05 -24.27 19.46
C ASP C 783 -13.67 -24.25 18.06
N TYR C 784 -12.97 -24.78 17.07
CA TYR C 784 -13.55 -24.99 15.75
C TYR C 784 -14.69 -26.00 15.80
N LEU C 785 -14.45 -27.14 16.46
CA LEU C 785 -15.43 -28.21 16.52
C LEU C 785 -16.71 -27.81 17.25
N HIS C 786 -16.65 -26.86 18.15
CA HIS C 786 -17.88 -26.40 18.75
C HIS C 786 -18.71 -25.76 17.70
N ARG C 787 -18.09 -25.09 16.75
CA ARG C 787 -18.83 -24.35 15.76
C ARG C 787 -19.56 -25.27 14.81
N GLU C 788 -19.02 -26.44 14.57
CA GLU C 788 -19.63 -27.35 13.61
C GLU C 788 -20.56 -28.28 14.32
N TRP C 789 -20.32 -28.46 15.59
CA TRP C 789 -21.11 -29.42 16.36
C TRP C 789 -22.62 -29.31 16.17
N LYS C 790 -23.13 -28.09 15.98
CA LYS C 790 -24.56 -27.83 15.75
C LYS C 790 -25.15 -28.69 14.63
N THR C 791 -24.33 -28.98 13.61
CA THR C 791 -24.68 -29.82 12.46
C THR C 791 -24.40 -31.32 12.67
N LEU C 792 -23.41 -31.68 13.50
CA LEU C 792 -23.00 -33.06 13.74
C LEU C 792 -23.79 -33.76 14.83
N GLN C 793 -24.36 -33.01 15.79
CA GLN C 793 -24.89 -33.56 17.03
C GLN C 793 -25.97 -34.62 16.88
N ASN C 794 -26.60 -34.75 15.73
CA ASN C 794 -27.65 -35.73 15.49
C ASN C 794 -27.14 -37.07 14.95
N PHE C 795 -25.83 -37.31 14.87
CA PHE C 795 -25.29 -38.57 14.39
C PHE C 795 -24.79 -39.48 15.53
N PRO C 796 -25.07 -40.80 15.48
CA PRO C 796 -24.58 -41.75 16.47
C PRO C 796 -23.11 -42.11 16.25
N LYS C 797 -22.51 -42.78 17.23
CA LYS C 797 -21.16 -43.39 17.17
C LYS C 797 -20.10 -42.40 16.70
N LEU C 798 -20.11 -41.21 17.26
CA LEU C 798 -19.26 -40.09 16.89
C LEU C 798 -18.60 -39.54 18.16
N SER C 799 -17.30 -39.31 18.13
CA SER C 799 -16.57 -38.71 19.25
C SER C 799 -15.48 -37.75 18.80
N ILE C 800 -14.98 -36.95 19.73
CA ILE C 800 -13.98 -35.92 19.45
C ILE C 800 -12.82 -36.08 20.41
N LEU C 801 -11.60 -36.03 19.89
CA LEU C 801 -10.37 -35.92 20.67
C LEU C 801 -9.78 -34.54 20.36
N PRO C 802 -9.68 -33.62 21.32
CA PRO C 802 -9.22 -32.28 21.04
C PRO C 802 -7.69 -32.24 20.92
N GLY C 803 -7.17 -31.39 20.03
CA GLY C 803 -5.74 -31.16 19.86
C GLY C 803 -5.21 -31.53 18.47
N SER C 804 -3.93 -31.26 18.23
CA SER C 804 -3.34 -31.38 16.89
C SER C 804 -3.28 -32.83 16.39
N PRO C 805 -3.67 -33.12 15.13
CA PRO C 805 -3.43 -34.41 14.54
C PRO C 805 -1.96 -34.74 14.28
N LEU C 806 -1.04 -33.78 14.36
CA LEU C 806 0.40 -34.03 14.20
C LEU C 806 1.01 -34.67 15.45
N ASN C 807 0.35 -34.60 16.59
CA ASN C 807 0.84 -35.19 17.83
C ASN C 807 0.69 -36.72 17.82
N ARG C 808 1.79 -37.46 17.92
CA ARG C 808 1.73 -38.93 17.89
C ARG C 808 0.97 -39.55 19.05
N ALA C 809 0.96 -38.94 20.24
CA ALA C 809 0.16 -39.47 21.33
C ALA C 809 -1.34 -39.42 21.02
N ASN C 810 -1.83 -38.40 20.33
CA ASN C 810 -3.22 -38.38 19.85
C ASN C 810 -3.48 -39.52 18.87
N LEU C 811 -2.60 -39.72 17.90
CA LEU C 811 -2.77 -40.76 16.89
C LEU C 811 -2.70 -42.17 17.48
N ARG C 812 -1.90 -42.38 18.49
CA ARG C 812 -1.87 -43.67 19.11
C ARG C 812 -3.07 -43.84 20.03
N ALA C 813 -3.46 -42.79 20.72
CA ALA C 813 -4.63 -42.89 21.58
C ALA C 813 -5.90 -43.22 20.80
N VAL C 814 -6.03 -42.75 19.57
CA VAL C 814 -7.17 -43.04 18.69
C VAL C 814 -6.99 -44.33 17.88
N ASN C 815 -6.03 -45.19 18.22
CA ASN C 815 -5.72 -46.45 17.52
C ASN C 815 -5.56 -46.30 16.01
N ILE C 816 -4.79 -45.30 15.55
CA ILE C 816 -4.66 -44.99 14.12
C ILE C 816 -4.33 -46.22 13.26
N ASN C 817 -3.55 -47.18 13.76
CA ASN C 817 -3.16 -48.37 13.03
C ASN C 817 -4.30 -49.40 12.84
N LEU C 818 -5.40 -49.29 13.57
CA LEU C 818 -6.54 -50.20 13.50
C LEU C 818 -7.73 -49.63 12.73
N CYS C 819 -7.66 -48.38 12.28
CA CYS C 819 -8.75 -47.74 11.57
C CYS C 819 -8.96 -48.34 10.17
N ASP C 820 -10.17 -48.20 9.61
CA ASP C 820 -10.45 -48.50 8.22
C ASP C 820 -10.16 -47.33 7.28
N MET C 821 -10.13 -46.10 7.77
CA MET C 821 -9.70 -44.94 7.00
C MET C 821 -9.23 -43.82 7.90
N CYS C 822 -8.14 -43.17 7.55
CA CYS C 822 -7.78 -41.88 8.09
C CYS C 822 -8.01 -40.82 7.02
N VAL C 823 -8.80 -39.81 7.34
CA VAL C 823 -9.18 -38.72 6.45
C VAL C 823 -8.45 -37.47 6.90
N ILE C 824 -7.58 -36.92 6.07
CA ILE C 824 -6.76 -35.76 6.42
C ILE C 824 -7.30 -34.57 5.66
N VAL C 825 -7.85 -33.59 6.38
CA VAL C 825 -8.56 -32.44 5.80
C VAL C 825 -8.14 -31.16 6.50
N SER C 826 -7.94 -30.09 5.74
CA SER C 826 -7.66 -28.76 6.29
C SER C 826 -8.83 -27.81 6.07
N ALA C 827 -9.34 -27.25 7.16
CA ALA C 827 -10.30 -26.16 7.17
C ALA C 827 -9.63 -24.78 7.07
N LYS C 828 -8.31 -24.70 7.24
CA LYS C 828 -7.57 -23.45 7.06
C LYS C 828 -7.74 -22.90 5.64
N ASP C 829 -7.43 -21.62 5.43
CA ASP C 829 -7.98 -20.84 4.32
C ASP C 829 -7.70 -21.34 2.88
N ARG C 830 -6.76 -22.27 2.69
CA ARG C 830 -6.34 -22.78 1.37
C ARG C 830 -5.74 -21.73 0.44
N ASN C 831 -5.33 -20.57 0.96
CA ASN C 831 -4.82 -19.42 0.21
C ASN C 831 -3.60 -18.73 0.85
N MET C 832 -3.27 -19.05 2.10
CA MET C 832 -2.12 -18.50 2.83
C MET C 832 -0.79 -18.65 2.10
N GLU C 833 0.06 -17.64 2.23
CA GLU C 833 1.45 -17.62 1.75
C GLU C 833 1.62 -18.12 0.30
N ASP C 834 2.58 -18.96 0.02
CA ASP C 834 2.92 -19.49 -1.30
C ASP C 834 2.27 -20.87 -1.54
N PRO C 835 2.19 -21.36 -2.80
CA PRO C 835 1.51 -22.60 -3.14
C PRO C 835 2.19 -23.88 -2.64
N ASN C 836 3.38 -23.78 -2.05
CA ASN C 836 4.09 -24.88 -1.42
C ASN C 836 3.63 -25.03 0.04
N LEU C 837 3.55 -23.91 0.76
CA LEU C 837 3.15 -23.88 2.16
C LEU C 837 1.69 -24.30 2.39
N VAL C 838 0.83 -24.12 1.39
CA VAL C 838 -0.62 -24.29 1.56
C VAL C 838 -1.06 -25.69 1.99
N ASP C 839 -0.29 -26.74 1.66
CA ASP C 839 -0.57 -28.13 2.06
C ASP C 839 0.38 -28.67 3.14
N LYS C 840 1.09 -27.80 3.86
CA LYS C 840 2.09 -28.21 4.85
C LYS C 840 1.55 -29.21 5.87
N GLU C 841 0.46 -28.91 6.56
CA GLU C 841 -0.07 -29.84 7.56
C GLU C 841 -0.57 -31.14 6.93
N ALA C 842 -1.25 -31.10 5.79
CA ALA C 842 -1.73 -32.31 5.15
C ALA C 842 -0.59 -33.25 4.75
N ILE C 843 0.49 -32.71 4.18
CA ILE C 843 1.67 -33.48 3.83
C ILE C 843 2.36 -33.98 5.09
N LEU C 844 2.64 -33.12 6.07
CA LEU C 844 3.33 -33.56 7.29
C LEU C 844 2.53 -34.60 8.06
N CYS C 845 1.22 -34.47 8.14
CA CYS C 845 0.37 -35.45 8.79
C CYS C 845 0.42 -36.80 8.09
N SER C 846 0.32 -36.79 6.76
CA SER C 846 0.44 -37.99 5.96
C SER C 846 1.79 -38.69 6.17
N LEU C 847 2.89 -37.96 6.05
CA LEU C 847 4.24 -38.50 6.25
C LEU C 847 4.46 -38.97 7.68
N ASN C 848 3.99 -38.21 8.68
CA ASN C 848 4.09 -38.58 10.09
C ASN C 848 3.38 -39.89 10.38
N ILE C 849 2.17 -40.09 9.84
CA ILE C 849 1.46 -41.34 10.02
C ILE C 849 2.22 -42.49 9.38
N LYS C 850 2.69 -42.35 8.14
CA LYS C 850 3.46 -43.41 7.48
C LYS C 850 4.77 -43.75 8.18
N ALA C 851 5.37 -42.79 8.88
CA ALA C 851 6.63 -43.00 9.61
C ALA C 851 6.48 -43.72 10.96
N MET C 852 5.28 -43.81 11.54
CA MET C 852 5.09 -44.51 12.81
C MET C 852 5.29 -46.03 12.72
N THR C 853 5.53 -46.66 13.87
CA THR C 853 5.48 -48.12 14.04
C THR C 853 4.63 -48.49 15.26
N PHE C 854 3.99 -49.65 15.21
CA PHE C 854 2.99 -50.10 16.19
C PHE C 854 3.33 -51.48 16.76
N ASP C 855 4.62 -51.81 16.80
CA ASP C 855 5.18 -53.09 17.23
C ASP C 855 4.99 -53.39 18.73
N ASP C 856 4.59 -52.41 19.53
CA ASP C 856 4.33 -52.58 20.97
C ASP C 856 3.19 -53.57 21.25
N ALA C 882 3.51 -50.99 11.89
CA ALA C 882 2.89 -51.25 10.58
C ALA C 882 2.92 -50.04 9.62
N GLY C 883 3.04 -48.82 10.15
CA GLY C 883 3.33 -47.60 9.40
C GLY C 883 2.49 -47.40 8.15
N ALA C 884 3.13 -47.39 6.98
CA ALA C 884 2.53 -47.17 5.67
C ALA C 884 1.41 -48.15 5.26
N ASN C 885 1.17 -49.22 6.02
CA ASN C 885 0.01 -50.08 5.81
C ASN C 885 -1.34 -49.42 6.17
N VAL C 886 -1.36 -48.37 6.99
CA VAL C 886 -2.61 -47.68 7.35
C VAL C 886 -3.17 -46.89 6.15
N PRO C 887 -4.48 -46.99 5.84
CA PRO C 887 -5.07 -46.33 4.68
C PRO C 887 -5.34 -44.85 4.94
N LEU C 888 -4.86 -43.98 4.08
CA LEU C 888 -5.05 -42.53 4.15
C LEU C 888 -5.82 -42.01 2.94
N ILE C 889 -6.66 -40.99 3.14
CA ILE C 889 -7.14 -40.14 2.06
C ILE C 889 -6.83 -38.69 2.45
N THR C 890 -6.12 -37.97 1.59
CA THR C 890 -5.72 -36.58 1.82
C THR C 890 -6.43 -35.65 0.87
N GLU C 891 -7.13 -34.66 1.40
CA GLU C 891 -7.61 -33.50 0.66
C GLU C 891 -6.43 -32.55 0.41
N LEU C 892 -6.17 -32.19 -0.85
CA LEU C 892 -5.12 -31.25 -1.24
C LEU C 892 -5.69 -29.90 -1.68
N ALA C 893 -5.18 -28.81 -1.12
CA ALA C 893 -5.55 -27.46 -1.54
C ALA C 893 -4.94 -27.07 -2.88
N ASN C 894 -3.70 -27.49 -3.16
CA ASN C 894 -3.06 -27.33 -4.46
C ASN C 894 -2.73 -28.70 -5.04
N ASP C 895 -3.30 -29.04 -6.19
CA ASP C 895 -3.08 -30.34 -6.84
C ASP C 895 -1.61 -30.63 -7.14
N SER C 896 -0.77 -29.61 -7.33
CA SER C 896 0.66 -29.79 -7.59
C SER C 896 1.41 -30.42 -6.42
N ASN C 897 0.90 -30.28 -5.20
CA ASN C 897 1.53 -30.85 -4.01
C ASN C 897 1.36 -32.37 -3.90
N VAL C 898 0.57 -33.00 -4.77
CA VAL C 898 0.38 -34.46 -4.77
C VAL C 898 1.70 -35.21 -4.85
N GLN C 899 2.70 -34.64 -5.53
CA GLN C 899 4.01 -35.27 -5.69
C GLN C 899 4.73 -35.53 -4.35
N PHE C 900 4.43 -34.79 -3.30
CA PHE C 900 5.08 -34.98 -2.01
C PHE C 900 4.46 -36.10 -1.18
N LEU C 901 3.31 -36.66 -1.57
CA LEU C 901 2.59 -37.61 -0.75
C LEU C 901 3.23 -38.99 -0.67
N ASP C 902 4.01 -39.43 -1.65
CA ASP C 902 4.62 -40.76 -1.63
C ASP C 902 5.97 -40.85 -2.37
N GLN C 903 6.70 -41.93 -2.09
CA GLN C 903 8.07 -42.19 -2.51
C GLN C 903 8.12 -43.24 -3.63
N ASP C 904 9.07 -43.11 -4.56
CA ASP C 904 9.11 -43.90 -5.80
C ASP C 904 7.86 -43.72 -6.69
N ASP C 905 7.24 -42.54 -6.66
CA ASP C 905 6.20 -42.14 -7.61
C ASP C 905 6.75 -41.80 -9.00
N ASP C 906 8.05 -41.48 -9.12
CA ASP C 906 8.66 -40.85 -10.31
C ASP C 906 7.89 -39.58 -10.73
N ASP C 907 7.96 -38.57 -9.86
CA ASP C 907 7.18 -37.34 -9.97
C ASP C 907 7.55 -36.49 -11.19
N ASP C 908 6.54 -35.85 -11.81
CA ASP C 908 6.69 -34.80 -12.82
C ASP C 908 5.77 -33.61 -12.50
N PRO C 909 6.20 -32.35 -12.68
CA PRO C 909 5.34 -31.20 -12.41
C PRO C 909 4.18 -31.03 -13.39
N ASP C 910 4.27 -31.59 -14.60
CA ASP C 910 3.35 -31.32 -15.70
C ASP C 910 2.32 -32.43 -15.97
N THR C 911 2.37 -33.59 -15.30
CA THR C 911 1.25 -34.55 -15.34
C THR C 911 0.03 -33.97 -14.64
N GLU C 912 -1.16 -34.13 -15.23
CA GLU C 912 -2.42 -33.78 -14.58
C GLU C 912 -2.64 -34.64 -13.33
N LEU C 913 -3.36 -34.13 -12.33
CA LEU C 913 -3.54 -34.82 -11.04
C LEU C 913 -4.00 -36.26 -11.21
N TYR C 914 -4.98 -36.49 -12.09
CA TYR C 914 -5.56 -37.80 -12.28
C TYR C 914 -4.59 -38.88 -12.75
N MET C 915 -3.46 -38.52 -13.37
CA MET C 915 -2.44 -39.48 -13.79
C MET C 915 -1.47 -39.84 -12.68
N THR C 916 -1.36 -39.03 -11.62
CA THR C 916 -0.36 -39.23 -10.58
C THR C 916 -0.68 -40.47 -9.75
N GLN C 917 0.35 -41.18 -9.30
CA GLN C 917 0.18 -42.40 -8.52
C GLN C 917 -0.69 -42.22 -7.26
N PRO C 918 -0.57 -41.16 -6.45
CA PRO C 918 -1.40 -41.04 -5.28
C PRO C 918 -2.88 -40.91 -5.59
N PHE C 919 -3.24 -40.23 -6.68
CA PHE C 919 -4.63 -40.17 -7.11
C PHE C 919 -5.11 -41.49 -7.69
N ALA C 920 -4.32 -42.15 -8.53
CA ALA C 920 -4.66 -43.44 -9.11
C ALA C 920 -4.91 -44.53 -8.05
N CYS C 921 -4.23 -44.43 -6.90
CA CYS C 921 -4.43 -45.32 -5.77
C CYS C 921 -5.60 -44.93 -4.85
N GLY C 922 -6.15 -43.73 -4.98
CA GLY C 922 -7.21 -43.22 -4.11
C GLY C 922 -6.71 -42.72 -2.76
N THR C 923 -5.43 -42.37 -2.65
CA THR C 923 -4.81 -41.80 -1.45
C THR C 923 -4.93 -40.28 -1.40
N ALA C 924 -5.21 -39.63 -2.52
CA ALA C 924 -5.32 -38.19 -2.64
C ALA C 924 -6.62 -37.79 -3.31
N PHE C 925 -7.08 -36.59 -3.01
CA PHE C 925 -8.23 -35.98 -3.66
C PHE C 925 -8.03 -34.47 -3.73
N ALA C 926 -8.64 -33.80 -4.68
CA ALA C 926 -8.62 -32.35 -4.78
C ALA C 926 -9.88 -31.85 -5.47
N VAL C 927 -10.28 -30.61 -5.22
CA VAL C 927 -11.45 -29.99 -5.85
C VAL C 927 -11.34 -29.93 -7.37
N SER C 928 -10.14 -29.84 -7.93
CA SER C 928 -9.94 -29.71 -9.37
C SER C 928 -10.49 -30.87 -10.20
N VAL C 929 -10.70 -32.07 -9.63
CA VAL C 929 -11.31 -33.17 -10.37
C VAL C 929 -12.83 -33.03 -10.51
N LEU C 930 -13.48 -32.16 -9.75
CA LEU C 930 -14.94 -32.02 -9.70
C LEU C 930 -15.51 -30.97 -10.66
N ASP C 931 -14.73 -30.05 -11.21
CA ASP C 931 -15.32 -28.89 -11.88
C ASP C 931 -15.98 -29.19 -13.23
N SER C 932 -15.73 -30.34 -13.83
CA SER C 932 -16.51 -30.88 -14.95
C SER C 932 -17.95 -31.22 -14.57
N LEU C 933 -18.32 -31.25 -13.29
CA LEU C 933 -19.71 -31.43 -12.91
C LEU C 933 -20.60 -30.27 -13.33
N MET C 934 -20.05 -29.11 -13.69
CA MET C 934 -20.80 -28.08 -14.40
C MET C 934 -21.33 -28.60 -15.74
N SER C 935 -20.44 -29.06 -16.61
CA SER C 935 -20.81 -29.58 -17.92
C SER C 935 -21.63 -30.85 -17.82
N THR C 936 -21.37 -31.78 -16.90
CA THR C 936 -22.26 -32.94 -16.77
C THR C 936 -23.64 -32.55 -16.25
N SER C 937 -23.75 -31.61 -15.31
CA SER C 937 -25.05 -31.12 -14.86
C SER C 937 -25.86 -30.52 -16.01
N TYR C 938 -25.21 -29.82 -16.94
CA TYR C 938 -25.87 -29.33 -18.14
C TYR C 938 -26.27 -30.47 -19.09
N PHE C 939 -25.34 -31.34 -19.48
CA PHE C 939 -25.63 -32.32 -20.52
C PHE C 939 -26.53 -33.48 -20.09
N ASN C 940 -26.53 -33.88 -18.81
CA ASN C 940 -27.51 -34.82 -18.28
C ASN C 940 -27.74 -34.64 -16.78
N ASP C 941 -28.75 -33.82 -16.45
CA ASP C 941 -29.20 -33.55 -15.08
C ASP C 941 -29.44 -34.85 -14.28
N ASN C 942 -30.12 -35.81 -14.90
CA ASN C 942 -30.41 -37.10 -14.29
C ASN C 942 -29.14 -37.79 -13.79
N ALA C 943 -28.05 -37.74 -14.54
CA ALA C 943 -26.80 -38.36 -14.16
C ALA C 943 -26.15 -37.68 -12.96
N LEU C 944 -26.30 -36.36 -12.76
CA LEU C 944 -25.86 -35.76 -11.51
C LEU C 944 -26.67 -36.29 -10.32
N THR C 945 -27.97 -36.53 -10.45
CA THR C 945 -28.72 -37.16 -9.34
C THR C 945 -28.27 -38.58 -9.06
N LEU C 946 -27.83 -39.34 -10.08
CA LEU C 946 -27.23 -40.65 -9.89
C LEU C 946 -25.97 -40.56 -9.02
N ILE C 947 -25.09 -39.63 -9.31
CA ILE C 947 -23.91 -39.53 -8.50
C ILE C 947 -24.32 -39.20 -7.12
N ARG C 948 -25.14 -38.21 -6.92
CA ARG C 948 -25.44 -37.77 -5.57
C ARG C 948 -26.17 -38.80 -4.76
N THR C 949 -27.12 -39.50 -5.31
CA THR C 949 -27.75 -40.51 -4.51
C THR C 949 -26.69 -41.38 -3.91
N LEU C 950 -25.68 -41.72 -4.69
CA LEU C 950 -24.62 -42.58 -4.19
C LEU C 950 -23.71 -41.83 -3.21
N ILE C 951 -23.15 -40.70 -3.61
CA ILE C 951 -22.13 -39.97 -2.87
C ILE C 951 -22.64 -39.39 -1.55
N THR C 952 -23.91 -38.97 -1.47
CA THR C 952 -24.49 -38.50 -0.20
C THR C 952 -25.02 -39.63 0.67
N GLY C 953 -25.00 -40.87 0.19
CA GLY C 953 -25.68 -41.98 0.86
C GLY C 953 -27.20 -41.90 0.83
N GLY C 954 -27.78 -41.04 -0.01
CA GLY C 954 -29.23 -40.97 -0.24
C GLY C 954 -29.92 -39.71 0.29
N ALA C 955 -29.24 -38.57 0.33
CA ALA C 955 -29.92 -37.28 0.56
C ALA C 955 -30.89 -36.97 -0.58
N THR C 956 -31.93 -36.19 -0.29
CA THR C 956 -33.06 -35.91 -1.20
C THR C 956 -33.44 -34.44 -1.15
N PRO C 957 -34.21 -33.92 -2.13
CA PRO C 957 -34.74 -32.57 -2.07
C PRO C 957 -35.57 -32.30 -0.81
N GLU C 958 -36.30 -33.30 -0.32
CA GLU C 958 -37.05 -33.22 0.93
C GLU C 958 -36.11 -32.96 2.13
N LEU C 959 -35.02 -33.71 2.25
CA LEU C 959 -34.05 -33.51 3.32
C LEU C 959 -33.37 -32.15 3.19
N GLU C 960 -32.98 -31.75 1.98
CA GLU C 960 -32.39 -30.44 1.74
C GLU C 960 -33.34 -29.31 2.13
N GLN C 961 -34.63 -29.43 1.85
CA GLN C 961 -35.64 -28.48 2.28
C GLN C 961 -35.82 -28.47 3.80
N ILE C 962 -35.89 -29.63 4.46
CA ILE C 962 -36.02 -29.69 5.93
C ILE C 962 -34.84 -29.00 6.61
N LEU C 963 -33.61 -29.17 6.11
CA LEU C 963 -32.46 -28.43 6.62
C LEU C 963 -32.55 -26.93 6.31
N ALA C 964 -32.97 -26.54 5.11
CA ALA C 964 -33.15 -25.14 4.75
C ALA C 964 -34.24 -24.43 5.56
N GLU C 965 -35.15 -25.17 6.20
CA GLU C 965 -36.11 -24.66 7.18
C GLU C 965 -35.47 -24.21 8.49
N GLY C 966 -34.17 -24.40 8.69
CA GLY C 966 -33.39 -23.81 9.79
C GLY C 966 -33.56 -24.46 11.17
N ALA C 967 -34.45 -25.43 11.31
CA ALA C 967 -34.73 -26.12 12.57
C ALA C 967 -33.69 -27.19 12.98
N GLY C 968 -32.70 -27.48 12.13
CA GLY C 968 -31.80 -28.63 12.29
C GLY C 968 -32.44 -29.94 11.81
N MET C 969 -31.65 -31.02 11.76
CA MET C 969 -32.09 -32.30 11.24
C MET C 969 -33.11 -32.96 12.18
N ARG C 970 -34.40 -32.84 11.86
CA ARG C 970 -35.50 -33.45 12.62
C ARG C 970 -35.53 -34.96 12.40
N GLY C 971 -35.77 -35.73 13.44
CA GLY C 971 -35.83 -37.19 13.39
C GLY C 971 -36.55 -37.81 14.58
N GLY C 972 -36.56 -39.13 14.66
CA GLY C 972 -37.25 -39.89 15.70
C GLY C 972 -37.45 -41.36 15.31
N TYR C 973 -38.42 -42.04 15.90
CA TYR C 973 -38.94 -43.30 15.37
C TYR C 973 -39.78 -43.06 14.11
N CYS C 974 -39.84 -44.04 13.21
CA CYS C 974 -40.39 -43.89 11.86
C CYS C 974 -41.29 -45.06 11.43
N SER C 975 -42.16 -44.80 10.45
CA SER C 975 -43.16 -45.77 9.97
C SER C 975 -42.56 -46.85 9.06
N PRO C 976 -43.18 -48.04 8.97
CA PRO C 976 -42.80 -49.06 8.00
C PRO C 976 -42.80 -48.57 6.54
N ALA C 977 -43.66 -47.60 6.22
CA ALA C 977 -43.74 -47.01 4.89
C ALA C 977 -42.48 -46.22 4.50
N VAL C 978 -41.92 -45.43 5.42
CA VAL C 978 -40.67 -44.68 5.13
C VAL C 978 -39.43 -45.57 5.33
N LEU C 979 -39.47 -46.53 6.26
CA LEU C 979 -38.41 -47.52 6.45
C LEU C 979 -38.16 -48.39 5.22
N ALA C 980 -39.10 -48.49 4.28
CA ALA C 980 -38.88 -49.14 2.99
C ALA C 980 -37.68 -48.56 2.22
N ASN C 981 -37.34 -47.28 2.43
CA ASN C 981 -36.15 -46.64 1.85
C ASN C 981 -34.81 -47.22 2.32
N ARG C 982 -34.79 -48.07 3.34
CA ARG C 982 -33.55 -48.71 3.78
C ARG C 982 -33.09 -49.75 2.77
N ASP C 983 -34.01 -50.42 2.11
CA ASP C 983 -33.70 -51.36 1.05
C ASP C 983 -33.37 -50.60 -0.24
N ARG C 984 -32.15 -50.07 -0.33
CA ARG C 984 -31.66 -49.34 -1.50
C ARG C 984 -30.22 -49.69 -1.84
N CYS C 985 -29.76 -49.42 -3.06
CA CYS C 985 -28.41 -49.85 -3.44
C CYS C 985 -27.29 -49.06 -2.86
N ARG C 986 -26.15 -49.70 -2.63
CA ARG C 986 -24.97 -49.02 -2.11
C ARG C 986 -23.76 -49.54 -2.79
N VAL C 987 -22.69 -48.78 -2.74
CA VAL C 987 -21.45 -49.25 -3.31
C VAL C 987 -20.70 -49.97 -2.26
N ALA C 988 -20.19 -51.11 -2.61
CA ALA C 988 -19.42 -51.93 -1.69
C ALA C 988 -18.17 -52.45 -2.41
N GLN C 989 -17.20 -52.97 -1.67
CA GLN C 989 -15.98 -53.54 -2.22
C GLN C 989 -15.78 -54.92 -1.63
N ILE C 990 -15.55 -55.93 -2.47
CA ILE C 990 -15.46 -57.33 -2.05
C ILE C 990 -14.22 -58.01 -2.64
N SER C 991 -13.74 -59.06 -1.99
CA SER C 991 -12.46 -59.71 -2.32
C SER C 991 -12.64 -61.04 -3.05
N LEU C 992 -11.79 -61.29 -4.04
CA LEU C 992 -11.70 -62.60 -4.71
C LEU C 992 -10.79 -63.60 -3.99
N PHE C 993 -10.26 -63.28 -2.81
CA PHE C 993 -9.36 -64.20 -2.09
C PHE C 993 -10.07 -65.45 -1.55
N ASP C 994 -11.33 -65.32 -1.13
CA ASP C 994 -12.12 -66.36 -0.47
C ASP C 994 -13.64 -66.17 -0.72
N GLY C 995 -14.44 -67.17 -0.39
CA GLY C 995 -15.89 -67.17 -0.66
C GLY C 995 -16.23 -67.62 -2.09
N PRO C 996 -17.52 -67.53 -2.50
CA PRO C 996 -18.00 -68.15 -3.73
C PRO C 996 -17.36 -67.61 -5.01
N LEU C 997 -16.97 -66.34 -5.00
CA LEU C 997 -16.34 -65.68 -6.15
C LEU C 997 -14.83 -65.97 -6.28
N ALA C 998 -14.21 -66.66 -5.32
CA ALA C 998 -12.77 -66.93 -5.38
C ALA C 998 -12.35 -67.77 -6.59
N GLN C 999 -13.26 -68.60 -7.11
CA GLN C 999 -13.06 -69.36 -8.34
C GLN C 999 -12.66 -68.47 -9.54
N PHE C 1000 -13.08 -67.20 -9.57
CA PHE C 1000 -12.71 -66.27 -10.62
C PHE C 1000 -11.35 -65.62 -10.37
N GLY C 1001 -11.02 -65.32 -9.11
CA GLY C 1001 -9.68 -64.83 -8.74
C GLY C 1001 -8.58 -65.84 -9.12
N GLN C 1002 -8.88 -67.13 -9.03
CA GLN C 1002 -8.00 -68.24 -9.42
C GLN C 1002 -7.92 -68.41 -10.96
N GLY C 1003 -7.48 -67.37 -11.66
CA GLY C 1003 -7.18 -67.40 -13.10
C GLY C 1003 -8.37 -67.27 -14.04
N GLY C 1004 -9.55 -66.85 -13.57
CA GLY C 1004 -10.69 -66.49 -14.41
C GLY C 1004 -10.55 -65.09 -15.04
N HIS C 1005 -11.60 -64.65 -15.73
CA HIS C 1005 -11.67 -63.36 -16.42
C HIS C 1005 -12.81 -62.49 -15.90
N TYR C 1006 -12.64 -61.17 -15.94
CA TYR C 1006 -13.62 -60.23 -15.41
C TYR C 1006 -15.03 -60.42 -15.98
N GLY C 1007 -15.15 -60.78 -17.26
CA GLY C 1007 -16.43 -61.05 -17.88
C GLY C 1007 -17.18 -62.23 -17.26
N GLU C 1008 -16.45 -63.26 -16.83
CA GLU C 1008 -17.03 -64.42 -16.17
C GLU C 1008 -17.58 -64.04 -14.79
N LEU C 1009 -16.76 -63.31 -14.03
CA LEU C 1009 -17.11 -62.78 -12.71
C LEU C 1009 -18.36 -61.90 -12.77
N PHE C 1010 -18.40 -60.95 -13.70
CA PHE C 1010 -19.52 -60.02 -13.84
C PHE C 1010 -20.84 -60.76 -14.03
N VAL C 1011 -20.89 -61.66 -15.01
CA VAL C 1011 -22.10 -62.41 -15.33
C VAL C 1011 -22.51 -63.32 -14.17
N TYR C 1012 -21.56 -64.02 -13.56
CA TYR C 1012 -21.86 -64.90 -12.45
C TYR C 1012 -22.42 -64.14 -11.25
N ALA C 1013 -21.79 -63.05 -10.84
CA ALA C 1013 -22.22 -62.30 -9.66
C ALA C 1013 -23.59 -61.63 -9.86
N LEU C 1014 -23.85 -61.13 -11.07
CA LEU C 1014 -25.14 -60.55 -11.42
C LEU C 1014 -26.24 -61.61 -11.40
N ARG C 1015 -25.99 -62.80 -11.95
CA ARG C 1015 -26.98 -63.88 -11.98
C ARG C 1015 -27.26 -64.48 -10.61
N HIS C 1016 -26.23 -64.81 -9.84
CA HIS C 1016 -26.40 -65.52 -8.57
C HIS C 1016 -26.74 -64.60 -7.39
N PHE C 1017 -26.32 -63.33 -7.41
CA PHE C 1017 -26.43 -62.44 -6.26
C PHE C 1017 -27.07 -61.09 -6.57
N GLY C 1018 -27.32 -60.75 -7.84
CA GLY C 1018 -27.73 -59.39 -8.23
C GLY C 1018 -26.63 -58.34 -8.01
N ILE C 1019 -25.40 -58.78 -7.78
CA ILE C 1019 -24.23 -57.94 -7.56
C ILE C 1019 -23.73 -57.45 -8.92
N LEU C 1020 -23.67 -56.14 -9.13
CA LEU C 1020 -23.29 -55.54 -10.39
C LEU C 1020 -21.87 -54.97 -10.26
N CYS C 1021 -20.87 -55.61 -10.87
CA CYS C 1021 -19.47 -55.20 -10.77
C CYS C 1021 -19.16 -53.99 -11.66
N ILE C 1022 -18.45 -52.99 -11.13
CA ILE C 1022 -18.15 -51.75 -11.86
C ILE C 1022 -16.65 -51.50 -12.05
N GLY C 1023 -15.78 -52.24 -11.37
CA GLY C 1023 -14.33 -52.10 -11.55
C GLY C 1023 -13.53 -52.86 -10.52
N LEU C 1024 -12.21 -52.77 -10.62
CA LEU C 1024 -11.25 -53.51 -9.81
C LEU C 1024 -10.38 -52.58 -8.98
N TYR C 1025 -9.88 -53.06 -7.86
CA TYR C 1025 -8.88 -52.41 -7.01
C TYR C 1025 -7.71 -53.38 -6.82
N ARG C 1026 -6.66 -53.24 -7.62
CA ARG C 1026 -5.60 -54.24 -7.83
C ARG C 1026 -4.27 -53.77 -7.23
N PHE C 1027 -3.50 -54.68 -6.66
CA PHE C 1027 -2.22 -54.33 -6.09
C PHE C 1027 -1.32 -53.82 -7.16
N ARG C 1028 -0.59 -52.76 -6.88
CA ARG C 1028 0.23 -52.16 -7.90
C ARG C 1028 1.36 -53.07 -8.26
N ASP C 1029 1.91 -53.72 -7.26
CA ASP C 1029 3.03 -54.61 -7.51
C ASP C 1029 2.74 -56.02 -7.04
N THR C 1030 3.22 -57.00 -7.79
CA THR C 1030 2.89 -58.41 -7.49
C THR C 1030 4.16 -59.23 -7.25
N ASN C 1031 4.27 -59.88 -6.10
CA ASN C 1031 5.42 -60.70 -5.71
C ASN C 1031 5.08 -61.71 -4.60
N PRO C 1037 6.08 -55.90 -3.29
CA PRO C 1037 5.86 -56.13 -1.87
C PRO C 1037 5.07 -55.03 -1.14
N SER C 1038 4.71 -53.94 -1.82
CA SER C 1038 3.96 -52.82 -1.21
C SER C 1038 2.46 -53.12 -1.06
N SER C 1039 1.79 -52.40 -0.17
CA SER C 1039 0.34 -52.56 0.06
C SER C 1039 -0.53 -51.74 -0.90
N LYS C 1040 0.06 -50.91 -1.76
CA LYS C 1040 -0.75 -50.02 -2.60
C LYS C 1040 -1.53 -50.70 -3.67
N ARG C 1041 -2.73 -50.20 -3.96
CA ARG C 1041 -3.58 -50.78 -4.97
C ARG C 1041 -4.07 -49.67 -5.87
N TYR C 1042 -4.50 -49.97 -7.08
CA TYR C 1042 -4.98 -48.96 -8.01
C TYR C 1042 -6.33 -49.29 -8.57
N VAL C 1043 -7.05 -48.28 -9.02
CA VAL C 1043 -8.40 -48.47 -9.56
C VAL C 1043 -8.36 -48.92 -11.02
N ILE C 1044 -9.28 -49.79 -11.44
CA ILE C 1044 -9.49 -50.14 -12.85
C ILE C 1044 -10.99 -50.08 -13.13
N THR C 1045 -11.48 -48.95 -13.62
CA THR C 1045 -12.89 -48.79 -13.95
C THR C 1045 -13.27 -49.70 -15.10
N ASN C 1046 -14.33 -50.49 -14.96
CA ASN C 1046 -14.93 -51.31 -16.00
C ASN C 1046 -13.94 -52.01 -16.95
N PRO C 1047 -13.19 -53.03 -16.51
CA PRO C 1047 -12.27 -53.77 -17.36
C PRO C 1047 -12.98 -54.46 -18.54
N PRO C 1048 -12.25 -54.80 -19.61
CA PRO C 1048 -12.76 -55.67 -20.68
C PRO C 1048 -13.22 -57.04 -20.19
N GLU C 1049 -14.08 -57.74 -20.94
CA GLU C 1049 -14.56 -59.07 -20.54
C GLU C 1049 -13.47 -60.14 -20.46
N ASP C 1050 -12.46 -60.08 -21.32
CA ASP C 1050 -11.33 -61.01 -21.33
C ASP C 1050 -10.17 -60.56 -20.42
N PHE C 1051 -10.40 -59.60 -19.53
CA PHE C 1051 -9.38 -59.12 -18.61
C PHE C 1051 -9.04 -60.17 -17.53
N PRO C 1052 -7.79 -60.64 -17.39
CA PRO C 1052 -7.43 -61.67 -16.42
C PRO C 1052 -7.52 -61.17 -14.99
N LEU C 1053 -8.11 -61.97 -14.09
CA LEU C 1053 -8.18 -61.71 -12.66
C LEU C 1053 -7.01 -62.33 -11.89
N LEU C 1054 -6.77 -61.82 -10.68
CA LEU C 1054 -5.79 -62.31 -9.71
C LEU C 1054 -6.50 -62.65 -8.39
N PRO C 1055 -6.02 -63.63 -7.60
CA PRO C 1055 -6.67 -63.99 -6.33
C PRO C 1055 -6.62 -62.86 -5.29
N THR C 1056 -5.69 -61.93 -5.45
CA THR C 1056 -5.54 -60.74 -4.59
C THR C 1056 -6.41 -59.57 -5.02
N ASP C 1057 -7.13 -59.62 -6.14
CA ASP C 1057 -7.99 -58.53 -6.58
C ASP C 1057 -9.19 -58.32 -5.63
N GLN C 1058 -9.61 -57.06 -5.53
CA GLN C 1058 -10.89 -56.67 -4.97
C GLN C 1058 -11.71 -56.00 -6.07
N VAL C 1059 -13.02 -56.16 -6.03
CA VAL C 1059 -13.95 -55.68 -7.04
C VAL C 1059 -14.95 -54.71 -6.41
N TYR C 1060 -15.14 -53.56 -7.03
CA TYR C 1060 -16.18 -52.60 -6.67
C TYR C 1060 -17.51 -53.07 -7.22
N VAL C 1061 -18.54 -53.05 -6.39
CA VAL C 1061 -19.84 -53.61 -6.73
C VAL C 1061 -20.97 -52.70 -6.28
N LEU C 1062 -22.00 -52.57 -7.12
CA LEU C 1062 -23.29 -52.07 -6.70
C LEU C 1062 -24.10 -53.23 -6.14
N THR C 1063 -24.71 -53.05 -4.97
CA THR C 1063 -25.27 -54.12 -4.14
C THR C 1063 -26.51 -53.66 -3.42
N TYR C 1064 -27.40 -54.59 -3.07
CA TYR C 1064 -28.73 -54.26 -2.52
C TYR C 1064 -28.99 -54.78 -1.10
N LYS C 1065 -28.03 -55.48 -0.49
CA LYS C 1065 -28.14 -55.99 0.88
C LYS C 1065 -26.78 -56.27 1.52
N ARG D 14 46.19 35.89 -33.36
CA ARG D 14 47.60 36.13 -32.97
C ARG D 14 47.80 36.17 -31.45
N GLN D 15 47.35 37.22 -30.75
CA GLN D 15 47.75 37.52 -29.35
C GLN D 15 47.08 36.69 -28.24
N TRP D 16 46.09 35.85 -28.54
CA TRP D 16 45.18 35.24 -27.54
C TRP D 16 45.89 34.59 -26.35
N TYR D 17 47.02 33.93 -26.60
CA TYR D 17 47.76 33.17 -25.59
C TYR D 17 48.24 34.03 -24.43
N SER D 18 48.46 35.33 -24.63
CA SER D 18 48.83 36.25 -23.56
C SER D 18 47.70 36.41 -22.52
N PHE D 19 46.46 36.61 -22.99
CA PHE D 19 45.28 36.69 -22.13
C PHE D 19 45.05 35.38 -21.41
N LEU D 20 45.10 34.25 -22.13
CA LEU D 20 44.94 32.94 -21.52
C LEU D 20 46.01 32.69 -20.46
N ALA D 21 47.28 32.95 -20.76
CA ALA D 21 48.37 32.82 -19.81
C ALA D 21 48.12 33.65 -18.55
N SER D 22 47.65 34.90 -18.66
CA SER D 22 47.36 35.75 -17.50
C SER D 22 46.38 35.08 -16.51
N SER D 23 45.38 34.35 -17.00
CA SER D 23 44.49 33.59 -16.12
C SER D 23 45.16 32.34 -15.54
N LEU D 24 45.97 31.63 -16.32
CA LEU D 24 46.65 30.42 -15.87
C LEU D 24 47.74 30.71 -14.82
N VAL D 25 48.56 31.75 -15.02
CA VAL D 25 49.60 32.10 -14.03
C VAL D 25 48.99 32.63 -12.74
N THR D 26 47.92 33.42 -12.82
CA THR D 26 47.24 33.91 -11.60
C THR D 26 46.56 32.76 -10.85
N PHE D 27 45.95 31.80 -11.54
CA PHE D 27 45.48 30.57 -10.91
C PHE D 27 46.62 29.74 -10.28
N GLY D 28 47.63 29.39 -11.07
CA GLY D 28 48.68 28.45 -10.66
C GLY D 28 49.54 28.99 -9.52
N SER D 29 49.97 30.25 -9.59
CA SER D 29 50.82 30.85 -8.55
C SER D 29 50.12 30.87 -7.17
N GLY D 30 48.84 31.23 -7.10
CA GLY D 30 48.11 31.20 -5.83
C GLY D 30 47.94 29.77 -5.28
N LEU D 31 47.68 28.80 -6.16
CA LEU D 31 47.62 27.39 -5.77
C LEU D 31 48.98 26.89 -5.23
N VAL D 32 50.09 27.22 -5.89
CA VAL D 32 51.44 26.88 -5.40
C VAL D 32 51.71 27.51 -4.04
N VAL D 33 51.43 28.81 -3.87
CA VAL D 33 51.59 29.50 -2.58
C VAL D 33 50.80 28.80 -1.48
N ILE D 34 49.55 28.42 -1.73
CA ILE D 34 48.72 27.71 -0.75
C ILE D 34 49.32 26.33 -0.41
N ILE D 35 49.77 25.56 -1.39
CA ILE D 35 50.39 24.25 -1.14
C ILE D 35 51.69 24.39 -0.32
N ILE D 36 52.55 25.34 -0.67
CA ILE D 36 53.78 25.63 0.08
C ILE D 36 53.45 26.01 1.53
N TYR D 37 52.52 26.93 1.74
CA TYR D 37 52.09 27.35 3.07
C TYR D 37 51.55 26.19 3.91
N ARG D 38 50.72 25.31 3.33
CA ARG D 38 50.22 24.10 4.00
C ARG D 38 51.34 23.15 4.39
N ILE D 39 52.28 22.87 3.49
CA ILE D 39 53.43 21.99 3.78
C ILE D 39 54.36 22.61 4.83
N VAL D 40 54.63 23.92 4.78
CA VAL D 40 55.44 24.62 5.79
C VAL D 40 54.80 24.48 7.17
N LEU D 41 53.51 24.82 7.32
CA LEU D 41 52.85 24.72 8.63
C LEU D 41 52.56 23.27 9.07
N TRP D 42 52.55 22.31 8.15
CA TRP D 42 52.46 20.89 8.49
C TRP D 42 53.78 20.35 9.08
N LEU D 43 54.93 20.76 8.52
CA LEU D 43 56.25 20.30 8.96
C LEU D 43 56.86 21.11 10.11
N CYS D 44 56.72 22.44 10.09
CA CYS D 44 57.36 23.35 11.05
C CYS D 44 56.55 23.47 12.35
N GLY D 79 41.53 35.07 17.62
CA GLY D 79 42.42 36.12 17.14
C GLY D 79 41.85 36.95 15.98
N TRP D 80 42.57 37.99 15.56
CA TRP D 80 42.10 38.97 14.57
C TRP D 80 41.66 38.33 13.24
N MET D 81 42.36 37.26 12.80
CA MET D 81 42.03 36.57 11.56
C MET D 81 40.70 35.81 11.65
N THR D 82 40.34 35.28 12.81
CA THR D 82 39.00 34.68 13.02
C THR D 82 37.92 35.76 13.09
N GLU D 83 38.19 36.90 13.71
CA GLU D 83 37.25 38.03 13.68
C GLU D 83 37.03 38.54 12.25
N ALA D 84 38.10 38.67 11.45
CA ALA D 84 38.03 39.01 10.04
C ALA D 84 37.24 37.96 9.24
N LYS D 85 37.51 36.66 9.45
CA LYS D 85 36.78 35.57 8.79
C LYS D 85 35.28 35.67 9.06
N ASP D 86 34.90 35.82 10.32
CA ASP D 86 33.49 35.87 10.70
C ASP D 86 32.82 37.18 10.27
N TRP D 87 33.54 38.31 10.30
CA TRP D 87 33.06 39.58 9.73
C TRP D 87 32.79 39.45 8.22
N ALA D 88 33.76 38.95 7.46
CA ALA D 88 33.60 38.74 6.03
C ALA D 88 32.48 37.72 5.74
N GLY D 89 32.35 36.69 6.57
CA GLY D 89 31.24 35.74 6.52
C GLY D 89 29.88 36.41 6.72
N GLU D 90 29.74 37.27 7.73
CA GLU D 90 28.50 38.04 7.95
C GLU D 90 28.21 39.00 6.79
N LEU D 91 29.24 39.59 6.17
CA LEU D 91 29.10 40.39 4.95
C LEU D 91 28.52 39.56 3.81
N ILE D 92 29.21 38.49 3.39
CA ILE D 92 28.78 37.73 2.22
C ILE D 92 27.48 36.95 2.46
N SER D 93 27.13 36.68 3.71
CA SER D 93 25.84 36.11 4.10
C SER D 93 24.70 37.13 4.14
N GLY D 94 24.98 38.42 3.91
CA GLY D 94 23.96 39.48 3.94
C GLY D 94 23.40 39.77 5.33
N GLN D 95 24.14 39.45 6.39
CA GLN D 95 23.70 39.67 7.77
C GLN D 95 23.93 41.11 8.24
N THR D 96 25.06 41.72 7.86
CA THR D 96 25.25 43.17 8.02
C THR D 96 24.56 43.94 6.90
N THR D 97 24.19 45.21 7.13
CA THR D 97 23.63 46.07 6.08
C THR D 97 24.64 46.32 4.95
N THR D 98 25.90 46.58 5.28
CA THR D 98 26.99 46.69 4.30
C THR D 98 27.18 45.39 3.50
N GLY D 99 26.91 44.24 4.10
CA GLY D 99 26.86 42.95 3.42
C GLY D 99 25.77 42.91 2.36
N ARG D 100 24.53 43.27 2.73
CA ARG D 100 23.41 43.32 1.77
C ARG D 100 23.69 44.28 0.61
N ILE D 101 24.26 45.44 0.89
CA ILE D 101 24.69 46.38 -0.17
C ILE D 101 25.76 45.76 -1.06
N LEU D 102 26.85 45.24 -0.50
CA LEU D 102 27.95 44.64 -1.27
C LEU D 102 27.45 43.50 -2.17
N VAL D 103 26.66 42.58 -1.62
CA VAL D 103 26.10 41.46 -2.37
C VAL D 103 25.21 41.94 -3.52
N GLY D 104 24.34 42.90 -3.27
CA GLY D 104 23.50 43.50 -4.31
C GLY D 104 24.33 44.16 -5.42
N LEU D 105 25.37 44.90 -5.08
CA LEU D 105 26.27 45.54 -6.04
C LEU D 105 27.04 44.52 -6.88
N VAL D 106 27.58 43.46 -6.27
CA VAL D 106 28.25 42.38 -7.01
C VAL D 106 27.31 41.77 -8.03
N PHE D 107 26.09 41.46 -7.62
CA PHE D 107 25.09 40.95 -8.54
C PHE D 107 24.83 41.94 -9.68
N LEU D 108 24.42 43.18 -9.39
CA LEU D 108 24.06 44.14 -10.44
C LEU D 108 25.22 44.46 -11.38
N LEU D 109 26.43 44.64 -10.86
CA LEU D 109 27.59 44.88 -11.70
C LEU D 109 27.95 43.66 -12.54
N SER D 110 27.73 42.44 -12.07
CA SER D 110 27.92 41.26 -12.92
C SER D 110 26.97 41.27 -14.12
N ILE D 111 25.72 41.72 -13.95
CA ILE D 111 24.78 41.88 -15.06
C ILE D 111 25.23 42.97 -16.02
N ALA D 112 25.68 44.12 -15.50
CA ALA D 112 26.23 45.16 -16.36
C ALA D 112 27.43 44.66 -17.17
N SER D 113 28.35 43.92 -16.56
CA SER D 113 29.49 43.32 -17.26
C SER D 113 29.06 42.32 -18.34
N LEU D 114 28.05 41.49 -18.05
CA LEU D 114 27.46 40.59 -19.04
C LEU D 114 26.86 41.35 -20.22
N ILE D 115 26.13 42.44 -19.97
CA ILE D 115 25.56 43.26 -21.05
C ILE D 115 26.66 43.91 -21.90
N ILE D 116 27.77 44.34 -21.30
CA ILE D 116 28.92 44.83 -22.08
C ILE D 116 29.49 43.72 -22.97
N TYR D 117 29.57 42.48 -22.47
CA TYR D 117 29.92 41.35 -23.31
C TYR D 117 28.92 41.14 -24.47
N PHE D 118 27.60 41.19 -24.23
CA PHE D 118 26.63 41.09 -25.32
C PHE D 118 26.83 42.19 -26.37
N ILE D 119 27.07 43.42 -25.96
CA ILE D 119 27.34 44.53 -26.89
C ILE D 119 28.62 44.28 -27.67
N ASP D 120 29.70 43.85 -27.04
CA ASP D 120 30.93 43.47 -27.75
C ASP D 120 30.72 42.29 -28.71
N ALA D 121 29.81 41.36 -28.41
CA ALA D 121 29.49 40.23 -29.25
C ALA D 121 28.53 40.55 -30.40
N SER D 122 27.62 41.52 -30.24
CA SER D 122 26.70 41.95 -31.31
C SER D 122 27.34 42.96 -32.26
N THR D 123 28.26 43.79 -31.76
CA THR D 123 29.10 44.66 -32.58
C THR D 123 30.25 43.89 -33.25
N ASN D 124 30.89 44.48 -34.26
CA ASN D 124 31.99 43.89 -35.02
C ASN D 124 31.70 42.48 -35.54
N SER D 134 43.52 50.74 -26.28
CA SER D 134 42.69 50.64 -25.09
C SER D 134 41.71 51.80 -24.92
N SER D 135 41.72 52.75 -25.85
CA SER D 135 40.90 53.97 -25.83
C SER D 135 39.46 53.71 -26.29
N SER D 136 38.66 53.04 -25.46
CA SER D 136 37.22 52.85 -25.68
C SER D 136 36.44 52.84 -24.37
N THR D 137 35.17 53.26 -24.41
CA THR D 137 34.32 53.34 -23.23
C THR D 137 34.03 51.96 -22.63
N THR D 138 33.75 50.96 -23.47
CA THR D 138 33.40 49.61 -23.03
C THR D 138 34.52 48.92 -22.26
N GLN D 139 35.74 48.92 -22.80
CA GLN D 139 36.91 48.34 -22.12
C GLN D 139 37.19 49.04 -20.78
N GLN D 140 36.97 50.36 -20.71
CA GLN D 140 37.13 51.12 -19.48
C GLN D 140 36.14 50.70 -18.39
N VAL D 141 34.83 50.69 -18.67
CA VAL D 141 33.84 50.33 -17.64
C VAL D 141 33.94 48.87 -17.22
N ASP D 142 34.20 47.94 -18.13
CA ASP D 142 34.32 46.53 -17.77
C ASP D 142 35.61 46.26 -16.97
N LEU D 143 36.68 47.01 -17.21
CA LEU D 143 37.85 47.01 -16.33
C LEU D 143 37.50 47.52 -14.93
N ALA D 144 36.78 48.63 -14.81
CA ALA D 144 36.33 49.14 -13.51
C ALA D 144 35.51 48.10 -12.74
N PHE D 145 34.57 47.43 -13.41
CA PHE D 145 33.81 46.34 -12.80
C PHE D 145 34.71 45.16 -12.41
N ASN D 146 35.70 44.80 -13.23
CA ASN D 146 36.67 43.77 -12.87
C ASN D 146 37.47 44.11 -11.62
N VAL D 147 37.90 45.36 -11.44
CA VAL D 147 38.55 45.78 -10.21
C VAL D 147 37.62 45.60 -9.01
N PHE D 148 36.35 45.97 -9.13
CA PHE D 148 35.36 45.74 -8.07
C PHE D 148 35.17 44.25 -7.75
N PHE D 149 35.06 43.39 -8.77
CA PHE D 149 34.96 41.93 -8.56
C PHE D 149 36.21 41.37 -7.87
N MET D 150 37.39 41.91 -8.15
CA MET D 150 38.63 41.49 -7.48
C MET D 150 38.60 41.79 -5.97
N ILE D 151 38.07 42.95 -5.57
CA ILE D 151 37.87 43.27 -4.15
C ILE D 151 36.92 42.26 -3.52
N TYR D 152 35.78 41.97 -4.18
CA TYR D 152 34.86 40.96 -3.67
C TYR D 152 35.49 39.56 -3.60
N PHE D 153 36.33 39.18 -4.55
CA PHE D 153 37.09 37.92 -4.52
C PHE D 153 37.95 37.82 -3.26
N PHE D 154 38.66 38.87 -2.88
CA PHE D 154 39.41 38.87 -1.61
C PHE D 154 38.49 38.77 -0.39
N ILE D 155 37.32 39.39 -0.39
CA ILE D 155 36.35 39.25 0.71
C ILE D 155 35.85 37.80 0.80
N ARG D 156 35.64 37.11 -0.30
CA ARG D 156 35.27 35.70 -0.17
C ARG D 156 36.46 34.90 0.33
N PHE D 157 37.65 35.18 -0.19
CA PHE D 157 38.86 34.49 0.27
C PHE D 157 39.02 34.56 1.79
N VAL D 158 38.79 35.74 2.38
CA VAL D 158 38.82 35.91 3.85
C VAL D 158 37.72 35.08 4.50
N ALA D 159 36.48 35.15 4.01
CA ALA D 159 35.34 34.46 4.61
C ALA D 159 35.41 32.93 4.56
N ALA D 160 36.09 32.34 3.57
CA ALA D 160 36.12 30.90 3.38
C ALA D 160 36.83 30.14 4.52
N ASN D 161 36.35 28.95 4.86
CA ASN D 161 36.95 28.11 5.90
C ASN D 161 38.29 27.49 5.46
N ASP D 162 38.38 26.99 4.23
CA ASP D 162 39.59 26.41 3.64
C ASP D 162 40.06 27.20 2.42
N LYS D 163 41.30 27.71 2.43
CA LYS D 163 41.85 28.44 1.28
C LYS D 163 42.00 27.55 0.04
N LEU D 164 42.28 26.25 0.20
CA LEU D 164 42.48 25.36 -0.95
C LEU D 164 41.17 25.05 -1.66
N TRP D 165 40.13 24.58 -0.95
CA TRP D 165 38.81 24.43 -1.56
C TRP D 165 38.25 25.76 -2.07
N PHE D 166 38.57 26.90 -1.46
CA PHE D 166 38.20 28.19 -2.04
C PHE D 166 38.89 28.43 -3.39
N TRP D 167 40.18 28.14 -3.54
CA TRP D 167 40.87 28.39 -4.82
C TRP D 167 40.42 27.52 -6.00
N VAL D 168 39.52 26.56 -5.78
CA VAL D 168 38.90 25.72 -6.81
C VAL D 168 37.36 25.87 -6.82
N GLU D 169 36.78 26.79 -6.05
CA GLU D 169 35.34 27.07 -6.12
C GLU D 169 34.99 27.74 -7.46
N LEU D 170 33.80 27.47 -8.01
CA LEU D 170 33.47 27.86 -9.38
C LEU D 170 33.68 29.35 -9.66
N PHE D 171 33.22 30.24 -8.79
CA PHE D 171 33.35 31.67 -9.03
C PHE D 171 34.79 32.15 -8.91
N SER D 172 35.69 31.42 -8.26
CA SER D 172 37.11 31.77 -8.32
C SER D 172 37.64 31.61 -9.75
N PHE D 173 37.22 30.57 -10.48
CA PHE D 173 37.56 30.44 -11.90
C PHE D 173 36.96 31.55 -12.74
N VAL D 174 35.71 31.94 -12.50
CA VAL D 174 35.10 33.09 -13.20
C VAL D 174 35.96 34.33 -13.01
N ASP D 175 36.48 34.55 -11.80
CA ASP D 175 37.39 35.65 -11.53
C ASP D 175 38.75 35.47 -12.23
N TYR D 176 39.41 34.31 -12.13
CA TYR D 176 40.69 34.06 -12.82
C TYR D 176 40.59 34.28 -14.34
N PHE D 177 39.51 33.82 -14.96
CA PHE D 177 39.30 33.96 -16.40
C PHE D 177 38.79 35.34 -16.82
N THR D 178 38.65 36.31 -15.91
CA THR D 178 38.16 37.64 -16.28
C THR D 178 39.04 38.79 -15.79
N ILE D 179 39.46 38.84 -14.52
CA ILE D 179 40.23 40.00 -14.05
C ILE D 179 41.58 40.13 -14.77
N PRO D 180 42.43 39.08 -14.81
CA PRO D 180 43.73 39.18 -15.46
C PRO D 180 43.62 39.51 -16.96
N PRO D 181 42.74 38.86 -17.75
CA PRO D 181 42.49 39.28 -19.12
C PRO D 181 42.04 40.74 -19.24
N SER D 182 41.23 41.26 -18.31
CA SER D 182 40.81 42.67 -18.37
C SER D 182 41.97 43.64 -18.13
N PHE D 183 42.97 43.29 -17.33
CA PHE D 183 44.20 44.07 -17.22
C PHE D 183 45.01 44.02 -18.52
N VAL D 184 45.23 42.81 -19.05
CA VAL D 184 45.97 42.60 -20.31
C VAL D 184 45.33 43.36 -21.48
N ALA D 185 44.01 43.48 -21.52
CA ALA D 185 43.30 44.17 -22.59
C ALA D 185 43.73 45.64 -22.75
N ILE D 186 43.78 46.40 -21.65
CA ILE D 186 44.24 47.79 -21.69
C ILE D 186 45.76 47.84 -21.92
N TYR D 187 46.52 46.93 -21.31
CA TYR D 187 47.97 46.86 -21.47
C TYR D 187 48.43 46.65 -22.93
N LEU D 188 47.75 45.77 -23.67
CA LEU D 188 48.05 45.45 -25.07
C LEU D 188 47.22 46.26 -26.09
N ASP D 189 46.37 47.19 -25.65
CA ASP D 189 45.46 47.96 -26.51
C ASP D 189 44.53 47.07 -27.37
N ARG D 190 44.03 45.97 -26.80
CA ARG D 190 43.29 44.93 -27.50
C ARG D 190 42.11 44.44 -26.66
N ASN D 191 40.90 44.83 -27.04
CA ASN D 191 39.66 44.37 -26.42
C ASN D 191 39.30 42.93 -26.83
N TRP D 192 40.04 41.94 -26.32
CA TRP D 192 39.74 40.53 -26.57
C TRP D 192 38.38 40.14 -25.99
N LEU D 193 37.58 39.42 -26.77
CA LEU D 193 36.23 39.01 -26.35
C LEU D 193 36.30 37.90 -25.30
N GLY D 194 37.17 36.91 -25.52
CA GLY D 194 37.61 35.95 -24.52
C GLY D 194 36.52 35.19 -23.77
N LEU D 195 36.82 34.82 -22.53
CA LEU D 195 35.93 34.08 -21.62
C LEU D 195 34.97 34.98 -20.84
N ARG D 196 34.80 36.23 -21.22
CA ARG D 196 33.97 37.16 -20.43
C ARG D 196 32.53 36.76 -20.21
N PHE D 197 31.98 36.00 -21.11
CA PHE D 197 30.63 35.46 -20.94
C PHE D 197 30.44 34.70 -19.63
N LEU D 198 31.50 34.25 -18.98
CA LEU D 198 31.33 33.42 -17.79
C LEU D 198 30.66 34.17 -16.68
N ARG D 199 30.56 35.47 -16.79
CA ARG D 199 29.93 36.23 -15.76
C ARG D 199 28.46 35.94 -15.70
N ALA D 200 27.94 35.23 -16.67
CA ALA D 200 26.54 34.88 -16.69
C ALA D 200 26.25 33.96 -15.56
N LEU D 201 27.24 33.19 -15.19
CA LEU D 201 27.10 32.33 -14.03
C LEU D 201 26.70 33.08 -12.76
N GLN D 202 26.99 34.38 -12.63
CA GLN D 202 26.54 35.14 -11.46
C GLN D 202 25.03 35.29 -11.38
N LEU D 203 24.27 35.13 -12.47
CA LEU D 203 22.82 34.99 -12.40
C LEU D 203 22.42 33.87 -11.44
N MET D 204 23.21 32.80 -11.39
CA MET D 204 22.93 31.62 -10.58
C MET D 204 22.99 31.88 -9.07
N SER D 205 23.46 33.06 -8.65
CA SER D 205 23.37 33.53 -7.26
C SER D 205 22.00 34.09 -6.86
N ILE D 206 21.11 34.42 -7.80
CA ILE D 206 19.79 35.00 -7.51
C ILE D 206 18.99 34.22 -6.45
N PRO D 207 18.93 32.88 -6.43
CA PRO D 207 18.20 32.15 -5.40
C PRO D 207 18.79 32.37 -4.01
N ASP D 208 20.11 32.55 -3.90
CA ASP D 208 20.76 32.91 -2.65
C ASP D 208 20.39 34.33 -2.25
N ILE D 209 20.46 35.32 -3.15
CA ILE D 209 20.07 36.69 -2.84
C ILE D 209 18.62 36.73 -2.33
N LEU D 210 17.70 36.10 -3.04
CA LEU D 210 16.29 36.05 -2.65
C LEU D 210 16.00 35.13 -1.44
N THR D 211 17.04 34.48 -0.89
CA THR D 211 17.01 33.71 0.36
C THR D 211 17.72 34.43 1.51
N TYR D 212 18.71 35.27 1.22
CA TYR D 212 19.31 36.19 2.20
C TYR D 212 18.32 37.30 2.54
N LEU D 213 17.55 37.76 1.57
CA LEU D 213 16.25 38.39 1.79
C LEU D 213 15.19 37.32 2.10
N ASN D 214 14.13 37.67 2.81
CA ASN D 214 13.07 36.73 3.20
C ASN D 214 11.97 36.54 2.12
N VAL D 215 12.17 37.06 0.92
CA VAL D 215 11.14 37.19 -0.14
C VAL D 215 10.73 35.87 -0.79
N LEU D 216 11.63 34.89 -0.95
CA LEU D 216 11.34 33.64 -1.65
C LEU D 216 10.73 32.60 -0.69
N LYS D 217 9.48 32.85 -0.27
CA LYS D 217 8.90 32.28 0.96
C LYS D 217 8.65 30.77 0.98
N THR D 218 8.38 30.13 -0.16
CA THR D 218 7.87 28.74 -0.20
C THR D 218 8.76 27.81 -1.00
N SER D 219 8.73 26.52 -0.65
CA SER D 219 9.59 25.50 -1.27
C SER D 219 9.45 25.42 -2.80
N THR D 220 8.23 25.54 -3.33
CA THR D 220 8.00 25.54 -4.78
C THR D 220 8.52 26.79 -5.46
N LEU D 221 8.41 27.98 -4.85
CA LEU D 221 9.01 29.19 -5.41
C LEU D 221 10.54 29.14 -5.36
N ILE D 222 11.12 28.56 -4.31
CA ILE D 222 12.56 28.32 -4.25
C ILE D 222 12.98 27.41 -5.41
N ARG D 223 12.34 26.26 -5.57
CA ARG D 223 12.65 25.31 -6.64
C ARG D 223 12.45 25.92 -8.03
N LEU D 224 11.38 26.68 -8.23
CA LEU D 224 11.10 27.38 -9.49
C LEU D 224 12.23 28.32 -9.87
N VAL D 225 12.60 29.25 -8.99
CA VAL D 225 13.63 30.23 -9.29
C VAL D 225 14.99 29.57 -9.47
N GLN D 226 15.32 28.53 -8.69
CA GLN D 226 16.53 27.74 -8.91
C GLN D 226 16.56 27.12 -10.30
N LEU D 227 15.50 26.44 -10.73
CA LEU D 227 15.46 25.80 -12.05
C LEU D 227 15.62 26.82 -13.16
N VAL D 228 14.81 27.89 -13.17
CA VAL D 228 14.83 28.88 -14.25
C VAL D 228 16.19 29.53 -14.37
N VAL D 229 16.75 30.02 -13.28
CA VAL D 229 18.00 30.77 -13.36
C VAL D 229 19.20 29.88 -13.59
N SER D 230 19.17 28.63 -13.11
CA SER D 230 20.19 27.65 -13.43
C SER D 230 20.20 27.36 -14.92
N PHE D 231 19.03 27.07 -15.50
CA PHE D 231 18.89 26.83 -16.93
C PHE D 231 19.40 28.00 -17.76
N VAL D 232 18.91 29.21 -17.50
CA VAL D 232 19.28 30.38 -18.28
C VAL D 232 20.75 30.69 -18.15
N SER D 233 21.35 30.62 -16.97
CA SER D 233 22.78 30.89 -16.82
C SER D 233 23.64 29.85 -17.52
N LEU D 234 23.32 28.57 -17.44
CA LEU D 234 24.06 27.52 -18.14
C LEU D 234 23.90 27.65 -19.67
N TRP D 235 22.70 27.91 -20.17
CA TRP D 235 22.45 28.12 -21.59
C TRP D 235 23.21 29.33 -22.14
N LEU D 236 23.15 30.48 -21.47
CA LEU D 236 23.94 31.65 -21.86
C LEU D 236 25.44 31.37 -21.82
N THR D 237 25.91 30.64 -20.82
CA THR D 237 27.33 30.30 -20.69
C THR D 237 27.78 29.39 -21.80
N ALA D 238 27.06 28.30 -22.06
CA ALA D 238 27.40 27.36 -23.11
C ALA D 238 27.36 28.01 -24.50
N ALA D 239 26.44 28.94 -24.75
CA ALA D 239 26.40 29.70 -25.99
C ALA D 239 27.65 30.55 -26.18
N GLY D 240 28.15 31.18 -25.12
CA GLY D 240 29.39 31.92 -25.18
C GLY D 240 30.58 31.02 -25.43
N PHE D 241 30.59 29.83 -24.83
CA PHE D 241 31.66 28.87 -25.01
C PHE D 241 31.72 28.36 -26.46
N LEU D 242 30.58 28.00 -27.06
CA LEU D 242 30.57 27.60 -28.48
C LEU D 242 30.97 28.76 -29.38
N HIS D 243 30.51 29.98 -29.09
CA HIS D 243 30.89 31.16 -29.87
C HIS D 243 32.40 31.37 -29.86
N LEU D 244 33.06 31.21 -28.71
CA LEU D 244 34.50 31.25 -28.64
C LEU D 244 35.13 30.18 -29.54
N LEU D 245 34.72 28.92 -29.44
CA LEU D 245 35.33 27.84 -30.22
C LEU D 245 35.15 27.98 -31.72
N GLU D 246 33.93 28.25 -32.20
CA GLU D 246 33.69 28.32 -33.63
C GLU D 246 34.32 29.55 -34.28
N ASN D 247 34.26 30.72 -33.65
CA ASN D 247 34.86 31.93 -34.20
C ASN D 247 36.38 31.94 -34.03
N SER D 248 36.91 31.28 -33.01
CA SER D 248 38.35 31.03 -32.90
C SER D 248 38.86 30.24 -34.09
N GLY D 249 38.11 29.21 -34.48
CA GLY D 249 38.65 28.15 -35.29
C GLY D 249 39.57 27.22 -34.49
N ASP D 250 39.88 26.06 -35.06
CA ASP D 250 40.67 25.03 -34.39
C ASP D 250 42.18 25.31 -34.44
N PRO D 251 42.93 25.16 -33.32
CA PRO D 251 44.36 25.42 -33.29
C PRO D 251 45.18 24.41 -34.12
N PHE D 252 44.70 23.18 -34.27
CA PHE D 252 45.37 22.12 -35.03
C PHE D 252 45.50 22.45 -36.52
N PHE D 253 44.60 23.30 -37.03
CA PHE D 253 44.56 23.75 -38.42
C PHE D 253 44.97 25.23 -38.52
N ASP D 254 45.82 25.70 -37.60
CA ASP D 254 46.33 27.07 -37.54
C ASP D 254 45.22 28.14 -37.53
N PHE D 255 44.07 27.81 -36.93
CA PHE D 255 42.89 28.65 -36.88
C PHE D 255 42.27 28.98 -38.25
N GLY D 256 42.60 28.24 -39.31
CA GLY D 256 42.06 28.45 -40.65
C GLY D 256 40.62 27.94 -40.81
N ASN D 257 40.32 26.79 -40.21
CA ASN D 257 38.97 26.26 -40.08
C ASN D 257 38.22 27.02 -38.99
N ALA D 258 37.32 27.93 -39.36
CA ALA D 258 36.54 28.77 -38.44
C ALA D 258 35.17 29.15 -39.03
N GLN D 259 34.19 29.51 -38.20
CA GLN D 259 32.91 30.09 -38.62
C GLN D 259 32.64 31.41 -37.93
N HIS D 260 32.13 32.40 -38.66
CA HIS D 260 31.76 33.69 -38.08
C HIS D 260 30.30 33.71 -37.63
N LEU D 261 29.95 32.82 -36.70
CA LEU D 261 28.67 32.86 -35.99
C LEU D 261 28.60 34.09 -35.08
N THR D 262 27.43 34.69 -34.92
CA THR D 262 27.14 35.61 -33.83
C THR D 262 26.89 34.85 -32.53
N TYR D 263 26.94 35.53 -31.39
CA TYR D 263 26.51 34.93 -30.14
C TYR D 263 25.06 34.45 -30.20
N TRP D 264 24.18 35.23 -30.82
CA TRP D 264 22.75 34.92 -30.91
C TRP D 264 22.48 33.69 -31.76
N GLU D 265 23.24 33.47 -32.82
CA GLU D 265 23.17 32.22 -33.56
C GLU D 265 23.61 31.02 -32.72
N CYS D 266 24.63 31.16 -31.90
CA CYS D 266 25.02 30.09 -30.97
C CYS D 266 23.95 29.84 -29.92
N LEU D 267 23.35 30.89 -29.37
CA LEU D 267 22.29 30.76 -28.37
C LEU D 267 21.07 30.03 -28.93
N TYR D 268 20.67 30.37 -30.15
CA TYR D 268 19.63 29.70 -30.91
C TYR D 268 20.00 28.25 -31.20
N PHE D 269 21.19 28.00 -31.74
CA PHE D 269 21.64 26.67 -32.07
C PHE D 269 21.68 25.74 -30.84
N LEU D 270 22.10 26.22 -29.69
CA LEU D 270 22.05 25.44 -28.46
C LEU D 270 20.62 25.13 -28.04
N MET D 271 19.67 26.05 -28.17
CA MET D 271 18.27 25.74 -27.88
C MET D 271 17.72 24.69 -28.85
N VAL D 272 18.00 24.84 -30.14
CA VAL D 272 17.59 23.90 -31.17
C VAL D 272 18.21 22.53 -30.99
N THR D 273 19.42 22.40 -30.45
CA THR D 273 20.02 21.10 -30.15
C THR D 273 19.62 20.53 -28.80
N MET D 274 19.54 21.29 -27.70
CA MET D 274 19.15 20.72 -26.40
C MET D 274 17.69 20.28 -26.37
N SER D 275 16.83 20.91 -27.15
CA SER D 275 15.46 20.44 -27.36
C SER D 275 15.38 19.21 -28.25
N THR D 276 16.49 18.80 -28.87
CA THR D 276 16.63 17.72 -29.86
C THR D 276 15.88 17.95 -31.18
N VAL D 277 15.50 19.18 -31.50
CA VAL D 277 14.89 19.49 -32.80
C VAL D 277 15.92 19.38 -33.90
N GLY D 278 17.07 20.04 -33.76
CA GLY D 278 18.22 19.90 -34.66
C GLY D 278 17.91 20.18 -36.13
N PHE D 279 17.55 21.41 -36.47
CA PHE D 279 17.27 21.79 -37.85
C PHE D 279 18.49 21.61 -38.76
N GLY D 280 19.69 21.92 -38.28
CA GLY D 280 20.90 21.93 -39.10
C GLY D 280 20.96 23.07 -40.12
N ASP D 281 20.18 24.12 -39.92
CA ASP D 281 20.35 25.41 -40.58
C ASP D 281 21.66 26.09 -40.14
N ILE D 282 21.99 25.94 -38.87
CA ILE D 282 23.28 26.24 -38.23
C ILE D 282 23.80 24.95 -37.62
N PHE D 283 25.09 24.70 -37.74
CA PHE D 283 25.80 23.59 -37.08
C PHE D 283 27.26 23.96 -36.86
N ALA D 284 27.91 23.36 -35.88
CA ALA D 284 29.34 23.55 -35.63
C ALA D 284 30.18 22.82 -36.68
N THR D 285 31.31 23.39 -37.10
CA THR D 285 32.20 22.75 -38.07
C THR D 285 33.65 22.64 -37.61
N THR D 286 34.08 23.33 -36.56
CA THR D 286 35.41 23.12 -36.01
C THR D 286 35.43 21.82 -35.19
N VAL D 287 36.56 21.13 -35.11
CA VAL D 287 36.65 19.91 -34.28
C VAL D 287 36.42 20.19 -32.79
N LEU D 288 36.85 21.35 -32.29
CA LEU D 288 36.55 21.74 -30.92
C LEU D 288 35.07 22.06 -30.74
N GLY D 289 34.45 22.81 -31.64
CA GLY D 289 33.02 23.09 -31.55
C GLY D 289 32.17 21.82 -31.68
N ARG D 290 32.53 20.88 -32.55
CA ARG D 290 31.85 19.59 -32.65
C ARG D 290 32.04 18.72 -31.40
N THR D 291 33.24 18.60 -30.86
CA THR D 291 33.41 17.87 -29.59
C THR D 291 32.70 18.55 -28.43
N PHE D 292 32.64 19.89 -28.41
CA PHE D 292 31.82 20.60 -27.46
C PHE D 292 30.34 20.28 -27.64
N VAL D 293 29.80 20.28 -28.87
CA VAL D 293 28.42 19.88 -29.15
C VAL D 293 28.13 18.45 -28.69
N VAL D 294 29.05 17.51 -28.85
CA VAL D 294 28.88 16.14 -28.33
C VAL D 294 28.77 16.13 -26.80
N ILE D 295 29.65 16.83 -26.11
CA ILE D 295 29.61 16.93 -24.64
C ILE D 295 28.33 17.63 -24.18
N PHE D 296 27.97 18.72 -24.86
CA PHE D 296 26.76 19.47 -24.60
C PHE D 296 25.53 18.59 -24.79
N ILE D 297 25.45 17.78 -25.85
CA ILE D 297 24.33 16.87 -26.07
C ILE D 297 24.19 15.88 -24.92
N MET D 298 25.28 15.26 -24.48
CA MET D 298 25.21 14.28 -23.39
C MET D 298 24.73 14.90 -22.08
N ILE D 299 25.03 16.17 -21.82
CA ILE D 299 24.63 16.85 -20.58
C ILE D 299 23.24 17.49 -20.70
N PHE D 300 23.04 18.37 -21.67
CA PHE D 300 21.91 19.29 -21.72
C PHE D 300 20.61 18.66 -22.21
N ILE D 301 20.63 17.53 -22.91
CA ILE D 301 19.37 16.80 -23.19
C ILE D 301 18.74 16.36 -21.87
N GLY D 302 19.54 15.86 -20.92
CA GLY D 302 19.05 15.53 -19.59
C GLY D 302 18.47 16.73 -18.87
N LEU D 303 19.15 17.88 -18.91
CA LEU D 303 18.64 19.11 -18.30
C LEU D 303 17.32 19.53 -18.94
N PHE D 304 17.24 19.72 -20.26
CA PHE D 304 16.02 20.16 -20.92
C PHE D 304 14.84 19.20 -20.64
N ALA D 305 15.05 17.90 -20.82
CA ALA D 305 14.01 16.90 -20.65
C ALA D 305 13.53 16.73 -19.21
N SER D 306 14.27 17.19 -18.20
CA SER D 306 13.84 17.15 -16.80
C SER D 306 13.34 18.51 -16.30
N PHE D 307 13.99 19.61 -16.68
CA PHE D 307 13.65 20.95 -16.25
C PHE D 307 12.31 21.39 -16.82
N ILE D 308 12.08 21.28 -18.12
CA ILE D 308 10.85 21.79 -18.73
C ILE D 308 9.59 21.12 -18.16
N PRO D 309 9.53 19.79 -17.94
CA PRO D 309 8.42 19.19 -17.23
C PRO D 309 8.28 19.65 -15.79
N GLU D 310 9.36 19.86 -15.03
CA GLU D 310 9.24 20.32 -13.65
C GLU D 310 8.79 21.78 -13.56
N ILE D 311 9.19 22.64 -14.49
CA ILE D 311 8.62 23.99 -14.63
C ILE D 311 7.12 23.89 -14.94
N ALA D 312 6.71 23.07 -15.91
CA ALA D 312 5.31 22.91 -16.25
C ALA D 312 4.47 22.36 -15.09
N GLU D 313 5.01 21.44 -14.30
CA GLU D 313 4.39 20.93 -13.08
C GLU D 313 4.18 22.05 -12.05
N ILE D 314 5.21 22.84 -11.75
CA ILE D 314 5.09 23.93 -10.78
C ILE D 314 4.08 24.99 -11.26
N LEU D 315 4.12 25.37 -12.53
CA LEU D 315 3.15 26.33 -13.10
C LEU D 315 1.73 25.76 -13.15
N GLY D 316 1.57 24.44 -13.27
CA GLY D 316 0.27 23.75 -13.25
C GLY D 316 -0.35 23.66 -11.86
N LYS D 317 0.46 23.46 -10.82
CA LYS D 317 0.04 23.37 -9.41
C LYS D 317 -0.26 24.75 -8.82
N ARG D 318 -1.36 25.35 -9.27
CA ARG D 318 -1.85 26.68 -8.89
C ARG D 318 -3.37 26.64 -8.68
N GLN D 319 -3.88 27.31 -7.64
CA GLN D 319 -5.32 27.35 -7.34
C GLN D 319 -6.09 28.14 -8.40
N LYS D 320 -7.04 27.48 -9.07
CA LYS D 320 -7.87 28.06 -10.14
C LYS D 320 -9.19 28.69 -9.65
N TYR D 321 -9.62 28.34 -8.44
CA TYR D 321 -10.83 28.85 -7.79
C TYR D 321 -10.51 29.61 -6.49
N GLY D 322 -9.35 30.24 -6.42
CA GLY D 322 -9.08 31.27 -5.43
C GLY D 322 -9.93 32.51 -5.68
N GLY D 323 -9.64 33.58 -4.95
CA GLY D 323 -10.43 34.81 -5.03
C GLY D 323 -11.67 34.76 -4.15
N SER D 324 -12.52 35.77 -4.29
CA SER D 324 -13.47 36.19 -3.27
C SER D 324 -14.86 36.43 -3.85
N TYR D 325 -15.92 36.12 -3.11
CA TYR D 325 -17.29 36.36 -3.56
C TYR D 325 -17.60 37.85 -3.49
N LYS D 326 -17.86 38.46 -4.66
CA LYS D 326 -18.24 39.87 -4.79
C LYS D 326 -19.75 39.99 -4.61
N LYS D 327 -20.15 40.33 -3.39
CA LYS D 327 -21.56 40.45 -2.97
C LYS D 327 -22.30 41.49 -3.80
N GLU D 328 -23.24 41.05 -4.64
CA GLU D 328 -24.07 41.95 -5.45
C GLU D 328 -25.01 42.81 -4.58
N ARG D 329 -25.44 43.98 -5.09
CA ARG D 329 -25.98 45.09 -4.29
C ARG D 329 -27.24 44.82 -3.46
N GLY D 330 -28.03 43.80 -3.82
CA GLY D 330 -29.30 43.49 -3.16
C GLY D 330 -29.78 42.05 -3.35
N LYS D 331 -28.84 41.13 -3.58
CA LYS D 331 -29.21 39.76 -3.81
C LYS D 331 -28.81 38.97 -2.60
N ARG D 332 -29.44 37.82 -2.41
CA ARG D 332 -29.13 37.00 -1.28
C ARG D 332 -28.26 35.87 -1.70
N HIS D 333 -27.51 35.29 -0.79
CA HIS D 333 -26.73 34.13 -1.16
C HIS D 333 -26.71 33.10 -0.08
N VAL D 334 -26.50 31.88 -0.48
CA VAL D 334 -26.42 30.75 0.45
C VAL D 334 -25.08 30.09 0.26
N VAL D 335 -24.36 29.85 1.35
CA VAL D 335 -23.08 29.14 1.31
C VAL D 335 -23.35 27.65 1.43
N VAL D 336 -22.68 26.82 0.66
CA VAL D 336 -22.84 25.38 0.72
C VAL D 336 -21.50 24.71 0.83
N CYS D 337 -21.34 23.75 1.73
CA CYS D 337 -20.06 23.11 2.01
C CYS D 337 -20.25 21.70 2.54
N GLY D 338 -19.15 21.05 2.97
CA GLY D 338 -19.16 19.66 3.37
C GLY D 338 -18.90 18.74 2.19
N TYR D 339 -19.69 17.70 2.01
CA TYR D 339 -19.53 16.75 0.92
C TYR D 339 -19.99 17.34 -0.42
N ILE D 340 -19.09 18.02 -1.13
CA ILE D 340 -19.35 18.64 -2.43
C ILE D 340 -18.71 17.80 -3.54
N THR D 341 -19.53 17.24 -4.42
CA THR D 341 -19.14 16.37 -5.54
C THR D 341 -20.17 16.50 -6.65
N PHE D 342 -19.90 16.00 -7.86
CA PHE D 342 -20.90 16.06 -8.94
C PHE D 342 -22.21 15.39 -8.55
N ASP D 343 -22.18 14.25 -7.88
CA ASP D 343 -23.37 13.57 -7.38
C ASP D 343 -24.12 14.42 -6.35
N SER D 344 -23.45 14.99 -5.33
CA SER D 344 -24.19 15.77 -4.34
C SER D 344 -24.70 17.09 -4.90
N VAL D 345 -23.89 17.80 -5.67
CA VAL D 345 -24.23 19.11 -6.23
C VAL D 345 -25.35 18.99 -7.25
N SER D 346 -25.33 18.02 -8.15
CA SER D 346 -26.40 17.90 -9.15
C SER D 346 -27.75 17.61 -8.50
N ASN D 347 -27.81 16.69 -7.54
CA ASN D 347 -29.03 16.41 -6.80
C ASN D 347 -29.50 17.60 -5.96
N PHE D 348 -28.58 18.35 -5.37
CA PHE D 348 -28.92 19.55 -4.63
C PHE D 348 -29.47 20.63 -5.56
N LEU D 349 -28.75 21.02 -6.60
CA LEU D 349 -29.15 22.09 -7.49
C LEU D 349 -30.47 21.81 -8.20
N LYS D 350 -30.73 20.58 -8.66
CA LYS D 350 -31.99 20.32 -9.35
C LYS D 350 -33.20 20.40 -8.44
N ASP D 351 -33.05 20.29 -7.12
CA ASP D 351 -34.14 20.58 -6.19
C ASP D 351 -34.16 22.06 -5.77
N PHE D 352 -33.00 22.67 -5.55
CA PHE D 352 -32.89 24.05 -5.09
C PHE D 352 -33.33 25.06 -6.15
N LEU D 353 -32.92 24.87 -7.40
CA LEU D 353 -33.22 25.75 -8.53
C LEU D 353 -34.43 25.30 -9.35
N HIS D 354 -35.25 24.39 -8.82
CA HIS D 354 -36.37 23.79 -9.58
C HIS D 354 -37.45 24.81 -9.93
N LYS D 355 -37.99 24.73 -11.15
CA LYS D 355 -38.99 25.67 -11.66
C LYS D 355 -40.34 25.64 -10.95
N ASP D 356 -40.66 24.59 -10.19
CA ASP D 356 -41.89 24.55 -9.41
C ASP D 356 -41.85 25.44 -8.18
N ARG D 357 -40.66 25.82 -7.69
CA ARG D 357 -40.49 26.83 -6.64
C ARG D 357 -40.81 28.21 -7.20
N GLU D 358 -41.23 29.14 -6.36
CA GLU D 358 -41.37 30.54 -6.77
C GLU D 358 -40.03 31.13 -7.19
N ASP D 359 -40.04 32.07 -8.14
CA ASP D 359 -38.82 32.71 -8.62
C ASP D 359 -38.21 33.61 -7.55
N VAL D 360 -37.03 33.25 -7.06
CA VAL D 360 -36.23 34.05 -6.13
C VAL D 360 -34.78 34.04 -6.57
N ASP D 361 -34.15 35.20 -6.61
CA ASP D 361 -32.73 35.34 -6.91
C ASP D 361 -31.89 35.08 -5.65
N VAL D 362 -31.55 33.81 -5.43
CA VAL D 362 -30.55 33.38 -4.44
C VAL D 362 -29.34 32.82 -5.18
N GLU D 363 -28.16 33.40 -4.96
CA GLU D 363 -26.89 32.84 -5.42
C GLU D 363 -26.47 31.66 -4.54
N ILE D 364 -25.98 30.57 -5.12
CA ILE D 364 -25.36 29.48 -4.36
C ILE D 364 -23.85 29.64 -4.44
N VAL D 365 -23.16 29.58 -3.30
CA VAL D 365 -21.71 29.72 -3.21
C VAL D 365 -21.11 28.46 -2.61
N PHE D 366 -20.59 27.57 -3.43
CA PHE D 366 -19.92 26.38 -2.96
C PHE D 366 -18.53 26.72 -2.42
N LEU D 367 -18.20 26.23 -1.24
CA LEU D 367 -16.87 26.33 -0.65
C LEU D 367 -16.35 24.93 -0.36
N HIS D 368 -15.25 24.52 -0.98
CA HIS D 368 -14.69 23.19 -0.77
C HIS D 368 -13.19 23.14 -0.97
N LYS D 369 -12.48 22.33 -0.18
CA LYS D 369 -11.01 22.18 -0.25
C LYS D 369 -10.67 21.15 -1.31
N GLY D 370 -10.86 21.52 -2.57
CA GLY D 370 -10.56 20.66 -3.70
C GLY D 370 -10.88 21.33 -5.03
N LEU D 371 -10.29 20.80 -6.10
CA LEU D 371 -10.60 21.21 -7.47
C LEU D 371 -11.84 20.43 -7.95
N PRO D 372 -12.81 21.06 -8.63
CA PRO D 372 -13.91 20.35 -9.26
C PRO D 372 -13.42 19.32 -10.28
N GLY D 373 -14.06 18.16 -10.34
CA GLY D 373 -13.92 17.26 -11.48
C GLY D 373 -14.55 17.86 -12.73
N LEU D 374 -14.20 17.39 -13.93
CA LEU D 374 -14.68 18.00 -15.17
C LEU D 374 -16.21 17.97 -15.32
N GLU D 375 -16.88 16.94 -14.81
CA GLU D 375 -18.34 16.87 -14.79
C GLU D 375 -18.94 17.99 -13.93
N LEU D 376 -18.42 18.20 -12.72
CA LEU D 376 -18.84 19.27 -11.84
C LEU D 376 -18.49 20.65 -12.41
N GLU D 377 -17.32 20.83 -12.99
CA GLU D 377 -16.95 22.09 -13.63
C GLU D 377 -17.88 22.44 -14.80
N GLY D 378 -18.33 21.44 -15.57
CA GLY D 378 -19.36 21.65 -16.58
C GLY D 378 -20.69 22.08 -15.98
N LEU D 379 -21.13 21.40 -14.92
CA LEU D 379 -22.37 21.76 -14.20
C LEU D 379 -22.32 23.17 -13.63
N LEU D 380 -21.21 23.57 -13.01
CA LEU D 380 -21.01 24.93 -12.53
C LEU D 380 -21.14 25.94 -13.67
N LYS D 381 -20.52 25.68 -14.83
CA LYS D 381 -20.63 26.56 -16.00
C LYS D 381 -22.05 26.63 -16.56
N ARG D 382 -22.84 25.56 -16.53
CA ARG D 382 -24.26 25.62 -16.93
C ARG D 382 -25.12 26.50 -16.02
N HIS D 383 -24.73 26.69 -14.76
CA HIS D 383 -25.41 27.57 -13.80
C HIS D 383 -24.66 28.86 -13.49
N PHE D 384 -23.75 29.27 -14.36
CA PHE D 384 -22.84 30.40 -14.16
C PHE D 384 -23.49 31.69 -13.62
N THR D 385 -24.72 31.98 -14.00
CA THR D 385 -25.45 33.18 -13.57
C THR D 385 -25.90 33.17 -12.10
N GLN D 386 -25.95 32.00 -11.45
CA GLN D 386 -26.58 31.83 -10.12
C GLN D 386 -25.84 30.85 -9.19
N VAL D 387 -24.72 30.27 -9.64
CA VAL D 387 -23.88 29.36 -8.87
C VAL D 387 -22.43 29.78 -9.02
N GLU D 388 -21.70 29.86 -7.91
CA GLU D 388 -20.27 30.18 -7.90
C GLU D 388 -19.53 29.18 -6.98
N TYR D 389 -18.26 28.90 -7.25
CA TYR D 389 -17.47 27.91 -6.54
C TYR D 389 -16.13 28.51 -6.12
N PHE D 390 -15.69 28.24 -4.89
CA PHE D 390 -14.41 28.70 -4.37
C PHE D 390 -13.66 27.56 -3.71
N TRP D 391 -12.36 27.49 -3.97
CA TRP D 391 -11.45 26.65 -3.21
C TRP D 391 -11.33 27.19 -1.81
N GLY D 392 -11.48 26.35 -0.78
CA GLY D 392 -11.23 26.71 0.60
C GLY D 392 -12.04 25.88 1.58
N SER D 393 -11.94 26.14 2.87
CA SER D 393 -12.68 25.40 3.89
C SER D 393 -13.34 26.31 4.89
N VAL D 394 -14.54 25.96 5.33
CA VAL D 394 -15.20 26.63 6.46
C VAL D 394 -14.42 26.53 7.76
N MET D 395 -13.37 25.70 7.84
CA MET D 395 -12.45 25.69 8.97
C MET D 395 -11.50 26.90 9.02
N ASP D 396 -11.40 27.72 7.98
CA ASP D 396 -10.55 28.93 7.98
C ASP D 396 -11.37 30.21 8.00
N ALA D 397 -11.12 31.10 8.96
CA ALA D 397 -11.78 32.39 9.02
C ALA D 397 -11.54 33.24 7.75
N ASN D 398 -10.37 33.12 7.12
CA ASN D 398 -10.09 33.83 5.87
C ASN D 398 -10.98 33.36 4.73
N ASP D 399 -11.24 32.06 4.62
CA ASP D 399 -12.13 31.52 3.60
C ASP D 399 -13.58 31.87 3.85
N LEU D 400 -14.02 31.86 5.11
CA LEU D 400 -15.35 32.35 5.48
C LEU D 400 -15.54 33.83 5.16
N GLU D 401 -14.48 34.60 5.17
CA GLU D 401 -14.61 35.99 4.78
C GLU D 401 -14.70 36.09 3.28
N ARG D 402 -14.00 35.23 2.57
CA ARG D 402 -14.04 35.28 1.13
C ARG D 402 -15.42 35.01 0.65
N VAL D 403 -16.07 34.00 1.19
CA VAL D 403 -17.43 33.65 0.80
C VAL D 403 -18.39 34.62 1.40
N LYS D 404 -17.90 35.57 2.17
CA LYS D 404 -18.76 36.65 2.63
C LYS D 404 -19.86 36.20 3.61
N ILE D 405 -19.57 35.19 4.43
CA ILE D 405 -20.59 34.52 5.25
C ILE D 405 -21.23 35.40 6.32
N GLN D 406 -20.62 36.55 6.66
CA GLN D 406 -21.24 37.59 7.51
C GLN D 406 -22.63 38.01 7.02
N GLU D 407 -22.87 37.93 5.71
CA GLU D 407 -24.08 38.42 5.05
C GLU D 407 -24.65 37.40 4.07
N ALA D 408 -24.29 36.13 4.23
CA ALA D 408 -25.04 35.03 3.66
C ALA D 408 -26.39 34.87 4.35
N ASP D 409 -27.37 34.33 3.65
CA ASP D 409 -28.71 34.10 4.19
C ASP D 409 -28.75 32.83 5.06
N ALA D 410 -27.99 31.82 4.69
CA ALA D 410 -27.79 30.58 5.44
C ALA D 410 -26.51 29.88 4.98
N CYS D 411 -26.02 28.95 5.79
CA CYS D 411 -24.98 28.02 5.41
C CYS D 411 -25.51 26.58 5.47
N LEU D 412 -25.36 25.81 4.40
CA LEU D 412 -25.80 24.42 4.33
C LEU D 412 -24.59 23.49 4.37
N VAL D 413 -24.56 22.57 5.31
CA VAL D 413 -23.46 21.62 5.49
C VAL D 413 -23.93 20.23 5.08
N LEU D 414 -23.58 19.81 3.88
CA LEU D 414 -23.96 18.52 3.28
C LEU D 414 -23.07 17.39 3.82
N ALA D 415 -23.63 16.21 4.02
CA ALA D 415 -22.91 15.06 4.56
C ALA D 415 -22.70 13.96 3.53
N ASN D 416 -21.57 13.27 3.58
CA ASN D 416 -21.35 12.05 2.80
C ASN D 416 -22.14 10.89 3.40
N LYS D 417 -23.36 10.64 2.92
CA LYS D 417 -24.24 9.56 3.42
C LYS D 417 -23.65 8.15 3.25
N TYR D 418 -22.63 8.01 2.42
CA TYR D 418 -22.00 6.73 2.04
C TYR D 418 -20.50 6.70 2.40
N CYS D 419 -20.13 7.33 3.50
CA CYS D 419 -18.79 7.25 4.09
C CYS D 419 -18.55 5.90 4.76
N GLN D 420 -17.28 5.51 4.91
CA GLN D 420 -16.89 4.27 5.58
C GLN D 420 -17.31 4.21 7.06
N ASP D 421 -17.45 5.37 7.72
CA ASP D 421 -17.85 5.48 9.12
C ASP D 421 -18.63 6.78 9.38
N PRO D 422 -19.87 6.73 9.88
CA PRO D 422 -20.67 7.93 10.03
C PRO D 422 -20.30 8.82 11.21
N ASP D 423 -19.55 8.33 12.21
CA ASP D 423 -19.11 9.19 13.31
C ASP D 423 -17.97 10.10 12.91
N GLN D 424 -17.04 9.66 12.07
CA GLN D 424 -16.03 10.56 11.52
C GLN D 424 -16.67 11.60 10.62
N GLU D 425 -17.70 11.24 9.84
CA GLU D 425 -18.42 12.21 9.02
C GLU D 425 -19.22 13.20 9.87
N ASP D 426 -19.94 12.74 10.88
CA ASP D 426 -20.63 13.63 11.81
C ASP D 426 -19.67 14.51 12.60
N ALA D 427 -18.54 13.98 13.08
CA ALA D 427 -17.56 14.78 13.79
C ALA D 427 -17.00 15.89 12.91
N ALA D 428 -16.69 15.62 11.65
CA ALA D 428 -16.29 16.64 10.70
C ALA D 428 -17.38 17.69 10.51
N ASN D 429 -18.64 17.31 10.30
CA ASN D 429 -19.70 18.28 10.10
C ASN D 429 -20.00 19.09 11.36
N ILE D 430 -19.90 18.51 12.54
CA ILE D 430 -20.00 19.28 13.79
C ILE D 430 -18.84 20.27 13.92
N MET D 431 -17.65 19.90 13.52
CA MET D 431 -16.59 20.86 13.59
C MET D 431 -16.78 21.98 12.63
N ARG D 432 -17.51 21.75 11.56
CA ARG D 432 -17.75 22.79 10.60
C ARG D 432 -18.73 23.77 11.13
N VAL D 433 -19.71 23.34 11.88
CA VAL D 433 -20.68 24.23 12.43
C VAL D 433 -20.04 24.99 13.54
N ILE D 434 -19.20 24.32 14.31
CA ILE D 434 -18.47 25.04 15.35
C ILE D 434 -17.62 26.15 14.72
N SER D 435 -16.93 25.86 13.63
CA SER D 435 -16.12 26.86 12.95
C SER D 435 -16.96 28.00 12.39
N ILE D 436 -18.04 27.69 11.69
CA ILE D 436 -18.93 28.70 11.12
C ILE D 436 -19.48 29.61 12.20
N LYS D 437 -19.98 29.06 13.31
CA LYS D 437 -20.54 29.89 14.39
C LYS D 437 -19.50 30.56 15.28
N ASN D 438 -18.27 30.06 15.37
CA ASN D 438 -17.16 30.78 15.98
C ASN D 438 -16.85 32.05 15.17
N TYR D 439 -16.89 31.98 13.84
CA TYR D 439 -16.67 33.14 13.00
C TYR D 439 -17.78 34.18 13.12
N HIS D 440 -19.04 33.75 13.12
CA HIS D 440 -20.20 34.62 13.31
C HIS D 440 -21.37 33.83 13.88
N SER D 441 -21.84 34.14 15.08
CA SER D 441 -22.81 33.29 15.78
C SER D 441 -24.19 33.24 15.11
N ASP D 442 -24.56 34.31 14.41
CA ASP D 442 -25.94 34.54 14.00
C ASP D 442 -26.26 34.09 12.59
N ILE D 443 -25.30 33.54 11.84
CA ILE D 443 -25.60 32.88 10.57
C ILE D 443 -26.46 31.65 10.84
N LYS D 444 -27.56 31.49 10.10
CA LYS D 444 -28.41 30.30 10.14
C LYS D 444 -27.63 29.13 9.57
N VAL D 445 -27.43 28.08 10.35
CA VAL D 445 -26.74 26.88 9.86
C VAL D 445 -27.72 25.72 9.75
N ILE D 446 -27.82 25.14 8.57
CA ILE D 446 -28.56 23.91 8.34
C ILE D 446 -27.54 22.82 8.06
N VAL D 447 -27.54 21.74 8.85
CA VAL D 447 -26.52 20.70 8.77
C VAL D 447 -27.17 19.34 8.63
N GLN D 448 -26.56 18.49 7.84
CA GLN D 448 -27.00 17.11 7.68
C GLN D 448 -26.20 16.24 8.63
N LEU D 449 -26.87 15.45 9.47
CA LEU D 449 -26.23 14.51 10.39
C LEU D 449 -26.61 13.08 10.04
N LEU D 450 -25.68 12.15 10.16
CA LEU D 450 -25.94 10.75 9.87
C LEU D 450 -26.41 9.96 11.09
N GLN D 451 -26.15 10.40 12.32
CA GLN D 451 -26.48 9.64 13.53
C GLN D 451 -27.23 10.50 14.54
N TYR D 452 -28.27 9.96 15.17
CA TYR D 452 -29.08 10.76 16.08
C TYR D 452 -28.35 11.16 17.36
N HIS D 453 -27.51 10.29 17.93
CA HIS D 453 -26.79 10.62 19.16
C HIS D 453 -25.80 11.77 18.98
N ASN D 454 -25.24 11.97 17.79
CA ASN D 454 -24.38 13.12 17.49
C ASN D 454 -25.13 14.45 17.47
N LYS D 455 -26.45 14.45 17.31
CA LYS D 455 -27.28 15.66 17.38
C LYS D 455 -27.22 16.34 18.74
N ALA D 456 -27.01 15.59 19.82
CA ALA D 456 -26.82 16.16 21.15
C ALA D 456 -25.61 17.10 21.20
N TYR D 457 -24.51 16.78 20.52
CA TYR D 457 -23.31 17.59 20.56
C TYR D 457 -23.56 18.99 20.01
N LEU D 458 -24.22 19.13 18.85
CA LEU D 458 -24.50 20.47 18.34
C LEU D 458 -25.65 21.18 19.05
N LEU D 459 -26.57 20.47 19.71
CA LEU D 459 -27.54 21.13 20.60
C LEU D 459 -26.83 21.81 21.77
N ASN D 460 -25.67 21.30 22.18
CA ASN D 460 -24.87 21.85 23.28
C ASN D 460 -23.86 22.93 22.83
N ILE D 461 -23.78 23.29 21.55
CA ILE D 461 -22.96 24.43 21.10
C ILE D 461 -23.52 25.73 21.69
N PRO D 462 -22.70 26.65 22.23
CA PRO D 462 -23.21 27.82 22.95
C PRO D 462 -24.12 28.73 22.13
N SER D 463 -23.91 28.78 20.82
CA SER D 463 -24.57 29.70 19.90
C SER D 463 -25.54 29.03 18.94
N TRP D 464 -25.84 27.74 19.09
CA TRP D 464 -26.87 27.04 18.32
C TRP D 464 -28.27 27.39 18.82
N ASP D 465 -29.20 27.78 17.95
CA ASP D 465 -30.55 28.15 18.37
C ASP D 465 -31.62 27.83 17.33
N TRP D 466 -32.47 26.84 17.61
CA TRP D 466 -33.53 26.48 16.67
C TRP D 466 -34.51 27.63 16.41
N LYS D 467 -34.66 28.58 17.34
CA LYS D 467 -35.56 29.72 17.18
C LYS D 467 -35.07 30.72 16.14
N ARG D 468 -33.77 30.73 15.79
CA ARG D 468 -33.27 31.44 14.59
C ARG D 468 -33.34 30.61 13.31
N GLY D 469 -33.72 29.34 13.42
CA GLY D 469 -33.73 28.39 12.32
C GLY D 469 -32.42 27.62 12.14
N ASP D 470 -31.50 27.61 13.11
CA ASP D 470 -30.44 26.59 13.08
C ASP D 470 -31.07 25.21 13.12
N ASP D 471 -30.63 24.28 12.27
CA ASP D 471 -31.39 23.07 12.00
C ASP D 471 -30.53 21.87 11.64
N ALA D 472 -30.68 20.78 12.37
CA ALA D 472 -29.97 19.55 12.10
C ALA D 472 -30.92 18.53 11.48
N VAL D 473 -30.80 18.33 10.18
CA VAL D 473 -31.53 17.32 9.41
C VAL D 473 -30.83 15.98 9.66
N CYS D 474 -31.30 15.23 10.65
CA CYS D 474 -30.72 13.94 10.99
C CYS D 474 -31.31 12.84 10.09
N VAL D 475 -30.47 12.27 9.24
CA VAL D 475 -30.86 11.26 8.26
C VAL D 475 -31.40 10.01 8.95
N ALA D 476 -30.76 9.52 10.01
CA ALA D 476 -31.25 8.34 10.73
C ALA D 476 -32.57 8.59 11.45
N GLU D 477 -32.75 9.74 12.09
CA GLU D 477 -34.00 10.12 12.76
C GLU D 477 -35.16 10.13 11.77
N LEU D 478 -34.97 10.78 10.63
CA LEU D 478 -35.99 10.90 9.61
C LEU D 478 -36.27 9.55 8.98
N LYS D 479 -35.25 8.86 8.45
CA LYS D 479 -35.39 7.57 7.80
C LYS D 479 -36.24 6.60 8.60
N LEU D 480 -35.89 6.38 9.86
CA LEU D 480 -36.61 5.44 10.71
C LEU D 480 -38.01 5.96 11.07
N GLY D 481 -38.23 7.26 11.17
CA GLY D 481 -39.56 7.82 11.40
C GLY D 481 -40.49 7.73 10.19
N PHE D 482 -39.99 7.89 8.97
CA PHE D 482 -40.75 7.58 7.75
C PHE D 482 -41.10 6.10 7.71
N ILE D 483 -40.18 5.20 8.04
CA ILE D 483 -40.44 3.76 8.06
C ILE D 483 -41.45 3.38 9.14
N ALA D 484 -41.34 3.94 10.35
CA ALA D 484 -42.30 3.73 11.42
C ALA D 484 -43.70 4.14 11.00
N GLN D 485 -43.82 5.19 10.19
CA GLN D 485 -45.10 5.64 9.68
C GLN D 485 -45.73 4.62 8.73
N SER D 486 -44.95 3.91 7.92
CA SER D 486 -45.52 2.80 7.15
C SER D 486 -45.99 1.64 8.01
N CYS D 487 -45.47 1.44 9.22
CA CYS D 487 -46.01 0.43 10.12
C CYS D 487 -47.42 0.76 10.59
N LEU D 488 -47.74 2.04 10.68
CA LEU D 488 -49.03 2.56 11.10
C LEU D 488 -50.01 2.75 9.94
N ALA D 489 -49.51 3.16 8.77
CA ALA D 489 -50.26 3.42 7.56
C ALA D 489 -49.45 2.96 6.35
N PRO D 490 -49.55 1.68 5.94
CA PRO D 490 -48.73 1.11 4.89
C PRO D 490 -48.63 1.98 3.65
N GLY D 491 -47.43 2.14 3.14
CA GLY D 491 -47.12 3.00 2.00
C GLY D 491 -46.94 4.48 2.31
N PHE D 492 -47.23 4.95 3.52
CA PHE D 492 -47.11 6.37 3.83
C PHE D 492 -45.69 6.91 3.71
N SER D 493 -44.65 6.08 3.86
CA SER D 493 -43.27 6.49 3.59
C SER D 493 -43.10 7.04 2.18
N THR D 494 -43.75 6.42 1.19
CA THR D 494 -43.68 6.85 -0.20
C THR D 494 -44.47 8.13 -0.42
N LEU D 495 -45.68 8.24 0.14
CA LEU D 495 -46.47 9.45 0.03
C LEU D 495 -45.67 10.63 0.54
N MET D 496 -45.21 10.51 1.78
CA MET D 496 -44.56 11.61 2.45
C MET D 496 -43.19 11.91 1.86
N ALA D 497 -42.38 10.92 1.47
CA ALA D 497 -41.09 11.18 0.86
C ALA D 497 -41.21 11.87 -0.50
N ASN D 498 -42.15 11.46 -1.36
CA ASN D 498 -42.39 12.15 -2.62
C ASN D 498 -42.79 13.61 -2.43
N LEU D 499 -43.47 13.91 -1.33
CA LEU D 499 -43.99 15.22 -1.02
C LEU D 499 -42.90 16.26 -0.73
N PHE D 500 -41.66 15.84 -0.49
CA PHE D 500 -40.55 16.72 -0.09
C PHE D 500 -39.40 16.75 -1.09
N THR D 501 -39.64 16.46 -2.35
CA THR D 501 -38.69 16.85 -3.40
C THR D 501 -39.42 17.38 -4.61
N MET D 502 -38.85 18.42 -5.22
CA MET D 502 -39.45 19.12 -6.33
C MET D 502 -39.46 18.25 -7.56
N ARG D 503 -40.64 17.88 -8.06
CA ARG D 503 -40.80 17.12 -9.32
C ARG D 503 -42.02 17.62 -10.08
N SER D 504 -41.96 17.48 -11.40
CA SER D 504 -43.05 17.90 -12.25
C SER D 504 -43.50 16.74 -13.12
N TYR D 505 -44.80 16.60 -13.31
CA TYR D 505 -45.34 15.48 -14.07
C TYR D 505 -45.04 15.61 -15.53
N LYS D 506 -44.98 14.49 -16.23
CA LYS D 506 -44.62 14.51 -17.63
C LYS D 506 -44.90 13.13 -18.21
N PRO D 507 -46.11 12.92 -18.71
CA PRO D 507 -46.47 11.58 -19.17
C PRO D 507 -45.58 11.08 -20.30
N THR D 508 -45.59 9.76 -20.53
CA THR D 508 -45.01 9.13 -21.73
C THR D 508 -45.96 8.05 -22.27
N PRO D 509 -45.95 7.74 -23.58
CA PRO D 509 -46.87 6.75 -24.14
C PRO D 509 -46.59 5.33 -23.66
N GLU D 510 -45.34 5.01 -23.31
CA GLU D 510 -44.94 3.71 -22.75
C GLU D 510 -45.44 3.45 -21.32
N MET D 511 -45.88 4.49 -20.61
CA MET D 511 -46.29 4.43 -19.20
C MET D 511 -47.67 3.75 -19.04
N SER D 512 -47.75 2.69 -18.25
CA SER D 512 -49.04 2.04 -17.95
C SER D 512 -49.95 2.96 -17.13
N GLN D 513 -51.26 2.73 -17.14
CA GLN D 513 -52.18 3.70 -16.53
C GLN D 513 -51.98 3.84 -15.01
N TRP D 514 -51.62 2.76 -14.29
CA TRP D 514 -51.29 2.89 -12.87
C TRP D 514 -50.04 3.76 -12.66
N GLN D 515 -49.03 3.63 -13.51
CA GLN D 515 -47.87 4.51 -13.44
C GLN D 515 -48.24 5.96 -13.76
N THR D 516 -49.18 6.23 -14.65
CA THR D 516 -49.60 7.62 -14.91
C THR D 516 -50.29 8.24 -13.70
N ASP D 517 -51.08 7.48 -12.95
CA ASP D 517 -51.68 7.93 -11.70
C ASP D 517 -50.63 8.19 -10.63
N TYR D 518 -49.73 7.23 -10.42
CA TYR D 518 -48.64 7.38 -9.48
C TYR D 518 -47.79 8.60 -9.83
N MET D 519 -47.31 8.70 -11.06
CA MET D 519 -46.45 9.79 -11.50
C MET D 519 -47.15 11.14 -11.41
N ARG D 520 -48.45 11.24 -11.70
CA ARG D 520 -49.21 12.47 -11.47
C ARG D 520 -49.19 12.89 -10.00
N GLY D 521 -49.31 11.93 -9.08
CA GLY D 521 -49.13 12.16 -7.65
C GLY D 521 -47.72 12.61 -7.27
N THR D 522 -46.67 12.02 -7.86
CA THR D 522 -45.28 12.44 -7.56
C THR D 522 -44.99 13.89 -7.93
N GLY D 523 -45.75 14.47 -8.85
CA GLY D 523 -45.59 15.85 -9.28
C GLY D 523 -45.99 16.89 -8.24
N MET D 524 -46.55 16.47 -7.10
CA MET D 524 -46.98 17.36 -6.03
C MET D 524 -46.02 17.38 -4.87
N GLU D 525 -45.80 18.55 -4.30
CA GLU D 525 -44.96 18.71 -3.14
C GLU D 525 -45.50 19.79 -2.19
N MET D 526 -44.96 19.86 -0.98
CA MET D 526 -45.41 20.73 0.09
C MET D 526 -45.08 22.21 -0.16
N TYR D 527 -46.01 23.12 0.10
CA TYR D 527 -45.85 24.56 -0.05
C TYR D 527 -46.48 25.35 1.09
N THR D 528 -46.07 26.61 1.24
CA THR D 528 -46.57 27.55 2.24
C THR D 528 -47.00 28.85 1.59
N GLU D 529 -48.16 29.38 1.96
CA GLU D 529 -48.65 30.68 1.49
C GLU D 529 -49.50 31.37 2.54
N TYR D 530 -49.60 32.70 2.44
CA TYR D 530 -50.59 33.45 3.18
C TYR D 530 -51.98 33.26 2.57
N LEU D 531 -52.95 32.88 3.39
CA LEU D 531 -54.35 32.85 2.99
C LEU D 531 -54.85 34.27 2.72
N SER D 532 -55.62 34.49 1.64
CA SER D 532 -56.20 35.80 1.35
C SER D 532 -57.20 36.26 2.40
N SER D 533 -57.55 37.56 2.38
CA SER D 533 -58.53 38.14 3.29
C SER D 533 -59.91 37.45 3.22
N ALA D 534 -60.26 36.81 2.10
CA ALA D 534 -61.51 36.09 1.95
C ALA D 534 -61.65 34.88 2.89
N PHE D 535 -60.54 34.35 3.40
CA PHE D 535 -60.57 33.26 4.38
C PHE D 535 -60.76 33.72 5.83
N ASN D 536 -60.62 35.02 6.13
CA ASN D 536 -60.62 35.48 7.52
C ASN D 536 -61.95 35.11 8.21
N ALA D 537 -61.87 34.60 9.44
CA ALA D 537 -63.00 34.14 10.25
C ALA D 537 -63.79 32.93 9.71
N LEU D 538 -63.37 32.26 8.63
CA LEU D 538 -63.79 30.88 8.39
C LEU D 538 -63.20 29.97 9.47
N THR D 539 -63.88 28.88 9.81
CA THR D 539 -63.26 27.77 10.53
C THR D 539 -62.27 27.05 9.62
N PHE D 540 -61.27 26.36 10.18
CA PHE D 540 -60.34 25.59 9.36
C PHE D 540 -61.04 24.61 8.39
N PRO D 541 -62.04 23.81 8.79
CA PRO D 541 -62.74 22.93 7.86
C PRO D 541 -63.37 23.67 6.69
N GLU D 542 -63.99 24.83 6.92
CA GLU D 542 -64.54 25.64 5.82
C GLU D 542 -63.44 26.14 4.88
N ALA D 543 -62.30 26.58 5.42
CA ALA D 543 -61.19 27.02 4.59
C ALA D 543 -60.62 25.87 3.75
N ALA D 544 -60.51 24.67 4.31
CA ALA D 544 -60.05 23.50 3.60
C ALA D 544 -61.04 23.07 2.51
N GLU D 545 -62.35 23.06 2.78
CA GLU D 545 -63.38 22.84 1.76
C GLU D 545 -63.25 23.85 0.62
N LEU D 546 -63.10 25.13 0.94
CA LEU D 546 -62.99 26.21 -0.04
C LEU D 546 -61.77 25.98 -0.94
N CYS D 547 -60.59 25.81 -0.34
CA CYS D 547 -59.34 25.61 -1.07
C CYS D 547 -59.43 24.43 -2.02
N PHE D 548 -59.98 23.31 -1.55
CA PHE D 548 -60.10 22.12 -2.34
C PHE D 548 -61.14 22.30 -3.45
N SER D 549 -62.40 22.49 -3.07
CA SER D 549 -63.54 22.47 -3.99
C SER D 549 -63.47 23.61 -5.01
N LYS D 550 -63.07 24.83 -4.62
CA LYS D 550 -62.84 25.91 -5.57
C LYS D 550 -61.42 25.85 -6.12
N LEU D 551 -60.42 26.20 -5.32
CA LEU D 551 -59.07 26.48 -5.81
C LEU D 551 -58.27 25.26 -6.32
N LYS D 552 -58.78 24.04 -6.15
CA LYS D 552 -58.08 22.77 -6.45
C LYS D 552 -56.83 22.55 -5.57
N LEU D 553 -56.73 23.22 -4.43
CA LEU D 553 -55.59 23.17 -3.52
C LEU D 553 -55.94 22.39 -2.25
N LEU D 554 -55.08 21.49 -1.82
CA LEU D 554 -55.26 20.74 -0.58
C LEU D 554 -54.58 21.46 0.58
N LEU D 555 -55.37 22.01 1.51
CA LEU D 555 -54.88 22.74 2.68
C LEU D 555 -54.74 21.78 3.88
N LEU D 556 -53.54 21.58 4.41
CA LEU D 556 -53.30 20.62 5.49
C LEU D 556 -53.39 21.22 6.90
N ALA D 557 -52.86 22.43 7.05
CA ALA D 557 -52.41 22.96 8.32
C ALA D 557 -52.29 24.47 8.26
N ILE D 558 -52.24 25.13 9.41
CA ILE D 558 -52.06 26.58 9.55
C ILE D 558 -51.09 26.91 10.68
N GLU D 559 -50.29 27.94 10.52
CA GLU D 559 -49.46 28.49 11.60
C GLU D 559 -50.29 29.48 12.41
N VAL D 560 -50.82 29.04 13.55
CA VAL D 560 -51.63 29.85 14.46
C VAL D 560 -50.75 30.84 15.24
N ARG D 561 -51.13 32.12 15.28
CA ARG D 561 -50.39 33.17 15.98
C ARG D 561 -50.31 32.97 17.50
N GLU D 567 -45.44 34.77 19.81
CA GLU D 567 -45.12 33.42 19.36
C GLU D 567 -46.24 32.78 18.52
N SER D 568 -45.92 31.68 17.83
CA SER D 568 -46.85 30.97 16.94
C SER D 568 -46.61 29.45 16.95
N THR D 569 -47.64 28.68 16.59
CA THR D 569 -47.68 27.22 16.65
C THR D 569 -48.32 26.62 15.41
N LEU D 570 -47.77 25.53 14.90
CA LEU D 570 -48.29 24.85 13.71
C LEU D 570 -49.43 23.91 14.11
N ALA D 571 -50.62 24.10 13.56
CA ALA D 571 -51.78 23.26 13.79
C ALA D 571 -52.13 22.45 12.53
N ILE D 572 -52.12 21.12 12.62
CA ILE D 572 -52.42 20.22 11.50
C ILE D 572 -53.86 19.75 11.61
N ASN D 573 -54.64 19.89 10.54
CA ASN D 573 -56.05 19.57 10.47
C ASN D 573 -56.85 19.92 11.75
N PRO D 574 -56.74 21.14 12.31
CA PRO D 574 -57.43 21.49 13.54
C PRO D 574 -58.95 21.52 13.34
N GLY D 575 -59.71 21.27 14.40
CA GLY D 575 -61.16 21.16 14.35
C GLY D 575 -61.90 22.49 14.13
N PRO D 576 -63.24 22.47 14.09
CA PRO D 576 -64.05 23.69 13.91
C PRO D 576 -63.83 24.78 14.96
N LYS D 577 -63.26 24.43 16.12
CA LYS D 577 -62.97 25.36 17.20
C LYS D 577 -61.93 26.44 16.88
N VAL D 578 -61.16 26.33 15.77
CA VAL D 578 -60.21 27.37 15.36
C VAL D 578 -60.68 28.12 14.11
N LYS D 579 -60.58 29.45 14.15
CA LYS D 579 -60.79 30.33 12.99
C LYS D 579 -59.47 30.62 12.30
N ILE D 580 -59.53 30.87 10.99
CA ILE D 580 -58.45 31.54 10.27
C ILE D 580 -58.37 33.00 10.74
N GLU D 581 -57.21 33.49 11.16
CA GLU D 581 -56.99 34.90 11.50
C GLU D 581 -56.90 35.78 10.24
N ASN D 582 -56.49 37.04 10.38
CA ASN D 582 -55.90 37.78 9.27
C ASN D 582 -54.42 37.38 9.08
N ALA D 583 -53.94 37.35 7.84
CA ALA D 583 -52.56 37.03 7.47
C ALA D 583 -52.04 35.68 8.01
N THR D 584 -52.88 34.65 8.02
CA THR D 584 -52.52 33.28 8.41
C THR D 584 -51.68 32.60 7.33
N GLN D 585 -50.51 32.07 7.69
CA GLN D 585 -49.76 31.11 6.87
C GLN D 585 -50.49 29.76 6.85
N GLY D 586 -50.76 29.23 5.67
CA GLY D 586 -51.31 27.89 5.46
C GLY D 586 -50.32 26.98 4.72
N PHE D 587 -50.40 25.68 4.98
CA PHE D 587 -49.59 24.65 4.34
C PHE D 587 -50.42 23.86 3.34
N PHE D 588 -49.89 23.68 2.15
CA PHE D 588 -50.61 23.16 0.99
C PHE D 588 -49.87 22.03 0.31
N ILE D 589 -50.62 21.15 -0.34
CA ILE D 589 -50.12 20.22 -1.34
C ILE D 589 -50.62 20.68 -2.72
N ALA D 590 -49.72 20.86 -3.67
CA ALA D 590 -50.03 21.35 -5.02
C ALA D 590 -48.92 20.97 -6.01
N GLU D 591 -49.14 21.16 -7.30
CA GLU D 591 -48.15 20.82 -8.32
C GLU D 591 -46.96 21.79 -8.41
N SER D 592 -47.14 23.06 -8.01
CA SER D 592 -46.11 24.10 -7.98
C SER D 592 -46.49 25.25 -7.06
N ALA D 593 -45.53 26.03 -6.58
CA ALA D 593 -45.75 27.24 -5.80
C ALA D 593 -46.66 28.24 -6.53
N GLU D 594 -46.48 28.40 -7.84
CA GLU D 594 -47.28 29.32 -8.65
C GLU D 594 -48.75 28.88 -8.74
N GLU D 595 -49.04 27.60 -8.52
CA GLU D 595 -50.40 27.11 -8.37
C GLU D 595 -50.99 27.48 -7.01
N VAL D 596 -50.20 27.38 -5.94
CA VAL D 596 -50.64 27.69 -4.57
C VAL D 596 -50.96 29.16 -4.39
N LYS D 597 -50.32 30.04 -5.16
CA LYS D 597 -50.55 31.49 -5.10
C LYS D 597 -52.01 31.87 -5.35
N ARG D 598 -52.84 31.00 -5.95
CA ARG D 598 -54.30 31.17 -5.96
C ARG D 598 -54.88 31.40 -4.56
N ALA D 599 -54.39 30.74 -3.52
CA ALA D 599 -54.88 30.95 -2.16
C ALA D 599 -54.57 32.33 -1.58
N PHE D 600 -53.53 33.00 -2.08
CA PHE D 600 -53.18 34.37 -1.69
C PHE D 600 -53.92 35.40 -2.52
N TYR D 601 -53.99 35.20 -3.84
CA TYR D 601 -54.74 36.06 -4.74
C TYR D 601 -56.24 35.85 -4.65
N TYR D 602 -56.74 34.80 -3.99
CA TYR D 602 -58.15 34.44 -4.04
C TYR D 602 -59.03 35.63 -3.70
N CYS D 603 -59.89 35.94 -4.66
CA CYS D 603 -60.69 37.13 -4.72
C CYS D 603 -61.69 37.18 -3.55
N LYS D 604 -62.28 38.35 -3.31
CA LYS D 604 -63.60 38.37 -2.67
C LYS D 604 -64.56 37.50 -3.50
N ASN D 605 -65.57 36.90 -2.88
CA ASN D 605 -66.49 35.99 -3.57
C ASN D 605 -67.12 36.59 -4.85
N CYS D 606 -67.32 37.90 -4.86
CA CYS D 606 -67.80 38.68 -6.01
C CYS D 606 -66.92 38.55 -7.27
N HIS D 607 -65.60 38.35 -7.11
CA HIS D 607 -64.64 38.30 -8.21
C HIS D 607 -64.12 36.88 -8.54
N ALA D 608 -64.72 35.83 -7.98
CA ALA D 608 -64.35 34.43 -8.22
C ALA D 608 -65.53 33.44 -8.12
N ASN D 609 -66.68 33.79 -8.70
CA ASN D 609 -67.83 32.88 -8.82
C ASN D 609 -67.69 31.86 -9.97
N VAL D 610 -66.87 32.15 -11.00
CA VAL D 610 -66.84 31.35 -12.25
C VAL D 610 -66.05 30.04 -12.11
N SER D 611 -65.01 30.00 -11.27
CA SER D 611 -64.26 28.81 -10.87
C SER D 611 -63.47 28.04 -11.95
N ASP D 612 -63.23 28.62 -13.12
CA ASP D 612 -62.24 28.13 -14.09
C ASP D 612 -60.84 28.55 -13.61
N VAL D 613 -60.23 27.77 -12.71
CA VAL D 613 -59.25 28.28 -11.74
C VAL D 613 -58.03 29.02 -12.28
N ARG D 614 -57.67 28.83 -13.53
CA ARG D 614 -56.58 29.62 -14.10
C ARG D 614 -56.89 31.13 -14.11
N GLN D 615 -58.17 31.48 -14.07
CA GLN D 615 -58.60 32.88 -14.03
C GLN D 615 -58.36 33.59 -12.68
N ILE D 616 -58.07 32.88 -11.58
CA ILE D 616 -57.74 33.55 -10.31
C ILE D 616 -56.39 34.27 -10.48
N LYS D 617 -56.37 35.57 -10.17
CA LYS D 617 -55.24 36.46 -10.36
C LYS D 617 -55.37 37.68 -9.44
N LYS D 618 -54.31 38.47 -9.30
CA LYS D 618 -54.19 39.53 -8.30
C LYS D 618 -55.24 40.67 -8.38
N CYS D 619 -56.00 40.77 -9.48
CA CYS D 619 -57.07 41.75 -9.67
C CYS D 619 -58.36 41.45 -8.87
N LYS D 620 -58.23 41.10 -7.59
CA LYS D 620 -59.34 40.76 -6.69
C LYS D 620 -60.23 41.96 -6.29
N CYS D 621 -59.76 43.19 -6.52
CA CYS D 621 -60.44 44.45 -6.20
C CYS D 621 -60.03 45.58 -7.16
N ARG D 706 -51.84 4.83 33.26
CA ARG D 706 -50.69 4.74 32.37
C ARG D 706 -49.64 5.83 32.67
N LYS D 707 -48.41 5.61 32.20
CA LYS D 707 -47.26 6.52 32.38
C LYS D 707 -46.75 7.04 31.05
N PHE D 708 -46.20 8.25 31.05
CA PHE D 708 -45.71 8.95 29.86
C PHE D 708 -44.35 9.60 30.10
N ASP D 709 -43.67 9.97 29.03
CA ASP D 709 -42.47 10.78 29.16
C ASP D 709 -42.78 12.17 29.76
N SER D 710 -41.77 12.92 30.19
CA SER D 710 -41.94 14.21 30.86
C SER D 710 -42.71 15.26 30.04
N THR D 711 -42.64 15.25 28.71
CA THR D 711 -43.40 16.15 27.84
C THR D 711 -44.77 15.57 27.44
N GLY D 712 -45.11 14.38 27.95
CA GLY D 712 -46.40 13.73 27.75
C GLY D 712 -46.67 13.25 26.32
N MET D 713 -45.64 13.18 25.48
CA MET D 713 -45.79 12.85 24.06
C MET D 713 -45.76 11.36 23.76
N PHE D 714 -45.16 10.51 24.61
CA PHE D 714 -44.97 9.08 24.39
C PHE D 714 -45.32 8.25 25.62
N HIS D 715 -45.83 7.04 25.45
CA HIS D 715 -45.98 6.08 26.53
C HIS D 715 -44.61 5.68 27.09
N TRP D 716 -44.52 5.30 28.36
CA TRP D 716 -43.24 5.16 29.05
C TRP D 716 -43.22 4.03 30.06
N CYS D 717 -42.04 3.45 30.28
CA CYS D 717 -41.72 2.49 31.33
C CYS D 717 -40.51 2.99 32.13
N PRO D 718 -40.45 2.68 33.44
CA PRO D 718 -39.20 2.83 34.18
C PRO D 718 -38.11 1.94 33.59
N ASP D 719 -36.85 2.34 33.74
CA ASP D 719 -35.70 1.60 33.21
C ASP D 719 -35.72 0.13 33.64
N ARG D 720 -35.33 -0.78 32.74
CA ARG D 720 -35.32 -2.22 33.00
C ARG D 720 -34.21 -2.93 32.22
N PRO D 721 -33.64 -4.04 32.72
CA PRO D 721 -32.59 -4.78 32.04
C PRO D 721 -33.12 -5.56 30.83
N LEU D 722 -32.29 -5.77 29.82
CA LEU D 722 -32.70 -6.39 28.56
C LEU D 722 -33.32 -7.78 28.73
N ASN D 723 -32.85 -8.57 29.69
CA ASN D 723 -33.37 -9.91 29.92
C ASN D 723 -34.81 -9.94 30.47
N ASP D 724 -35.43 -8.80 30.82
CA ASP D 724 -36.88 -8.73 31.04
C ASP D 724 -37.68 -8.79 29.72
N CYS D 725 -37.07 -8.36 28.62
CA CYS D 725 -37.67 -8.28 27.29
C CYS D 725 -37.17 -9.35 26.32
N LEU D 726 -36.07 -10.02 26.66
CA LEU D 726 -35.50 -11.10 25.89
C LEU D 726 -36.41 -12.34 25.90
N GLN D 727 -36.56 -13.01 24.75
CA GLN D 727 -37.37 -14.20 24.57
C GLN D 727 -36.63 -15.26 23.76
N ASP D 728 -36.82 -16.53 24.11
CA ASP D 728 -36.48 -17.68 23.27
C ASP D 728 -37.59 -17.97 22.25
N ARG D 729 -37.35 -18.77 21.21
CA ARG D 729 -38.35 -19.16 20.21
C ARG D 729 -39.61 -19.75 20.83
N SER D 730 -39.45 -20.56 21.87
CA SER D 730 -40.55 -21.13 22.64
C SER D 730 -41.40 -20.04 23.27
N GLN D 731 -40.80 -19.08 23.97
CA GLN D 731 -41.50 -17.95 24.58
C GLN D 731 -42.17 -17.06 23.53
N ALA D 732 -41.48 -16.74 22.43
CA ALA D 732 -42.02 -15.92 21.36
C ALA D 732 -43.24 -16.56 20.70
N SER D 733 -43.16 -17.85 20.37
CA SER D 733 -44.29 -18.58 19.76
C SER D 733 -45.42 -18.86 20.75
N ALA D 734 -45.14 -18.97 22.05
CA ALA D 734 -46.16 -19.06 23.08
C ALA D 734 -46.92 -17.75 23.25
N SER D 735 -46.26 -16.61 23.07
CA SER D 735 -46.90 -15.29 23.08
C SER D 735 -47.84 -15.12 21.87
N GLY D 736 -48.99 -14.49 22.08
CA GLY D 736 -50.06 -14.38 21.08
C GLY D 736 -49.84 -13.30 20.03
N LEU D 737 -48.64 -13.23 19.44
CA LEU D 737 -48.23 -12.14 18.57
C LEU D 737 -49.10 -12.08 17.31
N ARG D 738 -49.80 -10.96 17.14
CA ARG D 738 -50.71 -10.68 16.03
C ARG D 738 -50.79 -9.17 15.84
N ASN D 739 -50.91 -8.69 14.60
CA ASN D 739 -50.94 -7.26 14.27
C ASN D 739 -49.70 -6.48 14.77
N HIS D 740 -48.61 -7.18 15.05
CA HIS D 740 -47.36 -6.66 15.60
C HIS D 740 -46.45 -6.06 14.54
N VAL D 741 -45.37 -5.43 14.95
CA VAL D 741 -44.26 -5.04 14.06
C VAL D 741 -43.06 -5.93 14.33
N VAL D 742 -42.49 -6.54 13.29
CA VAL D 742 -41.25 -7.32 13.39
C VAL D 742 -40.12 -6.52 12.81
N VAL D 743 -39.05 -6.28 13.56
CA VAL D 743 -37.85 -5.62 13.03
C VAL D 743 -36.79 -6.67 12.78
N CYS D 744 -36.58 -7.04 11.53
CA CYS D 744 -35.51 -7.92 11.10
C CYS D 744 -34.23 -7.12 11.00
N LEU D 745 -33.38 -7.19 12.02
CA LEU D 745 -32.19 -6.36 12.14
C LEU D 745 -30.94 -7.16 11.80
N PHE D 746 -30.17 -6.69 10.82
CA PHE D 746 -28.86 -7.26 10.51
C PHE D 746 -27.77 -6.40 11.12
N ALA D 747 -26.97 -6.97 12.02
CA ALA D 747 -25.95 -6.21 12.74
C ALA D 747 -24.81 -7.13 13.19
N ASP D 748 -23.57 -6.66 13.09
CA ASP D 748 -22.46 -7.23 13.84
C ASP D 748 -22.40 -6.58 15.23
N ALA D 749 -21.89 -7.26 16.25
CA ALA D 749 -21.82 -6.72 17.60
C ALA D 749 -21.08 -5.38 17.68
N ALA D 750 -20.08 -5.16 16.83
CA ALA D 750 -19.27 -3.95 16.75
C ALA D 750 -19.84 -2.84 15.84
N SER D 751 -20.85 -3.12 15.02
CA SER D 751 -21.34 -2.20 13.97
C SER D 751 -21.98 -0.92 14.54
N PRO D 752 -22.02 0.20 13.80
CA PRO D 752 -22.51 1.47 14.33
C PRO D 752 -23.98 1.43 14.74
N LEU D 753 -24.38 2.24 15.74
CA LEU D 753 -25.76 2.32 16.20
C LEU D 753 -26.65 2.99 15.15
N ILE D 754 -27.71 2.31 14.68
CA ILE D 754 -28.73 2.93 13.83
C ILE D 754 -29.78 3.73 14.60
N GLY D 755 -29.87 3.53 15.92
CA GLY D 755 -30.81 4.30 16.75
C GLY D 755 -32.24 3.82 16.59
N LEU D 756 -32.52 2.54 16.91
CA LEU D 756 -33.87 1.97 16.85
C LEU D 756 -34.89 2.73 17.70
N ARG D 757 -34.44 3.54 18.65
CA ARG D 757 -35.24 4.55 19.34
C ARG D 757 -36.11 5.35 18.38
N ASN D 758 -35.59 5.74 17.23
CA ASN D 758 -36.32 6.51 16.22
C ASN D 758 -37.35 5.69 15.43
N LEU D 759 -37.20 4.37 15.34
CA LEU D 759 -38.21 3.48 14.77
C LEU D 759 -39.31 3.18 15.77
N VAL D 760 -38.97 2.91 17.02
CA VAL D 760 -39.92 2.49 18.05
C VAL D 760 -40.72 3.67 18.60
N MET D 761 -40.09 4.82 18.86
CA MET D 761 -40.74 5.95 19.52
C MET D 761 -42.02 6.45 18.81
N PRO D 762 -42.08 6.59 17.47
CA PRO D 762 -43.33 6.95 16.81
C PRO D 762 -44.44 5.92 16.98
N LEU D 763 -44.10 4.63 17.13
CA LEU D 763 -45.05 3.56 17.42
C LEU D 763 -45.53 3.59 18.88
N ARG D 764 -45.10 4.56 19.68
CA ARG D 764 -45.50 4.65 21.08
C ARG D 764 -46.04 6.03 21.42
N ALA D 765 -46.35 6.83 20.43
CA ALA D 765 -46.99 8.12 20.60
C ALA D 765 -48.19 8.03 21.55
N SER D 766 -48.26 8.94 22.51
CA SER D 766 -49.36 9.07 23.47
C SER D 766 -50.69 9.45 22.81
N ASN D 767 -50.67 9.71 21.51
CA ASN D 767 -51.84 9.83 20.67
C ASN D 767 -52.72 8.57 20.73
N PHE D 768 -52.11 7.40 20.78
CA PHE D 768 -52.79 6.11 20.85
C PHE D 768 -53.29 5.77 22.25
N HIS D 769 -54.33 4.95 22.36
CA HIS D 769 -54.62 4.26 23.61
C HIS D 769 -53.64 3.10 23.83
N TYR D 770 -53.34 2.75 25.07
CA TYR D 770 -52.35 1.69 25.35
C TYR D 770 -52.71 0.36 24.69
N HIS D 771 -54.00 0.02 24.66
CA HIS D 771 -54.47 -1.23 24.05
C HIS D 771 -54.31 -1.29 22.53
N GLU D 772 -54.15 -0.17 21.82
CA GLU D 772 -53.96 -0.13 20.36
C GLU D 772 -52.51 0.11 19.94
N LEU D 773 -51.56 0.18 20.88
CA LEU D 773 -50.14 0.15 20.56
C LEU D 773 -49.77 -1.20 19.95
N LYS D 774 -49.21 -1.21 18.74
CA LYS D 774 -48.72 -2.44 18.10
C LYS D 774 -47.52 -2.96 18.88
N PRO D 775 -47.52 -4.18 19.42
CA PRO D 775 -46.34 -4.75 20.06
C PRO D 775 -45.22 -4.93 19.04
N THR D 776 -43.98 -4.85 19.49
CA THR D 776 -42.82 -4.81 18.61
C THR D 776 -41.83 -5.87 19.02
N ILE D 777 -41.32 -6.66 18.08
CA ILE D 777 -40.29 -7.65 18.35
C ILE D 777 -39.11 -7.37 17.45
N ILE D 778 -37.92 -7.24 18.01
CA ILE D 778 -36.71 -7.10 17.23
C ILE D 778 -36.05 -8.46 17.16
N VAL D 779 -35.76 -8.92 15.95
CA VAL D 779 -35.02 -10.15 15.69
C VAL D 779 -33.64 -9.71 15.24
N GLY D 780 -32.58 -10.10 15.94
CA GLY D 780 -31.24 -9.66 15.56
C GLY D 780 -30.14 -10.07 16.53
N ASN D 781 -28.94 -9.55 16.29
CA ASN D 781 -27.75 -9.85 17.08
C ASN D 781 -27.88 -9.32 18.51
N LEU D 782 -27.73 -10.21 19.49
CA LEU D 782 -27.98 -9.90 20.90
C LEU D 782 -26.94 -8.94 21.49
N ASP D 783 -25.66 -9.09 21.14
CA ASP D 783 -24.62 -8.19 21.59
C ASP D 783 -24.77 -6.77 21.04
N TYR D 784 -25.26 -6.63 19.82
CA TYR D 784 -25.63 -5.33 19.28
C TYR D 784 -26.80 -4.73 20.05
N LEU D 785 -27.84 -5.51 20.29
CA LEU D 785 -29.04 -5.04 20.97
C LEU D 785 -28.78 -4.61 22.41
N HIS D 786 -27.78 -5.15 23.05
CA HIS D 786 -27.46 -4.65 24.36
C HIS D 786 -27.01 -3.22 24.24
N ARG D 787 -26.33 -2.90 23.17
CA ARG D 787 -25.77 -1.58 23.04
C ARG D 787 -26.83 -0.53 22.83
N GLU D 788 -27.93 -0.90 22.21
CA GLU D 788 -28.99 0.04 21.92
C GLU D 788 -29.98 0.05 23.02
N TRP D 789 -30.05 -1.02 23.74
CA TRP D 789 -31.07 -1.16 24.79
C TRP D 789 -31.19 0.04 25.71
N LYS D 790 -30.07 0.70 26.02
CA LYS D 790 -30.03 1.90 26.87
C LYS D 790 -31.04 2.97 26.44
N THR D 791 -31.27 3.08 25.13
CA THR D 791 -32.23 4.01 24.52
C THR D 791 -33.64 3.44 24.38
N LEU D 792 -33.81 2.13 24.24
CA LEU D 792 -35.09 1.46 24.04
C LEU D 792 -35.84 1.13 25.34
N GLN D 793 -35.12 0.98 26.45
CA GLN D 793 -35.65 0.38 27.68
C GLN D 793 -36.87 1.08 28.28
N ASN D 794 -37.15 2.32 27.90
CA ASN D 794 -38.29 3.08 28.40
C ASN D 794 -39.59 2.90 27.59
N PHE D 795 -39.63 2.00 26.60
CA PHE D 795 -40.83 1.78 25.79
C PHE D 795 -41.59 0.51 26.21
N PRO D 796 -42.92 0.54 26.30
CA PRO D 796 -43.73 -0.63 26.60
C PRO D 796 -43.90 -1.56 25.39
N LYS D 797 -44.40 -2.77 25.62
CA LYS D 797 -44.81 -3.75 24.59
C LYS D 797 -43.71 -4.02 23.56
N LEU D 798 -42.50 -4.22 24.04
CA LEU D 798 -41.30 -4.40 23.24
C LEU D 798 -40.57 -5.66 23.70
N SER D 799 -40.15 -6.52 22.79
CA SER D 799 -39.39 -7.72 23.11
C SER D 799 -38.32 -8.02 22.06
N ILE D 800 -37.40 -8.90 22.41
CA ILE D 800 -36.25 -9.25 21.58
C ILE D 800 -36.18 -10.77 21.43
N LEU D 801 -35.99 -11.24 20.21
CA LEU D 801 -35.65 -12.61 19.89
C LEU D 801 -34.22 -12.61 19.33
N PRO D 802 -33.23 -13.21 20.01
CA PRO D 802 -31.86 -13.14 19.55
C PRO D 802 -31.62 -14.10 18.39
N GLY D 803 -30.76 -13.72 17.46
CA GLY D 803 -30.33 -14.56 16.33
C GLY D 803 -30.71 -14.02 14.97
N SER D 804 -30.28 -14.69 13.91
CA SER D 804 -30.40 -14.17 12.53
C SER D 804 -31.85 -14.08 12.05
N PRO D 805 -32.26 -12.98 11.43
CA PRO D 805 -33.56 -12.90 10.76
C PRO D 805 -33.68 -13.79 9.52
N LEU D 806 -32.59 -14.34 8.98
CA LEU D 806 -32.65 -15.28 7.85
C LEU D 806 -33.11 -16.68 8.26
N ASN D 807 -33.06 -17.01 9.54
CA ASN D 807 -33.49 -18.30 10.03
C ASN D 807 -35.02 -18.42 10.06
N ARG D 808 -35.60 -19.36 9.31
CA ARG D 808 -37.05 -19.52 9.23
C ARG D 808 -37.69 -19.90 10.55
N ALA D 809 -37.03 -20.63 11.43
CA ALA D 809 -37.60 -20.93 12.75
C ALA D 809 -37.78 -19.67 13.59
N ASN D 810 -36.89 -18.68 13.50
CA ASN D 810 -37.11 -17.37 14.14
C ASN D 810 -38.33 -16.67 13.57
N LEU D 811 -38.46 -16.64 12.24
CA LEU D 811 -39.58 -15.95 11.60
C LEU D 811 -40.92 -16.62 11.88
N ARG D 812 -40.94 -17.93 12.02
CA ARG D 812 -42.18 -18.58 12.36
C ARG D 812 -42.46 -18.42 13.85
N ALA D 813 -41.43 -18.48 14.67
CA ALA D 813 -41.63 -18.28 16.10
C ALA D 813 -42.21 -16.89 16.42
N VAL D 814 -41.83 -15.86 15.67
CA VAL D 814 -42.35 -14.49 15.84
C VAL D 814 -43.65 -14.25 15.06
N ASN D 815 -44.34 -15.28 14.57
CA ASN D 815 -45.58 -15.18 13.80
C ASN D 815 -45.49 -14.20 12.62
N ILE D 816 -44.44 -14.27 11.81
CA ILE D 816 -44.20 -13.31 10.72
C ILE D 816 -45.42 -13.12 9.81
N ASN D 817 -46.22 -14.16 9.57
CA ASN D 817 -47.40 -14.09 8.71
C ASN D 817 -48.59 -13.32 9.31
N LEU D 818 -48.59 -13.06 10.62
CA LEU D 818 -49.66 -12.35 11.31
C LEU D 818 -49.32 -10.88 11.63
N CYS D 819 -48.11 -10.44 11.34
CA CYS D 819 -47.68 -9.08 11.64
C CYS D 819 -48.39 -8.04 10.76
N ASP D 820 -48.45 -6.80 11.23
CA ASP D 820 -48.88 -5.65 10.43
C ASP D 820 -47.75 -5.02 9.63
N MET D 821 -46.50 -5.21 10.02
CA MET D 821 -45.34 -4.80 9.23
C MET D 821 -44.11 -5.59 9.61
N CYS D 822 -43.33 -6.00 8.63
CA CYS D 822 -41.97 -6.44 8.82
C CYS D 822 -41.02 -5.37 8.29
N VAL D 823 -40.12 -4.91 9.12
CA VAL D 823 -39.15 -3.85 8.83
C VAL D 823 -37.79 -4.49 8.71
N ILE D 824 -37.17 -4.44 7.54
CA ILE D 824 -35.89 -5.07 7.28
C ILE D 824 -34.84 -3.99 7.20
N VAL D 825 -33.90 -3.97 8.14
CA VAL D 825 -32.91 -2.91 8.30
C VAL D 825 -31.53 -3.49 8.57
N SER D 826 -30.50 -2.94 7.95
CA SER D 826 -29.11 -3.33 8.22
C SER D 826 -28.36 -2.22 8.94
N ALA D 827 -27.81 -2.55 10.10
CA ALA D 827 -26.86 -1.73 10.85
C ALA D 827 -25.42 -1.91 10.39
N LYS D 828 -25.14 -2.94 9.59
CA LYS D 828 -23.80 -3.16 9.01
C LYS D 828 -23.38 -1.96 8.16
N ASP D 829 -22.09 -1.83 7.86
CA ASP D 829 -21.46 -0.55 7.50
C ASP D 829 -22.01 0.19 6.26
N ARG D 830 -22.81 -0.45 5.41
CA ARG D 830 -23.34 0.08 4.15
C ARG D 830 -22.27 0.50 3.12
N ASN D 831 -21.04 0.01 3.28
CA ASN D 831 -19.87 0.35 2.45
C ASN D 831 -18.98 -0.84 2.09
N MET D 832 -19.16 -2.00 2.72
CA MET D 832 -18.40 -3.23 2.46
C MET D 832 -18.41 -3.66 1.00
N GLU D 833 -17.28 -4.19 0.54
CA GLU D 833 -17.09 -4.82 -0.78
C GLU D 833 -17.65 -3.99 -1.95
N ASP D 834 -18.36 -4.59 -2.86
CA ASP D 834 -18.92 -3.98 -4.06
C ASP D 834 -20.39 -3.56 -3.86
N PRO D 835 -20.96 -2.69 -4.72
CA PRO D 835 -22.31 -2.16 -4.55
C PRO D 835 -23.44 -3.17 -4.75
N ASN D 836 -23.13 -4.40 -5.17
CA ASN D 836 -24.08 -5.50 -5.28
C ASN D 836 -24.20 -6.22 -3.94
N LEU D 837 -23.07 -6.52 -3.31
CA LEU D 837 -23.01 -7.22 -2.03
C LEU D 837 -23.60 -6.42 -0.88
N VAL D 838 -23.62 -5.09 -0.96
CA VAL D 838 -23.98 -4.23 0.17
C VAL D 838 -25.41 -4.44 0.71
N ASP D 839 -26.35 -4.90 -0.13
CA ASP D 839 -27.74 -5.18 0.27
C ASP D 839 -28.07 -6.68 0.34
N LYS D 840 -27.05 -7.56 0.40
CA LYS D 840 -27.25 -9.01 0.36
C LYS D 840 -28.25 -9.50 1.41
N GLU D 841 -28.08 -9.18 2.69
CA GLU D 841 -29.00 -9.65 3.71
C GLU D 841 -30.39 -9.05 3.54
N ALA D 842 -30.52 -7.77 3.21
CA ALA D 842 -31.83 -7.17 3.04
C ALA D 842 -32.62 -7.83 1.89
N ILE D 843 -31.96 -8.09 0.78
CA ILE D 843 -32.58 -8.78 -0.36
C ILE D 843 -32.90 -10.23 0.00
N LEU D 844 -31.95 -10.98 0.57
CA LEU D 844 -32.20 -12.37 0.91
C LEU D 844 -33.29 -12.52 1.96
N CYS D 845 -33.35 -11.65 2.96
CA CYS D 845 -34.40 -11.66 3.96
C CYS D 845 -35.77 -11.40 3.35
N SER D 846 -35.86 -10.39 2.48
CA SER D 846 -37.08 -10.09 1.75
C SER D 846 -37.56 -11.27 0.91
N LEU D 847 -36.69 -11.85 0.09
CA LEU D 847 -37.01 -13.01 -0.75
C LEU D 847 -37.35 -14.24 0.10
N ASN D 848 -36.61 -14.51 1.17
CA ASN D 848 -36.86 -15.62 2.07
C ASN D 848 -38.24 -15.52 2.71
N ILE D 849 -38.65 -14.32 3.16
CA ILE D 849 -39.98 -14.15 3.73
C ILE D 849 -41.04 -14.40 2.67
N LYS D 850 -40.91 -13.83 1.47
CA LYS D 850 -41.88 -14.05 0.39
C LYS D 850 -41.99 -15.52 -0.05
N ALA D 851 -40.92 -16.28 0.07
CA ALA D 851 -40.88 -17.69 -0.30
C ALA D 851 -41.54 -18.64 0.71
N MET D 852 -41.77 -18.23 1.96
CA MET D 852 -42.41 -19.10 2.96
C MET D 852 -43.87 -19.40 2.67
N THR D 853 -44.39 -20.47 3.27
CA THR D 853 -45.83 -20.78 3.34
C THR D 853 -46.23 -21.08 4.79
N PHE D 854 -47.48 -20.79 5.14
CA PHE D 854 -48.00 -20.85 6.50
C PHE D 854 -49.28 -21.69 6.60
N ASP D 855 -49.42 -22.65 5.69
CA ASP D 855 -50.58 -23.53 5.54
C ASP D 855 -50.81 -24.51 6.71
N ASP D 856 -49.84 -24.66 7.62
CA ASP D 856 -49.95 -25.50 8.80
C ASP D 856 -51.08 -25.05 9.74
N ALA D 882 -49.08 -18.31 3.04
CA ALA D 882 -49.52 -17.00 2.55
C ALA D 882 -48.39 -16.17 1.92
N GLY D 883 -47.13 -16.45 2.28
CA GLY D 883 -45.93 -15.94 1.60
C GLY D 883 -45.93 -14.43 1.32
N ALA D 884 -45.91 -14.07 0.05
CA ALA D 884 -45.86 -12.70 -0.44
C ALA D 884 -47.01 -11.77 -0.01
N ASN D 885 -48.06 -12.29 0.65
CA ASN D 885 -49.09 -11.46 1.26
C ASN D 885 -48.60 -10.69 2.50
N VAL D 886 -47.52 -11.10 3.16
CA VAL D 886 -47.00 -10.37 4.33
C VAL D 886 -46.38 -9.02 3.93
N PRO D 887 -46.68 -7.92 4.63
CA PRO D 887 -46.19 -6.60 4.25
C PRO D 887 -44.76 -6.37 4.72
N LEU D 888 -43.87 -5.96 3.80
CA LEU D 888 -42.47 -5.67 4.08
C LEU D 888 -42.15 -4.21 3.80
N ILE D 889 -41.25 -3.61 4.59
CA ILE D 889 -40.53 -2.39 4.21
C ILE D 889 -39.05 -2.66 4.35
N THR D 890 -38.29 -2.45 3.29
CA THR D 890 -36.84 -2.68 3.24
C THR D 890 -36.08 -1.38 3.12
N GLU D 891 -35.18 -1.13 4.06
CA GLU D 891 -34.15 -0.10 3.93
C GLU D 891 -33.05 -0.60 2.98
N LEU D 892 -32.74 0.15 1.93
CA LEU D 892 -31.69 -0.17 0.96
C LEU D 892 -30.47 0.73 1.13
N ALA D 893 -29.28 0.16 1.22
CA ALA D 893 -28.03 0.90 1.27
C ALA D 893 -27.65 1.49 -0.09
N ASN D 894 -27.89 0.76 -1.19
CA ASN D 894 -27.73 1.25 -2.54
C ASN D 894 -29.08 1.22 -3.27
N ASP D 895 -29.56 2.38 -3.70
CA ASP D 895 -30.85 2.50 -4.38
C ASP D 895 -30.95 1.64 -5.65
N SER D 896 -29.84 1.35 -6.32
CA SER D 896 -29.81 0.50 -7.52
C SER D 896 -30.26 -0.93 -7.25
N ASN D 897 -30.12 -1.42 -6.02
CA ASN D 897 -30.52 -2.78 -5.66
C ASN D 897 -32.03 -2.96 -5.54
N VAL D 898 -32.82 -1.90 -5.64
CA VAL D 898 -34.29 -1.98 -5.59
C VAL D 898 -34.84 -2.95 -6.63
N GLN D 899 -34.19 -3.09 -7.78
CA GLN D 899 -34.63 -3.97 -8.84
C GLN D 899 -34.70 -5.45 -8.43
N PHE D 900 -33.93 -5.88 -7.42
CA PHE D 900 -33.95 -7.26 -6.97
C PHE D 900 -35.08 -7.58 -6.01
N LEU D 901 -35.82 -6.59 -5.53
CA LEU D 901 -36.82 -6.81 -4.48
C LEU D 901 -38.08 -7.51 -4.96
N ASP D 902 -38.47 -7.43 -6.23
CA ASP D 902 -39.69 -8.06 -6.72
C ASP D 902 -39.64 -8.49 -8.19
N GLN D 903 -40.58 -9.36 -8.57
CA GLN D 903 -40.67 -10.05 -9.86
C GLN D 903 -41.77 -9.45 -10.74
N ASP D 904 -41.56 -9.44 -12.05
CA ASP D 904 -42.41 -8.72 -13.01
C ASP D 904 -42.48 -7.20 -12.75
N ASP D 905 -41.40 -6.61 -12.22
CA ASP D 905 -41.22 -5.16 -12.14
C ASP D 905 -40.89 -4.51 -13.50
N ASP D 906 -40.39 -5.28 -14.47
CA ASP D 906 -39.76 -4.78 -15.70
C ASP D 906 -38.64 -3.76 -15.39
N ASP D 907 -37.58 -4.27 -14.77
CA ASP D 907 -36.49 -3.47 -14.22
C ASP D 907 -35.67 -2.73 -15.30
N ASP D 908 -35.23 -1.51 -14.99
CA ASP D 908 -34.23 -0.75 -15.76
C ASP D 908 -33.17 -0.16 -14.81
N PRO D 909 -31.87 -0.14 -15.17
CA PRO D 909 -30.84 0.43 -14.31
C PRO D 909 -30.91 1.95 -14.18
N ASP D 910 -31.53 2.65 -15.13
CA ASP D 910 -31.46 4.12 -15.24
C ASP D 910 -32.73 4.86 -14.77
N THR D 911 -33.82 4.18 -14.39
CA THR D 911 -34.93 4.85 -13.69
C THR D 911 -34.49 5.29 -12.30
N GLU D 912 -34.86 6.50 -11.89
CA GLU D 912 -34.66 6.97 -10.53
C GLU D 912 -35.44 6.12 -9.54
N LEU D 913 -34.99 5.99 -8.29
CA LEU D 913 -35.61 5.11 -7.30
C LEU D 913 -37.11 5.33 -7.17
N TYR D 914 -37.55 6.60 -7.12
CA TYR D 914 -38.93 6.94 -6.91
C TYR D 914 -39.88 6.44 -8.00
N MET D 915 -39.41 6.14 -9.20
CA MET D 915 -40.23 5.59 -10.28
C MET D 915 -40.38 4.08 -10.19
N THR D 916 -39.49 3.38 -9.48
CA THR D 916 -39.48 1.92 -9.45
C THR D 916 -40.69 1.38 -8.71
N GLN D 917 -41.23 0.24 -9.17
CA GLN D 917 -42.40 -0.37 -8.56
C GLN D 917 -42.27 -0.63 -7.05
N PRO D 918 -41.16 -1.12 -6.50
CA PRO D 918 -41.07 -1.35 -5.07
C PRO D 918 -41.18 -0.08 -4.24
N PHE D 919 -40.63 1.03 -4.72
CA PHE D 919 -40.80 2.31 -4.05
C PHE D 919 -42.21 2.86 -4.19
N ALA D 920 -42.80 2.80 -5.38
CA ALA D 920 -44.17 3.25 -5.63
C ALA D 920 -45.20 2.52 -4.76
N CYS D 921 -44.95 1.27 -4.42
CA CYS D 921 -45.77 0.46 -3.53
C CYS D 921 -45.50 0.69 -2.04
N GLY D 922 -44.40 1.35 -1.68
CA GLY D 922 -44.00 1.54 -0.28
C GLY D 922 -43.34 0.32 0.35
N THR D 923 -42.81 -0.59 -0.45
CA THR D 923 -42.08 -1.78 0.00
C THR D 923 -40.58 -1.51 0.20
N ALA D 924 -40.06 -0.44 -0.35
CA ALA D 924 -38.66 -0.06 -0.29
C ALA D 924 -38.50 1.37 0.18
N PHE D 925 -37.36 1.66 0.79
CA PHE D 925 -36.96 3.01 1.17
C PHE D 925 -35.45 3.13 1.06
N ALA D 926 -34.94 4.33 0.86
CA ALA D 926 -33.51 4.60 0.85
C ALA D 926 -33.25 6.04 1.28
N VAL D 927 -32.06 6.32 1.82
CA VAL D 927 -31.65 7.67 2.22
C VAL D 927 -31.68 8.66 1.08
N SER D 928 -31.46 8.24 -0.16
CA SER D 928 -31.39 9.14 -1.31
C SER D 928 -32.67 9.93 -1.57
N VAL D 929 -33.84 9.50 -1.09
CA VAL D 929 -35.07 10.28 -1.24
C VAL D 929 -35.16 11.46 -0.27
N LEU D 930 -34.34 11.50 0.78
CA LEU D 930 -34.41 12.49 1.84
C LEU D 930 -33.53 13.73 1.63
N ASP D 931 -32.54 13.70 0.74
CA ASP D 931 -31.51 14.76 0.75
C ASP D 931 -32.00 16.13 0.24
N SER D 932 -33.14 16.20 -0.43
CA SER D 932 -33.86 17.45 -0.70
C SER D 932 -34.37 18.14 0.56
N LEU D 933 -34.37 17.49 1.72
CA LEU D 933 -34.73 18.17 2.96
C LEU D 933 -33.73 19.25 3.36
N MET D 934 -32.53 19.29 2.78
CA MET D 934 -31.67 20.47 2.87
C MET D 934 -32.35 21.70 2.27
N SER D 935 -32.74 21.62 0.99
CA SER D 935 -33.38 22.72 0.31
C SER D 935 -34.76 23.03 0.87
N THR D 936 -35.57 22.07 1.29
CA THR D 936 -36.85 22.42 1.94
C THR D 936 -36.62 23.08 3.31
N SER D 937 -35.64 22.63 4.10
CA SER D 937 -35.32 23.29 5.36
C SER D 937 -34.92 24.75 5.15
N TYR D 938 -34.19 25.06 4.08
CA TYR D 938 -33.88 26.44 3.72
C TYR D 938 -35.12 27.21 3.27
N PHE D 939 -35.87 26.71 2.28
CA PHE D 939 -36.96 27.50 1.69
C PHE D 939 -38.20 27.65 2.56
N ASN D 940 -38.51 26.69 3.45
CA ASN D 940 -39.55 26.87 4.46
C ASN D 940 -39.30 26.00 5.70
N ASP D 941 -38.62 26.58 6.69
CA ASP D 941 -38.33 25.97 7.99
C ASP D 941 -39.59 25.39 8.65
N ASN D 942 -40.69 26.15 8.64
CA ASN D 942 -41.96 25.73 9.21
C ASN D 942 -42.43 24.40 8.63
N ALA D 943 -42.27 24.18 7.32
CA ALA D 943 -42.67 22.95 6.67
C ALA D 943 -41.83 21.74 7.11
N LEU D 944 -40.54 21.91 7.43
CA LEU D 944 -39.80 20.82 8.04
C LEU D 944 -40.37 20.46 9.42
N THR D 945 -40.80 21.42 10.24
CA THR D 945 -41.45 21.07 11.51
C THR D 945 -42.78 20.35 11.30
N LEU D 946 -43.52 20.65 10.24
CA LEU D 946 -44.72 19.91 9.87
C LEU D 946 -44.40 18.43 9.60
N ILE D 947 -43.37 18.16 8.84
CA ILE D 947 -43.05 16.79 8.58
C ILE D 947 -42.70 16.15 9.86
N ARG D 948 -41.82 16.72 10.64
CA ARG D 948 -41.34 16.04 11.83
C ARG D 948 -42.41 15.84 12.86
N THR D 949 -43.28 16.78 13.10
CA THR D 949 -44.32 16.50 14.06
C THR D 949 -44.98 15.21 13.68
N LEU D 950 -45.23 15.01 12.41
CA LEU D 950 -45.89 13.78 11.95
C LEU D 950 -44.95 12.58 12.05
N ILE D 951 -43.78 12.65 11.44
CA ILE D 951 -42.86 11.52 11.29
C ILE D 951 -42.28 11.04 12.62
N THR D 952 -42.05 11.91 13.59
CA THR D 952 -41.59 11.50 14.93
C THR D 952 -42.72 11.08 15.85
N GLY D 953 -43.97 11.23 15.42
CA GLY D 953 -45.12 11.07 16.31
C GLY D 953 -45.26 12.16 17.37
N GLY D 954 -44.56 13.28 17.23
CA GLY D 954 -44.71 14.45 18.09
C GLY D 954 -43.53 14.75 19.02
N ALA D 955 -42.30 14.43 18.63
CA ALA D 955 -41.12 14.92 19.35
C ALA D 955 -41.02 16.45 19.25
N THR D 956 -40.37 17.08 20.23
CA THR D 956 -40.33 18.54 20.39
C THR D 956 -38.93 18.99 20.78
N PRO D 957 -38.59 20.29 20.66
CA PRO D 957 -37.33 20.82 21.16
C PRO D 957 -37.10 20.54 22.65
N GLU D 958 -38.17 20.57 23.45
CA GLU D 958 -38.11 20.21 24.86
C GLU D 958 -37.65 18.76 25.07
N LEU D 959 -38.22 17.81 24.34
CA LEU D 959 -37.82 16.40 24.43
C LEU D 959 -36.38 16.21 23.93
N GLU D 960 -36.01 16.86 22.83
CA GLU D 960 -34.64 16.82 22.32
C GLU D 960 -33.63 17.36 23.32
N GLN D 961 -33.96 18.45 24.03
CA GLN D 961 -33.14 18.99 25.11
C GLN D 961 -33.06 18.04 26.30
N ILE D 962 -34.17 17.46 26.76
CA ILE D 962 -34.16 16.51 27.88
C ILE D 962 -33.26 15.30 27.57
N LEU D 963 -33.28 14.79 26.35
CA LEU D 963 -32.36 13.73 25.94
C LEU D 963 -30.91 14.22 25.87
N ALA D 964 -30.66 15.42 25.34
CA ALA D 964 -29.33 16.01 25.28
C ALA D 964 -28.73 16.30 26.67
N GLU D 965 -29.55 16.38 27.72
CA GLU D 965 -29.12 16.44 29.11
C GLU D 965 -28.49 15.12 29.63
N GLY D 966 -28.49 14.05 28.83
CA GLY D 966 -27.73 12.82 29.09
C GLY D 966 -28.30 11.87 30.16
N ALA D 967 -29.38 12.25 30.83
CA ALA D 967 -30.03 11.47 31.88
C ALA D 967 -30.90 10.30 31.38
N GLY D 968 -31.10 10.16 30.06
CA GLY D 968 -32.09 9.26 29.47
C GLY D 968 -33.51 9.84 29.50
N MET D 969 -34.45 9.16 28.85
CA MET D 969 -35.83 9.65 28.72
C MET D 969 -36.56 9.60 30.07
N ARG D 970 -36.64 10.73 30.76
CA ARG D 970 -37.36 10.88 32.04
C ARG D 970 -38.87 10.83 31.81
N GLY D 971 -39.60 10.15 32.67
CA GLY D 971 -41.06 10.02 32.60
C GLY D 971 -41.70 9.58 33.92
N GLY D 972 -43.00 9.34 33.90
CA GLY D 972 -43.79 8.98 35.08
C GLY D 972 -45.29 9.17 34.85
N TYR D 973 -46.05 9.35 35.93
CA TYR D 973 -47.42 9.88 35.84
C TYR D 973 -47.38 11.38 35.56
N CYS D 974 -48.42 11.92 34.91
CA CYS D 974 -48.43 13.27 34.34
C CYS D 974 -49.74 14.03 34.61
N SER D 975 -49.68 15.37 34.55
CA SER D 975 -50.80 16.26 34.86
C SER D 975 -51.84 16.32 33.73
N PRO D 976 -53.12 16.63 34.03
CA PRO D 976 -54.13 16.90 33.02
C PRO D 976 -53.75 18.00 32.02
N ALA D 977 -52.93 18.96 32.44
CA ALA D 977 -52.43 20.05 31.60
C ALA D 977 -51.51 19.55 30.48
N VAL D 978 -50.58 18.64 30.77
CA VAL D 978 -49.69 18.09 29.74
C VAL D 978 -50.37 16.95 28.95
N LEU D 979 -51.26 16.18 29.59
CA LEU D 979 -52.07 15.16 28.92
C LEU D 979 -52.98 15.73 27.81
N ALA D 980 -53.27 17.04 27.82
CA ALA D 980 -53.97 17.69 26.71
C ALA D 980 -53.27 17.47 25.35
N ASN D 981 -51.94 17.28 25.32
CA ASN D 981 -51.18 16.97 24.12
C ASN D 981 -51.53 15.61 23.47
N ARG D 982 -52.30 14.75 24.14
CA ARG D 982 -52.72 13.49 23.53
C ARG D 982 -53.74 13.73 22.44
N ASP D 983 -54.57 14.73 22.58
CA ASP D 983 -55.53 15.12 21.55
C ASP D 983 -54.82 15.91 20.45
N ARG D 984 -54.13 15.20 19.56
CA ARG D 984 -53.40 15.79 18.42
C ARG D 984 -53.57 14.99 17.15
N CYS D 985 -53.31 15.56 15.99
CA CYS D 985 -53.57 14.84 14.74
C CYS D 985 -52.58 13.75 14.40
N ARG D 986 -53.04 12.72 13.73
CA ARG D 986 -52.16 11.63 13.31
C ARG D 986 -52.54 11.19 11.94
N VAL D 987 -51.63 10.52 11.27
CA VAL D 987 -51.95 9.98 9.96
C VAL D 987 -52.49 8.62 10.15
N ALA D 988 -53.57 8.34 9.47
CA ALA D 988 -54.21 7.04 9.52
C ALA D 988 -54.59 6.60 8.11
N GLN D 989 -54.90 5.33 7.93
CA GLN D 989 -55.33 4.79 6.65
C GLN D 989 -56.63 4.03 6.84
N ILE D 990 -57.65 4.32 6.03
CA ILE D 990 -58.99 3.74 6.18
C ILE D 990 -59.52 3.21 4.85
N SER D 991 -60.44 2.25 4.91
CA SER D 991 -60.92 1.50 3.75
C SER D 991 -62.30 1.94 3.27
N LEU D 992 -62.50 2.02 1.96
CA LEU D 992 -63.82 2.23 1.35
C LEU D 992 -64.63 0.94 1.16
N PHE D 993 -64.16 -0.21 1.64
CA PHE D 993 -64.89 -1.47 1.46
C PHE D 993 -66.20 -1.55 2.28
N ASP D 994 -66.22 -0.97 3.47
CA ASP D 994 -67.32 -1.02 4.43
C ASP D 994 -67.36 0.23 5.33
N GLY D 995 -68.44 0.41 6.08
CA GLY D 995 -68.68 1.61 6.90
C GLY D 995 -69.26 2.80 6.11
N PRO D 996 -69.38 3.98 6.72
CA PRO D 996 -70.15 5.10 6.17
C PRO D 996 -69.60 5.63 4.84
N LEU D 997 -68.29 5.54 4.64
CA LEU D 997 -67.62 6.01 3.42
C LEU D 997 -67.70 5.01 2.25
N ALA D 998 -68.23 3.80 2.45
CA ALA D 998 -68.29 2.80 1.39
C ALA D 998 -69.14 3.24 0.18
N GLN D 999 -70.12 4.11 0.41
CA GLN D 999 -70.92 4.73 -0.65
C GLN D 999 -70.07 5.41 -1.73
N PHE D 1000 -68.88 5.92 -1.38
CA PHE D 1000 -67.97 6.55 -2.34
C PHE D 1000 -67.11 5.51 -3.07
N GLY D 1001 -66.69 4.44 -2.40
CA GLY D 1001 -65.99 3.33 -3.06
C GLY D 1001 -66.85 2.68 -4.16
N GLN D 1002 -68.16 2.62 -3.96
CA GLN D 1002 -69.15 2.14 -4.91
C GLN D 1002 -69.41 3.12 -6.07
N GLY D 1003 -68.36 3.47 -6.81
CA GLY D 1003 -68.44 4.27 -8.04
C GLY D 1003 -68.54 5.79 -7.87
N GLY D 1004 -68.27 6.33 -6.69
CA GLY D 1004 -68.13 7.77 -6.46
C GLY D 1004 -66.78 8.33 -6.92
N HIS D 1005 -66.53 9.61 -6.64
CA HIS D 1005 -65.31 10.33 -7.01
C HIS D 1005 -64.59 10.88 -5.79
N TYR D 1006 -63.26 11.00 -5.86
CA TYR D 1006 -62.44 11.43 -4.74
C TYR D 1006 -62.87 12.79 -4.17
N GLY D 1007 -63.33 13.72 -5.00
CA GLY D 1007 -63.82 15.01 -4.54
C GLY D 1007 -65.05 14.92 -3.65
N GLU D 1008 -65.94 13.96 -3.92
CA GLU D 1008 -67.13 13.72 -3.11
C GLU D 1008 -66.73 13.19 -1.73
N LEU D 1009 -65.85 12.19 -1.72
CA LEU D 1009 -65.29 11.59 -0.52
C LEU D 1009 -64.61 12.63 0.37
N PHE D 1010 -63.74 13.45 -0.20
CA PHE D 1010 -62.99 14.47 0.54
C PHE D 1010 -63.92 15.41 1.29
N VAL D 1011 -64.89 16.00 0.59
CA VAL D 1011 -65.82 16.96 1.17
C VAL D 1011 -66.70 16.29 2.22
N TYR D 1012 -67.21 15.09 1.94
CA TYR D 1012 -68.06 14.40 2.89
C TYR D 1012 -67.32 14.05 4.19
N ALA D 1013 -66.12 13.48 4.10
CA ALA D 1013 -65.36 13.06 5.27
C ALA D 1013 -64.90 14.25 6.13
N LEU D 1014 -64.54 15.35 5.49
CA LEU D 1014 -64.17 16.59 6.17
C LEU D 1014 -65.37 17.19 6.91
N ARG D 1015 -66.54 17.23 6.28
CA ARG D 1015 -67.77 17.77 6.89
C ARG D 1015 -68.30 16.92 8.02
N HIS D 1016 -68.44 15.61 7.82
CA HIS D 1016 -69.07 14.73 8.80
C HIS D 1016 -68.14 14.26 9.92
N PHE D 1017 -66.83 14.17 9.68
CA PHE D 1017 -65.89 13.58 10.63
C PHE D 1017 -64.66 14.44 10.93
N GLY D 1018 -64.45 15.56 10.23
CA GLY D 1018 -63.19 16.31 10.33
C GLY D 1018 -61.99 15.55 9.76
N ILE D 1019 -62.23 14.47 9.04
CA ILE D 1019 -61.21 13.63 8.42
C ILE D 1019 -60.75 14.31 7.13
N LEU D 1020 -59.46 14.60 7.03
CA LEU D 1020 -58.89 15.32 5.89
C LEU D 1020 -58.11 14.32 5.01
N CYS D 1021 -58.64 13.96 3.85
CA CYS D 1021 -58.03 12.98 2.95
C CYS D 1021 -56.84 13.57 2.17
N ILE D 1022 -55.72 12.86 2.11
CA ILE D 1022 -54.50 13.34 1.44
C ILE D 1022 -54.05 12.47 0.28
N GLY D 1023 -54.60 11.28 0.09
CA GLY D 1023 -54.27 10.42 -1.04
C GLY D 1023 -54.83 9.02 -0.92
N LEU D 1024 -54.57 8.18 -1.91
CA LEU D 1024 -55.11 6.84 -2.06
C LEU D 1024 -54.00 5.78 -2.03
N TYR D 1025 -54.34 4.57 -1.62
CA TYR D 1025 -53.50 3.39 -1.69
C TYR D 1025 -54.28 2.30 -2.42
N ARG D 1026 -54.03 2.15 -3.73
CA ARG D 1026 -54.87 1.42 -4.68
C ARG D 1026 -54.19 0.14 -5.16
N PHE D 1027 -54.94 -0.93 -5.36
CA PHE D 1027 -54.37 -2.17 -5.83
C PHE D 1027 -53.80 -1.97 -7.19
N ARG D 1028 -52.64 -2.52 -7.45
CA ARG D 1028 -51.99 -2.28 -8.72
C ARG D 1028 -52.74 -2.95 -9.81
N ASP D 1029 -53.25 -4.13 -9.53
CA ASP D 1029 -53.98 -4.87 -10.55
C ASP D 1029 -55.38 -5.21 -10.10
N THR D 1030 -56.33 -5.15 -11.01
CA THR D 1030 -57.75 -5.35 -10.65
C THR D 1030 -58.36 -6.52 -11.43
N ASN D 1031 -58.91 -7.50 -10.72
CA ASN D 1031 -59.53 -8.69 -11.31
C ASN D 1031 -60.51 -9.38 -10.34
N PRO D 1037 -54.54 -10.14 -9.78
CA PRO D 1037 -54.71 -11.02 -8.64
C PRO D 1037 -53.69 -10.82 -7.50
N SER D 1038 -52.70 -9.93 -7.66
CA SER D 1038 -51.68 -9.68 -6.64
C SER D 1038 -52.18 -8.79 -5.50
N SER D 1039 -51.50 -8.84 -4.36
CA SER D 1039 -51.86 -8.03 -3.19
C SER D 1039 -51.24 -6.61 -3.20
N LYS D 1040 -50.39 -6.30 -4.18
CA LYS D 1040 -49.68 -5.02 -4.16
C LYS D 1040 -50.53 -3.81 -4.40
N ARG D 1041 -50.23 -2.71 -3.73
CA ARG D 1041 -50.99 -1.48 -3.88
C ARG D 1041 -50.01 -0.36 -4.12
N TYR D 1042 -50.47 0.75 -4.68
CA TYR D 1042 -49.59 1.89 -4.94
C TYR D 1042 -50.15 3.18 -4.40
N VAL D 1043 -49.28 4.14 -4.16
CA VAL D 1043 -49.70 5.43 -3.60
C VAL D 1043 -50.23 6.36 -4.69
N ILE D 1044 -51.24 7.16 -4.39
CA ILE D 1044 -51.72 8.25 -5.26
C ILE D 1044 -51.89 9.49 -4.40
N THR D 1045 -50.88 10.35 -4.34
CA THR D 1045 -50.95 11.60 -3.56
C THR D 1045 -51.97 12.54 -4.17
N ASN D 1046 -52.90 13.05 -3.36
CA ASN D 1046 -53.86 14.09 -3.72
C ASN D 1046 -54.47 13.96 -5.13
N PRO D 1047 -55.33 12.97 -5.41
CA PRO D 1047 -56.00 12.82 -6.69
C PRO D 1047 -56.85 14.04 -7.08
N PRO D 1048 -57.16 14.24 -8.37
CA PRO D 1048 -58.15 15.22 -8.81
C PRO D 1048 -59.54 15.00 -8.21
N GLU D 1049 -60.41 16.01 -8.19
CA GLU D 1049 -61.76 15.86 -7.63
C GLU D 1049 -62.66 14.90 -8.41
N ASP D 1050 -62.50 14.82 -9.73
CA ASP D 1050 -63.26 13.90 -10.58
C ASP D 1050 -62.59 12.52 -10.73
N PHE D 1051 -61.63 12.18 -9.88
CA PHE D 1051 -60.94 10.91 -9.93
C PHE D 1051 -61.86 9.76 -9.45
N PRO D 1052 -62.13 8.72 -10.27
CA PRO D 1052 -63.03 7.64 -9.89
C PRO D 1052 -62.46 6.76 -8.79
N LEU D 1053 -63.28 6.42 -7.79
CA LEU D 1053 -62.94 5.50 -6.71
C LEU D 1053 -63.33 4.05 -7.02
N LEU D 1054 -62.72 3.11 -6.30
CA LEU D 1054 -63.00 1.68 -6.33
C LEU D 1054 -63.37 1.19 -4.92
N PRO D 1055 -64.20 0.16 -4.75
CA PRO D 1055 -64.57 -0.33 -3.42
C PRO D 1055 -63.38 -0.93 -2.66
N THR D 1056 -62.33 -1.34 -3.37
CA THR D 1056 -61.09 -1.87 -2.80
C THR D 1056 -60.08 -0.79 -2.42
N ASP D 1057 -60.31 0.49 -2.70
CA ASP D 1057 -59.38 1.56 -2.35
C ASP D 1057 -59.29 1.76 -0.83
N GLN D 1058 -58.10 2.17 -0.39
CA GLN D 1058 -57.86 2.72 0.93
C GLN D 1058 -57.39 4.15 0.78
N VAL D 1059 -57.74 5.02 1.72
CA VAL D 1059 -57.46 6.46 1.68
C VAL D 1059 -56.61 6.84 2.89
N TYR D 1060 -55.53 7.58 2.66
CA TYR D 1060 -54.72 8.19 3.69
C TYR D 1060 -55.42 9.43 4.21
N VAL D 1061 -55.48 9.58 5.52
CA VAL D 1061 -56.25 10.63 6.17
C VAL D 1061 -55.49 11.24 7.33
N LEU D 1062 -55.56 12.55 7.47
CA LEU D 1062 -55.23 13.24 8.71
C LEU D 1062 -56.46 13.24 9.60
N THR D 1063 -56.28 12.87 10.86
CA THR D 1063 -57.37 12.50 11.79
C THR D 1063 -57.05 12.93 13.20
N TYR D 1064 -58.07 13.16 14.03
CA TYR D 1064 -57.91 13.76 15.36
C TYR D 1064 -58.37 12.85 16.53
N LYS D 1065 -58.88 11.65 16.24
CA LYS D 1065 -59.31 10.70 17.26
C LYS D 1065 -59.35 9.26 16.73
K K E . 19.62 19.81 -43.39
K K F . 15.34 15.69 -34.30
MG MG G . 31.97 27.17 11.84
CA CA H . 12.55 39.64 26.16
CA CA I . -12.92 32.14 18.41
MG MG J . 32.22 -26.57 -12.55
CA CA K . 42.67 -21.32 11.97
CA CA L . 31.08 0.74 24.01
K K M . 18.03 18.38 -40.29
K K N . 16.62 17.02 -37.08
K K O . 14.09 14.40 -31.34
MG MG P . -22.38 -17.47 -33.10
CA CA Q . -14.11 -41.22 -22.79
CA CA R . 6.76 -38.37 -4.85
MG MG S . -22.63 36.28 -8.65
CA CA T . -44.21 19.78 -8.53
CA CA U . -37.24 -6.94 -10.36
#